data_6JQO
#
_entry.id   6JQO
#
_cell.length_a   1.0
_cell.length_b   1.0
_cell.length_c   1.0
_cell.angle_alpha   90.00
_cell.angle_beta   90.00
_cell.angle_gamma   90.00
#
_symmetry.space_group_name_H-M   'P 1'
#
loop_
_entity.id
_entity.type
_entity.pdbx_description
1 polymer 'Bifunctional protein PaaZ'
2 non-polymer 'NADP NICOTINAMIDE-ADENINE-DINUCLEOTIDE PHOSPHATE'
3 non-polymer 'CROTONYL COENZYME A'
#
_entity_poly.entity_id   1
_entity_poly.type   'polypeptide(L)'
_entity_poly.pdbx_seq_one_letter_code
;MGHHHHHHQQLASFLSGTWQSGRGRSRLIHHAISGEALWEVTSEGLDMAAARQFAIEKGAPALRAMTFIERAAMLKAVAK
HLLSEKERFYALSAQTGATRADSWVDIEGGIGTLFTYASLGSRELPDDTLWPEDELIPLSKEGGFAARHLLTSKSGVAVH
INAFNFPCWGMLEKLAPTWLGGMPAIIKPATATAQLTQAMVKSIVDSGLVPEGAISLICGSAGDLLDHLDSQDVVTFTGS
AATGQMLRVQPNIVAKSIPFTMEADSLNCCVLGEDVTPDQPEFALFIREVVREMTTKAGQKCTAIRRIIVPQALVNAVSD
ALVARLQKVVVGDPAQEGVKMGALVNAEQRADVQEKVNILLAAGCEIRLGGQADLSAAGAFFPPTLLYCPQPDETPAVHA
TEAFGPVATLMPAQNQRHALQLACAGGGSLAGTLVTADPQIARQFIADAARTHGRIQILNEESAKESTGHGSPLPQLVHG
GPGRAGGGEELGGLRAVKHYMQRTAVQGSPTMLAAISKQWVRGAKVEEDRIHPFRKYFEELQPGDSLLTPRRTMTEADIV
NFACLSGDHFYAHMDKIAAAESIFGERVVHGYFVLSAAAGLFVDAGVGPVIANYGLESLRFIEPVKPGDTIQVRLTCKRK
TLKKQRSAEEKPTGVVEWAVEVFNQHQTPVALYSILTLVARQHGDFVD
;
_entity_poly.pdbx_strand_id   A,B,C,D,E,F
#
# COMPACT_ATOMS: atom_id res chain seq x y z
N GLN A 9 -27.89 83.61 8.49
CA GLN A 9 -27.01 82.81 7.64
C GLN A 9 -27.77 81.61 7.07
N GLN A 10 -27.69 81.44 5.75
CA GLN A 10 -28.48 80.42 5.08
C GLN A 10 -27.90 79.02 5.33
N LEU A 11 -28.73 78.01 5.06
CA LEU A 11 -28.29 76.62 5.04
C LEU A 11 -28.74 76.05 3.70
N ALA A 12 -27.80 75.51 2.94
CA ALA A 12 -28.07 75.15 1.55
C ALA A 12 -28.57 73.71 1.41
N SER A 13 -29.45 73.51 0.45
CA SER A 13 -29.97 72.19 0.08
C SER A 13 -29.37 71.78 -1.25
N PHE A 14 -28.97 70.52 -1.37
CA PHE A 14 -28.34 70.03 -2.60
C PHE A 14 -29.41 69.38 -3.46
N LEU A 15 -29.98 70.16 -4.37
CA LEU A 15 -31.06 69.72 -5.24
C LEU A 15 -30.66 69.90 -6.69
N SER A 16 -30.95 68.88 -7.51
CA SER A 16 -30.71 68.86 -8.95
C SER A 16 -29.24 69.10 -9.30
N GLY A 17 -28.33 68.67 -8.42
CA GLY A 17 -26.91 68.88 -8.63
C GLY A 17 -26.40 70.24 -8.22
N THR A 18 -27.25 71.13 -7.69
CA THR A 18 -26.86 72.48 -7.33
C THR A 18 -27.17 72.75 -5.88
N TRP A 19 -26.34 73.60 -5.26
CA TRP A 19 -26.60 74.08 -3.91
C TRP A 19 -27.54 75.28 -3.98
N GLN A 20 -28.70 75.16 -3.34
CA GLN A 20 -29.75 76.16 -3.41
C GLN A 20 -30.16 76.56 -1.99
N SER A 21 -31.07 77.52 -1.89
CA SER A 21 -31.57 77.96 -0.59
C SER A 21 -32.97 78.53 -0.77
N GLY A 22 -33.70 78.58 0.34
CA GLY A 22 -35.10 78.94 0.30
C GLY A 22 -35.34 80.44 0.43
N ARG A 23 -36.60 80.81 0.30
CA ARG A 23 -37.04 82.21 0.36
C ARG A 23 -38.36 82.26 1.12
N GLY A 24 -38.34 82.82 2.32
CA GLY A 24 -39.58 83.00 3.06
C GLY A 24 -39.46 82.72 4.55
N ARG A 25 -40.44 81.99 5.09
CA ARG A 25 -40.45 81.68 6.51
C ARG A 25 -39.35 80.70 6.86
N SER A 26 -38.84 80.82 8.08
CA SER A 26 -37.61 80.15 8.45
C SER A 26 -37.62 79.76 9.92
N ARG A 27 -36.89 78.71 10.24
CA ARG A 27 -36.58 78.34 11.61
C ARG A 27 -35.09 78.57 11.83
N LEU A 28 -34.58 78.26 13.02
CA LEU A 28 -33.19 78.59 13.31
C LEU A 28 -32.62 77.64 14.35
N ILE A 29 -31.29 77.49 14.30
CA ILE A 29 -30.56 76.48 15.06
C ILE A 29 -29.79 77.19 16.16
N HIS A 30 -30.09 76.87 17.41
CA HIS A 30 -29.40 77.45 18.55
C HIS A 30 -28.15 76.66 18.89
N HIS A 31 -27.18 77.33 19.50
CA HIS A 31 -26.07 76.63 20.11
C HIS A 31 -26.56 75.94 21.38
N ALA A 32 -26.01 74.78 21.68
CA ALA A 32 -26.57 73.99 22.77
C ALA A 32 -26.08 74.44 24.14
N ILE A 33 -24.84 74.92 24.23
CA ILE A 33 -24.26 75.21 25.53
C ILE A 33 -24.38 76.70 25.88
N SER A 34 -24.63 77.57 24.91
CA SER A 34 -24.81 79.00 25.15
C SER A 34 -26.21 79.47 24.79
N GLY A 35 -26.65 79.26 23.55
CA GLY A 35 -28.04 79.52 23.21
C GLY A 35 -28.31 80.64 22.23
N GLU A 36 -27.40 80.89 21.29
CA GLU A 36 -27.61 81.90 20.26
C GLU A 36 -27.82 81.24 18.91
N ALA A 37 -28.52 81.93 18.02
CA ALA A 37 -28.84 81.40 16.69
C ALA A 37 -27.63 81.56 15.79
N LEU A 38 -26.97 80.45 15.46
CA LEU A 38 -25.82 80.46 14.58
C LEU A 38 -26.06 79.82 13.22
N TRP A 39 -27.27 79.31 12.97
CA TRP A 39 -27.74 79.01 11.63
C TRP A 39 -29.23 79.30 11.58
N GLU A 40 -29.76 79.40 10.36
CA GLU A 40 -31.21 79.47 10.19
C GLU A 40 -31.58 78.81 8.87
N VAL A 41 -32.65 78.01 8.91
CA VAL A 41 -33.01 77.07 7.86
C VAL A 41 -34.34 77.44 7.24
N THR A 42 -34.46 77.17 5.93
CA THR A 42 -35.67 77.33 5.15
C THR A 42 -35.51 76.55 3.85
N SER A 43 -36.64 76.11 3.28
CA SER A 43 -36.62 75.42 2.00
C SER A 43 -37.80 75.81 1.12
N GLU A 44 -38.30 77.03 1.28
CA GLU A 44 -39.51 77.45 0.58
C GLU A 44 -39.19 77.89 -0.84
N GLY A 45 -40.07 77.54 -1.77
CA GLY A 45 -39.89 77.89 -3.17
C GLY A 45 -38.98 77.00 -3.95
N LEU A 46 -38.47 75.92 -3.35
CA LEU A 46 -37.62 74.98 -4.06
C LEU A 46 -38.47 73.92 -4.73
N ASP A 47 -38.17 73.63 -6.00
CA ASP A 47 -38.96 72.68 -6.79
C ASP A 47 -38.64 71.26 -6.33
N MET A 48 -39.65 70.59 -5.77
CA MET A 48 -39.46 69.24 -5.24
C MET A 48 -39.72 68.15 -6.27
N ALA A 49 -40.54 68.42 -7.29
CA ALA A 49 -40.74 67.44 -8.34
C ALA A 49 -39.49 67.32 -9.22
N ALA A 50 -38.77 68.41 -9.42
CA ALA A 50 -37.58 68.39 -10.24
C ALA A 50 -36.43 67.64 -9.59
N ALA A 51 -36.41 67.53 -8.26
CA ALA A 51 -35.37 66.76 -7.59
C ALA A 51 -35.53 65.27 -7.84
N ARG A 52 -36.77 64.76 -7.71
CA ARG A 52 -37.04 63.37 -8.04
C ARG A 52 -36.87 63.12 -9.54
N GLN A 53 -37.26 64.10 -10.37
CA GLN A 53 -37.12 63.98 -11.81
C GLN A 53 -35.67 63.96 -12.24
N PHE A 54 -34.79 64.63 -11.49
CA PHE A 54 -33.36 64.55 -11.77
C PHE A 54 -32.78 63.24 -11.25
N ALA A 55 -33.21 62.81 -10.05
CA ALA A 55 -32.65 61.63 -9.43
C ALA A 55 -32.94 60.36 -10.23
N ILE A 56 -34.18 60.20 -10.68
CA ILE A 56 -34.57 58.98 -11.40
C ILE A 56 -33.92 58.92 -12.78
N GLU A 57 -33.92 60.01 -13.53
CA GLU A 57 -33.30 60.00 -14.84
C GLU A 57 -31.78 60.17 -14.82
N LYS A 58 -31.16 60.44 -13.68
CA LYS A 58 -29.71 60.61 -13.69
C LYS A 58 -28.97 59.60 -12.83
N GLY A 59 -29.32 59.46 -11.55
CA GLY A 59 -28.51 58.67 -10.65
C GLY A 59 -28.88 57.20 -10.64
N ALA A 60 -30.15 56.90 -10.91
CA ALA A 60 -30.60 55.52 -10.95
C ALA A 60 -30.05 54.72 -12.14
N PRO A 61 -29.98 55.21 -13.40
CA PRO A 61 -29.37 54.38 -14.45
C PRO A 61 -27.86 54.24 -14.31
N ALA A 62 -27.21 55.08 -13.51
CA ALA A 62 -25.78 54.91 -13.27
C ALA A 62 -25.52 53.90 -12.15
N LEU A 63 -26.35 53.92 -11.11
CA LEU A 63 -26.20 52.94 -10.03
C LEU A 63 -26.65 51.56 -10.47
N ARG A 64 -27.71 51.48 -11.28
CA ARG A 64 -28.20 50.18 -11.73
C ARG A 64 -27.37 49.58 -12.84
N ALA A 65 -26.36 50.28 -13.35
CA ALA A 65 -25.45 49.75 -14.35
C ALA A 65 -24.14 49.27 -13.77
N MET A 66 -24.00 49.28 -12.46
CA MET A 66 -22.83 48.75 -11.78
C MET A 66 -23.11 47.32 -11.29
N THR A 67 -22.04 46.57 -11.08
CA THR A 67 -22.17 45.31 -10.37
C THR A 67 -22.24 45.57 -8.87
N PHE A 68 -22.54 44.52 -8.11
CA PHE A 68 -22.58 44.68 -6.65
C PHE A 68 -21.19 44.87 -6.07
N ILE A 69 -20.16 44.33 -6.73
CA ILE A 69 -18.80 44.42 -6.22
C ILE A 69 -18.27 45.84 -6.38
N GLU A 70 -18.62 46.50 -7.48
CA GLU A 70 -18.26 47.90 -7.68
C GLU A 70 -19.02 48.81 -6.72
N ARG A 71 -20.31 48.50 -6.47
CA ARG A 71 -21.10 49.26 -5.52
C ARG A 71 -20.64 49.05 -4.09
N ALA A 72 -19.94 47.94 -3.80
CA ALA A 72 -19.35 47.74 -2.47
C ALA A 72 -17.95 48.31 -2.36
N ALA A 73 -17.24 48.47 -3.48
CA ALA A 73 -15.96 49.18 -3.44
C ALA A 73 -16.14 50.69 -3.31
N MET A 74 -17.24 51.22 -3.89
CA MET A 74 -17.54 52.64 -3.78
C MET A 74 -17.79 53.05 -2.34
N LEU A 75 -18.44 52.17 -1.55
CA LEU A 75 -18.69 52.47 -0.15
C LEU A 75 -17.41 52.51 0.66
N LYS A 76 -16.45 51.63 0.34
CA LYS A 76 -15.16 51.64 1.03
C LYS A 76 -14.36 52.88 0.70
N ALA A 77 -14.42 53.32 -0.56
CA ALA A 77 -13.74 54.56 -0.95
C ALA A 77 -14.33 55.78 -0.26
N VAL A 78 -15.67 55.86 -0.20
CA VAL A 78 -16.34 56.96 0.49
C VAL A 78 -16.06 56.91 1.99
N ALA A 79 -15.97 55.71 2.57
CA ALA A 79 -15.68 55.58 3.99
C ALA A 79 -14.27 56.04 4.32
N LYS A 80 -13.30 55.72 3.46
CA LYS A 80 -11.94 56.21 3.69
C LYS A 80 -11.84 57.72 3.50
N HIS A 81 -12.54 58.26 2.50
CA HIS A 81 -12.51 59.72 2.29
C HIS A 81 -13.20 60.48 3.42
N LEU A 82 -14.22 59.90 4.04
CA LEU A 82 -14.87 60.54 5.17
C LEU A 82 -14.18 60.26 6.49
N LEU A 83 -13.33 59.23 6.54
CA LEU A 83 -12.54 58.98 7.74
C LEU A 83 -11.29 59.84 7.77
N SER A 84 -10.78 60.25 6.61
CA SER A 84 -9.57 61.07 6.57
C SER A 84 -9.80 62.45 7.18
N GLU A 85 -10.86 63.13 6.75
CA GLU A 85 -11.21 64.46 7.25
C GLU A 85 -12.23 64.41 8.38
N LYS A 86 -11.94 63.62 9.43
CA LYS A 86 -12.91 63.45 10.49
C LYS A 86 -12.89 64.56 11.52
N GLU A 87 -11.84 65.37 11.58
CA GLU A 87 -11.72 66.38 12.61
C GLU A 87 -12.53 67.64 12.34
N ARG A 88 -13.02 67.83 11.12
CA ARG A 88 -13.97 68.90 10.85
C ARG A 88 -15.40 68.49 11.19
N PHE A 89 -15.60 67.27 11.67
CA PHE A 89 -16.90 66.78 12.11
C PHE A 89 -17.08 66.90 13.61
N TYR A 90 -16.01 66.70 14.38
CA TYR A 90 -16.07 66.87 15.83
C TYR A 90 -16.32 68.32 16.22
N ALA A 91 -15.79 69.27 15.46
CA ALA A 91 -16.02 70.69 15.72
C ALA A 91 -17.49 71.04 15.54
N LEU A 92 -18.15 70.44 14.54
CA LEU A 92 -19.58 70.66 14.35
C LEU A 92 -20.39 69.90 15.38
N SER A 93 -19.92 68.72 15.80
CA SER A 93 -20.66 67.92 16.77
C SER A 93 -20.56 68.49 18.18
N ALA A 94 -19.54 69.30 18.47
CA ALA A 94 -19.45 69.95 19.78
C ALA A 94 -20.47 71.06 19.95
N GLN A 95 -21.06 71.55 18.85
CA GLN A 95 -22.09 72.57 18.95
C GLN A 95 -23.42 72.02 19.46
N THR A 96 -23.59 70.69 19.45
CA THR A 96 -24.82 70.04 19.89
C THR A 96 -24.76 69.60 21.34
N GLY A 97 -23.81 70.12 22.12
CA GLY A 97 -23.75 69.81 23.53
C GLY A 97 -23.24 68.43 23.85
N ALA A 98 -22.58 67.77 22.91
CA ALA A 98 -22.09 66.41 23.10
C ALA A 98 -20.62 66.44 23.51
N THR A 99 -20.22 65.42 24.26
CA THR A 99 -18.83 65.29 24.70
C THR A 99 -18.00 64.68 23.57
N ARG A 100 -16.75 64.34 23.87
CA ARG A 100 -15.90 63.74 22.84
C ARG A 100 -16.19 62.25 22.68
N ALA A 101 -16.43 61.55 23.79
CA ALA A 101 -16.78 60.14 23.71
C ALA A 101 -18.19 59.92 23.20
N ASP A 102 -19.08 60.89 23.43
CA ASP A 102 -20.44 60.79 22.92
C ASP A 102 -20.55 61.23 21.47
N SER A 103 -19.51 61.83 20.91
CA SER A 103 -19.43 62.11 19.48
C SER A 103 -18.59 61.10 18.73
N TRP A 104 -17.72 60.38 19.44
CA TRP A 104 -16.97 59.27 18.85
C TRP A 104 -17.90 58.20 18.31
N VAL A 105 -18.98 57.91 19.05
CA VAL A 105 -20.01 56.98 18.59
C VAL A 105 -20.64 57.48 17.30
N ASP A 106 -21.14 58.72 17.32
CA ASP A 106 -21.89 59.30 16.21
C ASP A 106 -21.07 59.39 14.93
N ILE A 107 -19.76 59.67 15.04
CA ILE A 107 -18.94 59.72 13.85
C ILE A 107 -18.46 58.33 13.44
N GLU A 108 -17.73 57.67 14.33
CA GLU A 108 -16.98 56.47 13.96
C GLU A 108 -17.88 55.26 13.77
N GLY A 109 -19.00 55.15 14.50
CA GLY A 109 -19.91 54.04 14.24
C GLY A 109 -20.63 54.20 12.92
N GLY A 110 -20.95 55.43 12.55
CA GLY A 110 -21.54 55.67 11.24
C GLY A 110 -20.58 55.41 10.10
N ILE A 111 -19.29 55.64 10.31
CA ILE A 111 -18.33 55.28 9.26
C ILE A 111 -18.03 53.77 9.26
N GLY A 112 -18.01 53.15 10.44
CA GLY A 112 -17.86 51.70 10.52
C GLY A 112 -19.03 50.93 9.97
N THR A 113 -20.21 51.54 9.90
CA THR A 113 -21.34 50.95 9.18
C THR A 113 -21.02 50.77 7.70
N LEU A 114 -20.44 51.80 7.08
CA LEU A 114 -20.02 51.71 5.68
C LEU A 114 -18.90 50.70 5.49
N PHE A 115 -17.95 50.65 6.42
CA PHE A 115 -16.89 49.63 6.33
C PHE A 115 -17.46 48.22 6.45
N THR A 116 -18.44 48.02 7.34
CA THR A 116 -19.05 46.71 7.51
C THR A 116 -19.85 46.29 6.28
N TYR A 117 -20.62 47.22 5.69
CA TYR A 117 -21.36 46.88 4.49
C TYR A 117 -20.45 46.68 3.28
N ALA A 118 -19.33 47.40 3.20
CA ALA A 118 -18.37 47.14 2.14
C ALA A 118 -17.69 45.79 2.30
N SER A 119 -17.51 45.33 3.54
CA SER A 119 -16.94 44.00 3.73
C SER A 119 -17.96 42.89 3.51
N LEU A 120 -19.24 43.13 3.84
CA LEU A 120 -20.28 42.12 3.61
C LEU A 120 -20.62 41.97 2.14
N GLY A 121 -20.79 43.08 1.43
CA GLY A 121 -21.23 43.01 0.04
C GLY A 121 -20.18 42.56 -0.95
N SER A 122 -18.95 42.29 -0.52
CA SER A 122 -17.92 41.74 -1.41
C SER A 122 -17.77 40.24 -1.29
N ARG A 123 -18.03 39.67 -0.12
CA ARG A 123 -17.85 38.25 0.10
C ARG A 123 -19.10 37.43 -0.20
N GLU A 124 -20.26 38.07 -0.32
CA GLU A 124 -21.52 37.35 -0.33
C GLU A 124 -22.48 37.80 -1.43
N LEU A 125 -22.03 38.67 -2.34
CA LEU A 125 -22.88 39.21 -3.40
C LEU A 125 -22.26 38.93 -4.77
N PRO A 126 -23.07 38.70 -5.79
CA PRO A 126 -22.53 38.28 -7.09
C PRO A 126 -21.90 39.43 -7.87
N ASP A 127 -21.20 39.04 -8.94
CA ASP A 127 -20.59 39.99 -9.87
C ASP A 127 -21.54 40.17 -11.06
N ASP A 128 -22.68 40.78 -10.75
CA ASP A 128 -23.78 40.83 -11.70
C ASP A 128 -24.66 42.01 -11.31
N THR A 129 -25.64 42.32 -12.17
CA THR A 129 -26.64 43.34 -11.87
C THR A 129 -27.84 42.75 -11.13
N LEU A 130 -28.24 41.54 -11.48
CA LEU A 130 -29.27 40.80 -10.78
C LEU A 130 -28.64 39.97 -9.65
N TRP A 131 -29.48 39.43 -8.79
CA TRP A 131 -28.99 38.61 -7.69
C TRP A 131 -29.90 37.42 -7.42
N PRO A 132 -29.49 36.21 -7.83
CA PRO A 132 -30.27 35.00 -7.53
C PRO A 132 -30.00 34.53 -6.11
N GLU A 133 -31.06 34.47 -5.30
CA GLU A 133 -30.90 34.08 -3.91
C GLU A 133 -31.09 32.59 -3.64
N ASP A 134 -31.90 31.89 -4.44
CA ASP A 134 -32.16 30.48 -4.22
C ASP A 134 -31.26 29.63 -5.10
N GLU A 135 -31.30 28.32 -4.86
CA GLU A 135 -30.49 27.41 -5.67
C GLU A 135 -31.23 26.99 -6.94
N LEU A 136 -32.30 26.20 -6.79
CA LEU A 136 -33.14 25.70 -7.86
C LEU A 136 -34.32 24.99 -7.22
N ILE A 137 -35.49 25.13 -7.83
CA ILE A 137 -36.69 24.44 -7.39
C ILE A 137 -37.19 23.59 -8.55
N PRO A 138 -36.99 22.27 -8.49
CA PRO A 138 -37.47 21.41 -9.58
C PRO A 138 -38.98 21.18 -9.48
N LEU A 139 -39.69 21.49 -10.54
CA LEU A 139 -41.15 21.49 -10.54
C LEU A 139 -41.74 20.53 -11.57
N SER A 140 -41.03 19.44 -11.87
CA SER A 140 -41.51 18.50 -12.86
C SER A 140 -40.90 17.13 -12.58
N LYS A 141 -41.52 16.10 -13.18
CA LYS A 141 -41.07 14.73 -12.98
C LYS A 141 -39.82 14.44 -13.80
N GLU A 142 -39.75 14.95 -15.02
CA GLU A 142 -38.58 14.75 -15.86
C GLU A 142 -37.44 15.69 -15.45
N GLY A 143 -37.70 16.99 -15.45
CA GLY A 143 -36.68 17.97 -15.16
C GLY A 143 -36.55 19.04 -16.21
N GLY A 144 -37.57 19.17 -17.05
CA GLY A 144 -37.61 20.21 -18.06
C GLY A 144 -38.34 21.46 -17.68
N PHE A 145 -38.83 21.56 -16.45
CA PHE A 145 -39.55 22.74 -15.97
C PHE A 145 -39.14 23.01 -14.54
N ALA A 146 -38.67 24.23 -14.29
CA ALA A 146 -38.16 24.60 -12.98
C ALA A 146 -38.39 26.10 -12.77
N ALA A 147 -37.99 26.57 -11.60
CA ALA A 147 -38.17 27.97 -11.21
C ALA A 147 -37.15 28.32 -10.15
N ARG A 148 -36.81 29.61 -10.07
CA ARG A 148 -35.97 30.11 -9.00
C ARG A 148 -36.26 31.58 -8.78
N HIS A 149 -35.78 32.11 -7.65
CA HIS A 149 -36.06 33.48 -7.24
C HIS A 149 -34.92 34.42 -7.60
N LEU A 150 -35.28 35.62 -8.05
CA LEU A 150 -34.37 36.67 -8.44
C LEU A 150 -34.70 37.93 -7.64
N LEU A 151 -33.71 38.80 -7.50
CA LEU A 151 -33.85 40.06 -6.77
C LEU A 151 -33.32 41.18 -7.66
N THR A 152 -34.22 42.00 -8.21
CA THR A 152 -33.85 43.10 -9.07
C THR A 152 -34.08 44.42 -8.35
N SER A 153 -33.20 45.38 -8.59
CA SER A 153 -33.29 46.66 -7.91
C SER A 153 -34.43 47.50 -8.47
N LYS A 154 -35.18 48.14 -7.57
CA LYS A 154 -36.25 49.05 -7.96
C LYS A 154 -35.68 50.28 -8.67
N SER A 155 -36.54 50.96 -9.41
CA SER A 155 -36.09 52.04 -10.28
C SER A 155 -36.71 53.36 -9.88
N GLY A 156 -36.72 53.66 -8.59
CA GLY A 156 -37.23 54.92 -8.10
C GLY A 156 -36.24 55.57 -7.15
N VAL A 157 -36.75 56.16 -6.07
CA VAL A 157 -35.93 56.82 -5.07
C VAL A 157 -36.31 56.32 -3.68
N ALA A 158 -35.36 56.47 -2.76
CA ALA A 158 -35.56 56.22 -1.35
C ALA A 158 -35.57 57.55 -0.62
N VAL A 159 -36.65 57.82 0.10
CA VAL A 159 -36.81 59.07 0.83
C VAL A 159 -36.66 58.78 2.32
N HIS A 160 -35.66 59.38 2.95
CA HIS A 160 -35.33 59.12 4.35
C HIS A 160 -35.62 60.35 5.18
N ILE A 161 -36.33 60.15 6.30
CA ILE A 161 -36.71 61.23 7.20
C ILE A 161 -36.17 60.88 8.58
N ASN A 162 -35.17 61.63 9.04
CA ASN A 162 -34.37 61.28 10.20
C ASN A 162 -34.82 62.06 11.44
N ALA A 163 -34.13 61.82 12.55
CA ALA A 163 -34.36 62.49 13.82
C ALA A 163 -33.13 63.34 14.17
N PHE A 164 -33.16 63.96 15.35
CA PHE A 164 -32.09 64.89 15.72
C PHE A 164 -30.98 64.24 16.54
N ASN A 165 -31.07 62.95 16.84
CA ASN A 165 -30.10 62.35 17.74
C ASN A 165 -28.77 62.12 17.06
N PHE A 166 -28.76 61.34 15.97
CA PHE A 166 -27.55 60.97 15.25
C PHE A 166 -27.64 61.51 13.84
N PRO A 167 -27.10 62.72 13.60
CA PRO A 167 -27.10 63.23 12.22
C PRO A 167 -26.10 62.52 11.33
N CYS A 168 -25.06 61.93 11.92
CA CYS A 168 -24.01 61.25 11.19
C CYS A 168 -24.20 59.75 11.13
N TRP A 169 -24.68 59.12 12.22
CA TRP A 169 -24.98 57.70 12.16
C TRP A 169 -26.30 57.46 11.44
N GLY A 170 -27.38 58.09 11.91
CA GLY A 170 -28.72 57.80 11.46
C GLY A 170 -29.01 58.15 10.01
N MET A 171 -28.24 59.07 9.42
CA MET A 171 -28.31 59.26 7.99
C MET A 171 -27.61 58.13 7.25
N LEU A 172 -26.47 57.70 7.78
CA LEU A 172 -25.51 56.93 7.02
C LEU A 172 -25.64 55.43 7.26
N GLU A 173 -26.57 55.01 8.13
CA GLU A 173 -26.96 53.62 8.24
C GLU A 173 -28.20 53.29 7.41
N LYS A 174 -28.87 54.31 6.89
CA LYS A 174 -29.94 54.14 5.91
C LYS A 174 -29.44 54.28 4.48
N LEU A 175 -28.17 54.63 4.31
CA LEU A 175 -27.61 54.98 3.01
C LEU A 175 -26.65 53.95 2.46
N ALA A 176 -26.04 53.13 3.33
CA ALA A 176 -25.25 52.01 2.83
C ALA A 176 -26.09 50.94 2.15
N PRO A 177 -27.21 50.44 2.72
CA PRO A 177 -28.02 49.47 1.94
C PRO A 177 -28.76 50.10 0.78
N THR A 178 -28.98 51.41 0.79
CA THR A 178 -29.68 52.07 -0.32
C THR A 178 -28.79 52.15 -1.54
N TRP A 179 -27.53 52.57 -1.37
CA TRP A 179 -26.59 52.58 -2.49
C TRP A 179 -26.17 51.17 -2.88
N LEU A 180 -26.03 50.27 -1.90
CA LEU A 180 -25.67 48.90 -2.23
C LEU A 180 -26.81 48.16 -2.93
N GLY A 181 -28.06 48.57 -2.68
CA GLY A 181 -29.17 47.96 -3.38
C GLY A 181 -29.36 48.50 -4.77
N GLY A 182 -29.06 49.77 -5.01
CA GLY A 182 -29.09 50.31 -6.35
C GLY A 182 -30.04 51.48 -6.56
N MET A 183 -30.31 52.26 -5.52
CA MET A 183 -31.27 53.35 -5.62
C MET A 183 -30.64 54.66 -5.17
N PRO A 184 -31.00 55.78 -5.80
CA PRO A 184 -30.57 57.09 -5.30
C PRO A 184 -31.42 57.54 -4.13
N ALA A 185 -30.84 58.41 -3.30
CA ALA A 185 -31.44 58.78 -2.03
C ALA A 185 -31.63 60.29 -1.92
N ILE A 186 -32.68 60.68 -1.20
CA ILE A 186 -32.94 62.07 -0.84
C ILE A 186 -33.14 62.13 0.67
N ILE A 187 -32.28 62.87 1.36
CA ILE A 187 -32.25 62.88 2.82
C ILE A 187 -32.91 64.16 3.32
N LYS A 188 -33.86 64.00 4.25
CA LYS A 188 -34.42 65.12 5.00
C LYS A 188 -34.05 64.96 6.46
N PRO A 189 -33.04 65.67 6.96
CA PRO A 189 -32.69 65.56 8.38
C PRO A 189 -33.59 66.43 9.24
N ALA A 190 -33.40 66.30 10.55
CA ALA A 190 -34.10 67.17 11.48
C ALA A 190 -33.48 68.55 11.47
N THR A 191 -34.33 69.58 11.53
CA THR A 191 -33.86 70.95 11.37
C THR A 191 -33.31 71.55 12.66
N ALA A 192 -33.02 70.74 13.67
CA ALA A 192 -32.36 71.22 14.87
C ALA A 192 -30.86 70.99 14.85
N THR A 193 -30.39 70.01 14.08
CA THR A 193 -28.97 69.72 13.96
C THR A 193 -28.59 69.35 12.52
N ALA A 194 -29.12 70.09 11.55
CA ALA A 194 -28.86 69.78 10.14
C ALA A 194 -27.48 70.21 9.66
N GLN A 195 -26.74 70.98 10.47
CA GLN A 195 -25.46 71.53 10.02
C GLN A 195 -24.36 70.48 9.98
N LEU A 196 -24.56 69.33 10.62
CA LEU A 196 -23.63 68.22 10.50
C LEU A 196 -23.98 67.33 9.31
N THR A 197 -25.28 67.16 9.07
CA THR A 197 -25.75 66.41 7.92
C THR A 197 -25.35 67.09 6.61
N GLN A 198 -25.38 68.42 6.58
CA GLN A 198 -24.94 69.13 5.37
C GLN A 198 -23.44 68.95 5.13
N ALA A 199 -22.64 68.94 6.19
CA ALA A 199 -21.20 68.75 6.04
C ALA A 199 -20.88 67.33 5.58
N MET A 200 -21.65 66.34 6.06
CA MET A 200 -21.51 64.97 5.58
C MET A 200 -21.85 64.86 4.09
N VAL A 201 -22.96 65.46 3.67
CA VAL A 201 -23.37 65.41 2.27
C VAL A 201 -22.38 66.16 1.39
N LYS A 202 -21.83 67.27 1.89
CA LYS A 202 -20.84 68.03 1.12
C LYS A 202 -19.54 67.25 0.96
N SER A 203 -19.11 66.54 2.01
CA SER A 203 -17.92 65.71 1.90
C SER A 203 -18.14 64.51 1.00
N ILE A 204 -19.38 64.00 0.91
CA ILE A 204 -19.65 62.93 -0.04
C ILE A 204 -19.63 63.46 -1.47
N VAL A 205 -20.26 64.61 -1.71
CA VAL A 205 -20.41 65.12 -3.08
C VAL A 205 -19.08 65.64 -3.62
N ASP A 206 -18.35 66.43 -2.83
CA ASP A 206 -17.11 67.04 -3.33
C ASP A 206 -15.92 66.10 -3.23
N SER A 207 -16.05 64.88 -3.75
CA SER A 207 -14.93 63.97 -3.90
C SER A 207 -14.92 63.21 -5.22
N GLY A 208 -16.02 63.22 -5.98
CA GLY A 208 -16.07 62.51 -7.24
C GLY A 208 -16.11 61.00 -7.13
N LEU A 209 -16.55 60.47 -6.00
CA LEU A 209 -16.59 59.03 -5.77
C LEU A 209 -17.94 58.41 -6.08
N VAL A 210 -19.00 59.20 -6.06
CA VAL A 210 -20.34 58.71 -6.35
C VAL A 210 -20.83 59.34 -7.66
N PRO A 211 -21.75 58.73 -8.38
CA PRO A 211 -22.33 59.39 -9.56
C PRO A 211 -23.19 60.59 -9.17
N GLU A 212 -23.44 61.45 -10.15
CA GLU A 212 -24.29 62.59 -9.91
C GLU A 212 -25.75 62.16 -9.84
N GLY A 213 -26.49 62.78 -8.92
CA GLY A 213 -27.86 62.39 -8.66
C GLY A 213 -28.03 61.27 -7.67
N ALA A 214 -26.93 60.65 -7.21
CA ALA A 214 -27.01 59.54 -6.28
C ALA A 214 -27.29 59.97 -4.85
N ILE A 215 -27.25 61.27 -4.56
CA ILE A 215 -27.56 61.77 -3.22
C ILE A 215 -28.12 63.17 -3.36
N SER A 216 -29.18 63.46 -2.60
CA SER A 216 -29.74 64.79 -2.52
C SER A 216 -30.11 65.08 -1.07
N LEU A 217 -30.31 66.36 -0.77
CA LEU A 217 -30.48 66.81 0.60
C LEU A 217 -31.47 67.95 0.63
N ILE A 218 -32.42 67.92 1.56
CA ILE A 218 -33.33 69.05 1.78
C ILE A 218 -33.22 69.49 3.24
N CYS A 219 -32.96 70.77 3.45
CA CYS A 219 -32.83 71.37 4.77
C CYS A 219 -34.06 72.24 4.99
N GLY A 220 -34.96 71.79 5.85
CA GLY A 220 -36.25 72.44 6.00
C GLY A 220 -37.37 71.47 5.73
N SER A 221 -38.59 71.97 5.53
CA SER A 221 -39.72 71.09 5.29
C SER A 221 -39.69 70.54 3.87
N ALA A 222 -40.16 69.31 3.72
CA ALA A 222 -40.23 68.69 2.40
C ALA A 222 -41.33 69.31 1.56
N GLY A 223 -42.45 69.67 2.18
CA GLY A 223 -43.47 70.45 1.53
C GLY A 223 -44.39 69.66 0.61
N ASP A 224 -43.89 69.33 -0.57
CA ASP A 224 -44.71 68.71 -1.60
C ASP A 224 -43.96 67.55 -2.25
N LEU A 225 -43.32 66.72 -1.44
CA LEU A 225 -42.54 65.61 -1.96
C LEU A 225 -43.30 64.30 -1.95
N LEU A 226 -44.10 64.04 -0.90
CA LEU A 226 -44.81 62.78 -0.81
C LEU A 226 -46.00 62.71 -1.76
N ASP A 227 -46.48 63.85 -2.24
CA ASP A 227 -47.56 63.89 -3.22
C ASP A 227 -47.07 63.67 -4.65
N HIS A 228 -45.78 63.46 -4.85
CA HIS A 228 -45.21 63.27 -6.17
C HIS A 228 -44.56 61.92 -6.37
N LEU A 229 -44.60 61.04 -5.38
CA LEU A 229 -43.88 59.78 -5.46
C LEU A 229 -44.63 58.78 -6.35
N ASP A 230 -43.97 57.66 -6.62
CA ASP A 230 -44.48 56.61 -7.49
C ASP A 230 -44.34 55.29 -6.75
N SER A 231 -44.91 54.22 -7.31
CA SER A 231 -44.94 52.93 -6.63
C SER A 231 -43.61 52.18 -6.66
N GLN A 232 -42.56 52.75 -7.28
CA GLN A 232 -41.22 52.21 -7.22
C GLN A 232 -40.35 52.93 -6.20
N ASP A 233 -40.93 53.84 -5.42
CA ASP A 233 -40.23 54.61 -4.41
C ASP A 233 -40.46 53.97 -3.04
N VAL A 234 -39.50 54.15 -2.13
CA VAL A 234 -39.68 53.69 -0.75
C VAL A 234 -39.46 54.87 0.19
N VAL A 235 -40.07 54.80 1.37
CA VAL A 235 -39.98 55.85 2.37
C VAL A 235 -39.61 55.23 3.71
N THR A 236 -38.60 55.82 4.38
CA THR A 236 -38.19 55.40 5.71
C THR A 236 -38.32 56.57 6.67
N PHE A 237 -38.91 56.34 7.84
CA PHE A 237 -39.15 57.37 8.84
C PHE A 237 -38.45 57.01 10.14
N THR A 238 -38.03 58.03 10.88
CA THR A 238 -37.42 57.87 12.20
C THR A 238 -37.80 59.07 13.05
N GLY A 239 -38.67 58.85 14.04
CA GLY A 239 -39.13 59.94 14.86
C GLY A 239 -40.04 59.45 15.96
N SER A 240 -40.90 60.33 16.44
CA SER A 240 -41.85 59.96 17.47
C SER A 240 -43.07 59.29 16.84
N ALA A 241 -43.89 58.67 17.70
CA ALA A 241 -45.03 57.91 17.22
C ALA A 241 -46.18 58.79 16.76
N ALA A 242 -46.22 60.05 17.19
CA ALA A 242 -47.31 60.94 16.79
C ALA A 242 -47.19 61.40 15.34
N THR A 243 -45.95 61.46 14.82
CA THR A 243 -45.72 61.97 13.47
C THR A 243 -45.80 60.86 12.41
N GLY A 244 -45.19 59.71 12.69
CA GLY A 244 -45.19 58.61 11.74
C GLY A 244 -46.53 57.98 11.50
N GLN A 245 -47.46 58.14 12.44
CA GLN A 245 -48.83 57.68 12.25
C GLN A 245 -49.69 58.72 11.55
N MET A 246 -49.15 59.90 11.29
CA MET A 246 -49.76 60.88 10.40
C MET A 246 -49.21 60.76 8.99
N LEU A 247 -47.92 60.47 8.86
CA LEU A 247 -47.33 60.26 7.54
C LEU A 247 -47.70 58.92 6.93
N ARG A 248 -48.17 57.96 7.73
CA ARG A 248 -48.55 56.66 7.18
C ARG A 248 -49.87 56.76 6.42
N VAL A 249 -50.78 57.59 6.88
CA VAL A 249 -52.10 57.71 6.26
C VAL A 249 -52.14 58.87 5.26
N GLN A 250 -50.98 59.31 4.77
CA GLN A 250 -50.93 60.30 3.70
C GLN A 250 -51.53 59.69 2.43
N PRO A 251 -52.45 60.39 1.76
CA PRO A 251 -53.30 59.73 0.76
C PRO A 251 -52.61 59.35 -0.54
N ASN A 252 -51.33 59.67 -0.74
CA ASN A 252 -50.62 59.15 -1.90
C ASN A 252 -49.91 57.84 -1.58
N ILE A 253 -49.40 57.72 -0.35
CA ILE A 253 -48.71 56.50 0.07
C ILE A 253 -49.70 55.33 0.15
N VAL A 254 -50.91 55.58 0.65
CA VAL A 254 -51.89 54.51 0.74
C VAL A 254 -52.57 54.20 -0.59
N ALA A 255 -52.44 55.07 -1.58
CA ALA A 255 -53.05 54.85 -2.89
C ALA A 255 -52.11 54.19 -3.88
N LYS A 256 -50.84 54.62 -3.93
CA LYS A 256 -49.87 53.99 -4.80
C LYS A 256 -49.25 52.73 -4.20
N SER A 257 -49.52 52.48 -2.91
CA SER A 257 -49.01 51.33 -2.16
C SER A 257 -47.48 51.27 -2.17
N ILE A 258 -46.87 52.31 -1.61
CA ILE A 258 -45.42 52.37 -1.56
C ILE A 258 -44.99 51.92 -0.17
N PRO A 259 -43.80 51.32 -0.01
CA PRO A 259 -43.36 50.88 1.32
C PRO A 259 -43.03 52.06 2.22
N PHE A 260 -43.56 52.01 3.44
CA PHE A 260 -43.29 53.01 4.48
C PHE A 260 -42.79 52.26 5.70
N THR A 261 -41.55 52.52 6.09
CA THR A 261 -40.93 51.83 7.22
C THR A 261 -40.84 52.82 8.38
N MET A 262 -41.76 52.69 9.33
CA MET A 262 -41.81 53.54 10.51
C MET A 262 -41.04 52.88 11.64
N GLU A 263 -40.33 53.69 12.43
CA GLU A 263 -39.60 53.17 13.57
C GLU A 263 -39.55 54.26 14.64
N ALA A 264 -40.14 53.97 15.79
CA ALA A 264 -40.48 55.02 16.75
C ALA A 264 -39.93 54.77 18.16
N ASP A 265 -40.41 55.55 19.12
CA ASP A 265 -39.91 55.52 20.49
C ASP A 265 -40.33 54.24 21.22
N SER A 266 -39.64 53.97 22.33
CA SER A 266 -39.86 52.74 23.07
C SER A 266 -39.42 52.91 24.51
N LEU A 267 -39.93 52.03 25.37
CA LEU A 267 -39.52 51.92 26.76
C LEU A 267 -38.75 50.62 26.94
N ASN A 268 -37.47 50.74 27.30
CA ASN A 268 -36.55 49.61 27.27
C ASN A 268 -36.28 49.17 28.70
N CYS A 269 -36.71 47.95 29.02
CA CYS A 269 -36.61 47.45 30.38
C CYS A 269 -35.21 46.93 30.67
N CYS A 270 -34.97 46.66 31.95
CA CYS A 270 -33.73 46.03 32.39
C CYS A 270 -34.06 45.24 33.65
N VAL A 271 -34.06 43.91 33.54
CA VAL A 271 -34.59 43.03 34.56
C VAL A 271 -33.42 42.43 35.33
N LEU A 272 -33.52 42.42 36.65
CA LEU A 272 -32.59 41.72 37.50
C LEU A 272 -33.21 40.40 37.96
N GLY A 273 -32.42 39.33 37.95
CA GLY A 273 -32.94 38.02 38.23
C GLY A 273 -33.03 37.72 39.71
N GLU A 274 -33.73 36.62 40.02
CA GLU A 274 -33.92 36.17 41.39
C GLU A 274 -32.69 35.48 41.97
N ASP A 275 -31.70 35.14 41.16
CA ASP A 275 -30.51 34.45 41.63
C ASP A 275 -29.35 35.38 41.95
N VAL A 276 -29.60 36.69 42.02
CA VAL A 276 -28.56 37.67 42.24
C VAL A 276 -28.68 38.23 43.64
N THR A 277 -27.61 38.17 44.40
CA THR A 277 -27.46 38.74 45.73
C THR A 277 -26.42 39.86 45.67
N PRO A 278 -26.45 40.82 46.61
CA PRO A 278 -25.52 41.97 46.50
C PRO A 278 -24.03 41.65 46.67
N ASP A 279 -23.66 40.44 47.09
CA ASP A 279 -22.26 40.08 47.17
C ASP A 279 -21.70 39.52 45.86
N GLN A 280 -22.56 39.12 44.93
CA GLN A 280 -22.12 38.55 43.67
C GLN A 280 -21.55 39.64 42.77
N PRO A 281 -20.68 39.27 41.80
CA PRO A 281 -20.18 40.27 40.85
C PRO A 281 -21.20 40.75 39.83
N GLU A 282 -22.39 40.15 39.78
CA GLU A 282 -23.43 40.62 38.87
C GLU A 282 -24.00 41.96 39.32
N PHE A 283 -24.06 42.18 40.63
CA PHE A 283 -24.77 43.33 41.18
C PHE A 283 -24.03 44.63 40.91
N ALA A 284 -22.71 44.58 40.76
CA ALA A 284 -21.98 45.80 40.44
C ALA A 284 -22.12 46.18 38.98
N LEU A 285 -22.07 45.20 38.08
CA LEU A 285 -22.19 45.49 36.66
C LEU A 285 -23.62 45.81 36.25
N PHE A 286 -24.62 45.35 37.02
CA PHE A 286 -25.99 45.83 36.82
C PHE A 286 -26.10 47.34 37.01
N ILE A 287 -25.56 47.84 38.14
CA ILE A 287 -25.58 49.26 38.45
C ILE A 287 -24.76 50.05 37.44
N ARG A 288 -23.60 49.50 37.06
CA ARG A 288 -22.75 50.14 36.06
C ARG A 288 -23.44 50.27 34.71
N GLU A 289 -24.13 49.21 34.28
CA GLU A 289 -24.85 49.23 33.01
C GLU A 289 -26.00 50.22 33.02
N VAL A 290 -26.79 50.24 34.11
CA VAL A 290 -27.93 51.15 34.20
C VAL A 290 -27.46 52.60 34.22
N VAL A 291 -26.41 52.91 34.98
CA VAL A 291 -25.93 54.28 35.07
C VAL A 291 -25.30 54.74 33.75
N ARG A 292 -24.51 53.87 33.10
CA ARG A 292 -23.90 54.23 31.83
C ARG A 292 -24.95 54.45 30.74
N GLU A 293 -25.96 53.58 30.69
CA GLU A 293 -26.98 53.71 29.67
C GLU A 293 -27.93 54.87 29.95
N MET A 294 -28.09 55.28 31.20
CA MET A 294 -28.94 56.42 31.50
C MET A 294 -28.20 57.75 31.36
N THR A 295 -26.87 57.77 31.49
CA THR A 295 -26.13 59.02 31.41
C THR A 295 -25.37 59.23 30.11
N THR A 296 -25.28 58.24 29.23
CA THR A 296 -24.57 58.42 27.97
C THR A 296 -25.43 59.22 26.99
N LYS A 297 -24.81 60.23 26.36
CA LYS A 297 -25.44 61.10 25.35
C LYS A 297 -26.63 61.85 25.96
N ALA A 298 -26.48 62.21 27.24
CA ALA A 298 -27.49 62.92 28.06
C ALA A 298 -28.84 62.20 28.09
N GLY A 299 -28.82 60.87 27.95
CA GLY A 299 -30.05 60.11 27.90
C GLY A 299 -30.85 60.29 26.62
N GLN A 300 -30.24 60.83 25.56
CA GLN A 300 -30.93 61.13 24.31
C GLN A 300 -30.63 60.12 23.22
N LYS A 301 -30.51 58.85 23.56
CA LYS A 301 -30.50 57.79 22.56
C LYS A 301 -31.73 56.92 22.74
N CYS A 302 -32.26 56.42 21.61
CA CYS A 302 -33.53 55.70 21.60
C CYS A 302 -33.45 54.34 22.28
N THR A 303 -32.25 53.79 22.44
CA THR A 303 -32.05 52.48 23.05
C THR A 303 -31.59 52.61 24.50
N ALA A 304 -32.11 53.59 25.22
CA ALA A 304 -31.71 53.83 26.61
C ALA A 304 -32.68 53.15 27.57
N ILE A 305 -32.13 52.73 28.71
CA ILE A 305 -32.93 52.05 29.74
C ILE A 305 -33.81 53.06 30.44
N ARG A 306 -35.12 52.79 30.50
CA ARG A 306 -36.05 53.68 31.17
C ARG A 306 -36.92 53.00 32.21
N ARG A 307 -36.98 51.67 32.24
CA ARG A 307 -37.69 50.94 33.28
C ARG A 307 -36.72 49.94 33.89
N ILE A 308 -36.61 49.94 35.22
CA ILE A 308 -35.73 49.03 35.94
C ILE A 308 -36.60 48.16 36.83
N ILE A 309 -36.71 46.89 36.49
CA ILE A 309 -37.52 45.93 37.21
C ILE A 309 -36.60 45.15 38.14
N VAL A 310 -36.79 45.32 39.45
CA VAL A 310 -35.95 44.66 40.43
C VAL A 310 -36.78 43.72 41.30
N PRO A 311 -36.21 42.68 41.90
CA PRO A 311 -36.97 41.87 42.86
C PRO A 311 -37.32 42.66 44.11
N GLN A 312 -38.31 42.14 44.85
CA GLN A 312 -38.91 42.88 45.96
C GLN A 312 -37.95 43.03 47.13
N ALA A 313 -37.15 42.00 47.41
CA ALA A 313 -36.21 42.06 48.51
C ALA A 313 -34.99 42.94 48.22
N LEU A 314 -34.77 43.31 46.98
CA LEU A 314 -33.59 44.07 46.59
C LEU A 314 -33.91 45.50 46.15
N VAL A 315 -35.09 46.01 46.51
CA VAL A 315 -35.47 47.36 46.09
C VAL A 315 -34.62 48.41 46.79
N ASN A 316 -34.44 48.26 48.10
CA ASN A 316 -33.65 49.24 48.85
C ASN A 316 -32.16 49.08 48.63
N ALA A 317 -31.71 47.90 48.22
CA ALA A 317 -30.29 47.71 47.96
C ALA A 317 -29.88 48.30 46.61
N VAL A 318 -30.76 48.21 45.61
CA VAL A 318 -30.47 48.80 44.31
C VAL A 318 -30.57 50.32 44.38
N SER A 319 -31.65 50.83 44.98
CA SER A 319 -31.91 52.26 45.03
C SER A 319 -30.90 53.03 45.85
N ASP A 320 -30.21 52.37 46.78
CA ASP A 320 -29.10 53.01 47.48
C ASP A 320 -27.78 52.91 46.72
N ALA A 321 -27.64 51.92 45.84
CA ALA A 321 -26.42 51.75 45.07
C ALA A 321 -26.42 52.57 43.78
N LEU A 322 -27.59 52.91 43.25
CA LEU A 322 -27.66 53.75 42.06
C LEU A 322 -27.31 55.19 42.39
N VAL A 323 -27.93 55.74 43.43
CA VAL A 323 -27.85 57.17 43.73
C VAL A 323 -26.43 57.57 44.12
N ALA A 324 -25.77 56.74 44.93
CA ALA A 324 -24.37 56.99 45.27
C ALA A 324 -23.46 56.86 44.05
N ARG A 325 -23.88 56.08 43.05
CA ARG A 325 -23.17 56.04 41.78
C ARG A 325 -23.55 57.22 40.89
N LEU A 326 -24.73 57.78 41.10
CA LEU A 326 -25.24 58.85 40.23
C LEU A 326 -24.91 60.25 40.71
N GLN A 327 -24.64 60.44 42.01
CA GLN A 327 -24.31 61.77 42.50
C GLN A 327 -22.90 62.21 42.10
N LYS A 328 -22.07 61.27 41.65
CA LYS A 328 -20.73 61.60 41.18
C LYS A 328 -20.70 62.11 39.75
N VAL A 329 -21.86 62.26 39.10
CA VAL A 329 -21.93 62.74 37.74
C VAL A 329 -21.96 64.26 37.77
N VAL A 330 -21.03 64.89 37.06
CA VAL A 330 -20.90 66.35 37.05
C VAL A 330 -21.43 66.84 35.71
N VAL A 331 -22.57 67.50 35.75
CA VAL A 331 -23.21 68.02 34.55
C VAL A 331 -22.69 69.43 34.29
N GLY A 332 -22.23 69.70 33.07
CA GLY A 332 -21.73 71.02 32.75
C GLY A 332 -21.30 71.13 31.31
N ASP A 333 -20.40 72.08 31.06
CA ASP A 333 -19.86 72.28 29.72
C ASP A 333 -18.91 71.16 29.35
N PRO A 334 -19.04 70.57 28.16
CA PRO A 334 -18.18 69.43 27.79
C PRO A 334 -16.74 69.81 27.49
N ALA A 335 -16.45 71.08 27.22
CA ALA A 335 -15.08 71.45 26.89
C ALA A 335 -14.22 71.68 28.14
N GLN A 336 -14.80 72.20 29.21
CA GLN A 336 -14.07 72.37 30.44
C GLN A 336 -13.94 71.03 31.17
N GLU A 337 -12.91 70.91 31.99
CA GLU A 337 -12.52 69.62 32.55
C GLU A 337 -13.40 69.25 33.74
N GLY A 338 -13.42 67.95 34.04
CA GLY A 338 -14.20 67.44 35.15
C GLY A 338 -15.66 67.24 34.86
N VAL A 339 -16.06 67.23 33.60
CA VAL A 339 -17.47 67.14 33.20
C VAL A 339 -17.65 65.88 32.36
N LYS A 340 -18.62 65.05 32.75
CA LYS A 340 -18.93 63.81 32.05
C LYS A 340 -20.20 63.89 31.23
N MET A 341 -21.30 64.37 31.80
CA MET A 341 -22.55 64.55 31.08
C MET A 341 -22.58 65.93 30.45
N GLY A 342 -22.94 65.98 29.17
CA GLY A 342 -23.11 67.23 28.46
C GLY A 342 -24.49 67.82 28.66
N ALA A 343 -24.95 68.55 27.65
CA ALA A 343 -26.22 69.24 27.69
C ALA A 343 -27.24 68.56 26.77
N LEU A 344 -28.41 69.16 26.66
CA LEU A 344 -29.40 68.75 25.68
C LEU A 344 -29.14 69.59 24.41
N VAL A 345 -30.06 69.56 23.45
CA VAL A 345 -29.83 70.29 22.19
C VAL A 345 -30.62 71.59 22.10
N ASN A 346 -31.75 71.72 22.78
CA ASN A 346 -32.57 72.92 22.68
C ASN A 346 -33.23 73.20 24.01
N ALA A 347 -33.73 74.43 24.15
CA ALA A 347 -34.58 74.77 25.29
C ALA A 347 -35.95 74.11 25.18
N GLU A 348 -36.41 73.87 23.95
CA GLU A 348 -37.66 73.14 23.74
C GLU A 348 -37.53 71.70 24.23
N GLN A 349 -36.35 71.10 24.09
CA GLN A 349 -36.13 69.78 24.63
C GLN A 349 -36.13 69.78 26.15
N ARG A 350 -35.55 70.83 26.76
CA ARG A 350 -35.56 70.95 28.21
C ARG A 350 -36.98 71.15 28.75
N ALA A 351 -37.83 71.83 27.99
CA ALA A 351 -39.23 71.95 28.40
C ALA A 351 -39.99 70.64 28.19
N ASP A 352 -39.74 69.96 27.07
CA ASP A 352 -40.51 68.78 26.72
C ASP A 352 -40.14 67.56 27.54
N VAL A 353 -38.92 67.49 28.07
CA VAL A 353 -38.57 66.42 29.01
C VAL A 353 -39.32 66.62 30.32
N GLN A 354 -39.32 67.85 30.84
CA GLN A 354 -39.91 68.08 32.15
C GLN A 354 -41.44 68.04 32.10
N GLU A 355 -42.05 68.35 30.95
CA GLU A 355 -43.50 68.19 30.88
C GLU A 355 -43.92 66.72 30.83
N LYS A 356 -43.00 65.82 30.47
CA LYS A 356 -43.26 64.38 30.61
C LYS A 356 -42.97 63.91 32.04
N VAL A 357 -41.96 64.50 32.67
CA VAL A 357 -41.63 64.16 34.06
C VAL A 357 -42.78 64.54 34.99
N ASN A 358 -43.42 65.69 34.73
CA ASN A 358 -44.58 66.06 35.54
C ASN A 358 -45.81 65.21 35.27
N ILE A 359 -45.90 64.58 34.09
CA ILE A 359 -46.95 63.59 33.87
C ILE A 359 -46.65 62.33 34.66
N LEU A 360 -45.38 61.92 34.70
CA LEU A 360 -45.00 60.74 35.49
C LEU A 360 -45.15 60.97 36.99
N LEU A 361 -44.94 62.19 37.47
CA LEU A 361 -45.06 62.52 38.89
C LEU A 361 -46.51 62.62 39.37
N ALA A 362 -47.50 62.41 38.51
CA ALA A 362 -48.88 62.40 38.98
C ALA A 362 -49.23 61.14 39.76
N ALA A 363 -48.45 60.07 39.61
CA ALA A 363 -48.66 58.85 40.38
C ALA A 363 -47.39 58.21 40.90
N GLY A 364 -46.22 58.77 40.62
CA GLY A 364 -44.95 58.16 40.98
C GLY A 364 -44.45 58.58 42.34
N CYS A 365 -43.12 58.69 42.45
CA CYS A 365 -42.46 59.05 43.70
C CYS A 365 -41.20 59.82 43.33
N GLU A 366 -40.28 59.97 44.27
CA GLU A 366 -39.07 60.75 44.00
C GLU A 366 -37.91 60.21 44.80
N ILE A 367 -36.77 59.98 44.13
CA ILE A 367 -35.58 59.45 44.79
C ILE A 367 -34.43 60.45 44.65
N ARG A 368 -34.40 61.21 43.57
CA ARG A 368 -33.30 62.15 43.34
C ARG A 368 -33.84 63.47 42.83
N LEU A 369 -32.94 64.25 42.23
CA LEU A 369 -33.27 65.57 41.67
C LEU A 369 -34.07 65.37 40.39
N GLY A 370 -35.39 65.54 40.49
CA GLY A 370 -36.26 65.29 39.36
C GLY A 370 -36.78 66.53 38.68
N GLY A 371 -38.01 66.91 39.03
CA GLY A 371 -38.68 68.06 38.45
C GLY A 371 -38.00 69.40 38.68
N GLN A 372 -37.08 69.47 39.64
CA GLN A 372 -36.24 70.66 39.78
C GLN A 372 -35.31 70.73 38.58
N ALA A 373 -35.62 71.66 37.67
CA ALA A 373 -34.77 71.92 36.52
C ALA A 373 -34.79 73.42 36.26
N ASP A 374 -33.60 74.00 36.08
CA ASP A 374 -33.48 75.45 35.93
C ASP A 374 -33.94 75.82 34.53
N LEU A 375 -35.19 76.28 34.41
CA LEU A 375 -35.82 76.55 33.13
C LEU A 375 -35.55 77.95 32.60
N SER A 376 -34.48 78.60 33.05
CA SER A 376 -34.15 79.93 32.57
C SER A 376 -32.67 80.11 32.27
N ALA A 377 -31.89 79.03 32.24
CA ALA A 377 -30.46 79.13 32.02
C ALA A 377 -30.15 79.37 30.54
N ALA A 378 -28.91 79.76 30.28
CA ALA A 378 -28.40 79.88 28.92
C ALA A 378 -27.63 78.60 28.60
N GLY A 379 -28.39 77.54 28.33
CA GLY A 379 -27.83 76.22 28.13
C GLY A 379 -28.81 75.15 28.56
N ALA A 380 -28.95 74.11 27.75
CA ALA A 380 -30.02 73.12 27.93
C ALA A 380 -29.52 71.99 28.82
N PHE A 381 -29.52 72.26 30.13
CA PHE A 381 -29.11 71.27 31.12
C PHE A 381 -30.32 70.66 31.79
N PHE A 382 -30.24 69.37 32.09
CA PHE A 382 -31.25 68.70 32.87
C PHE A 382 -30.52 67.76 33.81
N PRO A 383 -30.87 67.73 35.09
CA PRO A 383 -30.17 66.88 36.05
C PRO A 383 -30.61 65.44 35.93
N PRO A 384 -29.75 64.48 36.27
CA PRO A 384 -30.12 63.06 36.17
C PRO A 384 -31.18 62.69 37.20
N THR A 385 -32.23 62.01 36.74
CA THR A 385 -33.43 61.78 37.52
C THR A 385 -33.67 60.28 37.68
N LEU A 386 -33.93 59.84 38.91
CA LEU A 386 -34.33 58.48 39.22
C LEU A 386 -35.66 58.55 39.95
N LEU A 387 -36.72 58.04 39.32
CA LEU A 387 -38.04 58.05 39.91
C LEU A 387 -38.32 56.70 40.56
N TYR A 388 -39.57 56.52 41.02
CA TYR A 388 -39.97 55.28 41.70
C TYR A 388 -41.48 55.13 41.55
N CYS A 389 -41.93 53.88 41.47
CA CYS A 389 -43.35 53.57 41.35
C CYS A 389 -43.65 52.31 42.15
N PRO A 390 -44.28 52.44 43.32
CA PRO A 390 -44.55 51.26 44.15
C PRO A 390 -45.71 50.40 43.67
N GLN A 391 -46.57 50.91 42.79
CA GLN A 391 -47.68 50.14 42.22
C GLN A 391 -47.47 50.06 40.72
N PRO A 392 -46.73 49.06 40.24
CA PRO A 392 -46.40 49.02 38.81
C PRO A 392 -47.53 48.57 37.91
N ASP A 393 -48.35 47.63 38.37
CA ASP A 393 -49.44 47.09 37.56
C ASP A 393 -50.76 47.82 37.80
N GLU A 394 -50.75 48.94 38.52
CA GLU A 394 -51.92 49.77 38.70
C GLU A 394 -51.66 51.22 38.25
N THR A 395 -50.59 51.42 37.48
CA THR A 395 -50.23 52.74 36.97
C THR A 395 -49.85 52.59 35.51
N PRO A 396 -50.78 52.81 34.59
CA PRO A 396 -50.47 52.63 33.16
C PRO A 396 -49.63 53.75 32.57
N ALA A 397 -49.45 54.87 33.27
CA ALA A 397 -48.66 55.96 32.74
C ALA A 397 -47.15 55.69 32.80
N VAL A 398 -46.73 54.71 33.60
CA VAL A 398 -45.33 54.31 33.60
C VAL A 398 -44.99 53.56 32.32
N HIS A 399 -45.86 52.65 31.90
CA HIS A 399 -45.62 51.79 30.75
C HIS A 399 -45.99 52.45 29.43
N ALA A 400 -46.28 53.75 29.40
CA ALA A 400 -46.65 54.41 28.17
C ALA A 400 -45.98 55.75 27.92
N THR A 401 -45.35 56.37 28.92
CA THR A 401 -44.78 57.70 28.79
C THR A 401 -43.26 57.61 28.90
N GLU A 402 -42.56 58.07 27.86
CA GLU A 402 -41.11 58.09 27.86
C GLU A 402 -40.62 59.53 27.93
N ALA A 403 -39.79 59.82 28.93
CA ALA A 403 -39.19 61.13 29.09
C ALA A 403 -37.82 61.08 28.44
N PHE A 404 -37.70 61.70 27.27
CA PHE A 404 -36.53 61.49 26.40
C PHE A 404 -35.35 62.32 26.90
N GLY A 405 -34.78 61.85 28.02
CA GLY A 405 -33.67 62.50 28.68
C GLY A 405 -33.03 61.58 29.68
N PRO A 406 -32.52 62.14 30.79
CA PRO A 406 -31.82 61.31 31.78
C PRO A 406 -32.72 60.58 32.77
N VAL A 407 -34.01 60.47 32.46
CA VAL A 407 -35.02 60.03 33.41
C VAL A 407 -35.26 58.53 33.24
N ALA A 408 -35.29 57.79 34.35
CA ALA A 408 -35.68 56.39 34.35
C ALA A 408 -36.41 56.08 35.65
N THR A 409 -37.26 55.05 35.61
CA THR A 409 -38.07 54.67 36.76
C THR A 409 -37.70 53.28 37.25
N LEU A 410 -38.01 53.02 38.52
CA LEU A 410 -37.66 51.77 39.20
C LEU A 410 -38.91 51.17 39.80
N MET A 411 -39.05 49.85 39.70
CA MET A 411 -40.27 49.19 40.15
C MET A 411 -39.97 47.73 40.49
N PRO A 412 -40.65 47.17 41.48
CA PRO A 412 -40.36 45.80 41.91
C PRO A 412 -41.18 44.74 41.19
N ALA A 413 -40.82 43.49 41.45
CA ALA A 413 -41.48 42.32 40.87
C ALA A 413 -41.39 41.17 41.87
N GLN A 414 -42.04 40.05 41.52
CA GLN A 414 -42.18 38.91 42.44
C GLN A 414 -41.91 37.59 41.69
N ASN A 415 -40.65 37.15 41.73
CA ASN A 415 -40.21 35.78 41.44
C ASN A 415 -40.52 35.36 39.99
N GLN A 416 -39.95 36.12 39.05
CA GLN A 416 -39.75 35.73 37.64
C GLN A 416 -41.00 35.44 36.83
N ARG A 417 -42.18 35.62 37.40
CA ARG A 417 -43.41 35.58 36.62
C ARG A 417 -44.15 36.89 36.66
N HIS A 418 -43.78 37.79 37.56
CA HIS A 418 -44.24 39.17 37.52
C HIS A 418 -43.28 40.04 36.73
N ALA A 419 -41.97 39.72 36.76
CA ALA A 419 -41.01 40.46 35.95
C ALA A 419 -41.19 40.15 34.46
N LEU A 420 -41.55 38.92 34.13
CA LEU A 420 -41.82 38.54 32.75
C LEU A 420 -43.11 39.14 32.21
N GLN A 421 -43.98 39.67 33.06
CA GLN A 421 -45.15 40.41 32.62
C GLN A 421 -44.94 41.91 32.62
N LEU A 422 -44.14 42.42 33.56
CA LEU A 422 -43.79 43.84 33.52
C LEU A 422 -42.85 44.16 32.37
N ALA A 423 -42.05 43.20 31.92
CA ALA A 423 -41.21 43.43 30.75
C ALA A 423 -42.01 43.36 29.45
N CYS A 424 -43.11 42.61 29.43
CA CYS A 424 -43.96 42.53 28.26
C CYS A 424 -45.06 43.57 28.22
N ALA A 425 -45.33 44.25 29.34
CA ALA A 425 -46.35 45.29 29.38
C ALA A 425 -45.90 46.62 28.80
N GLY A 426 -44.70 46.70 28.22
CA GLY A 426 -44.24 47.94 27.62
C GLY A 426 -44.93 48.28 26.31
N GLY A 427 -45.58 47.31 25.68
CA GLY A 427 -46.27 47.56 24.43
C GLY A 427 -45.42 47.37 23.20
N GLY A 428 -44.38 46.55 23.27
CA GLY A 428 -43.46 46.39 22.17
C GLY A 428 -42.30 47.35 22.28
N SER A 429 -41.11 46.82 22.49
CA SER A 429 -39.95 47.65 22.80
C SER A 429 -38.89 47.48 21.70
N LEU A 430 -37.73 48.08 21.94
CA LEU A 430 -36.65 48.09 20.97
C LEU A 430 -35.39 47.39 21.45
N ALA A 431 -35.19 47.28 22.77
CA ALA A 431 -34.05 46.57 23.34
C ALA A 431 -34.41 46.14 24.75
N GLY A 432 -33.69 45.13 25.24
CA GLY A 432 -33.91 44.63 26.59
C GLY A 432 -32.66 44.01 27.14
N THR A 433 -32.63 43.85 28.45
CA THR A 433 -31.45 43.32 29.14
C THR A 433 -31.90 42.45 30.31
N LEU A 434 -31.28 41.29 30.45
CA LEU A 434 -31.44 40.46 31.65
C LEU A 434 -30.06 40.20 32.24
N VAL A 435 -29.93 40.41 33.54
CA VAL A 435 -28.67 40.21 34.25
C VAL A 435 -28.87 39.03 35.19
N THR A 436 -28.44 37.84 34.78
CA THR A 436 -28.54 36.64 35.60
C THR A 436 -27.23 35.87 35.51
N ALA A 437 -27.22 34.68 36.11
CA ALA A 437 -26.15 33.71 35.93
C ALA A 437 -26.66 32.30 35.69
N ASP A 438 -27.96 32.05 35.87
CA ASP A 438 -28.56 30.75 35.63
C ASP A 438 -29.09 30.71 34.21
N PRO A 439 -28.61 29.80 33.35
CA PRO A 439 -29.09 29.78 31.97
C PRO A 439 -30.53 29.31 31.78
N GLN A 440 -31.11 28.62 32.77
CA GLN A 440 -32.52 28.26 32.67
C GLN A 440 -33.42 29.47 32.86
N ILE A 441 -32.98 30.43 33.67
CA ILE A 441 -33.69 31.70 33.81
C ILE A 441 -33.65 32.46 32.48
N ALA A 442 -32.52 32.39 31.77
CA ALA A 442 -32.41 33.02 30.47
C ALA A 442 -33.28 32.34 29.43
N ARG A 443 -33.38 31.01 29.49
CA ARG A 443 -34.25 30.28 28.58
C ARG A 443 -35.72 30.62 28.81
N GLN A 444 -36.14 30.69 30.08
CA GLN A 444 -37.51 31.06 30.41
C GLN A 444 -37.79 32.52 30.06
N PHE A 445 -36.78 33.37 30.10
CA PHE A 445 -36.97 34.77 29.73
C PHE A 445 -37.12 34.94 28.23
N ILE A 446 -36.28 34.25 27.44
CA ILE A 446 -36.34 34.36 26.00
C ILE A 446 -37.62 33.73 25.45
N ALA A 447 -38.05 32.60 26.02
CA ALA A 447 -39.24 31.94 25.50
C ALA A 447 -40.55 32.66 25.85
N ASP A 448 -40.50 33.76 26.60
CA ASP A 448 -41.71 34.48 26.98
C ASP A 448 -41.67 35.98 26.73
N ALA A 449 -40.49 36.59 26.58
CA ALA A 449 -40.40 38.04 26.44
C ALA A 449 -39.55 38.44 25.23
N ALA A 450 -39.48 37.58 24.22
CA ALA A 450 -38.83 37.93 22.97
C ALA A 450 -39.82 38.34 21.89
N ARG A 451 -41.12 38.25 22.18
CA ARG A 451 -42.13 38.68 21.23
C ARG A 451 -42.17 40.18 21.13
N THR A 452 -42.01 40.87 22.26
CA THR A 452 -42.16 42.31 22.32
C THR A 452 -40.86 43.06 22.07
N HIS A 453 -39.72 42.38 22.18
CA HIS A 453 -38.43 43.02 22.02
C HIS A 453 -37.81 42.61 20.69
N GLY A 454 -36.97 43.49 20.16
CA GLY A 454 -36.26 43.22 18.93
C GLY A 454 -34.80 42.88 19.15
N ARG A 455 -34.33 43.06 20.39
CA ARG A 455 -32.97 42.70 20.77
C ARG A 455 -32.91 42.52 22.27
N ILE A 456 -32.34 41.42 22.74
CA ILE A 456 -32.24 41.10 24.16
C ILE A 456 -30.80 40.74 24.46
N GLN A 457 -30.20 41.42 25.42
CA GLN A 457 -28.85 41.13 25.87
C GLN A 457 -28.88 40.40 27.21
N ILE A 458 -28.23 39.25 27.28
CA ILE A 458 -28.04 38.53 28.52
C ILE A 458 -26.65 38.88 29.03
N LEU A 459 -26.58 39.49 30.21
CA LEU A 459 -25.34 40.02 30.74
C LEU A 459 -24.93 39.22 31.97
N ASN A 460 -23.68 38.76 31.99
CA ASN A 460 -23.14 38.05 33.14
C ASN A 460 -21.65 38.39 33.24
N GLU A 461 -20.90 37.60 34.01
CA GLU A 461 -19.51 37.91 34.29
C GLU A 461 -18.61 37.64 33.08
N GLU A 462 -18.89 36.56 32.34
CA GLU A 462 -18.07 36.23 31.18
C GLU A 462 -18.29 37.22 30.05
N SER A 463 -19.52 37.68 29.85
CA SER A 463 -19.86 38.53 28.72
C SER A 463 -19.50 39.99 28.93
N ALA A 464 -19.29 40.42 30.18
CA ALA A 464 -19.21 41.84 30.48
C ALA A 464 -17.90 42.49 30.04
N LYS A 465 -16.91 41.71 29.62
CA LYS A 465 -15.62 42.29 29.25
C LYS A 465 -15.68 42.99 27.91
N GLU A 466 -15.99 42.25 26.84
CA GLU A 466 -16.01 42.79 25.49
C GLU A 466 -17.42 43.02 24.97
N SER A 467 -18.40 43.20 25.86
CA SER A 467 -19.75 43.54 25.45
C SER A 467 -19.80 44.96 24.92
N THR A 468 -20.61 45.16 23.87
CA THR A 468 -20.78 46.49 23.30
C THR A 468 -21.78 47.33 24.07
N GLY A 469 -22.71 46.71 24.79
CA GLY A 469 -23.61 47.42 25.66
C GLY A 469 -25.07 47.25 25.24
N HIS A 470 -25.94 47.77 26.11
CA HIS A 470 -27.37 47.72 25.86
C HIS A 470 -27.79 48.60 24.70
N GLY A 471 -27.12 49.73 24.49
CA GLY A 471 -27.58 50.68 23.52
C GLY A 471 -26.65 50.93 22.34
N SER A 472 -26.06 49.88 21.81
CA SER A 472 -25.20 49.99 20.63
C SER A 472 -25.76 49.12 19.52
N PRO A 473 -26.47 49.70 18.55
CA PRO A 473 -26.96 48.90 17.41
C PRO A 473 -25.84 48.46 16.50
N LEU A 474 -25.59 47.17 16.42
CA LEU A 474 -24.57 46.66 15.51
C LEU A 474 -25.11 46.62 14.09
N PRO A 475 -24.26 46.83 13.08
CA PRO A 475 -24.76 46.87 11.70
C PRO A 475 -25.11 45.52 11.11
N GLN A 476 -25.00 44.44 11.87
CA GLN A 476 -25.32 43.09 11.42
C GLN A 476 -26.27 42.41 12.40
N LEU A 477 -27.14 43.20 13.03
CA LEU A 477 -28.18 42.74 13.93
C LEU A 477 -29.42 43.57 13.69
N VAL A 478 -30.59 42.95 13.86
CA VAL A 478 -31.85 43.60 13.52
C VAL A 478 -32.17 44.71 14.52
N HIS A 479 -32.44 45.90 14.00
CA HIS A 479 -32.82 47.07 14.80
C HIS A 479 -34.27 47.38 14.48
N GLY A 480 -35.15 47.13 15.45
CA GLY A 480 -36.57 47.33 15.26
C GLY A 480 -37.34 46.66 16.38
N GLY A 481 -38.65 46.81 16.34
CA GLY A 481 -39.51 46.20 17.31
C GLY A 481 -40.98 46.34 16.99
N PRO A 482 -41.82 45.49 17.58
CA PRO A 482 -43.25 45.52 17.27
C PRO A 482 -43.96 46.61 18.05
N GLY A 483 -45.22 46.82 17.68
CA GLY A 483 -46.14 47.66 18.43
C GLY A 483 -45.79 49.13 18.48
N ARG A 484 -45.33 49.57 19.64
CA ARG A 484 -45.00 50.97 19.86
C ARG A 484 -43.66 51.35 19.23
N ALA A 485 -42.80 50.37 18.97
CA ALA A 485 -41.50 50.62 18.35
C ALA A 485 -41.59 50.73 16.83
N GLY A 486 -42.79 50.65 16.25
CA GLY A 486 -42.98 50.96 14.85
C GLY A 486 -43.33 49.79 13.97
N GLY A 487 -42.67 48.64 14.16
CA GLY A 487 -42.90 47.49 13.33
C GLY A 487 -41.88 47.28 12.23
N GLY A 488 -41.02 48.27 11.95
CA GLY A 488 -40.05 48.15 10.89
C GLY A 488 -38.77 47.47 11.34
N GLU A 489 -37.90 47.19 10.37
CA GLU A 489 -36.60 46.61 10.64
C GLU A 489 -35.53 47.32 9.83
N GLU A 490 -34.34 47.42 10.40
CA GLU A 490 -33.17 47.94 9.72
C GLU A 490 -31.96 47.09 10.11
N LEU A 491 -30.89 47.25 9.33
CA LEU A 491 -29.54 46.83 9.71
C LEU A 491 -29.40 45.33 9.94
N GLY A 492 -30.21 44.50 9.29
CA GLY A 492 -30.18 43.08 9.59
C GLY A 492 -29.08 42.29 8.93
N GLY A 493 -28.05 42.96 8.43
CA GLY A 493 -27.03 42.32 7.65
C GLY A 493 -27.28 42.58 6.18
N LEU A 494 -27.47 41.52 5.40
CA LEU A 494 -27.98 41.64 4.06
C LEU A 494 -29.49 41.62 4.01
N ARG A 495 -30.16 41.58 5.18
CA ARG A 495 -31.60 41.68 5.21
C ARG A 495 -32.08 43.08 4.88
N ALA A 496 -31.23 44.09 5.03
CA ALA A 496 -31.61 45.47 4.81
C ALA A 496 -31.52 45.90 3.36
N VAL A 497 -30.67 45.26 2.54
CA VAL A 497 -30.62 45.58 1.13
C VAL A 497 -31.79 44.98 0.36
N LYS A 498 -32.53 44.05 0.96
CA LYS A 498 -33.71 43.48 0.34
C LYS A 498 -34.96 44.31 0.57
N HIS A 499 -34.85 45.44 1.27
CA HIS A 499 -35.95 46.38 1.38
C HIS A 499 -36.00 47.36 0.22
N TYR A 500 -35.00 47.31 -0.66
CA TYR A 500 -34.89 48.23 -1.78
C TYR A 500 -34.88 47.47 -3.10
N MET A 501 -35.44 46.27 -3.12
CA MET A 501 -35.41 45.39 -4.28
C MET A 501 -36.78 44.77 -4.47
N GLN A 502 -36.89 43.97 -5.53
CA GLN A 502 -38.11 43.26 -5.90
C GLN A 502 -37.74 41.80 -6.11
N ARG A 503 -38.43 40.93 -5.38
CA ARG A 503 -38.25 39.49 -5.50
C ARG A 503 -39.23 38.92 -6.52
N THR A 504 -38.71 38.17 -7.49
CA THR A 504 -39.48 37.64 -8.59
C THR A 504 -39.24 36.14 -8.68
N ALA A 505 -40.28 35.37 -8.97
CA ALA A 505 -40.16 33.93 -9.17
C ALA A 505 -40.17 33.67 -10.67
N VAL A 506 -39.01 33.34 -11.23
CA VAL A 506 -38.87 33.14 -12.66
C VAL A 506 -38.97 31.65 -12.95
N GLN A 507 -39.83 31.31 -13.92
CA GLN A 507 -40.11 29.94 -14.31
C GLN A 507 -39.66 29.70 -15.74
N GLY A 508 -39.29 28.45 -16.04
CA GLY A 508 -38.88 28.13 -17.39
C GLY A 508 -38.15 26.80 -17.41
N SER A 509 -37.43 26.58 -18.50
CA SER A 509 -36.55 25.43 -18.60
C SER A 509 -35.22 25.77 -17.92
N PRO A 510 -34.46 24.76 -17.46
CA PRO A 510 -33.16 25.05 -16.82
C PRO A 510 -32.15 25.69 -17.75
N THR A 511 -32.18 25.39 -19.05
CA THR A 511 -31.29 26.04 -19.98
C THR A 511 -31.71 27.47 -20.28
N MET A 512 -32.94 27.84 -19.95
CA MET A 512 -33.40 29.23 -20.08
C MET A 512 -33.22 29.99 -18.78
N LEU A 513 -33.29 29.29 -17.63
CA LEU A 513 -32.98 29.91 -16.36
C LEU A 513 -31.49 30.15 -16.19
N ALA A 514 -30.65 29.34 -16.84
CA ALA A 514 -29.22 29.50 -16.70
C ALA A 514 -28.69 30.73 -17.41
N ALA A 515 -29.37 31.17 -18.48
CA ALA A 515 -28.93 32.36 -19.19
C ALA A 515 -29.43 33.65 -18.55
N ILE A 516 -30.51 33.58 -17.79
CA ILE A 516 -31.01 34.75 -17.09
C ILE A 516 -30.13 35.07 -15.89
N SER A 517 -29.75 34.05 -15.12
CA SER A 517 -28.99 34.26 -13.90
C SER A 517 -27.48 34.30 -14.12
N LYS A 518 -27.01 34.04 -15.35
CA LYS A 518 -25.59 33.96 -15.71
C LYS A 518 -24.83 32.96 -14.84
N GLN A 519 -25.45 31.79 -14.62
CA GLN A 519 -24.84 30.68 -13.92
C GLN A 519 -25.16 29.41 -14.70
N TRP A 520 -24.72 28.26 -14.19
CA TRP A 520 -25.16 26.97 -14.68
C TRP A 520 -25.98 26.32 -13.57
N VAL A 521 -27.16 25.81 -13.90
CA VAL A 521 -28.05 25.53 -12.79
C VAL A 521 -28.14 24.04 -12.47
N ARG A 522 -28.87 23.25 -13.27
CA ARG A 522 -28.79 21.80 -13.12
C ARG A 522 -28.83 21.04 -14.44
N GLY A 523 -29.73 21.46 -15.33
CA GLY A 523 -30.01 20.70 -16.52
C GLY A 523 -29.84 21.53 -17.77
N ALA A 524 -29.05 22.58 -17.67
CA ALA A 524 -28.77 23.44 -18.80
C ALA A 524 -27.85 22.74 -19.79
N LYS A 525 -27.70 23.34 -20.98
CA LYS A 525 -26.76 22.81 -21.94
C LYS A 525 -25.33 23.10 -21.49
N VAL A 526 -24.41 22.26 -21.95
CA VAL A 526 -23.01 22.37 -21.57
C VAL A 526 -22.22 22.81 -22.80
N GLU A 527 -20.93 23.04 -22.60
CA GLU A 527 -20.03 23.42 -23.68
C GLU A 527 -18.71 22.69 -23.45
N GLU A 528 -18.60 21.51 -24.07
CA GLU A 528 -17.34 20.76 -24.03
C GLU A 528 -16.40 21.30 -25.10
N ASP A 529 -15.16 21.57 -24.71
CA ASP A 529 -14.32 22.50 -25.46
C ASP A 529 -12.93 21.97 -25.76
N ARG A 530 -12.73 20.65 -25.67
CA ARG A 530 -11.63 19.88 -26.24
C ARG A 530 -10.29 20.10 -25.52
N ILE A 531 -10.21 21.08 -24.62
CA ILE A 531 -9.06 21.22 -23.74
C ILE A 531 -9.57 21.27 -22.31
N HIS A 532 -8.67 21.05 -21.37
CA HIS A 532 -9.04 20.83 -19.99
C HIS A 532 -9.47 22.14 -19.34
N PRO A 533 -10.56 22.14 -18.55
CA PRO A 533 -11.06 23.40 -17.99
C PRO A 533 -10.19 24.00 -16.90
N PHE A 534 -9.27 23.24 -16.29
CA PHE A 534 -8.31 23.81 -15.35
C PHE A 534 -7.10 24.42 -16.03
N ARG A 535 -7.09 24.51 -17.36
CA ARG A 535 -6.01 25.13 -18.10
C ARG A 535 -6.36 26.54 -18.58
N LYS A 536 -7.56 27.02 -18.26
CA LYS A 536 -7.99 28.34 -18.68
C LYS A 536 -7.80 29.35 -17.56
N TYR A 537 -7.61 30.60 -17.95
CA TYR A 537 -7.56 31.69 -16.99
C TYR A 537 -8.97 32.10 -16.60
N PHE A 538 -9.06 33.11 -15.72
CA PHE A 538 -10.36 33.54 -15.21
C PHE A 538 -11.17 34.27 -16.28
N GLU A 539 -10.50 34.97 -17.20
CA GLU A 539 -11.22 35.77 -18.18
C GLU A 539 -11.76 34.96 -19.35
N GLU A 540 -11.37 33.69 -19.48
CA GLU A 540 -11.85 32.86 -20.58
C GLU A 540 -12.62 31.65 -20.10
N LEU A 541 -13.03 31.62 -18.84
CA LEU A 541 -14.02 30.67 -18.36
C LEU A 541 -15.42 31.26 -18.46
N GLN A 542 -16.36 30.46 -18.93
CA GLN A 542 -17.76 30.82 -18.96
C GLN A 542 -18.55 29.77 -18.18
N PRO A 543 -19.65 30.16 -17.52
CA PRO A 543 -20.45 29.17 -16.79
C PRO A 543 -21.16 28.19 -17.71
N GLY A 544 -20.67 26.94 -17.72
CA GLY A 544 -21.15 25.95 -18.66
C GLY A 544 -20.02 25.12 -19.24
N ASP A 545 -18.78 25.41 -18.84
CA ASP A 545 -17.62 24.67 -19.31
C ASP A 545 -17.57 23.33 -18.61
N SER A 546 -17.76 22.24 -19.36
CA SER A 546 -17.93 20.92 -18.78
C SER A 546 -16.79 20.01 -19.19
N LEU A 547 -16.51 19.05 -18.31
CA LEU A 547 -15.55 17.98 -18.55
C LEU A 547 -16.19 16.66 -18.14
N LEU A 548 -16.11 15.67 -19.03
CA LEU A 548 -16.55 14.30 -18.75
C LEU A 548 -15.31 13.43 -18.63
N THR A 549 -15.05 12.94 -17.43
CA THR A 549 -13.83 12.26 -17.03
C THR A 549 -13.89 10.79 -17.41
N PRO A 550 -12.75 10.08 -17.45
CA PRO A 550 -12.80 8.63 -17.65
C PRO A 550 -13.34 7.90 -16.43
N ARG A 551 -13.50 6.59 -16.58
CA ARG A 551 -14.18 5.76 -15.60
C ARG A 551 -13.18 5.14 -14.63
N ARG A 552 -13.71 4.62 -13.53
CA ARG A 552 -12.91 3.83 -12.60
C ARG A 552 -13.79 2.78 -11.94
N THR A 553 -13.34 1.52 -11.97
CA THR A 553 -14.11 0.42 -11.41
C THR A 553 -13.77 0.26 -9.94
N MET A 554 -14.77 0.35 -9.07
CA MET A 554 -14.58 0.17 -7.65
C MET A 554 -14.52 -1.32 -7.34
N THR A 555 -13.37 -1.78 -6.85
CA THR A 555 -13.14 -3.18 -6.59
C THR A 555 -13.11 -3.44 -5.09
N GLU A 556 -12.97 -4.72 -4.72
CA GLU A 556 -13.00 -5.11 -3.32
C GLU A 556 -11.71 -4.70 -2.60
N ALA A 557 -10.60 -4.59 -3.35
CA ALA A 557 -9.34 -4.19 -2.74
C ALA A 557 -9.31 -2.72 -2.38
N ASP A 558 -10.11 -1.88 -3.06
CA ASP A 558 -10.11 -0.45 -2.79
C ASP A 558 -10.71 -0.12 -1.44
N ILE A 559 -11.73 -0.88 -1.02
CA ILE A 559 -12.31 -0.72 0.31
C ILE A 559 -11.27 -1.02 1.39
N VAL A 560 -10.49 -2.08 1.19
CA VAL A 560 -9.48 -2.48 2.15
C VAL A 560 -8.34 -1.46 2.20
N ASN A 561 -7.87 -1.00 1.04
CA ASN A 561 -6.78 -0.02 1.01
C ASN A 561 -7.20 1.32 1.62
N PHE A 562 -8.43 1.77 1.35
CA PHE A 562 -8.84 3.06 1.92
C PHE A 562 -9.13 2.95 3.41
N ALA A 563 -9.68 1.82 3.87
CA ALA A 563 -9.92 1.67 5.29
C ALA A 563 -8.65 1.43 6.07
N CYS A 564 -7.60 0.92 5.43
CA CYS A 564 -6.30 0.84 6.08
C CYS A 564 -5.61 2.20 6.12
N LEU A 565 -5.62 2.94 5.01
CA LEU A 565 -4.91 4.21 4.95
C LEU A 565 -5.59 5.27 5.81
N SER A 566 -6.90 5.45 5.68
CA SER A 566 -7.59 6.47 6.46
C SER A 566 -7.73 6.04 7.92
N GLY A 567 -8.09 4.78 8.16
CA GLY A 567 -8.30 4.27 9.50
C GLY A 567 -9.74 3.98 9.84
N ASP A 568 -10.66 4.16 8.88
CA ASP A 568 -12.09 4.03 9.12
C ASP A 568 -12.48 2.56 8.96
N HIS A 569 -12.39 1.80 10.04
CA HIS A 569 -12.80 0.40 10.07
C HIS A 569 -14.24 0.25 10.54
N PHE A 570 -15.16 0.95 9.87
CA PHE A 570 -16.58 0.90 10.20
C PHE A 570 -17.16 -0.44 9.79
N TYR A 571 -18.25 -0.86 10.47
CA TYR A 571 -18.73 -2.23 10.32
C TYR A 571 -19.45 -2.46 8.99
N ALA A 572 -19.96 -1.40 8.36
CA ALA A 572 -20.61 -1.53 7.06
C ALA A 572 -19.62 -1.64 5.91
N HIS A 573 -18.32 -1.57 6.18
CA HIS A 573 -17.30 -1.66 5.14
C HIS A 573 -16.30 -2.77 5.38
N MET A 574 -16.11 -3.23 6.61
CA MET A 574 -15.10 -4.22 6.95
C MET A 574 -15.65 -5.55 7.44
N ASP A 575 -16.87 -5.56 7.95
CA ASP A 575 -17.49 -6.79 8.43
C ASP A 575 -18.44 -7.32 7.36
N LYS A 576 -18.64 -8.63 7.38
CA LYS A 576 -19.51 -9.31 6.43
C LYS A 576 -20.74 -9.91 7.06
N ILE A 577 -20.65 -10.34 8.33
CA ILE A 577 -21.80 -10.86 9.04
C ILE A 577 -22.76 -9.71 9.37
N ALA A 578 -22.24 -8.65 9.98
CA ALA A 578 -23.09 -7.55 10.42
C ALA A 578 -23.52 -6.65 9.27
N ALA A 579 -22.87 -6.74 8.12
CA ALA A 579 -23.28 -5.93 6.97
C ALA A 579 -24.56 -6.47 6.33
N ALA A 580 -24.76 -7.79 6.38
CA ALA A 580 -25.95 -8.40 5.80
C ALA A 580 -27.20 -8.18 6.64
N GLU A 581 -27.05 -7.74 7.88
CA GLU A 581 -28.17 -7.40 8.75
C GLU A 581 -28.47 -5.91 8.75
N SER A 582 -27.69 -5.11 8.04
CA SER A 582 -27.85 -3.67 8.03
C SER A 582 -28.83 -3.27 6.92
N ILE A 583 -28.89 -1.98 6.63
CA ILE A 583 -29.85 -1.48 5.65
C ILE A 583 -29.36 -1.66 4.22
N PHE A 584 -28.04 -1.73 4.00
CA PHE A 584 -27.52 -1.81 2.64
C PHE A 584 -27.59 -3.21 2.07
N GLY A 585 -27.58 -4.23 2.92
CA GLY A 585 -27.65 -5.61 2.50
C GLY A 585 -26.31 -6.29 2.34
N GLU A 586 -25.27 -5.55 1.93
CA GLU A 586 -23.92 -6.06 1.87
C GLU A 586 -22.97 -4.88 2.06
N ARG A 587 -21.68 -5.19 2.18
CA ARG A 587 -20.72 -4.15 2.53
C ARG A 587 -20.37 -3.31 1.31
N VAL A 588 -20.23 -2.00 1.53
CA VAL A 588 -20.18 -1.01 0.46
C VAL A 588 -18.84 -0.29 0.48
N VAL A 589 -18.66 0.62 -0.48
CA VAL A 589 -17.47 1.45 -0.58
C VAL A 589 -17.72 2.71 0.27
N HIS A 590 -16.67 3.20 0.94
CA HIS A 590 -16.73 4.42 1.75
C HIS A 590 -17.18 5.61 0.91
N GLY A 591 -17.85 6.56 1.57
CA GLY A 591 -18.28 7.76 0.87
C GLY A 591 -17.13 8.70 0.59
N TYR A 592 -16.18 8.79 1.52
CA TYR A 592 -15.03 9.66 1.33
C TYR A 592 -14.06 9.10 0.30
N PHE A 593 -14.08 7.78 0.07
CA PHE A 593 -13.29 7.25 -1.03
C PHE A 593 -13.93 7.57 -2.37
N VAL A 594 -15.26 7.62 -2.42
CA VAL A 594 -15.96 8.08 -3.62
C VAL A 594 -15.62 9.54 -3.89
N LEU A 595 -15.53 10.35 -2.82
CA LEU A 595 -15.14 11.75 -2.95
C LEU A 595 -13.71 11.90 -3.46
N SER A 596 -12.78 11.12 -2.90
CA SER A 596 -11.37 11.25 -3.25
C SER A 596 -11.08 10.70 -4.64
N ALA A 597 -11.70 9.58 -5.00
CA ALA A 597 -11.54 9.04 -6.34
C ALA A 597 -12.33 9.82 -7.38
N ALA A 598 -13.33 10.60 -6.96
CA ALA A 598 -13.93 11.57 -7.87
C ALA A 598 -12.97 12.71 -8.15
N ALA A 599 -12.32 13.22 -7.10
CA ALA A 599 -11.34 14.29 -7.28
C ALA A 599 -10.09 13.83 -8.03
N GLY A 600 -9.77 12.55 -7.98
CA GLY A 600 -8.62 12.07 -8.74
C GLY A 600 -8.84 12.00 -10.24
N LEU A 601 -10.07 12.15 -10.71
CA LEU A 601 -10.37 12.02 -12.14
C LEU A 601 -10.38 13.34 -12.90
N PHE A 602 -10.76 14.46 -12.27
CA PHE A 602 -10.81 15.71 -13.01
C PHE A 602 -9.66 16.68 -12.73
N VAL A 603 -8.74 16.36 -11.82
CA VAL A 603 -7.69 17.30 -11.48
C VAL A 603 -6.54 17.19 -12.47
N ASP A 604 -6.16 18.32 -13.05
CA ASP A 604 -4.99 18.41 -13.91
C ASP A 604 -3.74 18.56 -13.06
N ALA A 605 -2.69 17.83 -13.42
CA ALA A 605 -1.50 17.76 -12.59
C ALA A 605 -0.56 18.93 -12.80
N GLY A 606 -0.59 19.57 -13.97
CA GLY A 606 0.37 20.58 -14.31
C GLY A 606 0.16 21.90 -13.59
N VAL A 607 1.19 22.73 -13.64
CA VAL A 607 1.14 24.06 -13.05
C VAL A 607 0.31 24.97 -13.95
N GLY A 608 -0.74 25.54 -13.41
CA GLY A 608 -1.65 26.36 -14.18
C GLY A 608 -2.28 27.47 -13.37
N PRO A 609 -3.44 27.95 -13.84
CA PRO A 609 -4.10 29.06 -13.14
C PRO A 609 -4.76 28.67 -11.82
N VAL A 610 -5.00 27.39 -11.58
CA VAL A 610 -5.64 26.95 -10.34
C VAL A 610 -4.63 27.01 -9.20
N ILE A 611 -4.98 27.72 -8.13
CA ILE A 611 -4.06 27.98 -7.03
C ILE A 611 -4.40 27.11 -5.83
N ALA A 612 -5.62 27.25 -5.31
CA ALA A 612 -6.03 26.53 -4.11
C ALA A 612 -7.40 25.91 -4.33
N ASN A 613 -7.82 25.07 -3.39
CA ASN A 613 -9.14 24.46 -3.42
C ASN A 613 -9.99 24.92 -2.25
N TYR A 614 -9.57 24.64 -1.02
CA TYR A 614 -10.02 25.23 0.26
C TYR A 614 -11.52 25.10 0.55
N GLY A 615 -12.30 24.37 -0.24
CA GLY A 615 -13.74 24.44 -0.07
C GLY A 615 -14.47 23.24 -0.61
N LEU A 616 -15.59 22.93 0.03
CA LEU A 616 -16.56 21.94 -0.44
C LEU A 616 -17.88 22.33 0.21
N GLU A 617 -18.90 22.62 -0.60
CA GLU A 617 -20.01 23.42 -0.11
C GLU A 617 -21.22 22.61 0.35
N SER A 618 -21.67 21.59 -0.38
CA SER A 618 -22.87 20.88 0.03
C SER A 618 -22.81 19.45 -0.52
N LEU A 619 -22.48 18.50 0.34
CA LEU A 619 -22.31 17.10 -0.04
C LEU A 619 -23.48 16.28 0.47
N ARG A 620 -24.04 15.44 -0.41
CA ARG A 620 -25.06 14.47 -0.04
C ARG A 620 -24.79 13.18 -0.78
N PHE A 621 -24.78 12.07 -0.06
CA PHE A 621 -24.66 10.75 -0.68
C PHE A 621 -26.07 10.19 -0.89
N ILE A 622 -26.37 9.77 -2.11
CA ILE A 622 -27.72 9.43 -2.51
C ILE A 622 -27.95 7.93 -2.55
N GLU A 623 -27.11 7.20 -3.27
CA GLU A 623 -27.21 5.75 -3.37
C GLU A 623 -25.84 5.14 -3.07
N PRO A 624 -25.80 3.92 -2.52
CA PRO A 624 -24.51 3.33 -2.16
C PRO A 624 -23.76 2.78 -3.38
N VAL A 625 -22.45 2.65 -3.21
CA VAL A 625 -21.54 2.17 -4.24
C VAL A 625 -20.94 0.86 -3.77
N LYS A 626 -21.01 -0.17 -4.60
CA LYS A 626 -20.62 -1.52 -4.28
C LYS A 626 -19.40 -1.94 -5.09
N PRO A 627 -18.76 -3.06 -4.73
CA PRO A 627 -17.73 -3.61 -5.63
C PRO A 627 -18.33 -4.18 -6.91
N GLY A 628 -17.64 -3.95 -8.02
CA GLY A 628 -18.15 -4.35 -9.31
C GLY A 628 -19.09 -3.29 -9.86
N ASP A 629 -18.61 -2.05 -9.88
CA ASP A 629 -19.46 -0.89 -10.13
C ASP A 629 -18.53 0.24 -10.55
N THR A 630 -18.78 0.83 -11.70
CA THR A 630 -17.88 1.86 -12.22
C THR A 630 -18.35 3.25 -11.79
N ILE A 631 -17.45 4.21 -11.89
CA ILE A 631 -17.65 5.58 -11.43
C ILE A 631 -17.17 6.53 -12.52
N GLN A 632 -18.01 7.51 -12.88
CA GLN A 632 -17.64 8.53 -13.84
C GLN A 632 -18.13 9.88 -13.36
N VAL A 633 -17.30 10.91 -13.54
CA VAL A 633 -17.49 12.22 -12.91
C VAL A 633 -17.68 13.28 -14.00
N ARG A 634 -18.62 14.19 -13.77
CA ARG A 634 -18.91 15.31 -14.66
C ARG A 634 -18.65 16.59 -13.89
N LEU A 635 -17.76 17.44 -14.42
CA LEU A 635 -17.28 18.64 -13.75
C LEU A 635 -17.67 19.87 -14.56
N THR A 636 -18.41 20.80 -13.95
CA THR A 636 -18.91 21.93 -14.74
C THR A 636 -18.88 23.25 -13.98
N CYS A 637 -18.49 24.31 -14.67
CA CYS A 637 -18.33 25.62 -14.04
C CYS A 637 -19.70 26.24 -13.74
N LYS A 638 -19.76 27.02 -12.66
CA LYS A 638 -21.05 27.45 -12.16
C LYS A 638 -21.15 28.95 -11.90
N ARG A 639 -20.07 29.60 -11.45
CA ARG A 639 -20.13 30.96 -10.91
C ARG A 639 -18.74 31.57 -10.79
N LYS A 640 -18.53 32.81 -11.28
CA LYS A 640 -17.17 33.34 -11.41
C LYS A 640 -16.75 34.33 -10.32
N THR A 641 -17.42 35.49 -10.20
CA THR A 641 -17.38 36.42 -9.05
C THR A 641 -15.96 36.82 -8.62
N LEU A 642 -15.31 37.64 -9.44
CA LEU A 642 -13.92 38.04 -9.23
C LEU A 642 -13.70 38.82 -7.93
N LYS A 643 -12.42 39.00 -7.60
CA LYS A 643 -11.96 39.75 -6.44
C LYS A 643 -11.22 41.01 -6.90
N LYS A 644 -10.96 41.92 -5.96
CA LYS A 644 -10.72 43.31 -6.32
C LYS A 644 -9.27 43.78 -6.25
N GLN A 645 -8.32 42.96 -5.77
CA GLN A 645 -6.89 43.24 -5.78
C GLN A 645 -6.57 44.53 -5.00
N ARG A 646 -6.71 44.43 -3.67
CA ARG A 646 -6.66 45.59 -2.78
C ARG A 646 -5.32 46.32 -2.79
N SER A 647 -4.25 45.70 -3.26
CA SER A 647 -2.96 46.36 -3.42
C SER A 647 -2.55 46.33 -4.89
N ALA A 648 -1.33 46.78 -5.17
CA ALA A 648 -0.73 46.64 -6.47
C ALA A 648 0.36 45.57 -6.51
N GLU A 649 0.74 45.03 -5.35
CA GLU A 649 1.70 43.95 -5.26
C GLU A 649 1.04 42.58 -5.38
N GLU A 650 -0.22 42.46 -4.97
CA GLU A 650 -0.89 41.18 -4.90
C GLU A 650 -1.26 40.66 -6.29
N LYS A 651 -1.44 39.35 -6.37
CA LYS A 651 -1.84 38.67 -7.59
C LYS A 651 -3.33 38.86 -7.84
N PRO A 652 -3.73 39.13 -9.08
CA PRO A 652 -5.17 39.18 -9.38
C PRO A 652 -5.75 37.78 -9.44
N THR A 653 -6.97 37.63 -8.91
CA THR A 653 -7.55 36.31 -8.71
C THR A 653 -9.07 36.42 -8.71
N GLY A 654 -9.72 35.26 -8.63
CA GLY A 654 -11.18 35.16 -8.53
C GLY A 654 -11.53 33.83 -7.90
N VAL A 655 -12.80 33.69 -7.53
CA VAL A 655 -13.27 32.52 -6.80
C VAL A 655 -14.32 31.80 -7.65
N VAL A 656 -13.89 30.77 -8.37
CA VAL A 656 -14.75 30.03 -9.28
C VAL A 656 -15.34 28.85 -8.52
N GLU A 657 -16.64 28.64 -8.67
CA GLU A 657 -17.33 27.48 -8.10
C GLU A 657 -17.62 26.46 -9.20
N TRP A 658 -17.22 25.22 -8.96
CA TRP A 658 -17.52 24.11 -9.86
C TRP A 658 -18.53 23.18 -9.22
N ALA A 659 -19.30 22.49 -10.05
CA ALA A 659 -20.29 21.53 -9.61
C ALA A 659 -19.87 20.15 -10.10
N VAL A 660 -19.92 19.17 -9.21
CA VAL A 660 -19.40 17.83 -9.45
C VAL A 660 -20.55 16.85 -9.36
N GLU A 661 -20.70 16.01 -10.39
CA GLU A 661 -21.76 15.00 -10.42
C GLU A 661 -21.14 13.65 -10.74
N VAL A 662 -21.34 12.68 -9.87
CA VAL A 662 -20.79 11.34 -10.03
C VAL A 662 -21.94 10.41 -10.42
N PHE A 663 -21.67 9.46 -11.31
CA PHE A 663 -22.69 8.47 -11.64
C PHE A 663 -22.04 7.14 -11.98
N ASN A 664 -22.83 6.08 -11.85
CA ASN A 664 -22.42 4.71 -12.08
C ASN A 664 -22.71 4.32 -13.54
N GLN A 665 -22.66 3.02 -13.85
CA GLN A 665 -22.97 2.55 -15.20
C GLN A 665 -24.43 2.68 -15.57
N HIS A 666 -25.33 2.83 -14.59
CA HIS A 666 -26.75 3.00 -14.89
C HIS A 666 -27.14 4.47 -14.97
N GLN A 667 -26.16 5.38 -14.97
CA GLN A 667 -26.34 6.84 -15.00
C GLN A 667 -27.21 7.35 -13.85
N THR A 668 -27.12 6.70 -12.69
CA THR A 668 -27.90 7.35 -11.64
C THR A 668 -26.97 8.14 -10.71
N PRO A 669 -27.35 9.35 -10.32
CA PRO A 669 -26.39 10.27 -9.70
C PRO A 669 -26.09 10.01 -8.23
N VAL A 670 -25.14 9.12 -7.92
CA VAL A 670 -24.63 9.05 -6.56
C VAL A 670 -23.76 10.27 -6.28
N ALA A 671 -23.88 10.83 -5.07
CA ALA A 671 -22.89 11.72 -4.45
C ALA A 671 -22.57 12.97 -5.27
N LEU A 672 -23.56 13.84 -5.42
CA LEU A 672 -23.37 15.07 -6.18
C LEU A 672 -23.20 16.27 -5.25
N TYR A 673 -22.28 17.17 -5.60
CA TYR A 673 -21.85 18.21 -4.67
C TYR A 673 -21.24 19.38 -5.44
N SER A 674 -20.61 20.30 -4.70
CA SER A 674 -20.10 21.54 -5.27
C SER A 674 -18.84 21.98 -4.53
N ILE A 675 -17.84 22.43 -5.29
CA ILE A 675 -16.54 22.83 -4.75
C ILE A 675 -16.25 24.28 -5.12
N LEU A 676 -15.39 24.91 -4.31
CA LEU A 676 -14.86 26.25 -4.55
C LEU A 676 -13.41 26.13 -4.97
N THR A 677 -12.92 27.15 -5.68
CA THR A 677 -11.55 27.14 -6.21
C THR A 677 -11.12 28.59 -6.38
N LEU A 678 -9.84 28.88 -6.15
CA LEU A 678 -9.28 30.22 -6.32
C LEU A 678 -8.42 30.22 -7.57
N VAL A 679 -8.92 30.84 -8.64
CA VAL A 679 -8.32 30.80 -9.97
C VAL A 679 -7.72 32.15 -10.29
N ALA A 680 -6.47 32.18 -10.76
CA ALA A 680 -5.76 33.42 -11.02
C ALA A 680 -6.24 34.09 -12.30
N ARG A 681 -6.08 35.41 -12.34
CA ARG A 681 -6.48 36.21 -13.48
C ARG A 681 -5.29 36.57 -14.36
N GLN A 682 -5.59 36.92 -15.60
CA GLN A 682 -4.58 37.38 -16.55
C GLN A 682 -4.36 38.89 -16.49
N HIS A 683 -5.42 39.66 -16.24
CA HIS A 683 -5.35 41.10 -16.19
C HIS A 683 -5.75 41.61 -14.81
N GLY A 684 -4.97 42.55 -14.28
CA GLY A 684 -5.30 43.19 -13.03
C GLY A 684 -6.06 44.50 -13.25
N ASP A 685 -6.49 45.08 -12.14
CA ASP A 685 -7.26 46.31 -12.22
C ASP A 685 -6.71 47.46 -11.38
N PHE A 686 -6.17 47.16 -10.20
CA PHE A 686 -5.61 48.22 -9.34
C PHE A 686 -4.10 48.20 -9.35
N GLN B 9 -83.14 29.89 5.18
CA GLN B 9 -82.25 28.97 5.87
C GLN B 9 -80.97 29.68 6.32
N GLN B 10 -80.57 29.44 7.56
CA GLN B 10 -79.43 30.15 8.14
C GLN B 10 -78.12 29.62 7.58
N LEU B 11 -77.05 30.36 7.83
CA LEU B 11 -75.69 29.91 7.60
C LEU B 11 -74.92 30.19 8.87
N ALA B 12 -74.45 29.13 9.55
CA ALA B 12 -73.95 29.29 10.91
C ALA B 12 -72.50 29.76 10.92
N SER B 13 -72.09 30.27 12.08
CA SER B 13 -70.75 30.82 12.29
C SER B 13 -70.16 30.15 13.52
N PHE B 14 -68.99 29.54 13.36
CA PHE B 14 -68.35 28.81 14.46
C PHE B 14 -67.52 29.79 15.28
N LEU B 15 -68.16 30.37 16.30
CA LEU B 15 -67.50 31.33 17.19
C LEU B 15 -67.54 30.79 18.62
N SER B 16 -66.40 30.93 19.30
CA SER B 16 -66.21 30.58 20.71
C SER B 16 -66.53 29.11 21.00
N GLY B 17 -66.32 28.24 20.00
CA GLY B 17 -66.62 26.84 20.13
C GLY B 17 -68.06 26.46 19.84
N THR B 18 -68.90 27.41 19.44
CA THR B 18 -70.33 27.14 19.23
C THR B 18 -70.74 27.60 17.84
N TRP B 19 -71.66 26.85 17.23
CA TRP B 19 -72.25 27.22 15.96
C TRP B 19 -73.42 28.18 16.21
N GLN B 20 -73.24 29.45 15.87
CA GLN B 20 -74.20 30.49 16.16
C GLN B 20 -74.79 31.03 14.86
N SER B 21 -75.70 31.99 15.00
CA SER B 21 -76.31 32.63 13.85
C SER B 21 -76.81 34.01 14.26
N GLY B 22 -76.86 34.92 13.30
CA GLY B 22 -77.18 36.30 13.59
C GLY B 22 -78.68 36.60 13.51
N ARG B 23 -79.03 37.76 14.06
CA ARG B 23 -80.42 38.22 14.13
C ARG B 23 -80.47 39.66 13.64
N GLY B 24 -80.99 39.87 12.45
CA GLY B 24 -81.14 41.23 11.95
C GLY B 24 -81.16 41.23 10.43
N ARG B 25 -80.55 42.27 9.86
CA ARG B 25 -80.52 42.42 8.40
C ARG B 25 -79.59 41.38 7.78
N SER B 26 -79.93 40.97 6.57
CA SER B 26 -79.33 39.78 5.97
C SER B 26 -79.06 39.99 4.50
N ARG B 27 -78.10 39.24 3.98
CA ARG B 27 -77.87 39.08 2.56
C ARG B 27 -78.19 37.64 2.19
N LEU B 28 -78.16 37.32 0.90
CA LEU B 28 -78.55 35.97 0.51
C LEU B 28 -77.79 35.52 -0.73
N ILE B 29 -77.67 34.21 -0.86
CA ILE B 29 -76.83 33.55 -1.86
C ILE B 29 -77.74 32.94 -2.93
N HIS B 30 -77.48 33.27 -4.18
CA HIS B 30 -78.23 32.73 -5.30
C HIS B 30 -77.50 31.54 -5.90
N HIS B 31 -78.28 30.64 -6.52
CA HIS B 31 -77.69 29.59 -7.31
C HIS B 31 -77.18 30.19 -8.61
N ALA B 32 -75.98 29.76 -9.04
CA ALA B 32 -75.31 30.46 -10.12
C ALA B 32 -75.85 30.10 -11.49
N ILE B 33 -76.34 28.87 -11.67
CA ILE B 33 -76.74 28.42 -13.00
C ILE B 33 -78.26 28.52 -13.20
N SER B 34 -79.03 28.62 -12.12
CA SER B 34 -80.49 28.70 -12.24
C SER B 34 -81.04 30.03 -11.73
N GLY B 35 -80.75 30.42 -10.49
CA GLY B 35 -81.12 31.74 -10.03
C GLY B 35 -81.88 31.83 -8.71
N GLU B 36 -82.28 30.70 -8.15
CA GLU B 36 -83.03 30.74 -6.90
C GLU B 36 -82.12 30.93 -5.71
N ALA B 37 -82.66 31.51 -4.65
CA ALA B 37 -81.91 31.70 -3.41
C ALA B 37 -81.97 30.44 -2.57
N LEU B 38 -80.81 30.03 -2.05
CA LEU B 38 -80.74 28.79 -1.28
C LEU B 38 -79.91 28.88 0.00
N TRP B 39 -79.31 30.02 0.30
CA TRP B 39 -78.81 30.32 1.64
C TRP B 39 -79.04 31.80 1.90
N GLU B 40 -78.97 32.19 3.16
CA GLU B 40 -78.96 33.60 3.51
C GLU B 40 -78.14 33.83 4.77
N VAL B 41 -77.32 34.87 4.74
CA VAL B 41 -76.26 35.10 5.71
C VAL B 41 -76.53 36.37 6.49
N THR B 42 -76.04 36.38 7.74
CA THR B 42 -76.08 37.51 8.66
C THR B 42 -75.13 37.20 9.82
N SER B 43 -74.64 38.26 10.47
CA SER B 43 -73.79 38.10 11.63
C SER B 43 -74.09 39.15 12.69
N GLU B 44 -75.34 39.59 12.78
CA GLU B 44 -75.70 40.67 13.70
C GLU B 44 -75.86 40.15 15.11
N GLY B 45 -75.44 40.96 16.08
CA GLY B 45 -75.57 40.63 17.48
C GLY B 45 -74.59 39.61 18.00
N LEU B 46 -73.61 39.20 17.22
CA LEU B 46 -72.61 38.25 17.67
C LEU B 46 -71.47 38.98 18.36
N ASP B 47 -70.99 38.42 19.47
CA ASP B 47 -69.95 39.05 20.27
C ASP B 47 -68.60 38.77 19.62
N MET B 48 -68.02 39.79 19.00
CA MET B 48 -66.76 39.62 18.29
C MET B 48 -65.55 39.78 19.19
N ALA B 49 -65.70 40.39 20.36
CA ALA B 49 -64.60 40.45 21.32
C ALA B 49 -64.40 39.12 22.03
N ALA B 50 -65.48 38.40 22.30
CA ALA B 50 -65.38 37.12 22.99
C ALA B 50 -64.74 36.05 22.13
N ALA B 51 -64.83 36.17 20.80
CA ALA B 51 -64.17 35.22 19.91
C ALA B 51 -62.65 35.37 19.98
N ARG B 52 -62.16 36.61 19.96
CA ARG B 52 -60.72 36.83 20.12
C ARG B 52 -60.26 36.48 21.52
N GLN B 53 -61.11 36.76 22.53
CA GLN B 53 -60.79 36.42 23.92
C GLN B 53 -60.74 34.91 24.13
N PHE B 54 -61.53 34.16 23.39
CA PHE B 54 -61.48 32.70 23.45
C PHE B 54 -60.28 32.16 22.69
N ALA B 55 -59.94 32.77 21.55
CA ALA B 55 -58.86 32.25 20.72
C ALA B 55 -57.49 32.51 21.33
N ILE B 56 -57.32 33.65 21.99
CA ILE B 56 -56.02 33.98 22.57
C ILE B 56 -55.75 33.14 23.82
N GLU B 57 -56.72 33.06 24.72
CA GLU B 57 -56.53 32.33 25.96
C GLU B 57 -56.92 30.87 25.89
N LYS B 58 -57.35 30.36 24.75
CA LYS B 58 -57.68 28.94 24.71
C LYS B 58 -56.99 28.19 23.60
N GLY B 59 -56.81 28.80 22.43
CA GLY B 59 -56.27 28.09 21.29
C GLY B 59 -54.82 28.42 20.99
N ALA B 60 -54.38 29.61 21.37
CA ALA B 60 -53.01 30.02 21.14
C ALA B 60 -51.97 29.31 22.02
N PRO B 61 -52.16 29.10 23.35
CA PRO B 61 -51.16 28.31 24.07
C PRO B 61 -51.17 26.84 23.73
N ALA B 62 -52.26 26.33 23.17
CA ALA B 62 -52.27 24.93 22.72
C ALA B 62 -51.45 24.75 21.46
N LEU B 63 -51.36 25.79 20.63
CA LEU B 63 -50.50 25.73 19.45
C LEU B 63 -49.05 26.06 19.79
N ARG B 64 -48.84 27.03 20.70
CA ARG B 64 -47.48 27.43 21.05
C ARG B 64 -46.77 26.45 21.98
N ALA B 65 -47.46 25.40 22.46
CA ALA B 65 -46.82 24.36 23.25
C ALA B 65 -46.42 23.15 22.43
N MET B 66 -46.76 23.11 21.15
CA MET B 66 -46.33 22.05 20.26
C MET B 66 -44.97 22.41 19.64
N THR B 67 -44.26 21.38 19.21
CA THR B 67 -43.08 21.61 18.39
C THR B 67 -43.51 21.85 16.95
N PHE B 68 -42.54 22.20 16.10
CA PHE B 68 -42.85 22.43 14.69
C PHE B 68 -43.16 21.13 13.97
N ILE B 69 -42.57 20.03 14.43
CA ILE B 69 -42.75 18.74 13.78
C ILE B 69 -44.15 18.21 14.06
N GLU B 70 -44.64 18.41 15.29
CA GLU B 70 -46.02 18.06 15.62
C GLU B 70 -47.01 18.93 14.86
N ARG B 71 -46.68 20.21 14.68
CA ARG B 71 -47.56 21.09 13.92
C ARG B 71 -47.55 20.79 12.43
N ALA B 72 -46.51 20.13 11.91
CA ALA B 72 -46.56 19.68 10.52
C ALA B 72 -47.29 18.35 10.38
N ALA B 73 -47.14 17.46 11.38
CA ALA B 73 -47.90 16.22 11.38
C ALA B 73 -49.40 16.47 11.51
N MET B 74 -49.79 17.52 12.25
CA MET B 74 -51.19 17.92 12.32
C MET B 74 -51.72 18.33 10.95
N LEU B 75 -50.95 19.10 10.19
CA LEU B 75 -51.37 19.51 8.85
C LEU B 75 -51.48 18.32 7.91
N LYS B 76 -50.57 17.36 8.04
CA LYS B 76 -50.65 16.16 7.20
C LYS B 76 -51.88 15.32 7.53
N ALA B 77 -52.22 15.20 8.83
CA ALA B 77 -53.41 14.46 9.22
C ALA B 77 -54.69 15.17 8.76
N VAL B 78 -54.72 16.50 8.84
CA VAL B 78 -55.89 17.24 8.38
C VAL B 78 -56.04 17.15 6.86
N ALA B 79 -54.91 17.14 6.13
CA ALA B 79 -54.97 16.98 4.69
C ALA B 79 -55.47 15.60 4.29
N LYS B 80 -55.02 14.55 5.00
CA LYS B 80 -55.52 13.21 4.70
C LYS B 80 -56.97 13.03 5.11
N HIS B 81 -57.43 13.75 6.15
CA HIS B 81 -58.84 13.66 6.52
C HIS B 81 -59.74 14.42 5.55
N LEU B 82 -59.26 15.52 4.99
CA LEU B 82 -60.07 16.28 4.05
C LEU B 82 -60.00 15.74 2.63
N LEU B 83 -58.98 14.96 2.29
CA LEU B 83 -58.93 14.35 0.96
C LEU B 83 -59.94 13.22 0.82
N SER B 84 -60.35 12.61 1.92
CA SER B 84 -61.28 11.48 1.85
C SER B 84 -62.69 11.94 1.49
N GLU B 85 -63.24 12.88 2.26
CA GLU B 85 -64.61 13.34 2.06
C GLU B 85 -64.68 14.54 1.12
N LYS B 86 -64.07 14.41 -0.05
CA LYS B 86 -64.05 15.48 -1.03
C LYS B 86 -65.28 15.50 -1.92
N GLU B 87 -66.12 14.47 -1.89
CA GLU B 87 -67.23 14.39 -2.83
C GLU B 87 -68.40 15.28 -2.43
N ARG B 88 -68.51 15.68 -1.17
CA ARG B 88 -69.45 16.72 -0.81
C ARG B 88 -68.96 18.10 -1.25
N PHE B 89 -67.64 18.25 -1.37
CA PHE B 89 -67.07 19.55 -1.73
C PHE B 89 -67.31 19.86 -3.19
N TYR B 90 -67.27 18.83 -4.06
CA TYR B 90 -67.61 19.05 -5.47
C TYR B 90 -69.09 19.36 -5.65
N ALA B 91 -69.95 18.76 -4.82
CA ALA B 91 -71.37 19.06 -4.88
C ALA B 91 -71.67 20.48 -4.42
N LEU B 92 -70.96 20.95 -3.39
CA LEU B 92 -71.10 22.35 -2.99
C LEU B 92 -70.46 23.30 -4.00
N SER B 93 -69.43 22.85 -4.71
CA SER B 93 -68.72 23.70 -5.66
C SER B 93 -69.41 23.82 -7.00
N ALA B 94 -70.22 22.82 -7.37
CA ALA B 94 -70.95 22.90 -8.64
C ALA B 94 -72.07 23.92 -8.60
N GLN B 95 -72.49 24.36 -7.41
CA GLN B 95 -73.51 25.40 -7.27
C GLN B 95 -72.98 26.79 -7.60
N THR B 96 -71.66 26.95 -7.75
CA THR B 96 -71.05 28.23 -8.05
C THR B 96 -70.82 28.45 -9.54
N GLY B 97 -71.45 27.65 -10.39
CA GLY B 97 -71.35 27.84 -11.82
C GLY B 97 -70.04 27.43 -12.44
N ALA B 98 -69.27 26.56 -11.80
CA ALA B 98 -67.96 26.18 -12.28
C ALA B 98 -67.97 24.72 -12.73
N THR B 99 -67.09 24.41 -13.68
CA THR B 99 -67.03 23.07 -14.23
C THR B 99 -66.26 22.15 -13.29
N ARG B 100 -66.13 20.88 -13.70
CA ARG B 100 -65.41 19.91 -12.87
C ARG B 100 -63.91 20.17 -12.89
N ALA B 101 -63.38 20.57 -14.05
CA ALA B 101 -61.97 20.91 -14.14
C ALA B 101 -61.65 22.25 -13.49
N ASP B 102 -62.63 23.14 -13.37
CA ASP B 102 -62.47 24.40 -12.67
C ASP B 102 -62.73 24.28 -11.18
N SER B 103 -63.00 23.07 -10.68
CA SER B 103 -63.14 22.81 -9.26
C SER B 103 -62.15 21.79 -8.74
N TRP B 104 -61.60 20.94 -9.62
CA TRP B 104 -60.46 20.10 -9.27
C TRP B 104 -59.29 20.94 -8.78
N VAL B 105 -59.05 22.07 -9.45
CA VAL B 105 -58.02 23.01 -9.01
C VAL B 105 -58.31 23.51 -7.60
N ASP B 106 -59.51 24.05 -7.40
CA ASP B 106 -59.90 24.68 -6.14
C ASP B 106 -59.89 23.73 -4.95
N ILE B 107 -60.19 22.45 -5.17
CA ILE B 107 -60.16 21.50 -4.07
C ILE B 107 -58.78 20.86 -3.90
N GLU B 108 -58.24 20.27 -4.98
CA GLU B 108 -57.04 19.46 -4.86
C GLU B 108 -55.79 20.30 -4.70
N GLY B 109 -55.72 21.49 -5.31
CA GLY B 109 -54.59 22.37 -5.05
C GLY B 109 -54.63 22.92 -3.64
N GLY B 110 -55.83 23.16 -3.10
CA GLY B 110 -55.96 23.60 -1.73
C GLY B 110 -55.55 22.54 -0.71
N ILE B 111 -55.69 21.27 -1.07
CA ILE B 111 -55.18 20.23 -0.16
C ILE B 111 -53.70 19.93 -0.43
N GLY B 112 -53.24 20.09 -1.67
CA GLY B 112 -51.83 19.93 -1.97
C GLY B 112 -50.96 21.01 -1.38
N THR B 113 -51.51 22.21 -1.19
CA THR B 113 -50.78 23.26 -0.46
C THR B 113 -50.84 23.08 1.05
N LEU B 114 -51.48 22.02 1.54
CA LEU B 114 -51.25 21.55 2.91
C LEU B 114 -50.21 20.44 2.95
N PHE B 115 -50.26 19.54 1.96
CA PHE B 115 -49.25 18.48 1.89
C PHE B 115 -47.85 19.05 1.70
N THR B 116 -47.72 20.11 0.90
CA THR B 116 -46.42 20.73 0.65
C THR B 116 -45.85 21.37 1.90
N TYR B 117 -46.69 22.11 2.64
CA TYR B 117 -46.21 22.72 3.88
C TYR B 117 -45.94 21.70 4.96
N ALA B 118 -46.68 20.59 4.99
CA ALA B 118 -46.35 19.51 5.93
C ALA B 118 -44.99 18.89 5.60
N SER B 119 -44.69 18.70 4.32
CA SER B 119 -43.40 18.11 3.95
C SER B 119 -42.25 19.08 4.22
N LEU B 120 -42.45 20.37 3.94
CA LEU B 120 -41.40 21.36 4.22
C LEU B 120 -41.18 21.54 5.72
N GLY B 121 -42.25 21.52 6.52
CA GLY B 121 -42.10 21.60 7.96
C GLY B 121 -41.49 20.35 8.56
N SER B 122 -41.68 19.20 7.92
CA SER B 122 -41.02 17.99 8.38
C SER B 122 -39.53 18.01 8.05
N ARG B 123 -39.16 18.52 6.87
CA ARG B 123 -37.77 18.43 6.46
C ARG B 123 -36.91 19.56 7.05
N GLU B 124 -37.43 20.78 7.15
CA GLU B 124 -36.57 21.94 7.34
C GLU B 124 -36.86 22.76 8.59
N LEU B 125 -37.65 22.23 9.53
CA LEU B 125 -37.96 22.96 10.75
C LEU B 125 -37.47 22.18 11.97
N PRO B 126 -37.03 22.86 13.03
CA PRO B 126 -36.42 22.16 14.16
C PRO B 126 -37.45 21.51 15.07
N ASP B 127 -36.93 20.66 15.95
CA ASP B 127 -37.75 19.97 16.96
C ASP B 127 -37.72 20.78 18.25
N ASP B 128 -38.38 21.92 18.21
CA ASP B 128 -38.27 22.92 19.27
C ASP B 128 -39.51 23.80 19.20
N THR B 129 -39.60 24.76 20.12
CA THR B 129 -40.61 25.81 20.07
C THR B 129 -40.07 27.09 19.47
N LEU B 130 -38.78 27.38 19.68
CA LEU B 130 -38.08 28.48 19.05
C LEU B 130 -37.39 28.00 17.78
N TRP B 131 -36.96 28.94 16.95
CA TRP B 131 -36.28 28.57 15.71
C TRP B 131 -35.15 29.54 15.38
N PRO B 132 -33.90 29.12 15.59
CA PRO B 132 -32.74 29.93 15.23
C PRO B 132 -32.49 29.87 13.72
N GLU B 133 -32.48 31.03 13.07
CA GLU B 133 -32.29 31.05 11.62
C GLU B 133 -30.86 31.30 11.17
N ASP B 134 -30.03 31.92 12.01
CA ASP B 134 -28.64 32.16 11.64
C ASP B 134 -27.77 30.99 12.10
N GLU B 135 -26.46 31.11 11.87
CA GLU B 135 -25.55 30.13 12.45
C GLU B 135 -24.95 30.66 13.74
N LEU B 136 -24.13 31.72 13.63
CA LEU B 136 -23.53 32.44 14.74
C LEU B 136 -22.86 33.69 14.18
N ILE B 137 -22.94 34.79 14.92
CA ILE B 137 -22.26 36.02 14.58
C ILE B 137 -21.24 36.32 15.67
N PRO B 138 -19.96 36.11 15.42
CA PRO B 138 -18.92 36.42 16.41
C PRO B 138 -18.67 37.93 16.48
N LEU B 139 -18.92 38.53 17.64
CA LEU B 139 -18.84 39.97 17.81
C LEU B 139 -17.68 40.39 18.69
N SER B 140 -16.70 39.52 18.90
CA SER B 140 -15.63 39.80 19.85
C SER B 140 -14.30 39.35 19.27
N LYS B 141 -13.23 39.69 19.97
CA LYS B 141 -11.87 39.32 19.59
C LYS B 141 -11.38 38.08 20.30
N GLU B 142 -11.83 37.83 21.53
CA GLU B 142 -11.45 36.65 22.28
C GLU B 142 -12.42 35.49 22.06
N GLY B 143 -13.72 35.76 22.09
CA GLY B 143 -14.71 34.72 21.88
C GLY B 143 -15.69 34.58 23.03
N GLY B 144 -15.87 35.66 23.80
CA GLY B 144 -16.80 35.65 24.91
C GLY B 144 -18.06 36.48 24.71
N PHE B 145 -18.36 36.92 23.50
CA PHE B 145 -19.53 37.75 23.25
C PHE B 145 -19.95 37.52 21.80
N ALA B 146 -21.09 36.87 21.61
CA ALA B 146 -21.63 36.60 20.29
C ALA B 146 -23.11 36.97 20.27
N ALA B 147 -23.76 36.68 19.14
CA ALA B 147 -25.18 36.96 18.95
C ALA B 147 -25.71 36.07 17.85
N ARG B 148 -27.03 35.85 17.87
CA ARG B 148 -27.71 35.14 16.79
C ARG B 148 -29.18 35.53 16.82
N HIS B 149 -29.87 35.25 15.71
CA HIS B 149 -31.27 35.63 15.56
C HIS B 149 -32.19 34.46 15.90
N LEU B 150 -33.33 34.80 16.50
CA LEU B 150 -34.34 33.84 16.91
C LEU B 150 -35.69 34.28 16.38
N LEU B 151 -36.48 33.34 15.90
CA LEU B 151 -37.85 33.59 15.45
C LEU B 151 -38.79 32.92 16.43
N THR B 152 -39.61 33.72 17.11
CA THR B 152 -40.58 33.19 18.06
C THR B 152 -41.98 33.52 17.59
N SER B 153 -42.96 32.76 18.05
CA SER B 153 -44.31 32.92 17.55
C SER B 153 -45.06 33.98 18.35
N LYS B 154 -45.96 34.68 17.67
CA LYS B 154 -46.74 35.74 18.29
C LYS B 154 -47.85 35.16 19.17
N SER B 155 -48.44 36.02 19.99
CA SER B 155 -49.40 35.58 20.98
C SER B 155 -50.77 36.22 20.74
N GLY B 156 -51.21 36.22 19.49
CA GLY B 156 -52.50 36.79 19.13
C GLY B 156 -53.13 36.00 18.00
N VAL B 157 -53.94 36.70 17.19
CA VAL B 157 -54.72 36.04 16.15
C VAL B 157 -54.34 36.58 14.78
N ALA B 158 -54.74 35.81 13.76
CA ALA B 158 -54.51 36.13 12.36
C ALA B 158 -55.88 36.27 11.68
N VAL B 159 -56.30 37.49 11.41
CA VAL B 159 -57.60 37.76 10.81
C VAL B 159 -57.44 37.74 9.29
N HIS B 160 -58.04 36.75 8.64
CA HIS B 160 -57.94 36.56 7.20
C HIS B 160 -59.25 36.96 6.52
N ILE B 161 -59.16 37.83 5.53
CA ILE B 161 -60.32 38.30 4.77
C ILE B 161 -60.11 37.90 3.32
N ASN B 162 -61.00 37.06 2.79
CA ASN B 162 -60.83 36.39 1.52
C ASN B 162 -61.74 37.00 0.45
N ALA B 163 -61.62 36.47 -0.77
CA ALA B 163 -62.43 36.85 -1.92
C ALA B 163 -63.31 35.67 -2.32
N PHE B 164 -64.11 35.85 -3.37
CA PHE B 164 -65.08 34.84 -3.77
C PHE B 164 -64.55 33.85 -4.80
N ASN B 165 -63.32 34.05 -5.30
CA ASN B 165 -62.85 33.22 -6.42
C ASN B 165 -62.51 31.80 -5.96
N PHE B 166 -61.79 31.68 -4.85
CA PHE B 166 -61.33 30.38 -4.36
C PHE B 166 -61.73 30.24 -2.91
N PRO B 167 -62.89 29.62 -2.63
CA PRO B 167 -63.30 29.45 -1.23
C PRO B 167 -62.49 28.38 -0.52
N CYS B 168 -62.01 27.38 -1.24
CA CYS B 168 -61.25 26.28 -0.65
C CYS B 168 -59.75 26.48 -0.76
N TRP B 169 -59.27 27.09 -1.84
CA TRP B 169 -57.84 27.37 -1.95
C TRP B 169 -57.47 28.60 -1.14
N GLY B 170 -58.23 29.69 -1.28
CA GLY B 170 -57.88 30.96 -0.67
C GLY B 170 -57.96 30.99 0.84
N MET B 171 -58.75 30.09 1.43
CA MET B 171 -58.74 29.96 2.88
C MET B 171 -57.50 29.19 3.35
N LEU B 172 -57.12 28.18 2.60
CA LEU B 172 -56.23 27.13 3.09
C LEU B 172 -54.81 27.29 2.58
N GLU B 173 -54.53 28.36 1.83
CA GLU B 173 -53.15 28.78 1.57
C GLU B 173 -52.68 29.85 2.53
N LYS B 174 -53.60 30.45 3.29
CA LYS B 174 -53.26 31.33 4.39
C LYS B 174 -53.23 30.62 5.71
N LEU B 175 -53.85 29.45 5.81
CA LEU B 175 -54.05 28.75 7.06
C LEU B 175 -52.92 27.80 7.40
N ALA B 176 -52.26 27.23 6.39
CA ALA B 176 -51.09 26.40 6.63
C ALA B 176 -49.89 27.18 7.16
N PRO B 177 -49.51 28.36 6.64
CA PRO B 177 -48.46 29.13 7.34
C PRO B 177 -48.91 29.66 8.69
N THR B 178 -50.21 29.87 8.89
CA THR B 178 -50.70 30.37 10.17
C THR B 178 -50.59 29.31 11.25
N TRP B 179 -51.05 28.09 10.96
CA TRP B 179 -50.94 27.00 11.92
C TRP B 179 -49.52 26.51 12.07
N LEU B 180 -48.72 26.55 11.00
CA LEU B 180 -47.32 26.14 11.12
C LEU B 180 -46.49 27.16 11.88
N GLY B 181 -46.93 28.42 11.92
CA GLY B 181 -46.30 29.44 12.73
C GLY B 181 -46.87 29.60 14.11
N GLY B 182 -47.89 28.82 14.47
CA GLY B 182 -48.35 28.77 15.84
C GLY B 182 -49.31 29.87 16.26
N MET B 183 -50.19 30.30 15.37
CA MET B 183 -51.20 31.29 15.70
C MET B 183 -52.59 30.77 15.34
N PRO B 184 -53.61 31.08 16.13
CA PRO B 184 -54.98 30.74 15.74
C PRO B 184 -55.52 31.73 14.71
N ALA B 185 -56.51 31.27 13.95
CA ALA B 185 -57.00 32.02 12.81
C ALA B 185 -58.51 32.26 12.91
N ILE B 186 -58.93 33.41 12.39
CA ILE B 186 -60.33 33.76 12.22
C ILE B 186 -60.55 34.09 10.75
N ILE B 187 -61.44 33.34 10.10
CA ILE B 187 -61.67 33.46 8.67
C ILE B 187 -62.96 34.21 8.41
N LYS B 188 -62.88 35.28 7.62
CA LYS B 188 -64.07 35.95 7.09
C LYS B 188 -64.10 35.73 5.59
N PRO B 189 -64.84 34.75 5.08
CA PRO B 189 -64.92 34.54 3.64
C PRO B 189 -65.92 35.51 3.01
N ALA B 190 -65.86 35.58 1.68
CA ALA B 190 -66.82 36.38 0.95
C ALA B 190 -68.17 35.67 0.93
N THR B 191 -69.23 36.44 1.19
CA THR B 191 -70.55 35.86 1.38
C THR B 191 -71.19 35.36 0.08
N ALA B 192 -70.65 35.72 -1.08
CA ALA B 192 -71.25 35.30 -2.34
C ALA B 192 -71.08 33.82 -2.60
N THR B 193 -70.11 33.17 -1.95
CA THR B 193 -69.89 31.74 -2.11
C THR B 193 -69.50 31.08 -0.79
N ALA B 194 -69.99 31.60 0.34
CA ALA B 194 -69.54 31.16 1.66
C ALA B 194 -70.14 29.83 2.10
N GLN B 195 -70.91 29.13 1.25
CA GLN B 195 -71.46 27.84 1.63
C GLN B 195 -70.43 26.72 1.61
N LEU B 196 -69.31 26.91 0.91
CA LEU B 196 -68.27 25.89 0.84
C LEU B 196 -67.22 26.06 1.93
N THR B 197 -66.94 27.31 2.32
CA THR B 197 -66.00 27.58 3.39
C THR B 197 -66.51 27.04 4.73
N GLN B 198 -67.82 27.12 4.96
CA GLN B 198 -68.39 26.58 6.19
C GLN B 198 -68.29 25.06 6.23
N ALA B 199 -68.48 24.40 5.08
CA ALA B 199 -68.34 22.94 5.03
C ALA B 199 -66.90 22.52 5.25
N MET B 200 -65.95 23.32 4.75
CA MET B 200 -64.53 23.13 5.05
C MET B 200 -64.25 23.22 6.54
N VAL B 201 -64.73 24.29 7.19
CA VAL B 201 -64.49 24.51 8.61
C VAL B 201 -65.18 23.44 9.46
N LYS B 202 -66.37 23.02 9.05
CA LYS B 202 -67.08 21.96 9.77
C LYS B 202 -66.37 20.62 9.65
N SER B 203 -65.84 20.31 8.46
CA SER B 203 -65.08 19.07 8.28
C SER B 203 -63.76 19.09 9.03
N ILE B 204 -63.19 20.29 9.25
CA ILE B 204 -61.98 20.38 10.07
C ILE B 204 -62.32 20.22 11.55
N VAL B 205 -63.34 20.92 12.03
CA VAL B 205 -63.65 20.95 13.45
C VAL B 205 -64.20 19.61 13.92
N ASP B 206 -65.04 18.97 13.12
CA ASP B 206 -65.61 17.69 13.54
C ASP B 206 -64.70 16.51 13.23
N SER B 207 -63.44 16.59 13.66
CA SER B 207 -62.53 15.46 13.59
C SER B 207 -61.65 15.32 14.82
N GLY B 208 -61.54 16.34 15.68
CA GLY B 208 -60.73 16.24 16.87
C GLY B 208 -59.24 16.25 16.65
N LEU B 209 -58.79 16.78 15.51
CA LEU B 209 -57.36 16.80 15.20
C LEU B 209 -56.70 18.09 15.66
N VAL B 210 -57.34 19.22 15.45
CA VAL B 210 -56.79 20.52 15.85
C VAL B 210 -57.25 20.83 17.26
N PRO B 211 -56.54 21.64 18.03
CA PRO B 211 -57.03 22.03 19.36
C PRO B 211 -58.25 22.94 19.27
N GLU B 212 -58.93 23.07 20.40
CA GLU B 212 -60.09 23.96 20.46
C GLU B 212 -59.63 25.41 20.47
N GLY B 213 -60.39 26.27 19.79
CA GLY B 213 -60.02 27.65 19.63
C GLY B 213 -59.03 27.93 18.51
N ALA B 214 -58.48 26.90 17.88
CA ALA B 214 -57.46 27.08 16.86
C ALA B 214 -58.00 27.51 15.51
N ILE B 215 -59.32 27.56 15.34
CA ILE B 215 -59.92 28.00 14.09
C ILE B 215 -61.29 28.59 14.41
N SER B 216 -61.63 29.70 13.76
CA SER B 216 -62.94 30.30 13.86
C SER B 216 -63.46 30.60 12.47
N LEU B 217 -64.64 31.22 12.41
CA LEU B 217 -65.32 31.49 11.14
C LEU B 217 -66.41 32.53 11.41
N ILE B 218 -66.49 33.53 10.55
CA ILE B 218 -67.61 34.46 10.58
C ILE B 218 -68.22 34.56 9.19
N CYS B 219 -69.53 34.43 9.11
CA CYS B 219 -70.27 34.53 7.85
C CYS B 219 -71.10 35.81 7.91
N GLY B 220 -70.88 36.69 6.95
CA GLY B 220 -71.42 38.04 7.00
C GLY B 220 -70.35 39.05 7.30
N SER B 221 -70.79 40.23 7.73
CA SER B 221 -69.86 41.30 8.04
C SER B 221 -69.11 41.02 9.33
N ALA B 222 -67.85 41.49 9.38
CA ALA B 222 -67.07 41.37 10.61
C ALA B 222 -67.55 42.36 11.66
N GLY B 223 -68.01 43.53 11.24
CA GLY B 223 -68.70 44.45 12.11
C GLY B 223 -67.81 45.27 13.00
N ASP B 224 -67.27 44.64 14.06
CA ASP B 224 -66.53 45.38 15.07
C ASP B 224 -65.30 44.60 15.51
N LEU B 225 -64.76 43.75 14.64
CA LEU B 225 -63.62 42.93 15.02
C LEU B 225 -62.31 43.72 14.97
N LEU B 226 -62.14 44.55 13.96
CA LEU B 226 -60.88 45.24 13.75
C LEU B 226 -60.64 46.40 14.72
N ASP B 227 -61.62 46.73 15.56
CA ASP B 227 -61.45 47.72 16.60
C ASP B 227 -60.99 47.11 17.92
N HIS B 228 -60.87 45.80 18.00
CA HIS B 228 -60.52 45.12 19.23
C HIS B 228 -59.14 44.49 19.18
N LEU B 229 -58.42 44.61 18.07
CA LEU B 229 -57.18 43.88 17.89
C LEU B 229 -56.03 44.55 18.65
N ASP B 230 -54.92 43.82 18.74
CA ASP B 230 -53.76 44.21 19.51
C ASP B 230 -52.55 44.15 18.57
N SER B 231 -51.41 44.65 19.03
CA SER B 231 -50.21 44.71 18.20
C SER B 231 -49.57 43.35 17.97
N GLN B 232 -50.00 42.31 18.68
CA GLN B 232 -49.56 40.95 18.45
C GLN B 232 -50.47 40.20 17.46
N ASP B 233 -51.36 40.91 16.78
CA ASP B 233 -52.27 40.34 15.80
C ASP B 233 -51.81 40.71 14.40
N VAL B 234 -52.22 39.92 13.40
CA VAL B 234 -51.95 40.26 12.01
C VAL B 234 -53.25 40.20 11.22
N VAL B 235 -53.31 40.97 10.12
CA VAL B 235 -54.49 41.04 9.26
C VAL B 235 -54.04 40.83 7.82
N THR B 236 -54.70 39.90 7.13
CA THR B 236 -54.43 39.64 5.72
C THR B 236 -55.70 39.92 4.92
N PHE B 237 -55.56 40.64 3.81
CA PHE B 237 -56.69 41.01 2.96
C PHE B 237 -56.46 40.54 1.53
N THR B 238 -57.52 40.01 0.93
CA THR B 238 -57.52 39.59 -0.47
C THR B 238 -58.81 40.06 -1.12
N GLY B 239 -58.70 40.96 -2.09
CA GLY B 239 -59.89 41.52 -2.72
C GLY B 239 -59.53 42.60 -3.71
N SER B 240 -60.45 43.53 -3.89
CA SER B 240 -60.22 44.65 -4.77
C SER B 240 -59.36 45.71 -4.09
N ALA B 241 -58.84 46.64 -4.90
CA ALA B 241 -57.93 47.64 -4.37
C ALA B 241 -58.69 48.74 -3.62
N ALA B 242 -59.84 49.16 -4.14
CA ALA B 242 -60.61 50.23 -3.53
C ALA B 242 -61.16 49.83 -2.17
N THR B 243 -61.50 48.56 -1.99
CA THR B 243 -61.91 48.08 -0.68
C THR B 243 -60.73 47.99 0.28
N GLY B 244 -59.59 47.49 -0.21
CA GLY B 244 -58.44 47.27 0.63
C GLY B 244 -57.72 48.52 1.05
N GLN B 245 -57.88 49.61 0.30
CA GLN B 245 -57.32 50.88 0.75
C GLN B 245 -58.19 51.59 1.77
N MET B 246 -59.37 51.06 2.07
CA MET B 246 -60.20 51.59 3.15
C MET B 246 -59.93 50.91 4.48
N LEU B 247 -59.43 49.67 4.46
CA LEU B 247 -59.10 48.95 5.68
C LEU B 247 -57.68 49.17 6.15
N ARG B 248 -56.79 49.63 5.26
CA ARG B 248 -55.43 49.94 5.66
C ARG B 248 -55.38 51.16 6.58
N VAL B 249 -56.26 52.12 6.36
CA VAL B 249 -56.28 53.36 7.12
C VAL B 249 -57.27 53.32 8.27
N GLN B 250 -57.63 52.12 8.72
CA GLN B 250 -58.54 51.98 9.86
C GLN B 250 -57.80 52.42 11.12
N PRO B 251 -58.40 53.28 11.97
CA PRO B 251 -57.60 54.00 12.97
C PRO B 251 -57.09 53.15 14.13
N ASN B 252 -57.46 51.88 14.25
CA ASN B 252 -56.81 51.01 15.21
C ASN B 252 -55.57 50.36 14.64
N ILE B 253 -55.61 50.04 13.34
CA ILE B 253 -54.49 49.38 12.68
C ILE B 253 -53.30 50.32 12.58
N VAL B 254 -53.53 51.60 12.30
CA VAL B 254 -52.43 52.54 12.19
C VAL B 254 -51.98 53.08 13.54
N ALA B 255 -52.75 52.88 14.60
CA ALA B 255 -52.35 53.33 15.93
C ALA B 255 -51.59 52.26 16.68
N LYS B 256 -52.10 51.03 16.70
CA LYS B 256 -51.40 49.93 17.34
C LYS B 256 -50.25 49.38 16.50
N SER B 257 -50.15 49.80 15.23
CA SER B 257 -49.15 49.36 14.26
C SER B 257 -49.15 47.83 14.12
N ILE B 258 -50.28 47.30 13.65
CA ILE B 258 -50.38 45.86 13.45
C ILE B 258 -50.10 45.58 11.98
N PRO B 259 -49.53 44.42 11.65
CA PRO B 259 -49.24 44.11 10.24
C PRO B 259 -50.51 43.91 9.43
N PHE B 260 -50.55 44.55 8.25
CA PHE B 260 -51.66 44.46 7.32
C PHE B 260 -51.09 44.12 5.95
N THR B 261 -51.39 42.92 5.46
CA THR B 261 -50.87 42.44 4.17
C THR B 261 -52.03 42.44 3.18
N MET B 262 -52.03 43.39 2.27
CA MET B 262 -53.07 43.53 1.26
C MET B 262 -52.58 42.94 -0.06
N GLU B 263 -53.46 42.19 -0.73
CA GLU B 263 -53.12 41.71 -2.07
C GLU B 263 -54.33 41.89 -2.97
N ALA B 264 -54.13 42.62 -4.07
CA ALA B 264 -55.24 43.16 -4.85
C ALA B 264 -55.20 42.79 -6.33
N ASP B 265 -56.03 43.45 -7.13
CA ASP B 265 -56.21 43.11 -8.54
C ASP B 265 -55.01 43.55 -9.38
N SER B 266 -54.92 42.99 -10.58
CA SER B 266 -53.76 43.22 -11.44
C SER B 266 -54.14 43.02 -12.90
N LEU B 267 -53.32 43.59 -13.78
CA LEU B 267 -53.45 43.45 -15.23
C LEU B 267 -52.23 42.70 -15.75
N ASN B 268 -52.44 41.46 -16.19
CA ASN B 268 -51.34 40.55 -16.46
C ASN B 268 -51.08 40.48 -17.95
N CYS B 269 -49.85 40.75 -18.34
CA CYS B 269 -49.47 40.82 -19.74
C CYS B 269 -49.08 39.44 -20.27
N CYS B 270 -48.99 39.35 -21.60
CA CYS B 270 -48.42 38.18 -22.26
C CYS B 270 -47.78 38.67 -23.55
N VAL B 271 -46.45 38.68 -23.57
CA VAL B 271 -45.69 39.31 -24.64
C VAL B 271 -45.15 38.24 -25.57
N LEU B 272 -45.41 38.41 -26.87
CA LEU B 272 -44.83 37.54 -27.88
C LEU B 272 -43.51 38.15 -28.37
N GLY B 273 -42.50 37.30 -28.52
CA GLY B 273 -41.20 37.77 -28.96
C GLY B 273 -41.16 38.11 -30.44
N GLU B 274 -40.12 38.84 -30.82
CA GLU B 274 -39.96 39.24 -32.21
C GLU B 274 -39.53 38.09 -33.11
N ASP B 275 -38.73 37.15 -32.59
CA ASP B 275 -38.21 36.06 -33.38
C ASP B 275 -39.23 34.98 -33.69
N VAL B 276 -40.44 35.06 -33.15
CA VAL B 276 -41.48 34.06 -33.37
C VAL B 276 -42.24 34.43 -34.63
N THR B 277 -42.28 33.51 -35.58
CA THR B 277 -43.02 33.60 -36.84
C THR B 277 -44.05 32.47 -36.88
N PRO B 278 -45.16 32.62 -37.63
CA PRO B 278 -46.24 31.61 -37.58
C PRO B 278 -45.88 30.24 -38.14
N ASP B 279 -44.69 30.03 -38.71
CA ASP B 279 -44.24 28.71 -39.12
C ASP B 279 -43.39 28.01 -38.06
N GLN B 280 -43.61 28.33 -36.79
CA GLN B 280 -42.83 27.80 -35.68
C GLN B 280 -43.78 27.19 -34.66
N PRO B 281 -43.29 26.22 -33.85
CA PRO B 281 -44.14 25.65 -32.79
C PRO B 281 -44.45 26.60 -31.64
N GLU B 282 -43.76 27.74 -31.54
CA GLU B 282 -44.02 28.70 -30.48
C GLU B 282 -45.40 29.35 -30.62
N PHE B 283 -45.84 29.54 -31.87
CA PHE B 283 -47.06 30.29 -32.15
C PHE B 283 -48.30 29.54 -31.66
N ALA B 284 -48.35 28.23 -31.87
CA ALA B 284 -49.52 27.44 -31.48
C ALA B 284 -49.63 27.34 -29.97
N LEU B 285 -48.50 27.18 -29.27
CA LEU B 285 -48.56 27.15 -27.81
C LEU B 285 -48.83 28.52 -27.22
N PHE B 286 -48.43 29.60 -27.91
CA PHE B 286 -48.83 30.95 -27.50
C PHE B 286 -50.34 31.12 -27.57
N ILE B 287 -50.95 30.74 -28.70
CA ILE B 287 -52.40 30.87 -28.86
C ILE B 287 -53.13 29.97 -27.86
N ARG B 288 -52.63 28.75 -27.65
CA ARG B 288 -53.22 27.82 -26.69
C ARG B 288 -53.15 28.36 -25.27
N GLU B 289 -52.02 28.97 -24.89
CA GLU B 289 -51.86 29.51 -23.54
C GLU B 289 -52.79 30.68 -23.30
N VAL B 290 -52.89 31.60 -24.27
CA VAL B 290 -53.76 32.77 -24.12
C VAL B 290 -55.22 32.35 -24.04
N VAL B 291 -55.65 31.44 -24.91
CA VAL B 291 -57.04 31.01 -24.93
C VAL B 291 -57.40 30.19 -23.69
N ARG B 292 -56.49 29.33 -23.23
CA ARG B 292 -56.75 28.52 -22.05
C ARG B 292 -56.80 29.37 -20.79
N GLU B 293 -55.89 30.35 -20.66
CA GLU B 293 -55.88 31.19 -19.49
C GLU B 293 -57.03 32.20 -19.50
N MET B 294 -57.55 32.53 -20.67
CA MET B 294 -58.70 33.43 -20.76
C MET B 294 -60.02 32.71 -20.59
N THR B 295 -60.10 31.41 -20.91
CA THR B 295 -61.36 30.68 -20.77
C THR B 295 -61.42 29.79 -19.52
N THR B 296 -60.34 29.64 -18.77
CA THR B 296 -60.38 28.86 -17.55
C THR B 296 -61.08 29.65 -16.44
N LYS B 297 -62.05 29.00 -15.78
CA LYS B 297 -62.81 29.55 -14.64
C LYS B 297 -63.63 30.79 -15.07
N ALA B 298 -63.96 30.84 -16.37
CA ALA B 298 -64.64 31.97 -17.03
C ALA B 298 -63.94 33.31 -16.80
N GLY B 299 -62.61 33.27 -16.68
CA GLY B 299 -61.85 34.47 -16.44
C GLY B 299 -62.00 35.07 -15.06
N GLN B 300 -62.40 34.26 -14.08
CA GLN B 300 -62.58 34.73 -12.70
C GLN B 300 -61.44 34.32 -11.80
N LYS B 301 -60.21 34.37 -12.29
CA LYS B 301 -59.03 34.25 -11.45
C LYS B 301 -58.16 35.49 -11.62
N CYS B 302 -57.45 35.84 -10.54
CA CYS B 302 -56.66 37.06 -10.49
C CYS B 302 -55.42 37.00 -11.38
N THR B 303 -54.98 35.81 -11.74
CA THR B 303 -53.78 35.60 -12.55
C THR B 303 -54.10 35.26 -13.99
N ALA B 304 -55.10 35.93 -14.58
CA ALA B 304 -55.52 35.68 -15.95
C ALA B 304 -54.91 36.72 -16.89
N ILE B 305 -54.65 36.29 -18.12
CA ILE B 305 -54.04 37.14 -19.14
C ILE B 305 -55.08 38.13 -19.65
N ARG B 306 -54.78 39.43 -19.53
CA ARG B 306 -55.72 40.47 -19.90
C ARG B 306 -55.19 41.46 -20.93
N ARG B 307 -53.87 41.60 -21.07
CA ARG B 307 -53.28 42.43 -22.10
C ARG B 307 -52.38 41.55 -22.94
N ILE B 308 -52.56 41.58 -24.26
CA ILE B 308 -51.79 40.76 -25.18
C ILE B 308 -50.97 41.70 -26.06
N ILE B 309 -49.66 41.72 -25.83
CA ILE B 309 -48.74 42.55 -26.60
C ILE B 309 -48.17 41.72 -27.74
N VAL B 310 -48.42 42.15 -28.98
CA VAL B 310 -47.95 41.41 -30.16
C VAL B 310 -47.13 42.38 -31.00
N PRO B 311 -46.22 41.86 -31.82
CA PRO B 311 -45.49 42.73 -32.77
C PRO B 311 -46.43 43.29 -33.83
N GLN B 312 -45.97 44.37 -34.47
CA GLN B 312 -46.81 45.11 -35.41
C GLN B 312 -47.04 44.31 -36.69
N ALA B 313 -46.06 43.54 -37.12
CA ALA B 313 -46.20 42.73 -38.33
C ALA B 313 -46.97 41.43 -38.10
N LEU B 314 -47.42 41.17 -36.87
CA LEU B 314 -48.14 39.95 -36.56
C LEU B 314 -49.42 40.23 -35.79
N VAL B 315 -50.01 41.41 -35.98
CA VAL B 315 -51.28 41.73 -35.33
C VAL B 315 -52.41 40.92 -35.97
N ASN B 316 -52.43 40.87 -37.30
CA ASN B 316 -53.56 40.29 -38.01
C ASN B 316 -53.58 38.77 -37.90
N ALA B 317 -52.41 38.13 -37.94
CA ALA B 317 -52.37 36.67 -37.85
C ALA B 317 -52.78 36.18 -36.47
N VAL B 318 -52.30 36.85 -35.41
CA VAL B 318 -52.71 36.52 -34.05
C VAL B 318 -54.19 36.81 -33.84
N SER B 319 -54.67 37.95 -34.36
CA SER B 319 -56.06 38.33 -34.17
C SER B 319 -57.01 37.43 -34.96
N ASP B 320 -56.54 36.85 -36.07
CA ASP B 320 -57.36 35.91 -36.83
C ASP B 320 -57.26 34.48 -36.32
N ALA B 321 -56.17 34.13 -35.61
CA ALA B 321 -56.09 32.81 -35.03
C ALA B 321 -56.80 32.72 -33.69
N LEU B 322 -56.81 33.80 -32.90
CA LEU B 322 -57.49 33.79 -31.61
C LEU B 322 -59.00 33.68 -31.77
N VAL B 323 -59.57 34.31 -32.80
CA VAL B 323 -61.01 34.23 -33.00
C VAL B 323 -61.40 32.84 -33.50
N ALA B 324 -60.60 32.25 -34.38
CA ALA B 324 -60.86 30.90 -34.85
C ALA B 324 -60.63 29.85 -33.77
N ARG B 325 -59.83 30.16 -32.76
CA ARG B 325 -59.64 29.25 -31.63
C ARG B 325 -60.72 29.44 -30.56
N LEU B 326 -61.25 30.65 -30.39
CA LEU B 326 -62.22 30.94 -29.35
C LEU B 326 -63.66 30.60 -29.72
N GLN B 327 -63.99 30.53 -31.01
CA GLN B 327 -65.36 30.27 -31.40
C GLN B 327 -65.79 28.82 -31.20
N LYS B 328 -64.86 27.92 -30.86
CA LYS B 328 -65.18 26.53 -30.58
C LYS B 328 -65.56 26.29 -29.13
N VAL B 329 -65.70 27.34 -28.33
CA VAL B 329 -66.00 27.22 -26.91
C VAL B 329 -67.51 27.29 -26.72
N VAL B 330 -68.06 26.32 -25.99
CA VAL B 330 -69.50 26.23 -25.76
C VAL B 330 -69.78 26.73 -24.35
N VAL B 331 -70.48 27.87 -24.26
CA VAL B 331 -70.83 28.48 -22.99
C VAL B 331 -72.24 28.01 -22.60
N GLY B 332 -72.33 27.26 -21.50
CA GLY B 332 -73.62 26.73 -21.08
C GLY B 332 -73.63 26.12 -19.70
N ASP B 333 -74.52 25.15 -19.49
CA ASP B 333 -74.60 24.47 -18.21
C ASP B 333 -73.44 23.49 -18.06
N PRO B 334 -72.79 23.44 -16.89
CA PRO B 334 -71.63 22.55 -16.74
C PRO B 334 -71.98 21.08 -16.64
N ALA B 335 -73.19 20.74 -16.20
CA ALA B 335 -73.53 19.33 -16.00
C ALA B 335 -73.82 18.61 -17.31
N GLN B 336 -74.42 19.30 -18.29
CA GLN B 336 -74.69 18.68 -19.57
C GLN B 336 -73.40 18.57 -20.39
N GLU B 337 -73.45 17.72 -21.41
CA GLU B 337 -72.25 17.33 -22.13
C GLU B 337 -71.91 18.34 -23.23
N GLY B 338 -70.63 18.35 -23.61
CA GLY B 338 -70.17 19.20 -24.68
C GLY B 338 -70.03 20.67 -24.33
N VAL B 339 -69.96 21.01 -23.05
CA VAL B 339 -69.87 22.39 -22.60
C VAL B 339 -68.50 22.61 -21.97
N LYS B 340 -67.78 23.61 -22.45
CA LYS B 340 -66.44 23.91 -21.96
C LYS B 340 -66.47 24.95 -20.84
N MET B 341 -66.98 26.14 -21.13
CA MET B 341 -67.02 27.23 -20.17
C MET B 341 -68.31 27.18 -19.36
N GLY B 342 -68.17 27.39 -18.05
CA GLY B 342 -69.33 27.45 -17.18
C GLY B 342 -69.98 28.83 -17.18
N ALA B 343 -70.24 29.36 -16.00
CA ALA B 343 -70.93 30.64 -15.85
C ALA B 343 -70.20 31.49 -14.82
N LEU B 344 -70.74 32.67 -14.56
CA LEU B 344 -70.24 33.55 -13.51
C LEU B 344 -70.92 33.13 -12.20
N VAL B 345 -70.78 33.94 -11.15
CA VAL B 345 -71.35 33.60 -9.85
C VAL B 345 -72.61 34.39 -9.51
N ASN B 346 -72.77 35.61 -10.03
CA ASN B 346 -73.91 36.44 -9.68
C ASN B 346 -74.30 37.29 -10.88
N ALA B 347 -75.54 37.76 -10.87
CA ALA B 347 -75.97 38.73 -11.88
C ALA B 347 -75.33 40.09 -11.65
N GLU B 348 -74.98 40.40 -10.40
CA GLU B 348 -74.20 41.61 -10.10
C GLU B 348 -72.84 41.55 -10.77
N GLN B 349 -72.23 40.37 -10.83
CA GLN B 349 -70.98 40.21 -11.55
C GLN B 349 -71.17 40.39 -13.05
N ARG B 350 -72.29 39.90 -13.59
CA ARG B 350 -72.58 40.07 -15.02
C ARG B 350 -72.79 41.54 -15.37
N ALA B 351 -73.37 42.32 -14.46
CA ALA B 351 -73.49 43.76 -14.71
C ALA B 351 -72.15 44.47 -14.54
N ASP B 352 -71.36 44.06 -13.54
CA ASP B 352 -70.13 44.78 -13.22
C ASP B 352 -69.01 44.49 -14.20
N VAL B 353 -69.02 43.33 -14.86
CA VAL B 353 -68.06 43.10 -15.94
C VAL B 353 -68.38 43.99 -17.13
N GLN B 354 -69.66 44.09 -17.50
CA GLN B 354 -70.03 44.82 -18.69
C GLN B 354 -69.91 46.33 -18.49
N GLU B 355 -70.06 46.81 -17.25
CA GLU B 355 -69.82 48.24 -17.04
C GLU B 355 -68.33 48.59 -17.09
N LYS B 356 -67.44 47.60 -16.97
CA LYS B 356 -66.02 47.81 -17.28
C LYS B 356 -65.76 47.69 -18.77
N VAL B 357 -66.49 46.80 -19.45
CA VAL B 357 -66.34 46.62 -20.89
C VAL B 357 -66.75 47.88 -21.64
N ASN B 358 -67.79 48.56 -21.16
CA ASN B 358 -68.19 49.82 -21.80
C ASN B 358 -67.16 50.93 -21.58
N ILE B 359 -66.48 50.94 -20.43
CA ILE B 359 -65.41 51.90 -20.19
C ILE B 359 -64.23 51.61 -21.12
N LEU B 360 -63.94 50.33 -21.37
CA LEU B 360 -62.90 49.99 -22.34
C LEU B 360 -63.32 50.32 -23.77
N LEU B 361 -64.61 50.16 -24.09
CA LEU B 361 -65.13 50.50 -25.41
C LEU B 361 -65.27 51.99 -25.65
N ALA B 362 -65.20 52.81 -24.59
CA ALA B 362 -65.22 54.25 -24.79
C ALA B 362 -63.97 54.80 -25.48
N ALA B 363 -62.89 54.01 -25.57
CA ALA B 363 -61.71 54.42 -26.31
C ALA B 363 -61.09 53.31 -27.15
N GLY B 364 -61.63 52.10 -27.13
CA GLY B 364 -61.03 50.95 -27.79
C GLY B 364 -61.73 50.59 -29.09
N CYS B 365 -61.84 49.29 -29.35
CA CYS B 365 -62.40 48.77 -30.60
C CYS B 365 -63.06 47.43 -30.27
N GLU B 366 -63.35 46.63 -31.30
CA GLU B 366 -64.09 45.40 -31.09
C GLU B 366 -63.66 44.35 -32.11
N ILE B 367 -63.45 43.11 -31.67
CA ILE B 367 -63.03 42.03 -32.56
C ILE B 367 -64.02 40.87 -32.46
N ARG B 368 -64.67 40.71 -31.31
CA ARG B 368 -65.59 39.58 -31.13
C ARG B 368 -66.85 40.05 -30.39
N LEU B 369 -67.57 39.08 -29.85
CA LEU B 369 -68.83 39.30 -29.12
C LEU B 369 -68.51 39.91 -27.76
N GLY B 370 -68.60 41.23 -27.67
CA GLY B 370 -68.22 41.91 -26.45
C GLY B 370 -69.39 42.33 -25.58
N GLY B 371 -69.78 43.60 -25.69
CA GLY B 371 -70.81 44.17 -24.84
C GLY B 371 -72.20 43.59 -25.04
N GLN B 372 -72.42 42.86 -26.12
CA GLN B 372 -73.68 42.15 -26.31
C GLN B 372 -73.70 40.97 -25.35
N ALA B 373 -74.30 41.17 -24.18
CA ALA B 373 -74.49 40.12 -23.20
C ALA B 373 -75.94 40.18 -22.72
N ASP B 374 -76.60 39.02 -22.75
CA ASP B 374 -78.03 38.95 -22.39
C ASP B 374 -78.16 39.13 -20.88
N LEU B 375 -78.62 40.31 -20.47
CA LEU B 375 -78.70 40.69 -19.06
C LEU B 375 -80.02 40.31 -18.43
N SER B 376 -80.74 39.33 -18.98
CA SER B 376 -82.02 38.94 -18.41
C SER B 376 -82.23 37.43 -18.37
N ALA B 377 -81.18 36.64 -18.59
CA ALA B 377 -81.32 35.19 -18.62
C ALA B 377 -81.36 34.62 -17.20
N ALA B 378 -81.48 33.31 -17.11
CA ALA B 378 -81.42 32.58 -15.85
C ALA B 378 -80.07 31.88 -15.80
N GLY B 379 -79.15 32.44 -15.02
CA GLY B 379 -77.77 31.97 -15.02
C GLY B 379 -76.91 33.10 -15.57
N ALA B 380 -75.86 33.42 -14.82
CA ALA B 380 -75.02 34.57 -15.13
C ALA B 380 -73.95 34.15 -16.14
N PHE B 381 -74.26 34.31 -17.42
CA PHE B 381 -73.35 33.98 -18.50
C PHE B 381 -72.77 35.26 -19.10
N PHE B 382 -71.59 35.11 -19.71
CA PHE B 382 -70.98 36.22 -20.39
C PHE B 382 -70.16 35.60 -21.51
N PRO B 383 -70.24 36.11 -22.73
CA PRO B 383 -69.53 35.49 -23.85
C PRO B 383 -68.05 35.86 -23.83
N PRO B 384 -67.19 35.02 -24.39
CA PRO B 384 -65.76 35.37 -24.48
C PRO B 384 -65.54 36.57 -25.39
N THR B 385 -64.79 37.54 -24.88
CA THR B 385 -64.62 38.84 -25.50
C THR B 385 -63.16 39.07 -25.84
N LEU B 386 -62.90 39.50 -27.06
CA LEU B 386 -61.57 39.94 -27.48
C LEU B 386 -61.68 41.36 -28.04
N LEU B 387 -60.87 42.26 -27.51
CA LEU B 387 -60.91 43.66 -27.90
C LEU B 387 -59.65 44.02 -28.67
N TYR B 388 -59.51 45.30 -28.99
CA TYR B 388 -58.35 45.78 -29.74
C TYR B 388 -58.15 47.25 -29.43
N CYS B 389 -56.88 47.66 -29.34
CA CYS B 389 -56.52 49.04 -29.02
C CYS B 389 -55.39 49.46 -29.93
N PRO B 390 -55.68 50.19 -31.01
CA PRO B 390 -54.62 50.55 -31.96
C PRO B 390 -53.69 51.66 -31.47
N GLN B 391 -54.04 52.36 -30.39
CA GLN B 391 -53.21 53.40 -29.80
C GLN B 391 -52.93 53.02 -28.35
N PRO B 392 -51.94 52.15 -28.11
CA PRO B 392 -51.72 51.65 -26.75
C PRO B 392 -51.03 52.65 -25.83
N ASP B 393 -50.13 53.48 -26.37
CA ASP B 393 -49.40 54.44 -25.56
C ASP B 393 -50.09 55.79 -25.44
N GLU B 394 -51.35 55.89 -25.89
CA GLU B 394 -52.12 57.12 -25.78
C GLU B 394 -53.48 56.90 -25.13
N THR B 395 -53.75 55.70 -24.63
CA THR B 395 -55.02 55.36 -23.99
C THR B 395 -54.72 54.79 -22.62
N PRO B 396 -54.79 55.60 -21.56
CA PRO B 396 -54.45 55.10 -20.22
C PRO B 396 -55.53 54.27 -19.57
N ALA B 397 -56.75 54.22 -20.13
CA ALA B 397 -57.81 53.42 -19.55
C ALA B 397 -57.66 51.93 -19.85
N VAL B 398 -56.77 51.55 -20.77
CA VAL B 398 -56.49 50.15 -21.01
C VAL B 398 -55.58 49.60 -19.92
N HIS B 399 -54.60 50.40 -19.50
CA HIS B 399 -53.62 50.01 -18.50
C HIS B 399 -54.11 50.25 -17.07
N ALA B 400 -55.38 50.61 -16.88
CA ALA B 400 -55.87 50.91 -15.54
C ALA B 400 -57.14 50.16 -15.19
N THR B 401 -57.99 49.90 -16.18
CA THR B 401 -59.30 49.31 -15.96
C THR B 401 -59.28 47.83 -16.35
N GLU B 402 -59.71 46.98 -15.42
CA GLU B 402 -59.72 45.53 -15.63
C GLU B 402 -61.16 45.03 -15.59
N ALA B 403 -61.52 44.20 -16.56
CA ALA B 403 -62.81 43.52 -16.59
C ALA B 403 -62.62 42.12 -16.06
N PHE B 404 -63.37 41.74 -15.05
CA PHE B 404 -63.13 40.51 -14.32
C PHE B 404 -64.00 39.38 -14.87
N GLY B 405 -63.75 39.06 -16.12
CA GLY B 405 -64.42 37.99 -16.81
C GLY B 405 -63.57 37.46 -17.95
N PRO B 406 -64.22 37.06 -19.06
CA PRO B 406 -63.46 36.51 -20.20
C PRO B 406 -62.85 37.56 -21.12
N VAL B 407 -62.78 38.80 -20.65
CA VAL B 407 -62.41 39.93 -21.49
C VAL B 407 -60.90 40.10 -21.48
N ALA B 408 -60.31 40.29 -22.66
CA ALA B 408 -58.90 40.61 -22.77
C ALA B 408 -58.68 41.43 -24.03
N THR B 409 -57.71 42.34 -23.98
CA THR B 409 -57.47 43.29 -25.06
C THR B 409 -56.10 43.05 -25.69
N LEU B 410 -55.98 43.41 -26.97
CA LEU B 410 -54.80 43.15 -27.78
C LEU B 410 -54.22 44.48 -28.26
N MET B 411 -52.89 44.55 -28.34
CA MET B 411 -52.23 45.79 -28.74
C MET B 411 -50.85 45.48 -29.30
N PRO B 412 -50.37 46.29 -30.24
CA PRO B 412 -49.07 46.04 -30.86
C PRO B 412 -47.93 46.80 -30.18
N ALA B 413 -46.71 46.37 -30.53
CA ALA B 413 -45.48 46.97 -30.03
C ALA B 413 -44.48 47.07 -31.17
N GLN B 414 -43.30 47.63 -30.87
CA GLN B 414 -42.27 47.89 -31.89
C GLN B 414 -40.89 47.43 -31.41
N ASN B 415 -40.58 46.16 -31.68
CA ASN B 415 -39.23 45.59 -31.64
C ASN B 415 -38.56 45.70 -30.27
N GLN B 416 -39.17 45.04 -29.28
CA GLN B 416 -38.60 44.69 -27.97
C GLN B 416 -38.15 45.88 -27.12
N ARG B 417 -38.50 47.10 -27.49
CA ARG B 417 -38.29 48.24 -26.60
C ARG B 417 -39.57 48.99 -26.31
N HIS B 418 -40.62 48.78 -27.11
CA HIS B 418 -41.94 49.26 -26.78
C HIS B 418 -42.74 48.19 -26.06
N ALA B 419 -42.42 46.92 -26.30
CA ALA B 419 -43.09 45.83 -25.59
C ALA B 419 -42.72 45.82 -24.11
N LEU B 420 -41.47 46.13 -23.80
CA LEU B 420 -41.05 46.27 -22.40
C LEU B 420 -41.76 47.44 -21.74
N GLN B 421 -41.87 48.57 -22.44
CA GLN B 421 -42.53 49.75 -21.88
C GLN B 421 -44.04 49.59 -21.78
N LEU B 422 -44.63 48.66 -22.54
CA LEU B 422 -46.05 48.36 -22.35
C LEU B 422 -46.27 47.28 -21.31
N ALA B 423 -45.31 46.38 -21.11
CA ALA B 423 -45.43 45.41 -20.03
C ALA B 423 -45.20 46.04 -18.68
N CYS B 424 -44.38 47.09 -18.60
CA CYS B 424 -44.16 47.80 -17.36
C CYS B 424 -45.15 48.93 -17.13
N ALA B 425 -46.16 49.07 -17.99
CA ALA B 425 -47.11 50.18 -17.90
C ALA B 425 -48.31 49.86 -17.04
N GLY B 426 -48.48 48.61 -16.60
CA GLY B 426 -49.61 48.25 -15.78
C GLY B 426 -49.55 48.80 -14.37
N GLY B 427 -48.37 49.20 -13.91
CA GLY B 427 -48.24 49.75 -12.57
C GLY B 427 -48.08 48.71 -11.49
N GLY B 428 -47.29 47.68 -11.73
CA GLY B 428 -47.19 46.58 -10.78
C GLY B 428 -48.19 45.50 -11.10
N SER B 429 -47.71 44.28 -11.31
CA SER B 429 -48.56 43.18 -11.75
C SER B 429 -48.32 41.97 -10.87
N LEU B 430 -49.13 40.95 -11.08
CA LEU B 430 -49.07 39.75 -10.27
C LEU B 430 -48.41 38.58 -11.00
N ALA B 431 -48.43 38.60 -12.33
CA ALA B 431 -47.83 37.57 -13.16
C ALA B 431 -47.58 38.14 -14.55
N GLY B 432 -46.73 37.46 -15.30
CA GLY B 432 -46.44 37.84 -16.68
C GLY B 432 -45.83 36.69 -17.42
N THR B 433 -45.78 36.81 -18.75
CA THR B 433 -45.30 35.72 -19.60
C THR B 433 -44.63 36.30 -20.84
N LEU B 434 -43.46 35.75 -21.17
CA LEU B 434 -42.81 35.95 -22.45
C LEU B 434 -42.79 34.62 -23.19
N VAL B 435 -43.01 34.67 -24.51
CA VAL B 435 -42.95 33.49 -25.37
C VAL B 435 -41.86 33.76 -26.40
N THR B 436 -40.70 33.14 -26.21
CA THR B 436 -39.57 33.28 -27.12
C THR B 436 -38.87 31.93 -27.29
N ALA B 437 -37.77 31.96 -28.03
CA ALA B 437 -36.84 30.83 -28.09
C ALA B 437 -35.39 31.32 -28.03
N ASP B 438 -35.16 32.61 -27.83
CA ASP B 438 -33.84 33.21 -27.77
C ASP B 438 -33.54 33.59 -26.33
N PRO B 439 -32.49 33.04 -25.70
CA PRO B 439 -32.25 33.34 -24.28
C PRO B 439 -31.75 34.75 -24.00
N GLN B 440 -31.20 35.45 -24.99
CA GLN B 440 -30.81 36.84 -24.75
C GLN B 440 -32.01 37.76 -24.70
N ILE B 441 -33.08 37.44 -25.44
CA ILE B 441 -34.33 38.16 -25.31
C ILE B 441 -34.93 37.93 -23.92
N ALA B 442 -34.77 36.73 -23.38
CA ALA B 442 -35.23 36.44 -22.03
C ALA B 442 -34.42 37.21 -20.99
N ARG B 443 -33.10 37.32 -21.20
CA ARG B 443 -32.25 38.10 -20.31
C ARG B 443 -32.63 39.58 -20.32
N GLN B 444 -32.88 40.13 -21.52
CA GLN B 444 -33.32 41.51 -21.62
C GLN B 444 -34.71 41.73 -21.03
N PHE B 445 -35.57 40.73 -21.08
CA PHE B 445 -36.91 40.89 -20.52
C PHE B 445 -36.89 40.85 -19.00
N ILE B 446 -36.10 39.94 -18.41
CA ILE B 446 -36.01 39.87 -16.97
C ILE B 446 -35.25 41.07 -16.42
N ALA B 447 -34.25 41.58 -17.14
CA ALA B 447 -33.47 42.71 -16.65
C ALA B 447 -34.23 44.03 -16.64
N ASP B 448 -35.43 44.10 -17.20
CA ASP B 448 -36.21 45.33 -17.24
C ASP B 448 -37.64 45.19 -16.76
N ALA B 449 -38.24 44.01 -16.82
CA ALA B 449 -39.66 43.85 -16.51
C ALA B 449 -39.91 43.06 -15.24
N ALA B 450 -38.87 42.69 -14.50
CA ALA B 450 -39.04 42.01 -13.22
C ALA B 450 -39.24 42.96 -12.07
N ARG B 451 -39.12 44.27 -12.30
CA ARG B 451 -39.38 45.24 -11.24
C ARG B 451 -40.86 45.34 -10.94
N THR B 452 -41.70 45.16 -11.96
CA THR B 452 -43.14 45.35 -11.83
C THR B 452 -43.90 44.04 -11.69
N HIS B 453 -43.37 42.93 -12.18
CA HIS B 453 -44.04 41.65 -12.10
C HIS B 453 -43.51 40.87 -10.91
N GLY B 454 -44.33 39.95 -10.40
CA GLY B 454 -43.95 39.16 -9.25
C GLY B 454 -43.66 37.72 -9.58
N ARG B 455 -44.04 37.28 -10.78
CA ARG B 455 -43.76 35.92 -11.24
C ARG B 455 -43.82 35.93 -12.76
N ILE B 456 -42.67 35.78 -13.42
CA ILE B 456 -42.58 35.82 -14.87
C ILE B 456 -42.33 34.40 -15.36
N GLN B 457 -43.10 33.98 -16.36
CA GLN B 457 -42.89 32.69 -17.02
C GLN B 457 -42.33 32.90 -18.41
N ILE B 458 -41.23 32.21 -18.70
CA ILE B 458 -40.67 32.15 -20.05
C ILE B 458 -41.13 30.84 -20.65
N LEU B 459 -41.77 30.90 -21.82
CA LEU B 459 -42.43 29.74 -22.40
C LEU B 459 -41.81 29.42 -23.74
N ASN B 460 -41.43 28.17 -23.94
CA ASN B 460 -40.90 27.70 -25.22
C ASN B 460 -41.33 26.25 -25.40
N GLU B 461 -40.68 25.56 -26.33
CA GLU B 461 -41.10 24.20 -26.68
C GLU B 461 -40.66 23.18 -25.64
N GLU B 462 -39.52 23.39 -25.00
CA GLU B 462 -39.07 22.46 -23.95
C GLU B 462 -39.92 22.59 -22.70
N SER B 463 -40.31 23.81 -22.34
CA SER B 463 -41.04 24.06 -21.11
C SER B 463 -42.52 23.68 -21.20
N ALA B 464 -43.08 23.65 -22.42
CA ALA B 464 -44.52 23.54 -22.56
C ALA B 464 -45.08 22.15 -22.28
N LYS B 465 -44.22 21.13 -22.22
CA LYS B 465 -44.72 19.77 -22.04
C LYS B 465 -45.17 19.51 -20.62
N GLU B 466 -44.56 20.17 -19.63
CA GLU B 466 -44.88 19.95 -18.23
C GLU B 466 -45.02 21.25 -17.45
N SER B 467 -45.30 22.36 -18.14
CA SER B 467 -45.54 23.62 -17.47
C SER B 467 -46.86 23.61 -16.72
N THR B 468 -46.90 24.30 -15.57
CA THR B 468 -48.14 24.43 -14.83
C THR B 468 -49.05 25.48 -15.46
N GLY B 469 -48.49 26.60 -15.91
CA GLY B 469 -49.23 27.59 -16.64
C GLY B 469 -49.01 28.99 -16.11
N HIS B 470 -49.67 29.95 -16.77
CA HIS B 470 -49.62 31.35 -16.36
C HIS B 470 -50.27 31.54 -14.99
N GLY B 471 -51.44 30.95 -14.79
CA GLY B 471 -52.23 31.27 -13.62
C GLY B 471 -52.38 30.18 -12.58
N SER B 472 -51.29 29.46 -12.29
CA SER B 472 -51.28 28.47 -11.22
C SER B 472 -50.25 28.86 -10.18
N PRO B 473 -50.66 29.48 -9.07
CA PRO B 473 -49.70 29.78 -8.00
C PRO B 473 -49.21 28.53 -7.29
N LEU B 474 -47.92 28.25 -7.43
CA LEU B 474 -47.31 27.13 -6.73
C LEU B 474 -47.10 27.51 -5.27
N PRO B 475 -47.25 26.55 -4.34
CA PRO B 475 -47.15 26.89 -2.91
C PRO B 475 -45.75 27.22 -2.43
N GLN B 476 -44.73 26.99 -3.24
CA GLN B 476 -43.34 27.28 -2.90
C GLN B 476 -42.75 28.32 -3.84
N LEU B 477 -43.59 29.19 -4.37
CA LEU B 477 -43.17 30.33 -5.19
C LEU B 477 -43.98 31.54 -4.77
N VAL B 478 -43.34 32.72 -4.81
CA VAL B 478 -43.90 33.94 -4.26
C VAL B 478 -45.12 34.39 -5.06
N HIS B 479 -46.23 34.60 -4.36
CA HIS B 479 -47.47 35.10 -4.95
C HIS B 479 -47.67 36.53 -4.46
N GLY B 480 -47.40 37.49 -5.33
CA GLY B 480 -47.48 38.88 -4.96
C GLY B 480 -46.90 39.76 -6.05
N GLY B 481 -47.00 41.07 -5.83
CA GLY B 481 -46.47 42.02 -6.78
C GLY B 481 -46.55 43.44 -6.27
N PRO B 482 -45.72 44.33 -6.81
CA PRO B 482 -45.67 45.70 -6.32
C PRO B 482 -46.84 46.53 -6.82
N GLY B 483 -46.89 47.77 -6.36
CA GLY B 483 -47.77 48.80 -6.91
C GLY B 483 -49.25 48.56 -6.80
N ARG B 484 -49.89 48.28 -7.94
CA ARG B 484 -51.33 48.08 -7.99
C ARG B 484 -51.73 46.74 -7.39
N ALA B 485 -50.84 45.76 -7.37
CA ALA B 485 -51.15 44.44 -6.84
C ALA B 485 -50.99 44.34 -5.33
N GLY B 486 -50.86 45.46 -4.62
CA GLY B 486 -50.92 45.47 -3.19
C GLY B 486 -49.58 45.65 -2.50
N GLY B 487 -48.56 44.96 -2.99
CA GLY B 487 -47.25 45.01 -2.36
C GLY B 487 -46.98 43.95 -1.33
N GLY B 488 -47.84 42.94 -1.20
CA GLY B 488 -47.64 41.87 -0.25
C GLY B 488 -47.01 40.65 -0.90
N GLU B 489 -46.71 39.66 -0.06
CA GLU B 489 -46.16 38.39 -0.52
C GLU B 489 -46.79 37.24 0.26
N GLU B 490 -47.13 36.18 -0.46
CA GLU B 490 -47.66 34.96 0.14
C GLU B 490 -47.03 33.76 -0.54
N LEU B 491 -47.08 32.62 0.15
CA LEU B 491 -46.67 31.31 -0.37
C LEU B 491 -45.20 31.26 -0.78
N GLY B 492 -44.33 31.95 -0.04
CA GLY B 492 -42.95 32.04 -0.46
C GLY B 492 -42.09 30.84 -0.13
N GLY B 493 -42.70 29.73 0.26
CA GLY B 493 -41.96 28.61 0.82
C GLY B 493 -42.03 28.66 2.34
N LEU B 494 -40.87 28.70 2.98
CA LEU B 494 -40.81 29.04 4.40
C LEU B 494 -40.69 30.55 4.61
N ARG B 495 -40.78 31.34 3.53
CA ARG B 495 -40.86 32.78 3.65
C ARG B 495 -42.18 33.25 4.21
N ALA B 496 -43.21 32.39 4.19
CA ALA B 496 -44.54 32.76 4.63
C ALA B 496 -44.79 32.51 6.11
N VAL B 497 -44.06 31.57 6.73
CA VAL B 497 -44.24 31.33 8.16
C VAL B 497 -43.53 32.38 9.00
N LYS B 498 -42.72 33.23 8.39
CA LYS B 498 -42.02 34.31 9.05
C LYS B 498 -42.83 35.60 9.10
N HIS B 499 -44.03 35.60 8.53
CA HIS B 499 -44.96 36.72 8.68
C HIS B 499 -45.78 36.62 9.94
N TYR B 500 -45.80 35.44 10.57
CA TYR B 500 -46.57 35.19 11.78
C TYR B 500 -45.66 35.06 13.00
N MET B 501 -44.43 35.53 12.88
CA MET B 501 -43.42 35.42 13.91
C MET B 501 -42.75 36.76 14.16
N GLN B 502 -41.89 36.77 15.17
CA GLN B 502 -41.09 37.94 15.53
C GLN B 502 -39.63 37.53 15.55
N ARG B 503 -38.80 38.34 14.89
CA ARG B 503 -37.35 38.12 14.83
C ARG B 503 -36.67 38.96 15.91
N THR B 504 -35.74 38.34 16.63
CA THR B 504 -35.07 38.99 17.76
C THR B 504 -33.61 38.60 17.75
N ALA B 505 -32.72 39.58 17.77
CA ALA B 505 -31.29 39.34 17.87
C ALA B 505 -30.93 39.19 19.34
N VAL B 506 -30.55 37.98 19.74
CA VAL B 506 -30.17 37.70 21.13
C VAL B 506 -28.65 37.74 21.21
N GLN B 507 -28.13 38.49 22.18
CA GLN B 507 -26.70 38.66 22.42
C GLN B 507 -26.30 37.91 23.67
N GLY B 508 -24.99 37.72 23.83
CA GLY B 508 -24.50 37.08 25.04
C GLY B 508 -23.37 36.10 24.80
N SER B 509 -22.93 35.43 25.86
CA SER B 509 -21.85 34.45 25.74
C SER B 509 -22.36 33.21 24.99
N PRO B 510 -21.48 32.46 24.32
CA PRO B 510 -21.92 31.27 23.61
C PRO B 510 -22.45 30.16 24.51
N THR B 511 -21.96 30.07 25.75
CA THR B 511 -22.51 29.09 26.69
C THR B 511 -23.88 29.47 27.23
N MET B 512 -24.33 30.69 26.96
CA MET B 512 -25.69 31.13 27.26
C MET B 512 -26.61 31.01 26.06
N LEU B 513 -26.09 31.37 24.87
CA LEU B 513 -26.85 31.21 23.63
C LEU B 513 -27.09 29.74 23.32
N ALA B 514 -26.21 28.86 23.79
CA ALA B 514 -26.40 27.44 23.59
C ALA B 514 -27.55 26.91 24.44
N ALA B 515 -27.70 27.42 25.65
CA ALA B 515 -28.83 27.01 26.48
C ALA B 515 -30.13 27.65 26.03
N ILE B 516 -30.04 28.83 25.41
CA ILE B 516 -31.24 29.47 24.86
C ILE B 516 -31.73 28.71 23.63
N SER B 517 -30.83 28.42 22.69
CA SER B 517 -31.26 27.82 21.43
C SER B 517 -31.29 26.31 21.44
N LYS B 518 -30.88 25.67 22.55
CA LYS B 518 -30.82 24.20 22.72
C LYS B 518 -29.98 23.53 21.63
N GLN B 519 -28.88 24.18 21.24
CA GLN B 519 -27.92 23.67 20.27
C GLN B 519 -26.54 24.12 20.70
N TRP B 520 -25.53 23.26 20.55
CA TRP B 520 -24.17 23.68 20.82
C TRP B 520 -23.71 24.64 19.73
N VAL B 521 -22.93 25.66 20.11
CA VAL B 521 -22.75 26.72 19.13
C VAL B 521 -21.30 26.81 18.61
N ARG B 522 -20.38 27.39 19.39
CA ARG B 522 -18.96 27.32 19.03
C ARG B 522 -18.06 27.32 20.26
N GLY B 523 -18.51 27.99 21.31
CA GLY B 523 -17.65 28.26 22.44
C GLY B 523 -18.32 27.94 23.76
N ALA B 524 -19.38 27.14 23.69
CA ALA B 524 -20.10 26.74 24.88
C ALA B 524 -19.30 25.70 25.66
N LYS B 525 -19.75 25.43 26.88
CA LYS B 525 -19.11 24.40 27.68
C LYS B 525 -19.53 23.03 27.18
N VAL B 526 -18.61 22.07 27.31
CA VAL B 526 -18.82 20.72 26.81
C VAL B 526 -19.03 19.79 28.00
N GLU B 527 -19.54 18.61 27.70
CA GLU B 527 -19.86 17.61 28.72
C GLU B 527 -19.29 16.28 28.23
N GLU B 528 -18.06 16.00 28.62
CA GLU B 528 -17.42 14.73 28.26
C GLU B 528 -17.86 13.66 29.24
N ASP B 529 -18.25 12.49 28.72
CA ASP B 529 -19.13 11.58 29.43
C ASP B 529 -18.55 10.17 29.54
N ARG B 530 -17.22 10.04 29.43
CA ARG B 530 -16.44 8.86 29.82
C ARG B 530 -16.68 7.64 28.92
N ILE B 531 -17.66 7.69 28.01
CA ILE B 531 -17.86 6.68 26.98
C ILE B 531 -18.12 7.40 25.66
N HIS B 532 -18.03 6.65 24.59
CA HIS B 532 -18.05 7.20 23.24
C HIS B 532 -19.47 7.63 22.88
N PRO B 533 -19.66 8.84 22.34
CA PRO B 533 -21.01 9.27 21.92
C PRO B 533 -21.62 8.47 20.78
N PHE B 534 -20.84 7.68 20.03
CA PHE B 534 -21.44 6.79 19.04
C PHE B 534 -21.99 5.51 19.62
N ARG B 535 -21.94 5.34 20.95
CA ARG B 535 -22.55 4.21 21.62
C ARG B 535 -23.87 4.56 22.28
N LYS B 536 -24.32 5.81 22.17
CA LYS B 536 -25.55 6.27 22.80
C LYS B 536 -26.70 6.25 21.82
N TYR B 537 -27.90 6.01 22.36
CA TYR B 537 -29.11 6.10 21.57
C TYR B 537 -29.56 7.55 21.44
N PHE B 538 -30.61 7.75 20.63
CA PHE B 538 -31.08 9.10 20.32
C PHE B 538 -31.68 9.80 21.53
N GLU B 539 -32.31 9.06 22.44
CA GLU B 539 -32.95 9.69 23.59
C GLU B 539 -31.97 10.03 24.71
N GLU B 540 -30.69 9.72 24.56
CA GLU B 540 -29.70 10.03 25.58
C GLU B 540 -28.49 10.76 25.03
N LEU B 541 -28.59 11.31 23.82
CA LEU B 541 -27.65 12.30 23.33
C LEU B 541 -28.16 13.69 23.65
N GLN B 542 -27.32 14.51 24.26
CA GLN B 542 -27.61 15.90 24.53
C GLN B 542 -26.66 16.78 23.74
N PRO B 543 -27.11 17.96 23.29
CA PRO B 543 -26.20 18.88 22.60
C PRO B 543 -25.10 19.41 23.51
N GLY B 544 -23.86 18.99 23.22
CA GLY B 544 -22.74 19.33 24.07
C GLY B 544 -21.93 18.12 24.49
N ASP B 545 -22.39 16.93 24.12
CA ASP B 545 -21.62 15.71 24.33
C ASP B 545 -20.39 15.71 23.44
N SER B 546 -19.21 15.68 24.04
CA SER B 546 -17.97 15.92 23.31
C SER B 546 -17.00 14.76 23.47
N LEU B 547 -16.18 14.58 22.44
CA LEU B 547 -15.10 13.59 22.42
C LEU B 547 -13.83 14.25 21.93
N LEU B 548 -12.73 14.03 22.64
CA LEU B 548 -11.40 14.47 22.22
C LEU B 548 -10.58 13.23 21.88
N THR B 549 -10.17 13.13 20.62
CA THR B 549 -9.57 11.91 20.07
C THR B 549 -8.07 11.92 20.30
N PRO B 550 -7.38 10.76 20.09
CA PRO B 550 -5.91 10.80 20.04
C PRO B 550 -5.35 11.48 18.81
N ARG B 551 -4.03 11.54 18.71
CA ARG B 551 -3.35 12.29 17.66
C ARG B 551 -2.89 11.39 16.53
N ARG B 552 -2.51 12.01 15.42
CA ARG B 552 -1.84 11.30 14.34
C ARG B 552 -0.82 12.23 13.72
N THR B 553 0.41 11.76 13.53
CA THR B 553 1.47 12.58 12.97
C THR B 553 1.51 12.43 11.46
N MET B 554 1.33 13.53 10.75
CA MET B 554 1.33 13.53 9.29
C MET B 554 2.77 13.47 8.80
N THR B 555 3.13 12.33 8.20
CA THR B 555 4.47 12.11 7.71
C THR B 555 4.52 12.34 6.21
N GLU B 556 5.72 12.22 5.63
CA GLU B 556 5.87 12.40 4.19
C GLU B 556 5.31 11.21 3.42
N ALA B 557 5.25 10.03 4.06
CA ALA B 557 4.74 8.85 3.38
C ALA B 557 3.23 8.87 3.23
N ASP B 558 2.52 9.57 4.14
CA ASP B 558 1.07 9.65 4.05
C ASP B 558 0.61 10.42 2.82
N ILE B 559 1.36 11.47 2.45
CA ILE B 559 1.08 12.23 1.23
C ILE B 559 1.20 11.33 0.01
N VAL B 560 2.25 10.51 -0.03
CA VAL B 560 2.51 9.64 -1.18
C VAL B 560 1.46 8.54 -1.27
N ASN B 561 1.09 7.94 -0.13
CA ASN B 561 0.10 6.87 -0.15
C ASN B 561 -1.29 7.39 -0.53
N PHE B 562 -1.66 8.58 -0.05
CA PHE B 562 -2.98 9.10 -0.43
C PHE B 562 -3.01 9.56 -1.88
N ALA B 563 -1.92 10.17 -2.35
CA ALA B 563 -1.87 10.58 -3.76
C ALA B 563 -1.82 9.40 -4.70
N CYS B 564 -1.25 8.28 -4.26
CA CYS B 564 -1.28 7.08 -5.09
C CYS B 564 -2.65 6.43 -5.08
N LEU B 565 -3.30 6.33 -3.92
CA LEU B 565 -4.56 5.62 -3.83
C LEU B 565 -5.71 6.41 -4.46
N SER B 566 -5.77 7.72 -4.24
CA SER B 566 -6.83 8.52 -4.84
C SER B 566 -6.54 8.77 -6.32
N GLY B 567 -5.42 9.43 -6.63
CA GLY B 567 -5.06 9.72 -8.00
C GLY B 567 -4.79 11.20 -8.20
N ASP B 568 -4.70 11.93 -7.08
CA ASP B 568 -4.58 13.38 -7.10
C ASP B 568 -3.09 13.71 -7.05
N HIS B 569 -2.46 13.73 -8.22
CA HIS B 569 -1.05 14.09 -8.35
C HIS B 569 -0.87 15.57 -8.65
N PHE B 570 -1.46 16.42 -7.81
CA PHE B 570 -1.42 17.86 -7.96
C PHE B 570 0.00 18.37 -7.67
N TYR B 571 0.33 19.54 -8.25
CA TYR B 571 1.72 20.01 -8.19
C TYR B 571 2.10 20.49 -6.81
N ALA B 572 1.14 20.96 -6.02
CA ALA B 572 1.40 21.39 -4.65
C ALA B 572 1.59 20.24 -3.68
N HIS B 573 1.47 19.00 -4.14
CA HIS B 573 1.60 17.83 -3.29
C HIS B 573 2.67 16.85 -3.74
N MET B 574 2.97 16.78 -5.04
CA MET B 574 3.92 15.81 -5.57
C MET B 574 5.18 16.44 -6.17
N ASP B 575 5.12 17.69 -6.60
CA ASP B 575 6.27 18.37 -7.17
C ASP B 575 6.94 19.19 -6.07
N LYS B 576 8.28 19.13 -6.03
CA LYS B 576 9.06 19.85 -5.04
C LYS B 576 9.57 21.18 -5.55
N ILE B 577 9.80 21.29 -6.85
CA ILE B 577 10.30 22.54 -7.42
C ILE B 577 9.19 23.57 -7.51
N ALA B 578 8.01 23.16 -8.00
CA ALA B 578 6.90 24.08 -8.16
C ALA B 578 6.22 24.41 -6.85
N ALA B 579 6.40 23.60 -5.81
CA ALA B 579 5.85 23.93 -4.50
C ALA B 579 6.59 25.10 -3.86
N ALA B 580 7.87 25.26 -4.18
CA ALA B 580 8.65 26.36 -3.63
C ALA B 580 8.33 27.69 -4.31
N GLU B 581 7.69 27.66 -5.46
CA GLU B 581 7.27 28.86 -6.16
C GLU B 581 5.78 29.15 -5.98
N SER B 582 5.08 28.33 -5.21
CA SER B 582 3.66 28.50 -4.99
C SER B 582 3.42 29.41 -3.78
N ILE B 583 2.18 29.48 -3.32
CA ILE B 583 1.84 30.33 -2.18
C ILE B 583 2.21 29.66 -0.86
N PHE B 584 2.35 28.33 -0.83
CA PHE B 584 2.57 27.61 0.42
C PHE B 584 4.03 27.55 0.81
N GLY B 585 4.95 27.61 -0.15
CA GLY B 585 6.37 27.58 0.12
C GLY B 585 7.00 26.21 0.06
N GLU B 586 6.25 25.18 0.45
CA GLU B 586 6.69 23.79 0.32
C GLU B 586 5.46 22.92 0.16
N ARG B 587 5.68 21.66 -0.22
CA ARG B 587 4.56 20.80 -0.56
C ARG B 587 3.85 20.31 0.70
N VAL B 588 2.53 20.21 0.62
CA VAL B 588 1.68 20.06 1.81
C VAL B 588 0.87 18.79 1.72
N VAL B 589 0.07 18.52 2.74
CA VAL B 589 -0.82 17.37 2.82
C VAL B 589 -2.14 17.74 2.17
N HIS B 590 -2.78 16.77 1.50
CA HIS B 590 -4.06 16.94 0.85
C HIS B 590 -5.15 17.40 1.81
N GLY B 591 -6.20 17.99 1.27
CA GLY B 591 -7.32 18.39 2.09
C GLY B 591 -8.22 17.22 2.42
N TYR B 592 -8.48 16.38 1.42
CA TYR B 592 -9.33 15.23 1.60
C TYR B 592 -8.65 14.15 2.44
N PHE B 593 -7.32 14.16 2.51
CA PHE B 593 -6.66 13.24 3.43
C PHE B 593 -6.81 13.69 4.87
N VAL B 594 -6.82 15.00 5.12
CA VAL B 594 -7.14 15.51 6.45
C VAL B 594 -8.58 15.19 6.80
N LEU B 595 -9.48 15.27 5.81
CA LEU B 595 -10.88 14.92 6.02
C LEU B 595 -11.06 13.43 6.33
N SER B 596 -10.25 12.56 5.72
CA SER B 596 -10.37 11.13 5.95
C SER B 596 -9.69 10.69 7.24
N ALA B 597 -8.52 11.26 7.55
CA ALA B 597 -7.82 10.93 8.78
C ALA B 597 -8.44 11.59 10.00
N ALA B 598 -9.29 12.59 9.81
CA ALA B 598 -10.10 13.05 10.92
C ALA B 598 -11.17 12.03 11.28
N ALA B 599 -11.86 11.51 10.26
CA ALA B 599 -12.90 10.50 10.48
C ALA B 599 -12.33 9.17 10.93
N GLY B 600 -11.07 8.89 10.63
CA GLY B 600 -10.43 7.71 11.17
C GLY B 600 -10.22 7.73 12.68
N LEU B 601 -10.33 8.89 13.32
CA LEU B 601 -10.05 9.02 14.75
C LEU B 601 -11.29 8.96 15.63
N PHE B 602 -12.49 9.28 15.13
CA PHE B 602 -13.67 9.27 15.98
C PHE B 602 -14.76 8.27 15.59
N VAL B 603 -14.59 7.49 14.52
CA VAL B 603 -15.61 6.51 14.18
C VAL B 603 -15.43 5.28 15.05
N ASP B 604 -16.53 4.85 15.68
CA ASP B 604 -16.53 3.61 16.45
C ASP B 604 -16.72 2.44 15.50
N ALA B 605 -15.91 1.39 15.69
CA ALA B 605 -15.88 0.29 14.74
C ALA B 605 -17.04 -0.68 14.92
N GLY B 606 -17.54 -0.85 16.15
CA GLY B 606 -18.55 -1.84 16.42
C GLY B 606 -19.93 -1.44 15.95
N VAL B 607 -20.87 -2.37 16.14
CA VAL B 607 -22.26 -2.19 15.73
C VAL B 607 -23.01 -1.48 16.84
N GLY B 608 -23.72 -0.41 16.51
CA GLY B 608 -24.46 0.34 17.48
C GLY B 608 -25.62 1.12 16.89
N PRO B 609 -25.97 2.24 17.53
CA PRO B 609 -27.11 3.04 17.06
C PRO B 609 -26.86 3.79 15.77
N VAL B 610 -25.60 4.06 15.40
CA VAL B 610 -25.31 4.87 14.22
C VAL B 610 -25.56 4.04 12.96
N ILE B 611 -26.40 4.56 12.07
CA ILE B 611 -26.83 3.81 10.89
C ILE B 611 -26.08 4.28 9.65
N ALA B 612 -26.20 5.56 9.30
CA ALA B 612 -25.61 6.07 8.08
C ALA B 612 -24.99 7.44 8.33
N ASN B 613 -24.26 7.93 7.33
CA ASN B 613 -23.59 9.22 7.39
C ASN B 613 -24.18 10.22 6.40
N TYR B 614 -24.08 9.93 5.10
CA TYR B 614 -24.77 10.58 3.98
C TYR B 614 -24.64 12.11 3.87
N GLY B 615 -23.79 12.75 4.65
CA GLY B 615 -23.81 14.19 4.63
C GLY B 615 -22.59 14.91 5.20
N LEU B 616 -22.20 15.98 4.51
CA LEU B 616 -21.19 16.92 4.98
C LEU B 616 -21.69 18.29 4.57
N GLU B 617 -21.58 19.27 5.46
CA GLU B 617 -22.41 20.46 5.34
C GLU B 617 -21.65 21.74 5.03
N SER B 618 -20.56 22.06 5.73
CA SER B 618 -19.82 23.29 5.41
C SER B 618 -18.35 23.08 5.74
N LEU B 619 -17.56 22.73 4.74
CA LEU B 619 -16.14 22.47 4.90
C LEU B 619 -15.33 23.67 4.42
N ARG B 620 -14.36 24.11 5.24
CA ARG B 620 -13.44 25.17 4.88
C ARG B 620 -12.06 24.80 5.39
N PHE B 621 -11.05 24.88 4.54
CA PHE B 621 -9.66 24.63 4.91
C PHE B 621 -9.00 25.97 5.21
N ILE B 622 -8.49 26.13 6.43
CA ILE B 622 -8.01 27.42 6.89
C ILE B 622 -6.50 27.53 6.76
N GLU B 623 -5.77 26.67 7.46
CA GLU B 623 -4.31 26.68 7.42
C GLU B 623 -3.80 25.38 6.81
N PRO B 624 -2.66 25.41 6.12
CA PRO B 624 -2.13 24.18 5.52
C PRO B 624 -1.46 23.28 6.54
N VAL B 625 -1.54 21.97 6.27
CA VAL B 625 -0.93 20.94 7.10
C VAL B 625 0.31 20.44 6.37
N LYS B 626 1.43 20.40 7.07
CA LYS B 626 2.74 20.06 6.53
C LYS B 626 3.22 18.73 7.10
N PRO B 627 4.27 18.14 6.51
CA PRO B 627 4.90 16.98 7.15
C PRO B 627 5.61 17.37 8.45
N GLY B 628 5.44 16.54 9.47
CA GLY B 628 5.98 16.84 10.79
C GLY B 628 5.03 17.71 11.58
N ASP B 629 3.80 17.21 11.76
CA ASP B 629 2.69 18.01 12.26
C ASP B 629 1.61 17.05 12.71
N THR B 630 1.15 17.20 13.95
CA THR B 630 0.20 16.27 14.53
C THR B 630 -1.21 16.81 14.43
N ILE B 631 -2.18 15.91 14.27
CA ILE B 631 -3.58 16.24 14.05
C ILE B 631 -4.40 15.65 15.19
N GLN B 632 -5.30 16.46 15.75
CA GLN B 632 -6.21 16.00 16.80
C GLN B 632 -7.60 16.58 16.53
N VAL B 633 -8.64 15.80 16.83
CA VAL B 633 -10.01 16.06 16.40
C VAL B 633 -10.91 16.17 17.62
N ARG B 634 -11.81 17.15 17.62
CA ARG B 634 -12.84 17.34 18.64
C ARG B 634 -14.20 17.15 18.00
N LEU B 635 -15.07 16.37 18.65
CA LEU B 635 -16.36 15.97 18.08
C LEU B 635 -17.48 16.30 19.05
N THR B 636 -18.41 17.18 18.65
CA THR B 636 -19.45 17.62 19.57
C THR B 636 -20.83 17.53 18.92
N CYS B 637 -21.80 16.97 19.64
CA CYS B 637 -23.19 16.91 19.18
C CYS B 637 -23.79 18.33 19.11
N LYS B 638 -24.73 18.52 18.19
CA LYS B 638 -25.18 19.88 17.91
C LYS B 638 -26.70 20.04 17.83
N ARG B 639 -27.44 19.02 17.38
CA ARG B 639 -28.83 19.18 16.98
C ARG B 639 -29.44 17.79 16.76
N LYS B 640 -30.71 17.61 17.15
CA LYS B 640 -31.27 16.26 17.20
C LYS B 640 -32.41 15.98 16.22
N THR B 641 -33.53 16.72 16.27
CA THR B 641 -34.57 16.82 15.22
C THR B 641 -35.07 15.46 14.68
N LEU B 642 -35.80 14.73 15.52
CA LEU B 642 -36.22 13.36 15.21
C LEU B 642 -37.18 13.30 14.02
N LYS B 643 -37.34 12.08 13.51
CA LYS B 643 -38.26 11.75 12.42
C LYS B 643 -39.43 10.96 12.98
N LYS B 644 -40.53 10.92 12.21
CA LYS B 644 -41.83 10.63 12.78
C LYS B 644 -42.34 9.20 12.56
N GLN B 645 -41.56 8.32 11.92
CA GLN B 645 -41.87 6.89 11.78
C GLN B 645 -43.21 6.67 11.07
N ARG B 646 -43.18 6.93 9.76
CA ARG B 646 -44.40 6.99 8.94
C ARG B 646 -45.18 5.68 8.88
N SER B 647 -44.57 4.56 9.23
CA SER B 647 -45.28 3.28 9.35
C SER B 647 -45.18 2.78 10.79
N ALA B 648 -45.67 1.57 11.02
CA ALA B 648 -45.45 0.89 12.29
C ALA B 648 -44.42 -0.23 12.17
N GLU B 649 -43.95 -0.51 10.95
CA GLU B 649 -42.93 -1.51 10.70
C GLU B 649 -41.52 -0.92 10.75
N GLU B 650 -41.37 0.34 10.35
CA GLU B 650 -40.06 0.94 10.19
C GLU B 650 -39.39 1.20 11.54
N LYS B 651 -38.06 1.19 11.52
CA LYS B 651 -37.29 1.45 12.73
C LYS B 651 -37.35 2.93 13.04
N PRO B 652 -37.57 3.32 14.30
CA PRO B 652 -37.56 4.74 14.65
C PRO B 652 -36.15 5.31 14.60
N THR B 653 -36.06 6.58 14.22
CA THR B 653 -34.77 7.19 13.94
C THR B 653 -34.85 8.70 14.11
N GLY B 654 -33.67 9.34 14.02
CA GLY B 654 -33.55 10.78 14.03
C GLY B 654 -32.31 11.16 13.25
N VAL B 655 -32.14 12.46 13.02
CA VAL B 655 -31.02 12.98 12.23
C VAL B 655 -30.19 13.93 13.10
N VAL B 656 -29.08 13.41 13.61
CA VAL B 656 -28.21 14.14 14.53
C VAL B 656 -27.08 14.77 13.74
N GLU B 657 -26.74 16.02 14.06
CA GLU B 657 -25.65 16.74 13.42
C GLU B 657 -24.50 16.91 14.40
N TRP B 658 -23.29 16.58 13.94
CA TRP B 658 -22.08 16.75 14.74
C TRP B 658 -21.16 17.81 14.14
N ALA B 659 -20.48 18.52 15.03
CA ALA B 659 -19.48 19.50 14.65
C ALA B 659 -18.11 18.89 14.87
N VAL B 660 -17.29 18.90 13.81
CA VAL B 660 -15.93 18.35 13.83
C VAL B 660 -14.97 19.51 13.75
N GLU B 661 -13.98 19.53 14.66
CA GLU B 661 -13.01 20.61 14.75
C GLU B 661 -11.62 20.00 14.85
N VAL B 662 -10.81 20.21 13.83
CA VAL B 662 -9.47 19.63 13.73
C VAL B 662 -8.47 20.71 14.13
N PHE B 663 -7.37 20.30 14.79
CA PHE B 663 -6.33 21.27 15.13
C PHE B 663 -4.98 20.57 15.20
N ASN B 664 -3.93 21.40 15.20
CA ASN B 664 -2.54 20.96 15.21
C ASN B 664 -1.94 21.11 16.62
N GLN B 665 -0.62 20.95 16.72
CA GLN B 665 0.04 21.04 18.02
C GLN B 665 0.11 22.46 18.58
N HIS B 666 -0.20 23.48 17.78
CA HIS B 666 -0.30 24.84 18.27
C HIS B 666 -1.73 25.21 18.63
N GLN B 667 -2.65 24.25 18.56
CA GLN B 667 -4.10 24.42 18.76
C GLN B 667 -4.69 25.48 17.84
N THR B 668 -4.17 25.59 16.61
CA THR B 668 -4.94 26.47 15.73
C THR B 668 -5.83 25.63 14.81
N PRO B 669 -7.06 26.07 14.55
CA PRO B 669 -8.05 25.18 13.92
C PRO B 669 -7.94 25.03 12.42
N VAL B 670 -7.12 24.09 11.93
CA VAL B 670 -7.22 23.71 10.53
C VAL B 670 -8.52 22.95 10.30
N ALA B 671 -9.25 23.30 9.24
CA ALA B 671 -10.28 22.44 8.61
C ALA B 671 -11.41 22.04 9.55
N LEU B 672 -12.23 23.00 9.95
CA LEU B 672 -13.40 22.74 10.77
C LEU B 672 -14.66 22.66 9.93
N TYR B 673 -15.55 21.73 10.28
CA TYR B 673 -16.71 21.43 9.44
C TYR B 673 -17.80 20.75 10.28
N SER B 674 -18.83 20.25 9.59
CA SER B 674 -20.03 19.73 10.25
C SER B 674 -20.63 18.61 9.43
N ILE B 675 -20.93 17.48 10.07
CA ILE B 675 -21.47 16.30 9.39
C ILE B 675 -22.86 15.97 9.93
N LEU B 676 -23.60 15.22 9.12
CA LEU B 676 -24.94 14.72 9.43
C LEU B 676 -24.88 13.23 9.67
N THR B 677 -25.84 12.70 10.42
CA THR B 677 -25.83 11.28 10.78
C THR B 677 -27.27 10.85 11.06
N LEU B 678 -27.63 9.63 10.67
CA LEU B 678 -28.94 9.06 10.96
C LEU B 678 -28.79 8.07 12.12
N VAL B 679 -29.38 8.39 13.27
CA VAL B 679 -29.16 7.66 14.51
C VAL B 679 -30.48 7.03 14.96
N ALA B 680 -30.44 5.76 15.33
CA ALA B 680 -31.65 5.05 15.71
C ALA B 680 -32.15 5.45 17.10
N ARG B 681 -33.47 5.34 17.29
CA ARG B 681 -34.11 5.65 18.56
C ARG B 681 -34.36 4.40 19.38
N GLN B 682 -34.61 4.59 20.67
CA GLN B 682 -34.89 3.50 21.60
C GLN B 682 -36.37 3.12 21.60
N HIS B 683 -37.25 4.11 21.66
CA HIS B 683 -38.69 3.89 21.70
C HIS B 683 -39.35 4.62 20.55
N GLY B 684 -40.17 3.91 19.78
CA GLY B 684 -40.92 4.51 18.70
C GLY B 684 -42.12 5.31 19.20
N ASP B 685 -42.81 5.93 18.26
CA ASP B 685 -43.96 6.76 18.60
C ASP B 685 -45.26 6.33 17.92
N PHE B 686 -45.19 5.76 16.72
CA PHE B 686 -46.40 5.32 16.03
C PHE B 686 -46.48 3.80 15.99
N GLN C 9 33.55 -19.48 79.42
CA GLN C 9 32.64 -18.51 78.83
C GLN C 9 31.51 -19.21 78.08
N GLN C 10 30.29 -18.73 78.28
CA GLN C 10 29.11 -19.41 77.79
C GLN C 10 28.80 -19.01 76.34
N LEU C 11 28.11 -19.90 75.64
CA LEU C 11 27.60 -19.62 74.30
C LEU C 11 26.09 -19.77 74.39
N ALA C 12 25.36 -18.73 73.99
CA ALA C 12 23.93 -18.66 74.25
C ALA C 12 23.12 -19.25 73.10
N SER C 13 21.95 -19.78 73.44
CA SER C 13 21.00 -20.34 72.48
C SER C 13 19.76 -19.46 72.44
N PHE C 14 19.29 -19.14 71.24
CA PHE C 14 18.14 -18.26 71.07
C PHE C 14 16.89 -19.13 70.99
N LEU C 15 16.25 -19.35 72.13
CA LEU C 15 15.07 -20.19 72.23
C LEU C 15 13.93 -19.41 72.86
N SER C 16 12.73 -19.62 72.30
CA SER C 16 11.48 -18.98 72.74
C SER C 16 11.57 -17.45 72.75
N GLY C 17 12.37 -16.89 71.85
CA GLY C 17 12.57 -15.46 71.79
C GLY C 17 13.62 -14.91 72.73
N THR C 18 14.22 -15.74 73.59
CA THR C 18 15.16 -15.27 74.59
C THR C 18 16.51 -15.97 74.44
N TRP C 19 17.57 -15.28 74.83
CA TRP C 19 18.90 -15.86 74.87
C TRP C 19 19.08 -16.60 76.18
N GLN C 20 19.34 -17.90 76.11
CA GLN C 20 19.45 -18.76 77.28
C GLN C 20 20.79 -19.48 77.25
N SER C 21 21.06 -20.25 78.30
CA SER C 21 22.30 -21.02 78.40
C SER C 21 22.06 -22.23 79.27
N GLY C 22 22.76 -23.32 78.95
CA GLY C 22 22.56 -24.57 79.63
C GLY C 22 23.33 -24.67 80.94
N ARG C 23 23.01 -25.71 81.70
CA ARG C 23 23.60 -25.96 83.01
C ARG C 23 23.97 -27.43 83.12
N GLY C 24 25.26 -27.73 83.04
CA GLY C 24 25.68 -29.11 83.24
C GLY C 24 26.92 -29.53 82.47
N ARG C 25 26.83 -30.68 81.82
CA ARG C 25 27.95 -31.21 81.05
C ARG C 25 28.19 -30.36 79.81
N SER C 26 29.47 -30.08 79.53
CA SER C 26 29.82 -29.10 78.53
C SER C 26 30.98 -29.60 77.67
N ARG C 27 31.00 -29.13 76.43
CA ARG C 27 32.13 -29.28 75.54
C ARG C 27 32.76 -27.92 75.35
N LEU C 28 33.86 -27.85 74.61
CA LEU C 28 34.59 -26.58 74.54
C LEU C 28 35.29 -26.43 73.20
N ILE C 29 35.49 -25.17 72.81
CA ILE C 29 35.95 -24.80 71.48
C ILE C 29 37.36 -24.23 71.60
N HIS C 30 38.28 -24.77 70.81
CA HIS C 30 39.67 -24.34 70.83
C HIS C 30 39.95 -23.35 69.70
N HIS C 31 40.90 -22.46 69.93
CA HIS C 31 41.47 -21.69 68.83
C HIS C 31 42.32 -22.61 67.98
N ALA C 32 42.20 -22.49 66.67
CA ALA C 32 42.78 -23.51 65.80
C ALA C 32 44.27 -23.35 65.60
N ILE C 33 44.80 -22.13 65.70
CA ILE C 33 46.21 -21.92 65.40
C ILE C 33 47.07 -21.98 66.67
N SER C 34 46.46 -21.85 67.85
CA SER C 34 47.21 -21.88 69.10
C SER C 34 46.80 -23.06 69.98
N GLY C 35 45.52 -23.18 70.32
CA GLY C 35 45.05 -24.39 70.98
C GLY C 35 44.49 -24.25 72.39
N GLU C 36 43.99 -23.06 72.75
CA GLU C 36 43.39 -22.86 74.06
C GLU C 36 41.88 -22.75 73.93
N ALA C 37 41.18 -23.11 74.99
CA ALA C 37 39.73 -23.10 74.99
C ALA C 37 39.22 -21.69 75.25
N LEU C 38 38.48 -21.13 74.29
CA LEU C 38 37.94 -19.79 74.41
C LEU C 38 36.42 -19.72 74.30
N TRP C 39 35.73 -20.85 74.18
CA TRP C 39 34.30 -20.94 74.44
C TRP C 39 34.02 -22.31 75.05
N GLU C 40 32.89 -22.42 75.74
CA GLU C 40 32.41 -23.72 76.17
C GLU C 40 30.89 -23.76 76.05
N VAL C 41 30.38 -24.85 75.48
CA VAL C 41 28.99 -24.96 75.05
C VAL C 41 28.29 -26.07 75.83
N THR C 42 26.99 -25.86 76.04
CA THR C 42 26.07 -26.78 76.70
C THR C 42 24.65 -26.34 76.41
N SER C 43 23.71 -27.29 76.45
CA SER C 43 22.30 -26.97 76.29
C SER C 43 21.44 -27.81 77.23
N GLU C 44 21.95 -28.18 78.39
CA GLU C 44 21.23 -29.06 79.29
C GLU C 44 20.19 -28.26 80.09
N GLY C 45 19.05 -28.90 80.34
CA GLY C 45 17.98 -28.26 81.07
C GLY C 45 17.14 -27.27 80.28
N LEU C 46 17.39 -27.14 78.98
CA LEU C 46 16.59 -26.26 78.15
C LEU C 46 15.37 -26.99 77.62
N ASP C 47 14.30 -26.24 77.40
CA ASP C 47 13.02 -26.81 76.98
C ASP C 47 12.93 -26.72 75.46
N MET C 48 12.82 -27.89 74.81
CA MET C 48 12.76 -27.96 73.36
C MET C 48 11.33 -27.99 72.84
N ALA C 49 10.42 -28.60 73.61
CA ALA C 49 9.02 -28.61 73.22
C ALA C 49 8.43 -27.21 73.23
N ALA C 50 8.86 -26.38 74.18
CA ALA C 50 8.43 -24.98 74.19
C ALA C 50 9.04 -24.21 73.04
N ALA C 51 10.23 -24.59 72.58
CA ALA C 51 10.83 -23.94 71.42
C ALA C 51 10.05 -24.25 70.15
N ARG C 52 9.69 -25.53 69.96
CA ARG C 52 8.86 -25.90 68.80
C ARG C 52 7.47 -25.28 68.90
N GLN C 53 6.94 -25.18 70.12
CA GLN C 53 5.62 -24.60 70.33
C GLN C 53 5.61 -23.11 70.02
N PHE C 54 6.67 -22.39 70.44
CA PHE C 54 6.75 -20.97 70.15
C PHE C 54 6.97 -20.73 68.66
N ALA C 55 7.76 -21.59 68.02
CA ALA C 55 7.98 -21.47 66.58
C ALA C 55 6.69 -21.66 65.79
N ILE C 56 5.92 -22.71 66.13
CA ILE C 56 4.71 -23.03 65.40
C ILE C 56 3.61 -21.99 65.66
N GLU C 57 3.37 -21.63 66.92
CA GLU C 57 2.34 -20.64 67.17
C GLU C 57 2.79 -19.20 66.99
N LYS C 58 4.04 -18.92 66.62
CA LYS C 58 4.42 -17.52 66.42
C LYS C 58 4.95 -17.23 65.03
N GLY C 59 5.91 -17.99 64.53
CA GLY C 59 6.59 -17.61 63.31
C GLY C 59 5.96 -18.17 62.06
N ALA C 60 5.24 -19.28 62.22
CA ALA C 60 4.55 -19.86 61.06
C ALA C 60 3.34 -19.04 60.61
N PRO C 61 2.42 -18.57 61.49
CA PRO C 61 1.33 -17.71 60.97
C PRO C 61 1.80 -16.34 60.51
N ALA C 62 2.96 -15.87 60.97
CA ALA C 62 3.48 -14.60 60.46
C ALA C 62 4.08 -14.76 59.08
N LEU C 63 4.84 -15.82 58.84
CA LEU C 63 5.42 -16.05 57.52
C LEU C 63 4.39 -16.48 56.51
N ARG C 64 3.37 -17.24 56.92
CA ARG C 64 2.36 -17.69 55.97
C ARG C 64 1.32 -16.62 55.64
N ALA C 65 1.39 -15.45 56.28
CA ALA C 65 0.50 -14.35 55.97
C ALA C 65 1.09 -13.36 54.97
N MET C 66 2.27 -13.63 54.44
CA MET C 66 2.91 -12.78 53.46
C MET C 66 2.73 -13.36 52.06
N THR C 67 2.92 -12.51 51.06
CA THR C 67 3.07 -12.98 49.70
C THR C 67 4.51 -13.43 49.47
N PHE C 68 4.77 -14.04 48.32
CA PHE C 68 6.13 -14.46 48.02
C PHE C 68 7.04 -13.30 47.72
N ILE C 69 6.48 -12.20 47.20
CA ILE C 69 7.27 -11.04 46.83
C ILE C 69 7.77 -10.31 48.07
N GLU C 70 6.93 -10.24 49.10
CA GLU C 70 7.35 -9.70 50.39
C GLU C 70 8.38 -10.61 51.05
N ARG C 71 8.22 -11.93 50.91
CA ARG C 71 9.18 -12.86 51.48
C ARG C 71 10.51 -12.85 50.75
N ALA C 72 10.55 -12.37 49.50
CA ALA C 72 11.83 -12.16 48.83
C ALA C 72 12.46 -10.81 49.15
N ALA C 73 11.62 -9.78 49.33
CA ALA C 73 12.13 -8.47 49.75
C ALA C 73 12.74 -8.53 51.14
N MET C 74 12.17 -9.36 52.01
CA MET C 74 12.75 -9.60 53.34
C MET C 74 14.14 -10.22 53.24
N LEU C 75 14.30 -11.18 52.31
CA LEU C 75 15.60 -11.82 52.12
C LEU C 75 16.64 -10.84 51.59
N LYS C 76 16.22 -9.95 50.68
CA LYS C 76 17.14 -8.95 50.15
C LYS C 76 17.57 -7.94 51.23
N ALA C 77 16.62 -7.54 52.10
CA ALA C 77 16.96 -6.62 53.18
C ALA C 77 17.88 -7.26 54.21
N VAL C 78 17.65 -8.53 54.56
CA VAL C 78 18.53 -9.23 55.49
C VAL C 78 19.91 -9.44 54.87
N ALA C 79 19.96 -9.67 53.54
CA ALA C 79 21.24 -9.82 52.86
C ALA C 79 22.05 -8.53 52.89
N LYS C 80 21.40 -7.38 52.68
CA LYS C 80 22.12 -6.11 52.73
C LYS C 80 22.57 -5.78 54.16
N HIS C 81 21.72 -6.06 55.15
CA HIS C 81 22.08 -5.80 56.54
C HIS C 81 23.22 -6.68 57.02
N LEU C 82 23.30 -7.91 56.53
CA LEU C 82 24.42 -8.78 56.87
C LEU C 82 25.65 -8.52 56.02
N LEU C 83 25.49 -7.88 54.86
CA LEU C 83 26.63 -7.51 54.05
C LEU C 83 27.31 -6.25 54.58
N SER C 84 26.57 -5.37 55.23
CA SER C 84 27.15 -4.11 55.72
C SER C 84 28.15 -4.37 56.86
N GLU C 85 27.76 -5.15 57.86
CA GLU C 85 28.61 -5.44 59.01
C GLU C 85 29.39 -6.75 58.85
N LYS C 86 30.13 -6.90 57.74
CA LYS C 86 30.78 -8.16 57.45
C LYS C 86 32.13 -8.33 58.14
N GLU C 87 32.75 -7.25 58.61
CA GLU C 87 34.10 -7.33 59.16
C GLU C 87 34.14 -7.90 60.57
N ARG C 88 33.01 -7.98 61.27
CA ARG C 88 32.96 -8.69 62.53
C ARG C 88 32.81 -10.19 62.35
N PHE C 89 32.69 -10.66 61.11
CA PHE C 89 32.60 -12.08 60.80
C PHE C 89 33.95 -12.67 60.39
N TYR C 90 34.80 -11.87 59.73
CA TYR C 90 36.14 -12.33 59.38
C TYR C 90 37.02 -12.55 60.61
N ALA C 91 36.83 -11.74 61.65
CA ALA C 91 37.57 -11.91 62.89
C ALA C 91 37.22 -13.22 63.57
N LEU C 92 35.93 -13.59 63.57
CA LEU C 92 35.51 -14.87 64.12
C LEU C 92 35.92 -16.02 63.21
N SER C 93 36.00 -15.78 61.90
CA SER C 93 36.38 -16.82 60.97
C SER C 93 37.87 -17.13 61.04
N ALA C 94 38.69 -16.14 61.39
CA ALA C 94 40.13 -16.36 61.53
C ALA C 94 40.47 -17.23 62.74
N GLN C 95 39.57 -17.33 63.72
CA GLN C 95 39.79 -18.19 64.87
C GLN C 95 39.67 -19.68 64.53
N THR C 96 39.09 -20.01 63.37
CA THR C 96 38.90 -21.39 62.95
C THR C 96 40.05 -21.91 62.09
N GLY C 97 41.11 -21.12 61.90
CA GLY C 97 42.27 -21.58 61.17
C GLY C 97 42.24 -21.35 59.68
N ALA C 98 41.26 -20.60 59.17
CA ALA C 98 41.14 -20.37 57.74
C ALA C 98 41.86 -19.09 57.34
N THR C 99 42.30 -19.05 56.09
CA THR C 99 42.96 -17.87 55.56
C THR C 99 41.92 -16.81 55.17
N ARG C 100 42.38 -15.68 54.66
CA ARG C 100 41.47 -14.62 54.29
C ARG C 100 40.75 -14.93 52.98
N ALA C 101 41.45 -15.56 52.03
CA ALA C 101 40.82 -15.92 50.77
C ALA C 101 39.92 -17.15 50.89
N ASP C 102 40.22 -18.03 51.84
CA ASP C 102 39.40 -19.20 52.08
C ASP C 102 38.25 -18.92 53.04
N SER C 103 38.11 -17.68 53.50
CA SER C 103 36.96 -17.24 54.27
C SER C 103 36.08 -16.28 53.51
N TRP C 104 36.60 -15.68 52.42
CA TRP C 104 35.78 -14.91 51.49
C TRP C 104 34.67 -15.76 50.90
N VAL C 105 34.99 -17.02 50.57
CA VAL C 105 34.00 -17.99 50.11
C VAL C 105 32.91 -18.18 51.15
N ASP C 106 33.32 -18.55 52.37
CA ASP C 106 32.38 -18.89 53.45
C ASP C 106 31.48 -17.73 53.84
N ILE C 107 31.99 -16.50 53.82
CA ILE C 107 31.15 -15.36 54.17
C ILE C 107 30.34 -14.91 52.96
N GLU C 108 31.01 -14.53 51.87
CA GLU C 108 30.37 -13.83 50.78
C GLU C 108 29.51 -14.73 49.90
N GLY C 109 29.86 -16.01 49.72
CA GLY C 109 28.99 -16.89 48.96
C GLY C 109 27.71 -17.21 49.71
N GLY C 110 27.80 -17.35 51.04
CA GLY C 110 26.61 -17.50 51.84
C GLY C 110 25.73 -16.27 51.85
N ILE C 111 26.33 -15.09 51.77
CA ILE C 111 25.52 -13.88 51.68
C ILE C 111 24.94 -13.73 50.27
N GLY C 112 25.70 -14.09 49.24
CA GLY C 112 25.23 -13.99 47.86
C GLY C 112 24.18 -15.01 47.47
N THR C 113 24.10 -16.11 48.22
CA THR C 113 22.98 -17.04 48.08
C THR C 113 21.65 -16.36 48.33
N LEU C 114 21.61 -15.45 49.32
CA LEU C 114 20.40 -14.68 49.61
C LEU C 114 20.04 -13.73 48.47
N PHE C 115 21.05 -13.11 47.85
CA PHE C 115 20.78 -12.24 46.71
C PHE C 115 20.27 -13.02 45.50
N THR C 116 20.85 -14.20 45.27
CA THR C 116 20.39 -15.05 44.16
C THR C 116 18.96 -15.51 44.38
N TYR C 117 18.62 -15.96 45.58
CA TYR C 117 17.24 -16.38 45.84
C TYR C 117 16.26 -15.22 45.88
N ALA C 118 16.69 -14.03 46.31
CA ALA C 118 15.80 -12.88 46.28
C ALA C 118 15.58 -12.37 44.86
N SER C 119 16.52 -12.63 43.96
CA SER C 119 16.29 -12.29 42.56
C SER C 119 15.47 -13.35 41.84
N LEU C 120 15.61 -14.63 42.22
CA LEU C 120 14.78 -15.66 41.61
C LEU C 120 13.34 -15.58 42.07
N GLY C 121 13.10 -15.37 43.36
CA GLY C 121 11.74 -15.39 43.88
C GLY C 121 10.91 -14.17 43.55
N SER C 122 11.51 -13.11 42.99
CA SER C 122 10.74 -11.93 42.61
C SER C 122 10.29 -11.95 41.17
N ARG C 123 10.98 -12.68 40.30
CA ARG C 123 10.66 -12.71 38.89
C ARG C 123 9.76 -13.87 38.50
N GLU C 124 9.68 -14.91 39.33
CA GLU C 124 9.08 -16.17 38.92
C GLU C 124 8.04 -16.72 39.89
N LEU C 125 7.70 -15.97 40.95
CA LEU C 125 6.75 -16.39 41.95
C LEU C 125 5.59 -15.39 42.03
N PRO C 126 4.37 -15.85 42.31
CA PRO C 126 3.21 -14.96 42.22
C PRO C 126 3.09 -14.00 43.39
N ASP C 127 2.13 -13.09 43.27
CA ASP C 127 1.79 -12.15 44.33
C ASP C 127 0.60 -12.70 45.12
N ASP C 128 0.85 -13.81 45.79
CA ASP C 128 -0.20 -14.59 46.40
C ASP C 128 0.42 -15.42 47.52
N THR C 129 -0.43 -16.01 48.35
CA THR C 129 0.02 -16.96 49.36
C THR C 129 0.17 -18.37 48.79
N LEU C 130 -0.68 -18.74 47.85
CA LEU C 130 -0.57 -20.00 47.13
C LEU C 130 0.28 -19.81 45.87
N TRP C 131 0.60 -20.93 45.22
CA TRP C 131 1.43 -20.91 44.02
C TRP C 131 1.01 -22.02 43.07
N PRO C 132 0.24 -21.69 42.03
CA PRO C 132 -0.14 -22.66 40.99
C PRO C 132 1.03 -22.90 40.05
N GLU C 133 1.48 -24.15 39.97
CA GLU C 133 2.65 -24.46 39.14
C GLU C 133 2.31 -24.87 37.72
N ASP C 134 1.13 -25.45 37.49
CA ASP C 134 0.77 -25.95 36.16
C ASP C 134 -0.10 -24.93 35.44
N GLU C 135 -0.38 -25.22 34.17
CA GLU C 135 -1.27 -24.35 33.39
C GLU C 135 -2.73 -24.72 33.62
N LEU C 136 -3.14 -25.88 33.11
CA LEU C 136 -4.48 -26.45 33.27
C LEU C 136 -4.49 -27.87 32.69
N ILE C 137 -5.22 -28.77 33.33
CA ILE C 137 -5.40 -30.12 32.83
C ILE C 137 -6.88 -30.32 32.54
N PRO C 138 -7.29 -30.27 31.27
CA PRO C 138 -8.71 -30.47 30.94
C PRO C 138 -9.08 -31.95 30.97
N LEU C 139 -10.09 -32.30 31.76
CA LEU C 139 -10.42 -33.68 32.05
C LEU C 139 -11.84 -34.04 31.61
N SER C 140 -12.35 -33.39 30.57
CA SER C 140 -13.71 -33.64 30.13
C SER C 140 -13.83 -33.36 28.64
N LYS C 141 -15.03 -33.58 28.11
CA LYS C 141 -15.33 -33.40 26.70
C LYS C 141 -15.93 -32.04 26.38
N GLU C 142 -16.81 -31.54 27.25
CA GLU C 142 -17.35 -30.20 27.08
C GLU C 142 -16.37 -29.15 27.61
N GLY C 143 -15.92 -29.33 28.85
CA GLY C 143 -15.04 -28.37 29.48
C GLY C 143 -15.57 -27.83 30.78
N GLY C 144 -16.47 -28.59 31.42
CA GLY C 144 -16.99 -28.25 32.72
C GLY C 144 -16.28 -28.92 33.88
N PHE C 145 -15.20 -29.65 33.62
CA PHE C 145 -14.48 -30.37 34.67
C PHE C 145 -13.01 -30.39 34.31
N ALA C 146 -12.18 -29.86 35.19
CA ALA C 146 -10.74 -29.81 34.97
C ALA C 146 -10.04 -29.89 36.33
N ALA C 147 -8.71 -29.84 36.30
CA ALA C 147 -7.90 -29.95 37.50
C ALA C 147 -6.59 -29.21 37.27
N ARG C 148 -5.98 -28.76 38.37
CA ARG C 148 -4.63 -28.20 38.29
C ARG C 148 -3.94 -28.37 39.63
N HIS C 149 -2.61 -28.24 39.62
CA HIS C 149 -1.80 -28.47 40.80
C HIS C 149 -1.51 -27.16 41.53
N LEU C 150 -1.54 -27.24 42.85
CA LEU C 150 -1.26 -26.11 43.74
C LEU C 150 -0.15 -26.51 44.70
N LEU C 151 0.58 -25.51 45.18
CA LEU C 151 1.68 -25.70 46.13
C LEU C 151 1.44 -24.80 47.33
N THR C 152 1.09 -25.40 48.47
CA THR C 152 0.84 -24.64 49.69
C THR C 152 1.93 -24.92 50.71
N SER C 153 2.24 -23.93 51.54
CA SER C 153 3.33 -24.07 52.49
C SER C 153 2.89 -24.90 53.70
N LYS C 154 3.81 -25.73 54.19
CA LYS C 154 3.53 -26.55 55.35
C LYS C 154 3.44 -25.70 56.61
N SER C 155 2.88 -26.30 57.67
CA SER C 155 2.60 -25.56 58.89
C SER C 155 3.38 -26.11 60.07
N GLY C 156 4.66 -26.39 59.88
CA GLY C 156 5.49 -26.91 60.93
C GLY C 156 6.81 -26.17 61.00
N VAL C 157 7.87 -26.91 61.32
CA VAL C 157 9.21 -26.35 61.43
C VAL C 157 10.18 -27.16 60.58
N ALA C 158 11.28 -26.50 60.22
CA ALA C 158 12.39 -27.11 59.51
C ALA C 158 13.56 -27.19 60.47
N VAL C 159 13.99 -28.41 60.79
CA VAL C 159 15.09 -28.64 61.70
C VAL C 159 16.34 -28.94 60.88
N HIS C 160 17.33 -28.06 60.96
CA HIS C 160 18.55 -28.17 60.17
C HIS C 160 19.71 -28.56 61.08
N ILE C 161 20.47 -29.58 60.66
CA ILE C 161 21.63 -30.06 61.41
C ILE C 161 22.83 -29.98 60.47
N ASN C 162 23.83 -29.19 60.84
CA ASN C 162 24.90 -28.77 59.95
C ASN C 162 26.22 -29.44 60.34
N ALA C 163 27.27 -29.12 59.59
CA ALA C 163 28.62 -29.61 59.80
C ALA C 163 29.55 -28.44 60.14
N PHE C 164 30.81 -28.75 60.41
CA PHE C 164 31.76 -27.74 60.87
C PHE C 164 32.50 -27.04 59.74
N ASN C 165 32.27 -27.43 58.49
CA ASN C 165 33.06 -26.89 57.39
C ASN C 165 32.67 -25.45 57.08
N PHE C 166 31.41 -25.21 56.76
CA PHE C 166 30.92 -23.88 56.39
C PHE C 166 29.86 -23.45 57.39
N PRO C 167 30.25 -22.73 58.45
CA PRO C 167 29.25 -22.27 59.42
C PRO C 167 28.38 -21.15 58.89
N CYS C 168 28.92 -20.34 58.00
CA CYS C 168 28.21 -19.20 57.44
C CYS C 168 27.50 -19.54 56.15
N TRP C 169 28.08 -20.39 55.31
CA TRP C 169 27.41 -20.80 54.09
C TRP C 169 26.38 -21.88 54.35
N GLY C 170 26.78 -22.95 55.05
CA GLY C 170 25.94 -24.14 55.15
C GLY C 170 24.69 -23.95 55.98
N MET C 171 24.73 -23.04 56.95
CA MET C 171 23.51 -22.63 57.63
C MET C 171 22.59 -21.89 56.68
N LEU C 172 23.15 -21.02 55.85
CA LEU C 172 22.41 -19.97 55.19
C LEU C 172 22.06 -20.32 53.75
N GLU C 173 22.50 -21.49 53.26
CA GLU C 173 21.97 -22.05 52.03
C GLU C 173 20.80 -22.98 52.28
N LYS C 174 20.43 -23.18 53.54
CA LYS C 174 19.24 -23.92 53.92
C LYS C 174 18.12 -23.03 54.43
N LEU C 175 18.37 -21.72 54.55
CA LEU C 175 17.46 -20.81 55.22
C LEU C 175 16.73 -19.89 54.26
N ALA C 176 17.32 -19.56 53.12
CA ALA C 176 16.61 -18.84 52.07
C ALA C 176 15.49 -19.68 51.44
N PRO C 177 15.65 -20.99 51.13
CA PRO C 177 14.45 -21.75 50.73
C PRO C 177 13.44 -21.95 51.85
N THR C 178 13.86 -22.02 53.11
CA THR C 178 12.93 -22.23 54.21
C THR C 178 12.08 -20.99 54.45
N TRP C 179 12.71 -19.82 54.49
CA TRP C 179 11.94 -18.57 54.65
C TRP C 179 11.14 -18.24 53.40
N LEU C 180 11.68 -18.53 52.22
CA LEU C 180 10.94 -18.26 51.00
C LEU C 180 9.77 -19.24 50.82
N GLY C 181 9.86 -20.42 51.41
CA GLY C 181 8.79 -21.39 51.37
C GLY C 181 7.64 -21.03 52.29
N GLY C 182 7.94 -20.61 53.51
CA GLY C 182 6.89 -20.22 54.45
C GLY C 182 6.96 -20.89 55.80
N MET C 183 8.12 -21.40 56.18
CA MET C 183 8.29 -22.12 57.43
C MET C 183 9.36 -21.47 58.29
N PRO C 184 9.23 -21.54 59.62
CA PRO C 184 10.34 -21.11 60.49
C PRO C 184 11.37 -22.21 60.65
N ALA C 185 12.56 -21.81 61.11
CA ALA C 185 13.70 -22.71 61.15
C ALA C 185 14.33 -22.75 62.52
N ILE C 186 14.91 -23.90 62.84
CA ILE C 186 15.73 -24.10 64.03
C ILE C 186 17.06 -24.66 63.59
N ILE C 187 18.16 -23.98 63.92
CA ILE C 187 19.48 -24.37 63.48
C ILE C 187 20.22 -25.02 64.64
N LYS C 188 20.73 -26.23 64.40
CA LYS C 188 21.67 -26.88 65.31
C LYS C 188 23.02 -26.96 64.59
N PRO C 189 23.94 -26.03 64.85
CA PRO C 189 25.26 -26.10 64.21
C PRO C 189 26.16 -27.11 64.93
N ALA C 190 27.35 -27.29 64.37
CA ALA C 190 28.34 -28.15 64.99
C ALA C 190 29.03 -27.42 66.12
N THR C 191 29.36 -28.15 67.18
CA THR C 191 29.90 -27.55 68.39
C THR C 191 31.41 -27.31 68.32
N ALA C 192 32.01 -27.36 67.13
CA ALA C 192 33.42 -27.03 66.96
C ALA C 192 33.63 -25.61 66.46
N THR C 193 32.67 -25.06 65.72
CA THR C 193 32.76 -23.71 65.20
C THR C 193 31.42 -22.98 65.28
N ALA C 194 30.71 -23.12 66.40
CA ALA C 194 29.39 -22.51 66.54
C ALA C 194 29.44 -21.01 66.82
N GLN C 195 30.62 -20.45 67.10
CA GLN C 195 30.73 -19.04 67.45
C GLN C 195 30.50 -18.12 66.27
N LEU C 196 30.64 -18.61 65.04
CA LEU C 196 30.30 -17.81 63.88
C LEU C 196 28.80 -17.89 63.59
N THR C 197 28.22 -19.07 63.83
CA THR C 197 26.79 -19.28 63.63
C THR C 197 25.97 -18.45 64.61
N GLN C 198 26.43 -18.32 65.86
CA GLN C 198 25.71 -17.50 66.82
C GLN C 198 25.76 -16.02 66.42
N ALA C 199 26.88 -15.56 65.89
CA ALA C 199 27.00 -14.16 65.47
C ALA C 199 26.12 -13.88 64.26
N MET C 200 26.02 -14.85 63.35
CA MET C 200 25.09 -14.73 62.21
C MET C 200 23.65 -14.64 62.68
N VAL C 201 23.24 -15.51 63.61
CA VAL C 201 21.87 -15.52 64.11
C VAL C 201 21.58 -14.24 64.90
N LYS C 202 22.57 -13.74 65.65
CA LYS C 202 22.39 -12.49 66.39
C LYS C 202 22.26 -11.29 65.46
N SER C 203 23.03 -11.27 64.37
CA SER C 203 22.88 -10.20 63.38
C SER C 203 21.55 -10.28 62.64
N ILE C 204 21.00 -11.49 62.48
CA ILE C 204 19.66 -11.60 61.87
C ILE C 204 18.60 -11.10 62.84
N VAL C 205 18.69 -11.49 64.11
CA VAL C 205 17.63 -11.20 65.08
C VAL C 205 17.63 -9.72 65.46
N ASP C 206 18.80 -9.16 65.75
CA ASP C 206 18.86 -7.77 66.22
C ASP C 206 18.83 -6.76 65.07
N SER C 207 17.88 -6.89 64.15
CA SER C 207 17.66 -5.89 63.11
C SER C 207 16.20 -5.56 62.89
N GLY C 208 15.25 -6.37 63.39
CA GLY C 208 13.85 -6.10 63.19
C GLY C 208 13.34 -6.33 61.79
N LEU C 209 14.03 -7.15 61.01
CA LEU C 209 13.65 -7.38 59.62
C LEU C 209 12.77 -8.62 59.47
N VAL C 210 13.09 -9.71 60.17
CA VAL C 210 12.31 -10.93 60.12
C VAL C 210 11.31 -10.91 61.28
N PRO C 211 10.18 -11.62 61.17
CA PRO C 211 9.26 -11.71 62.31
C PRO C 211 9.87 -12.51 63.46
N GLU C 212 9.24 -12.36 64.63
CA GLU C 212 9.69 -13.11 65.79
C GLU C 212 9.26 -14.57 65.68
N GLY C 213 10.13 -15.47 66.14
CA GLY C 213 9.90 -16.88 66.00
C GLY C 213 10.30 -17.47 64.67
N ALA C 214 10.75 -16.65 63.73
CA ALA C 214 11.11 -17.13 62.41
C ALA C 214 12.50 -17.77 62.36
N ILE C 215 13.27 -17.69 63.43
CA ILE C 215 14.58 -18.32 63.50
C ILE C 215 14.88 -18.67 64.95
N SER C 216 15.47 -19.84 65.16
CA SER C 216 15.92 -20.26 66.48
C SER C 216 17.26 -20.98 66.33
N LEU C 217 17.97 -21.08 67.45
CA LEU C 217 19.33 -21.60 67.46
C LEU C 217 19.53 -22.43 68.71
N ILE C 218 20.14 -23.61 68.57
CA ILE C 218 20.55 -24.42 69.71
C ILE C 218 22.03 -24.70 69.63
N CYS C 219 22.75 -24.37 70.69
CA CYS C 219 24.19 -24.58 70.79
C CYS C 219 24.42 -25.75 71.73
N GLY C 220 25.02 -26.82 71.22
CA GLY C 220 25.11 -28.06 71.92
C GLY C 220 24.18 -29.11 71.35
N SER C 221 23.95 -30.15 72.14
CA SER C 221 23.11 -31.25 71.69
C SER C 221 21.64 -30.85 71.69
N ALA C 222 20.90 -31.36 70.70
CA ALA C 222 19.47 -31.10 70.64
C ALA C 222 18.72 -31.85 71.72
N GLY C 223 19.20 -33.05 72.08
CA GLY C 223 18.69 -33.76 73.23
C GLY C 223 17.39 -34.49 72.99
N ASP C 224 16.29 -33.74 72.99
CA ASP C 224 14.96 -34.35 72.95
C ASP C 224 14.08 -33.58 71.97
N LEU C 225 14.61 -33.25 70.80
CA LEU C 225 13.84 -32.48 69.84
C LEU C 225 13.11 -33.36 68.83
N LEU C 226 13.74 -34.44 68.38
CA LEU C 226 13.16 -35.28 67.35
C LEU C 226 12.04 -36.17 67.86
N ASP C 227 11.88 -36.29 69.18
CA ASP C 227 10.77 -37.03 69.77
C ASP C 227 9.54 -36.17 69.97
N HIS C 228 9.56 -34.92 69.51
CA HIS C 228 8.44 -34.01 69.65
C HIS C 228 7.88 -33.54 68.33
N LEU C 229 8.46 -33.92 67.21
CA LEU C 229 8.05 -33.38 65.92
C LEU C 229 6.77 -34.03 65.42
N ASP C 230 6.02 -33.28 64.63
CA ASP C 230 4.77 -33.70 64.02
C ASP C 230 5.05 -34.04 62.55
N SER C 231 4.03 -34.53 61.84
CA SER C 231 4.18 -34.91 60.44
C SER C 231 4.19 -33.73 59.49
N GLN C 232 4.08 -32.50 59.99
CA GLN C 232 4.19 -31.29 59.18
C GLN C 232 5.57 -30.65 59.28
N ASP C 233 6.54 -31.35 59.87
CA ASP C 233 7.90 -30.86 60.03
C ASP C 233 8.81 -31.52 59.01
N VAL C 234 9.93 -30.86 58.70
CA VAL C 234 10.96 -31.47 57.86
C VAL C 234 12.30 -31.40 58.58
N VAL C 235 13.19 -32.34 58.26
CA VAL C 235 14.53 -32.40 58.85
C VAL C 235 15.55 -32.48 57.74
N THR C 236 16.59 -31.65 57.81
CA THR C 236 17.70 -31.67 56.88
C THR C 236 18.99 -31.96 57.64
N PHE C 237 19.81 -32.88 57.13
CA PHE C 237 21.03 -33.30 57.79
C PHE C 237 22.22 -33.16 56.84
N THR C 238 23.32 -32.62 57.37
CA THR C 238 24.57 -32.48 56.63
C THR C 238 25.70 -32.91 57.56
N GLY C 239 26.37 -34.00 57.21
CA GLY C 239 27.39 -34.56 58.06
C GLY C 239 27.98 -35.83 57.51
N SER C 240 28.55 -36.66 58.38
CA SER C 240 29.09 -37.94 57.93
C SER C 240 27.96 -38.95 57.74
N ALA C 241 28.28 -40.03 57.05
CA ALA C 241 27.29 -41.04 56.72
C ALA C 241 27.06 -42.05 57.83
N ALA C 242 27.78 -41.95 58.94
CA ALA C 242 27.54 -42.82 60.09
C ALA C 242 26.50 -42.25 61.04
N THR C 243 26.44 -40.92 61.17
CA THR C 243 25.46 -40.29 62.04
C THR C 243 24.08 -40.23 61.38
N GLY C 244 24.06 -39.90 60.09
CA GLY C 244 22.80 -39.73 59.38
C GLY C 244 22.01 -41.00 59.16
N GLN C 245 22.67 -42.15 59.24
CA GLN C 245 21.98 -43.43 59.21
C GLN C 245 21.54 -43.88 60.59
N MET C 246 22.03 -43.23 61.65
CA MET C 246 21.45 -43.40 62.97
C MET C 246 20.22 -42.52 63.13
N LEU C 247 20.27 -41.29 62.59
CA LEU C 247 19.13 -40.39 62.68
C LEU C 247 18.02 -40.70 61.70
N ARG C 248 18.27 -41.51 60.68
CA ARG C 248 17.22 -41.87 59.74
C ARG C 248 16.24 -42.86 60.37
N VAL C 249 16.73 -43.75 61.22
CA VAL C 249 15.90 -44.79 61.81
C VAL C 249 15.44 -44.41 63.22
N GLN C 250 15.39 -43.11 63.52
CA GLN C 250 14.82 -42.65 64.79
C GLN C 250 13.32 -42.93 64.76
N PRO C 251 12.75 -43.50 65.82
CA PRO C 251 11.40 -44.09 65.71
C PRO C 251 10.26 -43.08 65.54
N ASN C 252 10.44 -41.82 65.96
CA ASN C 252 9.40 -40.84 65.70
C ASN C 252 9.39 -40.41 64.24
N ILE C 253 10.56 -40.37 63.59
CA ILE C 253 10.65 -39.97 62.19
C ILE C 253 10.04 -41.03 61.29
N VAL C 254 10.26 -42.31 61.60
CA VAL C 254 9.62 -43.35 60.82
C VAL C 254 8.17 -43.59 61.26
N ALA C 255 7.78 -43.16 62.46
CA ALA C 255 6.40 -43.29 62.87
C ALA C 255 5.51 -42.25 62.19
N LYS C 256 5.88 -40.98 62.28
CA LYS C 256 5.07 -39.91 61.70
C LYS C 256 5.32 -39.71 60.22
N SER C 257 6.35 -40.35 59.66
CA SER C 257 6.75 -40.25 58.24
C SER C 257 7.01 -38.80 57.84
N ILE C 258 8.01 -38.21 58.47
CA ILE C 258 8.38 -36.82 58.17
C ILE C 258 9.55 -36.87 57.19
N PRO C 259 9.72 -35.86 56.34
CA PRO C 259 10.85 -35.88 55.39
C PRO C 259 12.19 -35.67 56.09
N PHE C 260 13.16 -36.48 55.68
CA PHE C 260 14.52 -36.44 56.19
C PHE C 260 15.47 -36.42 54.99
N THR C 261 16.13 -35.29 54.79
CA THR C 261 17.05 -35.13 53.66
C THR C 261 18.48 -35.24 54.19
N MET C 262 19.06 -36.43 54.06
CA MET C 262 20.44 -36.67 54.47
C MET C 262 21.37 -36.34 53.31
N GLU C 263 22.48 -35.67 53.61
CA GLU C 263 23.48 -35.41 52.58
C GLU C 263 24.86 -35.59 53.19
N ALA C 264 25.65 -36.52 52.65
CA ALA C 264 26.83 -37.03 53.32
C ALA C 264 28.11 -36.95 52.48
N ASP C 265 29.16 -37.60 52.94
CA ASP C 265 30.49 -37.51 52.35
C ASP C 265 30.54 -38.27 51.02
N SER C 266 31.62 -38.03 50.27
CA SER C 266 31.77 -38.60 48.94
C SER C 266 33.25 -38.72 48.59
N LEU C 267 33.52 -39.32 47.43
CA LEU C 267 34.86 -39.52 46.90
C LEU C 267 34.88 -39.01 45.46
N ASN C 268 35.20 -37.74 45.30
CA ASN C 268 35.07 -37.08 44.00
C ASN C 268 36.26 -37.39 43.12
N CYS C 269 35.99 -37.66 41.85
CA CYS C 269 37.02 -38.08 40.91
C CYS C 269 37.44 -36.91 40.01
N CYS C 270 38.51 -37.13 39.27
CA CYS C 270 39.00 -36.18 38.28
C CYS C 270 39.74 -36.98 37.23
N VAL C 271 39.15 -37.09 36.04
CA VAL C 271 39.62 -38.00 35.01
C VAL C 271 40.34 -37.20 33.94
N LEU C 272 41.51 -37.66 33.53
CA LEU C 272 42.23 -37.11 32.38
C LEU C 272 41.94 -37.96 31.16
N GLY C 273 41.67 -37.30 30.04
CA GLY C 273 41.33 -38.02 28.83
C GLY C 273 42.55 -38.58 28.11
N GLU C 274 42.28 -39.45 27.13
CA GLU C 274 43.34 -40.06 26.36
C GLU C 274 43.96 -39.09 25.37
N ASP C 275 43.18 -38.13 24.86
CA ASP C 275 43.67 -37.24 23.82
C ASP C 275 44.58 -36.14 24.34
N VAL C 276 44.78 -36.02 25.64
CA VAL C 276 45.60 -34.97 26.21
C VAL C 276 47.04 -35.47 26.33
N THR C 277 47.96 -34.71 25.76
CA THR C 277 49.40 -34.94 25.81
C THR C 277 50.07 -33.81 26.58
N PRO C 278 51.27 -34.02 27.16
CA PRO C 278 51.86 -32.98 28.02
C PRO C 278 52.29 -31.69 27.31
N ASP C 279 52.25 -31.62 25.98
CA ASP C 279 52.52 -30.37 25.30
C ASP C 279 51.29 -29.49 25.13
N GLN C 280 50.08 -30.05 25.30
CA GLN C 280 48.85 -29.30 25.13
C GLN C 280 48.64 -28.36 26.30
N PRO C 281 47.82 -27.31 26.12
CA PRO C 281 47.48 -26.44 27.27
C PRO C 281 46.52 -27.08 28.28
N GLU C 282 45.99 -28.26 28.00
CA GLU C 282 45.10 -28.93 28.96
C GLU C 282 45.87 -29.43 30.17
N PHE C 283 47.11 -29.87 29.94
CA PHE C 283 47.90 -30.54 30.98
C PHE C 283 48.32 -29.59 32.09
N ALA C 284 48.40 -28.29 31.83
CA ALA C 284 48.75 -27.35 32.89
C ALA C 284 47.54 -27.02 33.76
N LEU C 285 46.38 -26.80 33.15
CA LEU C 285 45.18 -26.48 33.90
C LEU C 285 44.62 -27.69 34.65
N PHE C 286 44.92 -28.91 34.18
CA PHE C 286 44.61 -30.10 34.97
C PHE C 286 45.34 -30.08 36.31
N ILE C 287 46.65 -29.86 36.28
CA ILE C 287 47.47 -29.82 37.50
C ILE C 287 47.06 -28.65 38.37
N ARG C 288 46.75 -27.49 37.76
CA ARG C 288 46.32 -26.33 38.50
C ARG C 288 45.00 -26.57 39.22
N GLU C 289 44.04 -27.22 38.55
CA GLU C 289 42.75 -27.53 39.16
C GLU C 289 42.89 -28.52 40.30
N VAL C 290 43.70 -29.56 40.11
CA VAL C 290 43.87 -30.58 41.15
C VAL C 290 44.55 -30.00 42.38
N VAL C 291 45.58 -29.18 42.18
CA VAL C 291 46.31 -28.61 43.32
C VAL C 291 45.46 -27.57 44.04
N ARG C 292 44.71 -26.74 43.29
CA ARG C 292 43.85 -25.74 43.94
C ARG C 292 42.72 -26.41 44.72
N GLU C 293 42.13 -27.47 44.17
CA GLU C 293 41.04 -28.13 44.85
C GLU C 293 41.52 -28.97 46.03
N MET C 294 42.77 -29.43 46.00
CA MET C 294 43.29 -30.20 47.12
C MET C 294 43.83 -29.31 48.25
N THR C 295 44.23 -28.07 47.94
CA THR C 295 44.79 -27.20 48.96
C THR C 295 43.86 -26.08 49.44
N THR C 296 42.72 -25.85 48.78
CA THR C 296 41.82 -24.81 49.22
C THR C 296 41.05 -25.26 50.46
N LYS C 297 40.99 -24.39 51.47
CA LYS C 297 40.29 -24.60 52.75
C LYS C 297 40.88 -25.80 53.49
N ALA C 298 42.19 -26.01 53.32
CA ALA C 298 42.99 -27.10 53.92
C ALA C 298 42.42 -28.48 53.60
N GLY C 299 41.76 -28.61 52.44
CA GLY C 299 41.14 -29.88 52.08
C GLY C 299 39.90 -30.22 52.86
N GLN C 300 39.30 -29.25 53.55
CA GLN C 300 38.13 -29.48 54.40
C GLN C 300 36.85 -29.02 53.74
N LYS C 301 36.70 -29.22 52.44
CA LYS C 301 35.42 -29.07 51.78
C LYS C 301 35.00 -30.42 51.21
N CYS C 302 33.67 -30.64 51.19
CA CYS C 302 33.11 -31.92 50.79
C CYS C 302 33.28 -32.20 49.29
N THR C 303 33.47 -31.16 48.50
CA THR C 303 33.56 -31.25 47.05
C THR C 303 35.00 -31.22 46.55
N ALA C 304 35.93 -31.84 47.28
CA ALA C 304 37.34 -31.83 46.93
C ALA C 304 37.73 -33.11 46.18
N ILE C 305 38.73 -32.97 45.31
CA ILE C 305 39.19 -34.09 44.49
C ILE C 305 40.01 -35.04 45.36
N ARG C 306 39.63 -36.32 45.35
CA ARG C 306 40.35 -37.32 46.15
C ARG C 306 40.83 -38.53 45.35
N ARG C 307 40.34 -38.75 44.14
CA ARG C 307 40.80 -39.85 43.30
C ARG C 307 41.15 -39.27 41.93
N ILE C 308 42.43 -39.30 41.57
CA ILE C 308 42.89 -38.77 40.29
C ILE C 308 43.17 -39.96 39.38
N ILE C 309 42.33 -40.12 38.36
CA ILE C 309 42.43 -41.21 37.40
C ILE C 309 43.17 -40.70 36.19
N VAL C 310 44.37 -41.23 35.95
CA VAL C 310 45.18 -40.80 34.81
C VAL C 310 45.42 -42.01 33.90
N PRO C 311 45.69 -41.81 32.60
CA PRO C 311 46.06 -42.95 31.75
C PRO C 311 47.42 -43.53 32.13
N GLN C 312 47.64 -44.76 31.68
CA GLN C 312 48.80 -45.54 32.12
C GLN C 312 50.11 -44.95 31.60
N ALA C 313 50.13 -44.46 30.37
CA ALA C 313 51.35 -43.90 29.80
C ALA C 313 51.72 -42.55 30.37
N LEU C 314 50.80 -41.88 31.05
CA LEU C 314 51.02 -40.53 31.55
C LEU C 314 50.98 -40.46 33.08
N VAL C 315 51.30 -41.56 33.75
CA VAL C 315 51.34 -41.53 35.21
C VAL C 315 52.53 -40.72 35.70
N ASN C 316 53.73 -41.10 35.25
CA ASN C 316 54.95 -40.44 35.71
C ASN C 316 55.08 -39.01 35.22
N ALA C 317 54.38 -38.65 34.14
CA ALA C 317 54.34 -37.25 33.75
C ALA C 317 53.47 -36.43 34.69
N VAL C 318 52.47 -37.05 35.31
CA VAL C 318 51.61 -36.34 36.25
C VAL C 318 52.21 -36.33 37.65
N SER C 319 52.68 -37.49 38.11
CA SER C 319 53.22 -37.61 39.47
C SER C 319 54.51 -36.83 39.67
N ASP C 320 55.22 -36.50 38.60
CA ASP C 320 56.37 -35.61 38.70
C ASP C 320 56.00 -34.14 38.56
N ALA C 321 54.80 -33.84 38.07
CA ALA C 321 54.36 -32.47 37.88
C ALA C 321 53.46 -31.97 39.00
N LEU C 322 52.78 -32.86 39.71
CA LEU C 322 52.01 -32.45 40.88
C LEU C 322 52.93 -32.05 42.02
N VAL C 323 53.93 -32.88 42.32
CA VAL C 323 54.77 -32.72 43.51
C VAL C 323 55.60 -31.44 43.42
N ALA C 324 56.15 -31.15 42.23
CA ALA C 324 56.86 -29.90 42.02
C ALA C 324 55.95 -28.68 42.14
N ARG C 325 54.64 -28.86 41.88
CA ARG C 325 53.67 -27.81 42.14
C ARG C 325 53.26 -27.79 43.61
N LEU C 326 53.37 -28.93 44.29
CA LEU C 326 52.90 -29.04 45.66
C LEU C 326 53.97 -28.74 46.71
N GLN C 327 55.25 -28.83 46.37
CA GLN C 327 56.30 -28.50 47.32
C GLN C 327 56.41 -27.01 47.57
N LYS C 328 55.83 -26.18 46.70
CA LYS C 328 55.84 -24.74 46.84
C LYS C 328 54.72 -24.23 47.76
N VAL C 329 54.01 -25.12 48.45
CA VAL C 329 52.94 -24.71 49.36
C VAL C 329 53.53 -24.58 50.76
N VAL C 330 53.35 -23.42 51.36
CA VAL C 330 53.92 -23.10 52.67
C VAL C 330 52.79 -23.16 53.69
N VAL C 331 52.80 -24.21 54.49
CA VAL C 331 51.78 -24.42 55.53
C VAL C 331 52.21 -23.67 56.78
N GLY C 332 51.32 -22.85 57.33
CA GLY C 332 51.64 -22.12 58.54
C GLY C 332 50.49 -21.27 59.02
N ASP C 333 50.84 -20.25 59.79
CA ASP C 333 49.85 -19.31 60.32
C ASP C 333 49.32 -18.42 59.20
N PRO C 334 47.99 -18.25 59.09
CA PRO C 334 47.45 -17.45 57.97
C PRO C 334 47.67 -15.96 58.11
N ALA C 335 47.95 -15.45 59.31
CA ALA C 335 48.10 -14.02 59.48
C ALA C 335 49.49 -13.54 59.05
N GLN C 336 50.52 -14.34 59.28
CA GLN C 336 51.85 -13.96 58.86
C GLN C 336 52.01 -14.23 57.35
N GLU C 337 52.94 -13.49 56.75
CA GLU C 337 53.05 -13.44 55.30
C GLU C 337 53.76 -14.69 54.76
N GLY C 338 53.52 -14.96 53.47
CA GLY C 338 54.13 -16.08 52.81
C GLY C 338 53.45 -17.42 53.03
N VAL C 339 52.23 -17.42 53.57
CA VAL C 339 51.52 -18.65 53.91
C VAL C 339 50.24 -18.73 53.09
N LYS C 340 50.04 -19.86 52.42
CA LYS C 340 48.87 -20.10 51.60
C LYS C 340 47.89 -21.08 52.22
N MET C 341 48.35 -22.25 52.64
CA MET C 341 47.50 -23.22 53.32
C MET C 341 47.48 -22.91 54.81
N GLY C 342 46.28 -22.89 55.39
CA GLY C 342 46.10 -22.68 56.81
C GLY C 342 46.15 -23.95 57.61
N ALA C 343 45.37 -24.00 58.68
CA ALA C 343 45.37 -25.11 59.62
C ALA C 343 44.08 -25.90 59.49
N LEU C 344 43.98 -26.94 60.32
CA LEU C 344 42.72 -27.66 60.51
C LEU C 344 41.97 -26.96 61.64
N VAL C 345 40.90 -27.57 62.16
CA VAL C 345 40.11 -26.92 63.18
C VAL C 345 40.35 -27.49 64.59
N ASN C 346 40.74 -28.76 64.71
CA ASN C 346 40.95 -29.35 66.02
C ASN C 346 42.10 -30.35 65.94
N ALA C 347 42.51 -30.83 67.12
CA ALA C 347 43.48 -31.92 67.17
C ALA C 347 42.83 -33.27 66.91
N GLU C 348 41.53 -33.40 67.18
CA GLU C 348 40.80 -34.60 66.82
C GLU C 348 40.73 -34.78 65.31
N GLN C 349 40.65 -33.67 64.57
CA GLN C 349 40.72 -33.75 63.11
C GLN C 349 42.11 -34.19 62.65
N ARG C 350 43.17 -33.71 63.31
CA ARG C 350 44.52 -34.13 62.95
C ARG C 350 44.75 -35.61 63.27
N ALA C 351 44.09 -36.14 64.30
CA ALA C 351 44.19 -37.56 64.57
C ALA C 351 43.37 -38.38 63.58
N ASP C 352 42.18 -37.89 63.21
CA ASP C 352 41.28 -38.67 62.36
C ASP C 352 41.76 -38.72 60.92
N VAL C 353 42.28 -37.61 60.39
CA VAL C 353 42.83 -37.61 59.04
C VAL C 353 44.02 -38.56 58.94
N GLN C 354 44.86 -38.58 59.96
CA GLN C 354 46.03 -39.46 59.92
C GLN C 354 45.66 -40.91 60.12
N GLU C 355 44.60 -41.20 60.90
CA GLU C 355 44.20 -42.61 60.99
C GLU C 355 43.51 -43.09 59.72
N LYS C 356 42.84 -42.19 58.99
CA LYS C 356 42.37 -42.56 57.65
C LYS C 356 43.53 -42.80 56.69
N VAL C 357 44.60 -42.00 56.82
CA VAL C 357 45.80 -42.22 56.01
C VAL C 357 46.44 -43.56 56.34
N ASN C 358 46.49 -43.93 57.62
CA ASN C 358 47.03 -45.23 58.00
C ASN C 358 46.12 -46.39 57.59
N ILE C 359 44.81 -46.15 57.44
CA ILE C 359 43.95 -47.17 56.84
C ILE C 359 44.26 -47.32 55.35
N LEU C 360 44.50 -46.20 54.66
CA LEU C 360 44.81 -46.26 53.23
C LEU C 360 46.18 -46.86 52.96
N LEU C 361 47.16 -46.65 53.84
CA LEU C 361 48.52 -47.13 53.64
C LEU C 361 48.70 -48.61 53.89
N ALA C 362 47.64 -49.35 54.23
CA ALA C 362 47.76 -50.80 54.35
C ALA C 362 47.91 -51.49 53.01
N ALA C 363 47.52 -50.84 51.91
CA ALA C 363 47.68 -51.40 50.58
C ALA C 363 48.17 -50.40 49.55
N GLY C 364 48.39 -49.13 49.91
CA GLY C 364 48.77 -48.12 48.94
C GLY C 364 50.26 -47.95 48.78
N CYS C 365 50.69 -46.70 48.58
CA CYS C 365 52.10 -46.38 48.37
C CYS C 365 52.34 -44.99 48.94
N GLU C 366 53.45 -44.36 48.58
CA GLU C 366 53.76 -43.05 49.13
C GLU C 366 54.58 -42.25 48.12
N ILE C 367 54.19 -41.00 47.91
CA ILE C 367 54.88 -40.13 46.97
C ILE C 367 55.41 -38.89 47.70
N ARG C 368 54.70 -38.46 48.74
CA ARG C 368 55.06 -37.22 49.44
C ARG C 368 54.93 -37.41 50.94
N LEU C 369 54.78 -36.29 51.66
CA LEU C 369 54.70 -36.26 53.11
C LEU C 369 53.32 -36.76 53.54
N GLY C 370 53.24 -38.04 53.88
CA GLY C 370 51.97 -38.64 54.23
C GLY C 370 51.75 -38.80 55.71
N GLY C 371 52.01 -40.01 56.22
CA GLY C 371 51.80 -40.34 57.63
C GLY C 371 52.67 -39.58 58.61
N GLN C 372 53.68 -38.86 58.13
CA GLN C 372 54.41 -37.92 58.98
C GLN C 372 53.50 -36.75 59.31
N ALA C 373 53.14 -36.62 60.58
CA ALA C 373 52.32 -35.52 61.05
C ALA C 373 52.64 -35.30 62.52
N ASP C 374 53.03 -34.08 62.88
CA ASP C 374 53.46 -33.77 64.23
C ASP C 374 52.23 -33.70 65.13
N LEU C 375 51.98 -34.78 65.88
CA LEU C 375 50.80 -34.91 66.71
C LEU C 375 50.97 -34.31 68.10
N SER C 376 51.92 -33.39 68.28
CA SER C 376 52.16 -32.76 69.58
C SER C 376 52.31 -31.25 69.47
N ALA C 377 52.02 -30.67 68.31
CA ALA C 377 52.16 -29.24 68.13
C ALA C 377 50.98 -28.50 68.77
N ALA C 378 51.17 -27.20 68.96
CA ALA C 378 50.10 -26.32 69.44
C ALA C 378 49.45 -25.64 68.23
N GLY C 379 48.85 -26.47 67.39
CA GLY C 379 48.25 -26.01 66.15
C GLY C 379 47.92 -27.18 65.25
N ALA C 380 46.75 -27.13 64.61
CA ALA C 380 46.23 -28.28 63.88
C ALA C 380 46.71 -28.22 62.43
N PHE C 381 47.96 -28.64 62.24
CA PHE C 381 48.58 -28.65 60.93
C PHE C 381 48.70 -30.08 60.42
N PHE C 382 48.52 -30.24 59.11
CA PHE C 382 48.73 -31.51 58.46
C PHE C 382 49.35 -31.16 57.12
N PRO C 383 50.40 -31.84 56.69
CA PRO C 383 51.07 -31.48 55.43
C PRO C 383 50.30 -31.99 54.23
N PRO C 384 50.47 -31.38 53.06
CA PRO C 384 49.80 -31.88 51.86
C PRO C 384 50.37 -33.23 51.45
N THR C 385 49.49 -34.08 50.93
CA THR C 385 49.77 -35.51 50.79
C THR C 385 49.28 -36.00 49.44
N LEU C 386 50.13 -36.76 48.74
CA LEU C 386 49.77 -37.41 47.49
C LEU C 386 50.15 -38.88 47.60
N LEU C 387 49.15 -39.75 47.51
CA LEU C 387 49.38 -41.18 47.62
C LEU C 387 49.40 -41.80 46.22
N TYR C 388 49.48 -43.13 46.16
CA TYR C 388 49.52 -43.83 44.89
C TYR C 388 48.99 -45.25 45.10
N CYS C 389 48.29 -45.77 44.11
CA CYS C 389 47.70 -47.11 44.18
C CYS C 389 47.91 -47.80 42.83
N PRO C 390 48.86 -48.74 42.74
CA PRO C 390 49.14 -49.36 41.45
C PRO C 390 48.12 -50.40 41.02
N GLN C 391 47.31 -50.93 41.94
CA GLN C 391 46.25 -51.89 41.63
C GLN C 391 44.92 -51.29 42.07
N PRO C 392 44.25 -50.53 41.19
CA PRO C 392 43.01 -49.86 41.62
C PRO C 392 41.80 -50.77 41.70
N ASP C 393 41.72 -51.77 40.82
CA ASP C 393 40.58 -52.68 40.78
C ASP C 393 40.76 -53.90 41.68
N GLU C 394 41.79 -53.91 42.52
CA GLU C 394 42.01 -54.99 43.48
C GLU C 394 42.17 -54.46 44.91
N THR C 395 41.89 -53.17 45.14
CA THR C 395 42.01 -52.55 46.46
C THR C 395 40.70 -51.83 46.76
N PRO C 396 39.78 -52.46 47.50
CA PRO C 396 38.50 -51.80 47.79
C PRO C 396 38.57 -50.71 48.84
N ALA C 397 39.69 -50.58 49.56
CA ALA C 397 39.80 -49.55 50.58
C ALA C 397 40.04 -48.17 50.01
N VAL C 398 40.48 -48.08 48.75
CA VAL C 398 40.66 -46.79 48.10
C VAL C 398 39.31 -46.16 47.78
N HIS C 399 38.38 -46.97 47.27
CA HIS C 399 37.08 -46.48 46.83
C HIS C 399 36.05 -46.40 47.97
N ALA C 400 36.48 -46.48 49.22
CA ALA C 400 35.54 -46.41 50.33
C ALA C 400 35.97 -45.52 51.48
N THR C 401 37.23 -45.09 51.54
CA THR C 401 37.75 -44.32 52.67
C THR C 401 38.12 -42.92 52.21
N GLU C 402 37.53 -41.91 52.84
CA GLU C 402 37.83 -40.52 52.53
C GLU C 402 38.63 -39.92 53.68
N ALA C 403 39.86 -39.51 53.38
CA ALA C 403 40.71 -38.81 54.34
C ALA C 403 40.39 -37.33 54.23
N PHE C 404 39.70 -36.78 55.23
CA PHE C 404 39.07 -35.46 55.11
C PHE C 404 40.09 -34.38 55.44
N GLY C 405 41.10 -34.28 54.58
CA GLY C 405 42.16 -33.32 54.72
C GLY C 405 42.81 -33.03 53.38
N PRO C 406 44.13 -32.79 53.38
CA PRO C 406 44.83 -32.49 52.12
C PRO C 406 45.21 -33.72 51.30
N VAL C 407 44.62 -34.87 51.61
CA VAL C 407 45.06 -36.16 51.06
C VAL C 407 44.24 -36.48 49.81
N ALA C 408 44.93 -36.96 48.77
CA ALA C 408 44.28 -37.43 47.56
C ALA C 408 45.15 -38.47 46.89
N THR C 409 44.52 -39.52 46.37
CA THR C 409 45.25 -40.64 45.78
C THR C 409 45.20 -40.57 44.25
N LEU C 410 46.18 -41.22 43.62
CA LEU C 410 46.35 -41.23 42.18
C LEU C 410 46.37 -42.67 41.69
N MET C 411 45.79 -42.92 40.53
CA MET C 411 45.67 -44.29 40.03
C MET C 411 45.49 -44.27 38.51
N PRO C 412 46.00 -45.27 37.81
CA PRO C 412 45.93 -45.27 36.35
C PRO C 412 44.70 -45.99 35.80
N ALA C 413 44.54 -45.88 34.48
CA ALA C 413 43.42 -46.46 33.74
C ALA C 413 43.92 -46.93 32.39
N GLN C 414 43.01 -47.55 31.61
CA GLN C 414 43.35 -48.15 30.32
C GLN C 414 42.27 -47.81 29.29
N ASN C 415 42.47 -46.68 28.58
CA ASN C 415 41.82 -46.34 27.32
C ASN C 415 40.29 -46.22 27.46
N GLN C 416 39.87 -45.30 28.35
CA GLN C 416 38.52 -44.75 28.42
C GLN C 416 37.38 -45.73 28.69
N ARG C 417 37.68 -47.01 28.90
CA ARG C 417 36.68 -47.95 29.36
C ARG C 417 37.02 -48.53 30.72
N HIS C 418 38.24 -48.35 31.19
CA HIS C 418 38.57 -48.60 32.58
C HIS C 418 38.41 -47.35 33.41
N ALA C 419 38.61 -46.17 32.81
CA ALA C 419 38.42 -44.91 33.52
C ALA C 419 36.95 -44.64 33.81
N LEU C 420 36.07 -44.98 32.86
CA LEU C 420 34.63 -44.84 33.08
C LEU C 420 34.10 -45.82 34.11
N GLN C 421 34.82 -46.89 34.41
CA GLN C 421 34.43 -47.80 35.47
C GLN C 421 35.05 -47.43 36.81
N LEU C 422 36.28 -46.90 36.80
CA LEU C 422 36.88 -46.40 38.03
C LEU C 422 36.18 -45.13 38.53
N ALA C 423 35.61 -44.35 37.62
CA ALA C 423 34.85 -43.17 38.07
C ALA C 423 33.49 -43.55 38.63
N CYS C 424 32.91 -44.67 38.20
CA CYS C 424 31.64 -45.14 38.72
C CYS C 424 31.78 -46.06 39.91
N ALA C 425 32.98 -46.58 40.18
CA ALA C 425 33.20 -47.47 41.31
C ALA C 425 33.33 -46.75 42.64
N GLY C 426 33.16 -45.43 42.68
CA GLY C 426 33.18 -44.71 43.93
C GLY C 426 31.94 -44.93 44.78
N GLY C 427 30.86 -45.41 44.18
CA GLY C 427 29.67 -45.75 44.93
C GLY C 427 28.69 -44.60 45.11
N GLY C 428 28.64 -43.68 44.17
CA GLY C 428 27.78 -42.52 44.31
C GLY C 428 28.53 -41.33 44.88
N SER C 429 28.79 -40.35 44.04
CA SER C 429 29.66 -39.22 44.40
C SER C 429 28.86 -37.93 44.40
N LEU C 430 29.57 -36.83 44.56
CA LEU C 430 28.95 -35.51 44.70
C LEU C 430 29.40 -34.54 43.62
N ALA C 431 30.59 -34.73 43.05
CA ALA C 431 31.09 -33.90 41.97
C ALA C 431 32.09 -34.70 41.15
N GLY C 432 32.31 -34.27 39.91
CA GLY C 432 33.24 -34.94 39.03
C GLY C 432 33.81 -33.97 38.02
N THR C 433 34.95 -34.35 37.43
CA THR C 433 35.63 -33.49 36.47
C THR C 433 36.23 -34.34 35.37
N LEU C 434 36.04 -33.92 34.13
CA LEU C 434 36.74 -34.49 32.98
C LEU C 434 37.47 -33.38 32.25
N VAL C 435 38.73 -33.60 31.95
CA VAL C 435 39.56 -32.61 31.25
C VAL C 435 39.90 -33.21 29.89
N THR C 436 39.16 -32.81 28.86
CA THR C 436 39.41 -33.24 27.49
C THR C 436 39.30 -32.05 26.55
N ALA C 437 39.46 -32.33 25.26
CA ALA C 437 39.17 -31.38 24.20
C ALA C 437 38.28 -31.94 23.11
N ASP C 438 38.16 -33.26 23.01
CA ASP C 438 37.29 -33.89 22.01
C ASP C 438 35.86 -33.88 22.51
N PRO C 439 34.91 -33.27 21.82
CA PRO C 439 33.53 -33.21 22.30
C PRO C 439 32.72 -34.49 22.12
N GLN C 440 33.34 -35.61 21.79
CA GLN C 440 32.66 -36.90 21.82
C GLN C 440 33.31 -37.87 22.80
N ILE C 441 34.34 -37.44 23.52
CA ILE C 441 34.74 -38.12 24.74
C ILE C 441 33.81 -37.70 25.88
N ALA C 442 33.39 -36.43 25.86
CA ALA C 442 32.49 -35.91 26.89
C ALA C 442 31.11 -36.54 26.80
N ARG C 443 30.64 -36.83 25.58
CA ARG C 443 29.35 -37.49 25.41
C ARG C 443 29.36 -38.91 25.97
N GLN C 444 30.45 -39.65 25.72
CA GLN C 444 30.58 -40.99 26.25
C GLN C 444 30.82 -40.98 27.76
N PHE C 445 31.36 -39.90 28.30
CA PHE C 445 31.53 -39.80 29.74
C PHE C 445 30.21 -39.48 30.43
N ILE C 446 29.41 -38.57 29.86
CA ILE C 446 28.12 -38.22 30.47
C ILE C 446 27.14 -39.38 30.35
N ALA C 447 27.13 -40.08 29.21
CA ALA C 447 26.19 -41.17 29.03
C ALA C 447 26.48 -42.41 29.87
N ASP C 448 27.58 -42.44 30.62
CA ASP C 448 27.93 -43.64 31.38
C ASP C 448 28.25 -43.32 32.84
N ALA C 449 28.67 -42.09 33.13
CA ALA C 449 29.12 -41.74 34.48
C ALA C 449 28.38 -40.53 35.03
N ALA C 450 27.12 -40.34 34.63
CA ALA C 450 26.27 -39.35 35.26
C ALA C 450 25.24 -39.99 36.17
N ARG C 451 25.21 -41.32 36.24
CA ARG C 451 24.32 -42.01 37.15
C ARG C 451 24.76 -41.82 38.59
N THR C 452 26.07 -41.82 38.82
CA THR C 452 26.62 -41.76 40.16
C THR C 452 26.99 -40.35 40.61
N HIS C 453 27.12 -39.41 39.69
CA HIS C 453 27.49 -38.05 40.03
C HIS C 453 26.29 -37.12 39.97
N GLY C 454 26.32 -36.10 40.83
CA GLY C 454 25.28 -35.10 40.84
C GLY C 454 25.68 -33.82 40.16
N ARG C 455 26.97 -33.68 39.84
CA ARG C 455 27.47 -32.52 39.11
C ARG C 455 28.77 -32.92 38.43
N ILE C 456 28.90 -32.62 37.14
CA ILE C 456 30.06 -32.99 36.34
C ILE C 456 30.53 -31.74 35.60
N GLN C 457 31.82 -31.45 35.69
CA GLN C 457 32.42 -30.31 35.00
C GLN C 457 33.35 -30.81 33.89
N ILE C 458 33.09 -30.36 32.68
CA ILE C 458 34.01 -30.58 31.56
C ILE C 458 34.91 -29.36 31.46
N LEU C 459 36.22 -29.58 31.42
CA LEU C 459 37.19 -28.52 31.50
C LEU C 459 38.08 -28.53 30.27
N ASN C 460 38.19 -27.37 29.62
CA ASN C 460 39.07 -27.22 28.46
C ASN C 460 39.59 -25.78 28.47
N GLU C 461 40.13 -25.34 27.33
CA GLU C 461 40.77 -24.04 27.27
C GLU C 461 39.76 -22.89 27.28
N GLU C 462 38.62 -23.07 26.63
CA GLU C 462 37.62 -22.00 26.57
C GLU C 462 36.93 -21.81 27.92
N SER C 463 36.66 -22.92 28.62
CA SER C 463 35.91 -22.86 29.87
C SER C 463 36.75 -22.37 31.05
N ALA C 464 38.07 -22.49 30.99
CA ALA C 464 38.91 -22.30 32.16
C ALA C 464 39.09 -20.85 32.56
N LYS C 465 38.67 -19.88 31.74
CA LYS C 465 38.86 -18.48 32.07
C LYS C 465 37.90 -18.03 33.16
N GLU C 466 36.61 -18.24 32.95
CA GLU C 466 35.59 -17.80 33.89
C GLU C 466 34.87 -18.96 34.58
N SER C 467 35.53 -20.12 34.66
CA SER C 467 35.01 -21.23 35.44
C SER C 467 35.03 -20.91 36.93
N THR C 468 34.07 -21.47 37.65
CA THR C 468 34.01 -21.28 39.09
C THR C 468 34.79 -22.34 39.85
N GLY C 469 35.01 -23.50 39.27
CA GLY C 469 35.83 -24.53 39.87
C GLY C 469 35.08 -25.84 40.05
N HIS C 470 35.86 -26.85 40.42
CA HIS C 470 35.29 -28.16 40.74
C HIS C 470 34.44 -28.12 42.00
N GLY C 471 34.85 -27.33 42.98
CA GLY C 471 34.23 -27.42 44.29
C GLY C 471 33.45 -26.21 44.76
N SER C 472 32.80 -25.49 43.84
CA SER C 472 31.98 -24.35 44.20
C SER C 472 30.52 -24.65 43.90
N PRO C 473 29.71 -24.98 44.92
CA PRO C 473 28.28 -25.21 44.67
C PRO C 473 27.54 -23.92 44.38
N LEU C 474 27.02 -23.79 43.16
CA LEU C 474 26.26 -22.63 42.78
C LEU C 474 24.84 -22.73 43.34
N PRO C 475 24.21 -21.60 43.70
CA PRO C 475 22.87 -21.65 44.29
C PRO C 475 21.74 -21.92 43.32
N GLN C 476 22.04 -22.25 42.06
CA GLN C 476 21.03 -22.56 41.07
C GLN C 476 21.39 -23.81 40.27
N LEU C 477 22.22 -24.67 40.85
CA LEU C 477 22.57 -25.97 40.30
C LEU C 477 22.44 -27.00 41.41
N VAL C 478 21.96 -28.19 41.06
CA VAL C 478 21.59 -29.21 42.03
C VAL C 478 22.82 -29.71 42.79
N HIS C 479 22.77 -29.61 44.12
CA HIS C 479 23.85 -30.07 45.00
C HIS C 479 23.37 -31.33 45.71
N GLY C 480 23.93 -32.47 45.32
CA GLY C 480 23.54 -33.74 45.90
C GLY C 480 24.12 -34.87 45.08
N GLY C 481 23.86 -36.09 45.54
CA GLY C 481 24.32 -37.26 44.84
C GLY C 481 23.66 -38.53 45.33
N PRO C 482 23.71 -39.58 44.52
CA PRO C 482 23.12 -40.86 44.94
C PRO C 482 24.05 -41.66 45.83
N GLY C 483 23.50 -42.74 46.39
CA GLY C 483 24.28 -43.76 47.06
C GLY C 483 24.99 -43.34 48.33
N ARG C 484 26.32 -43.24 48.25
CA ARG C 484 27.14 -42.87 49.39
C ARG C 484 27.07 -41.38 49.69
N ALA C 485 26.69 -40.57 48.70
CA ALA C 485 26.57 -39.12 48.86
C ALA C 485 25.26 -38.70 49.51
N GLY C 486 24.45 -39.64 49.99
CA GLY C 486 23.31 -39.32 50.80
C GLY C 486 21.95 -39.61 50.18
N GLY C 487 21.79 -39.29 48.90
CA GLY C 487 20.51 -39.46 48.26
C GLY C 487 19.59 -38.26 48.28
N GLY C 488 20.07 -37.11 48.73
CA GLY C 488 19.27 -35.91 48.82
C GLY C 488 19.68 -34.88 47.78
N GLU C 489 18.88 -33.81 47.71
CA GLU C 489 19.17 -32.70 46.81
C GLU C 489 18.93 -31.39 47.53
N GLU C 490 19.81 -30.43 47.29
CA GLU C 490 19.66 -29.06 47.74
C GLU C 490 20.00 -28.13 46.58
N LEU C 491 19.68 -26.85 46.77
CA LEU C 491 20.15 -25.74 45.93
C LEU C 491 19.74 -25.87 44.46
N GLY C 492 18.61 -26.50 44.18
CA GLY C 492 18.29 -26.73 42.78
C GLY C 492 17.72 -25.57 42.02
N GLY C 493 17.71 -24.37 42.61
CA GLY C 493 16.97 -23.25 42.06
C GLY C 493 15.69 -23.04 42.84
N LEU C 494 14.56 -23.03 42.13
CA LEU C 494 13.27 -23.10 42.79
C LEU C 494 12.84 -24.53 43.07
N ARG C 495 13.72 -25.50 42.79
CA ARG C 495 13.46 -26.88 43.18
C ARG C 495 13.62 -27.07 44.69
N ALA C 496 14.29 -26.16 45.37
CA ALA C 496 14.54 -26.28 46.80
C ALA C 496 13.42 -25.71 47.66
N VAL C 497 12.66 -24.74 47.15
CA VAL C 497 11.53 -24.22 47.91
C VAL C 497 10.33 -25.14 47.87
N LYS C 498 10.34 -26.14 46.99
CA LYS C 498 9.27 -27.13 46.92
C LYS C 498 9.47 -28.28 47.91
N HIS C 499 10.61 -28.32 48.59
CA HIS C 499 10.81 -29.29 49.67
C HIS C 499 10.14 -28.88 50.96
N TYR C 500 9.56 -27.68 51.02
CA TYR C 500 8.89 -27.17 52.20
C TYR C 500 7.43 -26.88 51.91
N MET C 501 6.88 -27.51 50.88
CA MET C 501 5.53 -27.28 50.42
C MET C 501 4.85 -28.60 50.12
N GLN C 502 3.52 -28.59 50.23
CA GLN C 502 2.68 -29.71 49.85
C GLN C 502 2.04 -29.42 48.50
N ARG C 503 2.14 -30.38 47.58
CA ARG C 503 1.52 -30.31 46.27
C ARG C 503 0.17 -31.02 46.30
N THR C 504 -0.85 -30.34 45.80
CA THR C 504 -2.22 -30.82 45.84
C THR C 504 -2.81 -30.72 44.44
N ALA C 505 -3.65 -31.67 44.06
CA ALA C 505 -4.33 -31.65 42.76
C ALA C 505 -5.78 -31.26 42.99
N VAL C 506 -6.14 -30.03 42.65
CA VAL C 506 -7.48 -29.52 42.90
C VAL C 506 -8.33 -29.72 41.65
N GLN C 507 -9.54 -30.23 41.84
CA GLN C 507 -10.45 -30.58 40.76
C GLN C 507 -11.74 -29.78 40.87
N GLY C 508 -12.37 -29.50 39.74
CA GLY C 508 -13.66 -28.84 39.75
C GLY C 508 -13.96 -28.18 38.42
N SER C 509 -14.95 -27.31 38.43
CA SER C 509 -15.25 -26.50 37.27
C SER C 509 -14.16 -25.44 37.10
N PRO C 510 -13.96 -24.93 35.88
CA PRO C 510 -12.94 -23.89 35.69
C PRO C 510 -13.28 -22.57 36.38
N THR C 511 -14.56 -22.24 36.51
CA THR C 511 -14.96 -21.04 37.24
C THR C 511 -14.79 -21.18 38.75
N MET C 512 -14.58 -22.39 39.24
CA MET C 512 -14.26 -22.63 40.64
C MET C 512 -12.77 -22.78 40.88
N LEU C 513 -12.03 -23.26 39.87
CA LEU C 513 -10.57 -23.27 39.93
C LEU C 513 -9.99 -21.88 39.74
N ALA C 514 -10.71 -20.98 39.07
CA ALA C 514 -10.20 -19.63 38.87
C ALA C 514 -10.32 -18.75 40.12
N ALA C 515 -11.23 -19.08 41.03
CA ALA C 515 -11.34 -18.32 42.26
C ALA C 515 -10.40 -18.80 43.35
N ILE C 516 -10.00 -20.08 43.30
CA ILE C 516 -9.05 -20.61 44.27
C ILE C 516 -7.65 -20.08 43.97
N SER C 517 -7.25 -20.06 42.71
CA SER C 517 -5.89 -19.68 42.34
C SER C 517 -5.73 -18.19 42.09
N LYS C 518 -6.83 -17.42 42.15
CA LYS C 518 -6.87 -15.96 41.89
C LYS C 518 -6.31 -15.60 40.51
N GLN C 519 -6.60 -16.44 39.53
CA GLN C 519 -6.28 -16.15 38.13
C GLN C 519 -7.52 -16.36 37.28
N TRP C 520 -7.39 -16.28 35.95
CA TRP C 520 -8.43 -16.69 35.03
C TRP C 520 -7.91 -17.90 34.28
N VAL C 521 -8.76 -18.91 34.06
CA VAL C 521 -8.15 -20.16 33.63
C VAL C 521 -8.47 -20.50 32.18
N ARG C 522 -9.67 -20.97 31.87
CA ARG C 522 -10.06 -21.06 30.46
C ARG C 522 -11.56 -20.82 30.24
N GLY C 523 -12.38 -21.28 31.18
CA GLY C 523 -13.81 -21.31 30.98
C GLY C 523 -14.55 -20.68 32.13
N ALA C 524 -13.84 -19.86 32.90
CA ALA C 524 -14.44 -19.16 34.01
C ALA C 524 -15.36 -18.06 33.50
N LYS C 525 -16.17 -17.52 34.41
CA LYS C 525 -17.02 -16.39 34.04
C LYS C 525 -16.16 -15.14 33.87
N VAL C 526 -16.68 -14.20 33.08
CA VAL C 526 -15.96 -12.99 32.76
C VAL C 526 -16.71 -11.81 33.36
N GLU C 527 -16.15 -10.61 33.21
CA GLU C 527 -16.79 -9.40 33.74
C GLU C 527 -16.57 -8.29 32.71
N GLU C 528 -17.54 -8.15 31.81
CA GLU C 528 -17.53 -7.08 30.81
C GLU C 528 -18.13 -5.83 31.45
N ASP C 529 -17.38 -4.72 31.43
CA ASP C 529 -17.66 -3.61 32.33
C ASP C 529 -17.62 -2.27 31.64
N ARG C 530 -18.00 -2.21 30.35
CA ARG C 530 -18.49 -1.03 29.65
C ARG C 530 -17.40 0.01 29.34
N ILE C 531 -16.20 -0.14 29.91
CA ILE C 531 -15.05 0.66 29.52
C ILE C 531 -13.92 -0.28 29.15
N HIS C 532 -12.95 0.26 28.45
CA HIS C 532 -11.88 -0.51 27.84
C HIS C 532 -10.89 -1.00 28.91
N PRO C 533 -10.44 -2.25 28.84
CA PRO C 533 -9.54 -2.77 29.88
C PRO C 533 -8.15 -2.15 29.87
N PHE C 534 -7.70 -1.56 28.76
CA PHE C 534 -6.41 -0.86 28.76
C PHE C 534 -6.51 0.56 29.30
N ARG C 535 -7.65 0.98 29.83
CA ARG C 535 -7.82 2.28 30.44
C ARG C 535 -7.78 2.23 31.96
N LYS C 536 -7.67 1.04 32.55
CA LYS C 536 -7.64 0.90 33.99
C LYS C 536 -6.21 0.93 34.50
N TYR C 537 -6.06 1.38 35.75
CA TYR C 537 -4.78 1.27 36.43
C TYR C 537 -4.60 -0.13 36.99
N PHE C 538 -3.46 -0.36 37.62
CA PHE C 538 -3.13 -1.68 38.13
C PHE C 538 -3.99 -2.04 39.33
N GLU C 539 -4.39 -1.07 40.14
CA GLU C 539 -5.14 -1.35 41.35
C GLU C 539 -6.62 -1.58 41.11
N GLU C 540 -7.10 -1.44 39.89
CA GLU C 540 -8.51 -1.66 39.59
C GLU C 540 -8.74 -2.71 38.51
N LEU C 541 -7.69 -3.33 37.99
CA LEU C 541 -7.84 -4.52 37.17
C LEU C 541 -8.02 -5.75 38.06
N GLN C 542 -9.01 -6.56 37.74
CA GLN C 542 -9.21 -7.84 38.39
C GLN C 542 -9.07 -8.95 37.35
N PRO C 543 -8.57 -10.13 37.73
CA PRO C 543 -8.46 -11.25 36.78
C PRO C 543 -9.82 -11.75 36.31
N GLY C 544 -10.12 -11.54 35.04
CA GLY C 544 -11.41 -11.87 34.50
C GLY C 544 -12.11 -10.67 33.89
N ASP C 545 -11.37 -9.59 33.68
CA ASP C 545 -11.89 -8.41 32.98
C ASP C 545 -11.72 -8.65 31.49
N SER C 546 -12.84 -8.76 30.78
CA SER C 546 -12.84 -9.23 29.40
C SER C 546 -13.28 -8.14 28.45
N LEU C 547 -12.87 -8.30 27.19
CA LEU C 547 -13.25 -7.43 26.10
C LEU C 547 -13.52 -8.26 24.86
N LEU C 548 -14.67 -8.05 24.23
CA LEU C 548 -15.04 -8.71 22.98
C LEU C 548 -14.96 -7.66 21.87
N THR C 549 -14.04 -7.87 20.93
CA THR C 549 -13.70 -6.89 19.92
C THR C 549 -14.69 -6.95 18.77
N PRO C 550 -14.70 -5.95 17.88
CA PRO C 550 -15.45 -6.10 16.62
C PRO C 550 -14.73 -7.05 15.67
N ARG C 551 -15.43 -7.36 14.58
CA ARG C 551 -15.00 -8.38 13.63
C ARG C 551 -14.15 -7.76 12.51
N ARG C 552 -13.54 -8.64 11.71
CA ARG C 552 -12.85 -8.20 10.51
C ARG C 552 -12.87 -9.34 9.49
N THR C 553 -13.26 -9.03 8.25
CA THR C 553 -13.35 -10.05 7.21
C THR C 553 -12.02 -10.17 6.50
N MET C 554 -11.43 -11.37 6.53
CA MET C 554 -10.20 -11.62 5.79
C MET C 554 -10.52 -11.80 4.32
N THR C 555 -9.74 -11.14 3.47
CA THR C 555 -9.98 -11.16 2.03
C THR C 555 -8.69 -11.48 1.30
N GLU C 556 -8.79 -11.66 -0.01
CA GLU C 556 -7.64 -12.03 -0.83
C GLU C 556 -6.64 -10.90 -0.96
N ALA C 557 -7.09 -9.64 -0.82
CA ALA C 557 -6.18 -8.52 -0.89
C ALA C 557 -5.30 -8.41 0.34
N ASP C 558 -5.77 -8.90 1.49
CA ASP C 558 -4.99 -8.83 2.72
C ASP C 558 -3.78 -9.74 2.68
N ILE C 559 -3.92 -10.93 2.07
CA ILE C 559 -2.80 -11.84 1.89
C ILE C 559 -1.73 -11.20 1.03
N VAL C 560 -2.15 -10.52 -0.03
CA VAL C 560 -1.22 -9.90 -0.96
C VAL C 560 -0.51 -8.71 -0.32
N ASN C 561 -1.24 -7.87 0.42
CA ASN C 561 -0.62 -6.72 1.06
C ASN C 561 0.33 -7.14 2.18
N PHE C 562 -0.02 -8.16 2.96
CA PHE C 562 0.88 -8.58 4.02
C PHE C 562 2.11 -9.31 3.48
N ALA C 563 1.95 -10.09 2.40
CA ALA C 563 3.09 -10.77 1.82
C ALA C 563 4.01 -9.80 1.08
N CYS C 564 3.46 -8.71 0.56
CA CYS C 564 4.30 -7.68 -0.04
C CYS C 564 5.04 -6.89 1.01
N LEU C 565 4.36 -6.49 2.08
CA LEU C 565 4.99 -5.64 3.09
C LEU C 565 6.00 -6.40 3.93
N SER C 566 5.68 -7.64 4.33
CA SER C 566 6.62 -8.39 5.15
C SER C 566 7.75 -8.99 4.31
N GLY C 567 7.41 -9.66 3.21
CA GLY C 567 8.38 -10.33 2.37
C GLY C 567 8.26 -11.83 2.35
N ASP C 568 7.28 -12.41 3.03
CA ASP C 568 7.10 -13.85 3.12
C ASP C 568 6.26 -14.28 1.92
N HIS C 569 6.93 -14.61 0.82
CA HIS C 569 6.27 -15.13 -0.38
C HIS C 569 6.27 -16.66 -0.39
N PHE C 570 5.72 -17.24 0.68
CA PHE C 570 5.67 -18.69 0.83
C PHE C 570 4.67 -19.28 -0.16
N TYR C 571 4.86 -20.56 -0.52
CA TYR C 571 4.08 -21.14 -1.62
C TYR C 571 2.64 -21.43 -1.21
N ALA C 572 2.36 -21.59 0.08
CA ALA C 572 1.00 -21.81 0.55
C ALA C 572 0.18 -20.54 0.61
N HIS C 573 0.78 -19.38 0.32
CA HIS C 573 0.08 -18.11 0.39
C HIS C 573 0.08 -17.35 -0.92
N MET C 574 1.09 -17.54 -1.77
CA MET C 574 1.25 -16.77 -3.00
C MET C 574 1.12 -17.61 -4.26
N ASP C 575 0.90 -18.91 -4.14
CA ASP C 575 0.78 -19.78 -5.30
C ASP C 575 -0.57 -20.48 -5.25
N LYS C 576 -1.09 -20.81 -6.43
CA LYS C 576 -2.39 -21.46 -6.55
C LYS C 576 -2.30 -22.90 -7.02
N ILE C 577 -1.30 -23.21 -7.85
CA ILE C 577 -1.09 -24.58 -8.30
C ILE C 577 -0.53 -25.44 -7.18
N ALA C 578 0.51 -24.95 -6.51
CA ALA C 578 1.18 -25.73 -5.49
C ALA C 578 0.38 -25.79 -4.19
N ALA C 579 -0.51 -24.85 -3.95
CA ALA C 579 -1.34 -24.89 -2.76
C ALA C 579 -2.48 -25.89 -2.87
N ALA C 580 -2.90 -26.21 -4.10
CA ALA C 580 -3.94 -27.22 -4.30
C ALA C 580 -3.42 -28.63 -4.09
N GLU C 581 -2.11 -28.83 -4.14
CA GLU C 581 -1.50 -30.13 -3.92
C GLU C 581 -0.97 -30.30 -2.50
N SER C 582 -1.24 -29.34 -1.62
CA SER C 582 -0.72 -29.35 -0.27
C SER C 582 -1.79 -29.86 0.70
N ILE C 583 -1.49 -29.77 2.00
CA ILE C 583 -2.39 -30.29 3.02
C ILE C 583 -3.59 -29.36 3.21
N PHE C 584 -3.44 -28.07 2.90
CA PHE C 584 -4.52 -27.11 3.15
C PHE C 584 -5.58 -27.12 2.08
N GLY C 585 -5.26 -27.53 0.85
CA GLY C 585 -6.22 -27.61 -0.23
C GLY C 585 -6.32 -26.35 -1.07
N GLU C 586 -6.17 -25.19 -0.46
CA GLU C 586 -6.13 -23.92 -1.18
C GLU C 586 -5.25 -22.96 -0.39
N ARG C 587 -4.99 -21.80 -0.97
CA ARG C 587 -4.04 -20.88 -0.35
C ARG C 587 -4.73 -20.09 0.76
N VAL C 588 -3.97 -19.86 1.84
CA VAL C 588 -4.55 -19.42 3.11
C VAL C 588 -3.93 -18.10 3.55
N VAL C 589 -4.34 -17.60 4.70
CA VAL C 589 -3.83 -16.37 5.29
C VAL C 589 -2.65 -16.72 6.18
N HIS C 590 -1.63 -15.85 6.20
CA HIS C 590 -0.47 -15.99 7.05
C HIS C 590 -0.87 -16.08 8.53
N GLY C 591 -0.06 -16.78 9.32
CA GLY C 591 -0.31 -16.82 10.75
C GLY C 591 0.03 -15.51 11.44
N TYR C 592 1.08 -14.84 10.98
CA TYR C 592 1.49 -13.58 11.57
C TYR C 592 0.54 -12.46 11.21
N PHE C 593 -0.20 -12.56 10.10
CA PHE C 593 -1.21 -11.56 9.81
C PHE C 593 -2.41 -11.72 10.72
N VAL C 594 -2.74 -12.96 11.09
CA VAL C 594 -3.76 -13.20 12.09
C VAL C 594 -3.32 -12.65 13.44
N LEU C 595 -2.03 -12.85 13.76
CA LEU C 595 -1.47 -12.35 15.02
C LEU C 595 -1.45 -10.82 15.09
N SER C 596 -1.23 -10.14 13.96
CA SER C 596 -1.15 -8.69 13.93
C SER C 596 -2.53 -8.03 13.80
N ALA C 597 -3.42 -8.62 12.99
CA ALA C 597 -4.78 -8.12 12.90
C ALA C 597 -5.60 -8.47 14.14
N ALA C 598 -5.14 -9.42 14.96
CA ALA C 598 -5.75 -9.58 16.27
C ALA C 598 -5.41 -8.43 17.19
N ALA C 599 -4.14 -8.01 17.19
CA ALA C 599 -3.72 -6.89 18.02
C ALA C 599 -4.26 -5.56 17.51
N GLY C 600 -4.58 -5.46 16.23
CA GLY C 600 -5.22 -4.25 15.73
C GLY C 600 -6.65 -4.06 16.22
N LEU C 601 -7.27 -5.07 16.83
CA LEU C 601 -8.65 -4.99 17.29
C LEU C 601 -8.81 -4.62 18.76
N PHE C 602 -7.89 -5.01 19.64
CA PHE C 602 -8.06 -4.70 21.05
C PHE C 602 -7.14 -3.60 21.60
N VAL C 603 -6.12 -3.19 20.87
CA VAL C 603 -5.17 -2.21 21.40
C VAL C 603 -5.78 -0.83 21.36
N ASP C 604 -5.87 -0.19 22.52
CA ASP C 604 -6.35 1.19 22.63
C ASP C 604 -5.25 2.14 22.17
N ALA C 605 -5.65 3.22 21.52
CA ALA C 605 -4.72 4.11 20.85
C ALA C 605 -4.23 5.25 21.71
N GLY C 606 -5.04 5.72 22.66
CA GLY C 606 -4.68 6.88 23.44
C GLY C 606 -3.63 6.58 24.49
N VAL C 607 -3.12 7.66 25.10
CA VAL C 607 -2.15 7.55 26.17
C VAL C 607 -2.84 7.10 27.44
N GLY C 608 -2.37 5.99 28.01
CA GLY C 608 -2.97 5.44 29.20
C GLY C 608 -1.95 4.77 30.10
N PRO C 609 -2.43 3.85 30.95
CA PRO C 609 -1.53 3.18 31.89
C PRO C 609 -0.63 2.14 31.25
N VAL C 610 -0.99 1.59 30.09
CA VAL C 610 -0.15 0.59 29.43
C VAL C 610 1.10 1.26 28.86
N ILE C 611 2.26 0.72 29.20
CA ILE C 611 3.54 1.33 28.88
C ILE C 611 4.22 0.58 27.73
N ALA C 612 4.46 -0.71 27.92
CA ALA C 612 5.17 -1.51 26.92
C ALA C 612 4.50 -2.87 26.80
N ASN C 613 4.86 -3.59 25.74
CA ASN C 613 4.32 -4.92 25.47
C ASN C 613 5.33 -6.01 25.72
N TYR C 614 6.44 -6.02 24.98
CA TYR C 614 7.67 -6.80 25.16
C TYR C 614 7.50 -8.32 25.27
N GLY C 615 6.33 -8.87 25.03
CA GLY C 615 6.10 -10.26 25.37
C GLY C 615 5.06 -10.94 24.52
N LEU C 616 5.30 -12.23 24.25
CA LEU C 616 4.33 -13.13 23.67
C LEU C 616 4.73 -14.51 24.16
N GLU C 617 3.84 -15.21 24.84
CA GLU C 617 4.29 -16.31 25.69
C GLU C 617 4.14 -17.69 25.05
N SER C 618 2.97 -18.06 24.53
CA SER C 618 2.81 -19.40 23.98
C SER C 618 1.78 -19.36 22.85
N LEU C 619 2.26 -19.31 21.62
CA LEU C 619 1.41 -19.21 20.44
C LEU C 619 1.32 -20.57 19.74
N ARG C 620 0.09 -21.01 19.48
CA ARG C 620 -0.16 -22.19 18.66
C ARG C 620 -1.25 -21.85 17.66
N PHE C 621 -1.03 -22.20 16.40
CA PHE C 621 -2.04 -22.05 15.36
C PHE C 621 -2.77 -23.38 15.19
N ILE C 622 -4.09 -23.34 15.25
CA ILE C 622 -4.89 -24.56 15.35
C ILE C 622 -5.56 -24.91 14.03
N GLU C 623 -6.42 -24.02 13.54
CA GLU C 623 -7.09 -24.22 12.27
C GLU C 623 -6.68 -23.10 11.30
N PRO C 624 -6.66 -23.37 10.00
CA PRO C 624 -6.26 -22.33 9.05
C PRO C 624 -7.37 -21.32 8.80
N VAL C 625 -6.96 -20.11 8.42
CA VAL C 625 -7.87 -19.00 8.11
C VAL C 625 -7.82 -18.76 6.62
N LYS C 626 -8.99 -18.64 5.99
CA LYS C 626 -9.11 -18.56 4.54
C LYS C 626 -9.67 -17.19 4.15
N PRO C 627 -9.70 -16.83 2.86
CA PRO C 627 -10.44 -15.63 2.47
C PRO C 627 -11.94 -15.85 2.51
N GLY C 628 -12.67 -14.79 2.85
CA GLY C 628 -14.10 -14.87 3.03
C GLY C 628 -14.44 -15.49 4.37
N ASP C 629 -13.86 -14.92 5.43
CA ASP C 629 -13.83 -15.56 6.74
C ASP C 629 -13.57 -14.48 7.77
N THR C 630 -14.49 -14.31 8.71
CA THR C 630 -14.36 -13.22 9.68
C THR C 630 -13.52 -13.65 10.88
N ILE C 631 -13.00 -12.66 11.59
CA ILE C 631 -12.11 -12.83 12.72
C ILE C 631 -12.58 -11.94 13.85
N GLN C 632 -12.72 -12.51 15.05
CA GLN C 632 -13.10 -11.76 16.24
C GLN C 632 -12.26 -12.24 17.42
N VAL C 633 -11.86 -11.29 18.26
CA VAL C 633 -10.84 -11.50 19.29
C VAL C 633 -11.47 -11.27 20.66
N ARG C 634 -11.12 -12.13 21.63
CA ARG C 634 -11.53 -12.00 23.01
C ARG C 634 -10.28 -11.83 23.87
N LEU C 635 -10.26 -10.76 24.67
CA LEU C 635 -9.08 -10.37 25.46
C LEU C 635 -9.43 -10.37 26.94
N THR C 636 -8.71 -11.14 27.75
CA THR C 636 -9.07 -11.22 29.16
C THR C 636 -7.88 -11.30 30.09
N CYS C 637 -7.98 -10.63 31.23
CA CYS C 637 -6.86 -10.52 32.17
C CYS C 637 -6.64 -11.84 32.91
N LYS C 638 -5.39 -12.10 33.28
CA LYS C 638 -5.05 -13.43 33.76
C LYS C 638 -4.25 -13.45 35.05
N ARG C 639 -3.31 -12.51 35.25
CA ARG C 639 -2.33 -12.59 36.34
C ARG C 639 -1.62 -11.25 36.53
N LYS C 640 -1.56 -10.73 37.77
CA LYS C 640 -1.17 -9.33 37.99
C LYS C 640 0.27 -9.14 38.48
N THR C 641 0.63 -9.66 39.65
CA THR C 641 2.02 -9.84 40.13
C THR C 641 2.88 -8.57 40.08
N LEU C 642 2.58 -7.61 40.96
CA LEU C 642 3.22 -6.29 40.95
C LEU C 642 4.74 -6.36 41.20
N LYS C 643 5.38 -5.20 40.97
CA LYS C 643 6.81 -4.99 41.19
C LYS C 643 7.01 -4.01 42.33
N LYS C 644 8.24 -3.94 42.83
CA LYS C 644 8.49 -3.42 44.17
C LYS C 644 9.07 -2.02 44.25
N GLN C 645 9.38 -1.36 43.12
CA GLN C 645 9.83 0.04 43.06
C GLN C 645 11.10 0.25 43.88
N ARG C 646 12.20 -0.29 43.35
CA ARG C 646 13.48 -0.36 44.05
C ARG C 646 14.08 1.00 44.43
N SER C 647 13.62 2.09 43.83
CA SER C 647 14.06 3.42 44.23
C SER C 647 12.85 4.31 44.51
N ALA C 648 13.09 5.60 44.71
CA ALA C 648 12.01 6.57 44.83
C ALA C 648 11.91 7.48 43.61
N GLU C 649 12.93 7.50 42.76
CA GLU C 649 12.88 8.24 41.50
C GLU C 649 11.99 7.53 40.48
N GLU C 650 11.92 6.20 40.54
CA GLU C 650 11.24 5.41 39.53
C GLU C 650 9.72 5.52 39.68
N LYS C 651 9.03 5.03 38.65
CA LYS C 651 7.58 4.90 38.46
C LYS C 651 7.10 3.57 39.02
N PRO C 652 6.00 3.56 39.78
CA PRO C 652 5.43 2.29 40.21
C PRO C 652 4.75 1.57 39.05
N THR C 653 4.86 0.25 39.03
CA THR C 653 4.45 -0.52 37.87
C THR C 653 4.10 -1.94 38.31
N GLY C 654 3.56 -2.70 37.35
CA GLY C 654 3.25 -4.11 37.54
C GLY C 654 3.31 -4.78 36.18
N VAL C 655 3.18 -6.11 36.18
CA VAL C 655 3.30 -6.89 34.95
C VAL C 655 2.03 -7.74 34.78
N VAL C 656 1.05 -7.19 34.09
CA VAL C 656 -0.21 -7.87 33.85
C VAL C 656 -0.07 -8.77 32.62
N GLU C 657 -0.59 -9.98 32.72
CA GLU C 657 -0.64 -10.93 31.61
C GLU C 657 -2.07 -11.04 31.10
N TRP C 658 -2.25 -10.91 29.79
CA TRP C 658 -3.54 -11.09 29.16
C TRP C 658 -3.55 -12.35 28.31
N ALA C 659 -4.73 -12.96 28.18
CA ALA C 659 -4.96 -14.10 27.33
C ALA C 659 -5.81 -13.68 26.13
N VAL C 660 -5.36 -14.04 24.94
CA VAL C 660 -5.98 -13.66 23.68
C VAL C 660 -6.55 -14.91 23.03
N GLU C 661 -7.81 -14.84 22.61
CA GLU C 661 -8.49 -15.97 21.98
C GLU C 661 -9.18 -15.48 20.71
N VAL C 662 -8.74 -15.96 19.56
CA VAL C 662 -9.28 -15.56 18.27
C VAL C 662 -10.27 -16.64 17.82
N PHE C 663 -11.35 -16.24 17.17
CA PHE C 663 -12.28 -17.21 16.59
C PHE C 663 -12.98 -16.62 15.37
N ASN C 664 -13.53 -17.51 14.55
CA ASN C 664 -14.23 -17.14 13.33
C ASN C 664 -15.75 -17.22 13.53
N GLN C 665 -16.50 -17.14 12.43
CA GLN C 665 -17.96 -17.14 12.48
C GLN C 665 -18.56 -18.45 12.97
N HIS C 666 -17.81 -19.54 12.96
CA HIS C 666 -18.28 -20.79 13.53
C HIS C 666 -17.88 -20.94 14.99
N GLN C 667 -17.29 -19.89 15.57
CA GLN C 667 -16.77 -19.86 16.94
C GLN C 667 -15.77 -20.98 17.20
N THR C 668 -14.95 -21.30 16.19
CA THR C 668 -13.94 -22.27 16.58
C THR C 668 -12.60 -21.58 16.80
N PRO C 669 -11.87 -21.96 17.86
CA PRO C 669 -10.72 -21.15 18.29
C PRO C 669 -9.47 -21.30 17.45
N VAL C 670 -9.33 -20.54 16.37
CA VAL C 670 -8.03 -20.41 15.73
C VAL C 670 -7.12 -19.55 16.60
N ALA C 671 -5.87 -19.99 16.76
CA ALA C 671 -4.73 -19.16 17.17
C ALA C 671 -4.93 -18.46 18.53
N LEU C 672 -4.97 -19.27 19.59
CA LEU C 672 -5.09 -18.73 20.94
C LEU C 672 -3.72 -18.68 21.61
N TYR C 673 -3.48 -17.60 22.37
CA TYR C 673 -2.14 -17.34 22.91
C TYR C 673 -2.26 -16.41 24.11
N SER C 674 -1.11 -15.91 24.58
CA SER C 674 -1.05 -15.11 25.80
C SER C 674 0.07 -14.09 25.69
N ILE C 675 -0.21 -12.84 26.07
CA ILE C 675 0.74 -11.75 25.97
C ILE C 675 1.04 -11.19 27.35
N LEU C 676 2.20 -10.55 27.46
CA LEU C 676 2.65 -9.84 28.65
C LEU C 676 2.56 -8.34 28.42
N THR C 677 2.42 -7.58 29.51
CA THR C 677 2.21 -6.14 29.44
C THR C 677 2.72 -5.53 30.73
N LEU C 678 3.25 -4.31 30.65
CA LEU C 678 3.81 -3.58 31.79
C LEU C 678 2.90 -2.39 32.09
N VAL C 679 2.01 -2.55 33.06
CA VAL C 679 0.98 -1.55 33.38
C VAL C 679 1.41 -0.77 34.61
N ALA C 680 1.26 0.56 34.57
CA ALA C 680 1.68 1.44 35.64
C ALA C 680 0.66 1.44 36.78
N ARG C 681 1.12 1.83 37.96
CA ARG C 681 0.31 1.83 39.17
C ARG C 681 -0.10 3.24 39.56
N GLN C 682 -1.16 3.30 40.37
CA GLN C 682 -1.64 4.57 40.91
C GLN C 682 -0.84 4.98 42.15
N HIS C 683 -0.60 4.05 43.06
CA HIS C 683 0.08 4.30 44.31
C HIS C 683 1.40 3.53 44.37
N GLY C 684 2.45 4.19 44.84
CA GLY C 684 3.72 3.54 45.07
C GLY C 684 3.83 2.99 46.48
N ASP C 685 4.95 2.33 46.75
CA ASP C 685 5.13 1.71 48.06
C ASP C 685 6.41 2.13 48.76
N PHE C 686 7.51 2.30 48.03
CA PHE C 686 8.77 2.70 48.65
C PHE C 686 9.06 4.17 48.42
N GLN D 9 -2.91 -76.99 43.39
CA GLN D 9 -2.40 -76.52 42.11
C GLN D 9 -1.43 -75.34 42.30
N GLN D 10 -0.27 -75.43 41.66
CA GLN D 10 0.79 -74.44 41.85
C GLN D 10 0.47 -73.14 41.11
N LEU D 11 1.21 -72.10 41.47
CA LEU D 11 1.13 -70.81 40.79
C LEU D 11 2.56 -70.43 40.44
N ALA D 12 2.87 -70.38 39.14
CA ALA D 12 4.25 -70.24 38.70
C ALA D 12 4.72 -68.79 38.77
N SER D 13 6.01 -68.62 39.04
CA SER D 13 6.68 -67.32 39.10
C SER D 13 7.67 -67.22 37.96
N PHE D 14 7.63 -66.11 37.23
CA PHE D 14 8.49 -65.94 36.05
C PHE D 14 9.79 -65.28 36.49
N LEU D 15 10.81 -66.11 36.73
CA LEU D 15 12.12 -65.63 37.17
C LEU D 15 13.19 -66.14 36.22
N SER D 16 14.14 -65.25 35.89
CA SER D 16 15.34 -65.56 35.10
C SER D 16 15.00 -66.11 33.71
N GLY D 17 13.83 -65.74 33.18
CA GLY D 17 13.39 -66.22 31.89
C GLY D 17 12.50 -67.45 31.94
N THR D 18 12.39 -68.12 33.09
CA THR D 18 11.69 -69.39 33.19
C THR D 18 10.55 -69.31 34.19
N TRP D 19 9.51 -70.11 33.95
CA TRP D 19 8.39 -70.25 34.87
C TRP D 19 8.74 -71.33 35.89
N GLN D 20 8.83 -70.93 37.16
CA GLN D 20 9.29 -71.79 38.24
C GLN D 20 8.20 -71.92 39.30
N SER D 21 8.48 -72.74 40.31
CA SER D 21 7.56 -72.93 41.42
C SER D 21 8.35 -73.35 42.65
N GLY D 22 7.83 -73.02 43.83
CA GLY D 22 8.55 -73.25 45.06
C GLY D 22 8.29 -74.63 45.66
N ARG D 23 9.16 -75.00 46.60
CA ARG D 23 9.10 -76.28 47.29
C ARG D 23 9.19 -76.00 48.78
N GLY D 24 8.05 -76.07 49.48
CA GLY D 24 8.07 -75.84 50.91
C GLY D 24 6.68 -75.51 51.43
N ARG D 25 6.64 -74.76 52.53
CA ARG D 25 5.38 -74.36 53.12
C ARG D 25 4.69 -73.32 52.25
N SER D 26 3.37 -73.37 52.23
CA SER D 26 2.58 -72.66 51.23
C SER D 26 1.39 -71.96 51.88
N ARG D 27 0.88 -70.97 51.17
CA ARG D 27 -0.42 -70.36 51.45
C ARG D 27 -1.35 -70.71 50.31
N LEU D 28 -2.63 -70.37 50.44
CA LEU D 28 -3.58 -70.79 49.42
C LEU D 28 -4.70 -69.77 49.27
N ILE D 29 -5.30 -69.77 48.09
CA ILE D 29 -6.23 -68.74 47.64
C ILE D 29 -7.63 -69.33 47.62
N HIS D 30 -8.58 -68.66 48.27
CA HIS D 30 -9.96 -69.10 48.32
C HIS D 30 -10.80 -68.35 47.30
N HIS D 31 -11.84 -69.02 46.80
CA HIS D 31 -12.84 -68.34 46.00
C HIS D 31 -13.65 -67.42 46.90
N ALA D 32 -13.94 -66.22 46.41
CA ALA D 32 -14.50 -65.20 47.30
C ALA D 32 -16.00 -65.38 47.55
N ILE D 33 -16.74 -65.89 46.57
CA ILE D 33 -18.18 -65.97 46.72
C ILE D 33 -18.64 -67.34 47.20
N SER D 34 -17.80 -68.37 47.11
CA SER D 34 -18.18 -69.72 47.52
C SER D 34 -17.33 -70.22 48.68
N GLY D 35 -16.00 -70.24 48.54
CA GLY D 35 -15.15 -70.56 49.68
C GLY D 35 -14.16 -71.69 49.52
N GLU D 36 -14.14 -72.34 48.37
CA GLU D 36 -13.20 -73.45 48.17
C GLU D 36 -11.85 -72.92 47.71
N ALA D 37 -10.80 -73.66 48.08
CA ALA D 37 -9.45 -73.32 47.65
C ALA D 37 -9.25 -73.74 46.20
N LEU D 38 -8.64 -72.85 45.40
CA LEU D 38 -8.41 -73.15 44.00
C LEU D 38 -7.05 -72.75 43.47
N TRP D 39 -6.18 -72.15 44.28
CA TRP D 39 -4.76 -72.05 43.99
C TRP D 39 -4.00 -72.17 45.30
N GLU D 40 -2.70 -72.44 45.20
CA GLU D 40 -1.84 -72.38 46.36
C GLU D 40 -0.45 -71.89 45.95
N VAL D 41 0.07 -70.94 46.71
CA VAL D 41 1.26 -70.17 46.35
C VAL D 41 2.39 -70.47 47.33
N THR D 42 3.61 -70.44 46.79
CA THR D 42 4.85 -70.60 47.54
C THR D 42 5.99 -70.09 46.66
N SER D 43 7.09 -69.69 47.31
CA SER D 43 8.27 -69.23 46.60
C SER D 43 9.55 -69.71 47.26
N GLU D 44 9.50 -70.85 47.95
CA GLU D 44 10.65 -71.34 48.69
C GLU D 44 11.68 -71.97 47.75
N GLY D 45 12.95 -71.82 48.11
CA GLY D 45 14.03 -72.39 47.34
C GLY D 45 14.36 -71.66 46.05
N LEU D 46 13.72 -70.54 45.77
CA LEU D 46 14.01 -69.79 44.56
C LEU D 46 15.21 -68.88 44.79
N ASP D 47 15.96 -68.62 43.71
CA ASP D 47 17.19 -67.85 43.77
C ASP D 47 16.85 -66.40 43.40
N MET D 48 16.78 -65.54 44.42
CA MET D 48 16.38 -64.16 44.20
C MET D 48 17.56 -63.27 43.82
N ALA D 49 18.80 -63.75 43.96
CA ALA D 49 19.95 -63.00 43.50
C ALA D 49 20.14 -63.14 41.99
N ALA D 50 19.85 -64.34 41.47
CA ALA D 50 20.01 -64.58 40.04
C ALA D 50 18.97 -63.83 39.22
N ALA D 51 17.80 -63.55 39.80
CA ALA D 51 16.79 -62.76 39.10
C ALA D 51 17.24 -61.31 38.94
N ARG D 52 17.82 -60.73 39.98
CA ARG D 52 18.38 -59.39 39.88
C ARG D 52 19.57 -59.35 38.94
N GLN D 53 20.41 -60.39 38.98
CA GLN D 53 21.55 -60.49 38.08
C GLN D 53 21.12 -60.58 36.61
N PHE D 54 20.08 -61.38 36.34
CA PHE D 54 19.54 -61.50 34.99
C PHE D 54 18.90 -60.21 34.53
N ALA D 55 18.18 -59.51 35.41
CA ALA D 55 17.52 -58.28 35.03
C ALA D 55 18.52 -57.15 34.80
N ILE D 56 19.65 -57.15 35.51
CA ILE D 56 20.63 -56.09 35.33
C ILE D 56 21.50 -56.35 34.09
N GLU D 57 22.04 -57.56 33.95
CA GLU D 57 22.91 -57.84 32.82
C GLU D 57 22.19 -58.30 31.56
N LYS D 58 20.85 -58.38 31.56
CA LYS D 58 20.20 -58.81 30.33
C LYS D 58 19.11 -57.87 29.86
N GLY D 59 18.33 -57.31 30.77
CA GLY D 59 17.16 -56.55 30.38
C GLY D 59 17.28 -55.05 30.55
N ALA D 60 18.26 -54.61 31.35
CA ALA D 60 18.49 -53.19 31.53
C ALA D 60 19.27 -52.52 30.38
N PRO D 61 20.32 -53.12 29.79
CA PRO D 61 20.89 -52.47 28.59
C PRO D 61 20.01 -52.57 27.36
N ALA D 62 19.06 -53.51 27.33
CA ALA D 62 18.11 -53.55 26.23
C ALA D 62 17.10 -52.42 26.31
N LEU D 63 16.83 -51.92 27.52
CA LEU D 63 15.94 -50.79 27.70
C LEU D 63 16.67 -49.45 27.61
N ARG D 64 17.90 -49.38 28.13
CA ARG D 64 18.68 -48.15 28.11
C ARG D 64 19.32 -47.86 26.75
N ALA D 65 19.07 -48.68 25.74
CA ALA D 65 19.57 -48.43 24.39
C ALA D 65 18.47 -47.99 23.43
N MET D 66 17.24 -47.88 23.90
CA MET D 66 16.16 -47.33 23.09
C MET D 66 16.02 -45.84 23.34
N THR D 67 15.36 -45.16 22.40
CA THR D 67 14.98 -43.78 22.63
C THR D 67 13.70 -43.74 23.44
N PHE D 68 13.26 -42.53 23.82
CA PHE D 68 12.03 -42.42 24.60
C PHE D 68 10.80 -42.65 23.73
N ILE D 69 10.91 -42.35 22.44
CA ILE D 69 9.78 -42.50 21.53
C ILE D 69 9.53 -43.98 21.22
N GLU D 70 10.60 -44.76 21.10
CA GLU D 70 10.46 -46.20 20.94
C GLU D 70 9.91 -46.85 22.21
N ARG D 71 10.32 -46.34 23.37
CA ARG D 71 9.79 -46.86 24.63
C ARG D 71 8.34 -46.44 24.87
N ALA D 72 7.86 -45.38 24.23
CA ALA D 72 6.45 -45.07 24.30
C ALA D 72 5.63 -45.90 23.30
N ALA D 73 6.19 -46.15 22.12
CA ALA D 73 5.53 -47.01 21.15
C ALA D 73 5.41 -48.45 21.64
N MET D 74 6.39 -48.90 22.42
CA MET D 74 6.30 -50.22 23.06
C MET D 74 5.13 -50.29 24.04
N LEU D 75 4.93 -49.22 24.83
CA LEU D 75 3.80 -49.16 25.74
C LEU D 75 2.48 -49.15 25.01
N LYS D 76 2.41 -48.44 23.88
CA LYS D 76 1.17 -48.42 23.10
C LYS D 76 0.87 -49.79 22.49
N ALA D 77 1.91 -50.50 22.03
CA ALA D 77 1.69 -51.82 21.47
C ALA D 77 1.28 -52.84 22.54
N VAL D 78 1.87 -52.75 23.74
CA VAL D 78 1.47 -53.65 24.82
C VAL D 78 0.05 -53.33 25.28
N ALA D 79 -0.34 -52.05 25.26
CA ALA D 79 -1.71 -51.67 25.61
C ALA D 79 -2.71 -52.21 24.60
N LYS D 80 -2.41 -52.10 23.30
CA LYS D 80 -3.30 -52.63 22.28
C LYS D 80 -3.31 -54.16 22.24
N HIS D 81 -2.25 -54.81 22.74
CA HIS D 81 -2.29 -56.26 22.82
C HIS D 81 -3.09 -56.74 24.02
N LEU D 82 -3.00 -56.04 25.15
CA LEU D 82 -3.74 -56.45 26.33
C LEU D 82 -5.19 -55.98 26.32
N LEU D 83 -5.55 -55.04 25.46
CA LEU D 83 -6.94 -54.64 25.37
C LEU D 83 -7.77 -55.68 24.63
N SER D 84 -7.16 -56.42 23.70
CA SER D 84 -7.91 -57.37 22.87
C SER D 84 -8.35 -58.58 23.68
N GLU D 85 -7.44 -59.21 24.39
CA GLU D 85 -7.76 -60.40 25.19
C GLU D 85 -8.17 -60.05 26.62
N LYS D 86 -9.12 -59.13 26.74
CA LYS D 86 -9.59 -58.73 28.06
C LYS D 86 -10.62 -59.67 28.64
N GLU D 87 -11.22 -60.53 27.82
CA GLU D 87 -12.33 -61.36 28.30
C GLU D 87 -11.87 -62.54 29.14
N ARG D 88 -10.59 -62.91 29.07
CA ARG D 88 -10.05 -63.86 30.02
C ARG D 88 -9.73 -63.22 31.36
N PHE D 89 -9.65 -61.89 31.41
CA PHE D 89 -9.32 -61.18 32.65
C PHE D 89 -10.54 -60.93 33.51
N TYR D 90 -11.71 -60.71 32.90
CA TYR D 90 -12.94 -60.59 33.67
C TYR D 90 -13.32 -61.90 34.35
N ALA D 91 -12.98 -63.05 33.74
CA ALA D 91 -13.25 -64.34 34.35
C ALA D 91 -12.40 -64.57 35.59
N LEU D 92 -11.15 -64.12 35.57
CA LEU D 92 -10.32 -64.19 36.77
C LEU D 92 -10.73 -63.13 37.79
N SER D 93 -11.23 -61.98 37.33
CA SER D 93 -11.60 -60.92 38.25
C SER D 93 -12.94 -61.19 38.93
N ALA D 94 -13.79 -62.01 38.32
CA ALA D 94 -15.06 -62.37 38.97
C ALA D 94 -14.86 -63.33 40.14
N GLN D 95 -13.72 -64.01 40.20
CA GLN D 95 -13.41 -64.89 41.32
C GLN D 95 -13.05 -64.13 42.59
N THR D 96 -12.84 -62.81 42.50
CA THR D 96 -12.47 -61.98 43.63
C THR D 96 -13.69 -61.37 44.32
N GLY D 97 -14.90 -61.73 43.89
CA GLY D 97 -16.09 -61.24 44.54
C GLY D 97 -16.52 -59.85 44.12
N ALA D 98 -16.07 -59.38 42.96
CA ALA D 98 -16.37 -58.04 42.49
C ALA D 98 -17.33 -58.10 41.32
N THR D 99 -18.10 -57.03 41.16
CA THR D 99 -19.09 -56.96 40.10
C THR D 99 -18.43 -56.62 38.77
N ARG D 100 -19.26 -56.55 37.72
CA ARG D 100 -18.73 -56.21 36.40
C ARG D 100 -18.32 -54.75 36.33
N ALA D 101 -19.07 -53.86 37.00
CA ALA D 101 -18.70 -52.46 37.05
C ALA D 101 -17.48 -52.23 37.94
N ASP D 102 -17.29 -53.07 38.95
CA ASP D 102 -16.10 -52.98 39.80
C ASP D 102 -14.88 -53.63 39.19
N SER D 103 -15.04 -54.37 38.08
CA SER D 103 -13.92 -54.93 37.35
C SER D 103 -13.59 -54.16 36.09
N TRP D 104 -14.57 -53.44 35.54
CA TRP D 104 -14.32 -52.53 34.42
C TRP D 104 -13.28 -51.49 34.76
N VAL D 105 -13.37 -50.93 35.97
CA VAL D 105 -12.38 -49.95 36.46
C VAL D 105 -11.00 -50.58 36.49
N ASP D 106 -10.89 -51.72 37.19
CA ASP D 106 -9.60 -52.39 37.42
C ASP D 106 -8.91 -52.82 36.12
N ILE D 107 -9.67 -53.24 35.11
CA ILE D 107 -9.04 -53.63 33.86
C ILE D 107 -8.82 -52.42 32.94
N GLU D 108 -9.89 -51.68 32.65
CA GLU D 108 -9.83 -50.67 31.59
C GLU D 108 -9.07 -49.43 32.02
N GLY D 109 -9.19 -49.00 33.29
CA GLY D 109 -8.38 -47.89 33.74
C GLY D 109 -6.90 -48.25 33.85
N GLY D 110 -6.61 -49.50 34.18
CA GLY D 110 -5.23 -49.96 34.18
C GLY D 110 -4.61 -49.96 32.79
N ILE D 111 -5.40 -50.30 31.77
CA ILE D 111 -4.86 -50.23 30.42
C ILE D 111 -4.86 -48.77 29.89
N GLY D 112 -5.82 -47.96 30.34
CA GLY D 112 -5.84 -46.56 29.99
C GLY D 112 -4.71 -45.75 30.59
N THR D 113 -4.15 -46.21 31.71
CA THR D 113 -2.91 -45.65 32.23
C THR D 113 -1.78 -45.77 31.22
N LEU D 114 -1.63 -46.96 30.61
CA LEU D 114 -0.63 -47.16 29.58
C LEU D 114 -0.92 -46.32 28.34
N PHE D 115 -2.20 -46.19 27.98
CA PHE D 115 -2.56 -45.34 26.84
C PHE D 115 -2.28 -43.86 27.11
N THR D 116 -2.38 -43.42 28.36
CA THR D 116 -2.08 -42.04 28.69
C THR D 116 -0.57 -41.78 28.68
N TYR D 117 0.20 -42.69 29.27
CA TYR D 117 1.65 -42.51 29.31
C TYR D 117 2.29 -42.65 27.93
N ALA D 118 1.75 -43.52 27.07
CA ALA D 118 2.30 -43.65 25.72
C ALA D 118 2.02 -42.45 24.82
N SER D 119 1.12 -41.55 25.22
CA SER D 119 0.89 -40.32 24.46
C SER D 119 1.59 -39.12 25.09
N LEU D 120 1.66 -39.06 26.42
CA LEU D 120 2.47 -38.05 27.08
C LEU D 120 3.94 -38.19 26.73
N GLY D 121 4.46 -39.43 26.74
CA GLY D 121 5.83 -39.63 26.34
C GLY D 121 6.08 -39.50 24.85
N SER D 122 5.03 -39.54 24.04
CA SER D 122 5.18 -39.28 22.61
C SER D 122 5.23 -37.80 22.33
N ARG D 123 4.39 -37.01 23.02
CA ARG D 123 4.35 -35.58 22.75
C ARG D 123 5.47 -34.81 23.45
N GLU D 124 5.93 -35.27 24.61
CA GLU D 124 6.74 -34.40 25.48
C GLU D 124 8.12 -34.97 25.83
N LEU D 125 8.57 -36.02 25.18
CA LEU D 125 9.90 -36.58 25.47
C LEU D 125 10.76 -36.58 24.20
N PRO D 126 12.07 -36.37 24.35
CA PRO D 126 12.93 -36.22 23.17
C PRO D 126 13.23 -37.55 22.48
N ASP D 127 13.88 -37.42 21.31
CA ASP D 127 14.31 -38.56 20.53
C ASP D 127 15.79 -38.84 20.83
N ASP D 128 16.03 -39.32 22.04
CA ASP D 128 17.38 -39.45 22.56
C ASP D 128 17.33 -40.47 23.69
N THR D 129 18.49 -40.74 24.29
CA THR D 129 18.59 -41.53 25.51
C THR D 129 18.65 -40.65 26.76
N LEU D 130 19.31 -39.50 26.66
CA LEU D 130 19.34 -38.50 27.72
C LEU D 130 18.20 -37.50 27.51
N TRP D 131 17.85 -36.80 28.58
CA TRP D 131 16.75 -35.85 28.56
C TRP D 131 17.11 -34.57 29.30
N PRO D 132 17.43 -33.49 28.56
CA PRO D 132 17.68 -32.19 29.19
C PRO D 132 16.36 -31.52 29.57
N GLU D 133 16.22 -31.17 30.85
CA GLU D 133 14.98 -30.60 31.34
C GLU D 133 14.97 -29.08 31.41
N ASP D 134 16.13 -28.43 31.48
CA ASP D 134 16.20 -26.98 31.53
C ASP D 134 16.45 -26.42 30.13
N GLU D 135 16.57 -25.10 30.05
CA GLU D 135 16.93 -24.50 28.78
C GLU D 135 18.43 -24.21 28.73
N LEU D 136 18.90 -23.29 29.56
CA LEU D 136 20.31 -22.95 29.74
C LEU D 136 20.42 -22.01 30.92
N ILE D 137 21.48 -22.16 31.69
CA ILE D 137 21.80 -21.27 32.80
C ILE D 137 23.12 -20.57 32.49
N PRO D 138 23.09 -19.31 32.07
CA PRO D 138 24.34 -18.59 31.79
C PRO D 138 25.03 -18.17 33.08
N LEU D 139 26.24 -18.71 33.29
CA LEU D 139 26.98 -18.52 34.52
C LEU D 139 28.22 -17.65 34.32
N SER D 140 28.19 -16.72 33.37
CA SER D 140 29.39 -15.95 33.05
C SER D 140 29.00 -14.60 32.48
N LYS D 141 29.97 -13.69 32.50
CA LYS D 141 29.81 -12.35 31.96
C LYS D 141 30.10 -12.29 30.46
N GLU D 142 31.03 -13.12 29.99
CA GLU D 142 31.41 -13.12 28.58
C GLU D 142 30.56 -14.10 27.77
N GLY D 143 30.40 -15.32 28.25
CA GLY D 143 29.59 -16.31 27.56
C GLY D 143 30.34 -17.57 27.20
N GLY D 144 31.40 -17.87 27.93
CA GLY D 144 32.18 -19.07 27.66
C GLY D 144 32.05 -20.13 28.74
N PHE D 145 31.04 -19.99 29.59
CA PHE D 145 30.85 -20.93 30.69
C PHE D 145 29.37 -20.95 31.05
N ALA D 146 28.77 -22.13 31.00
CA ALA D 146 27.36 -22.27 31.31
C ALA D 146 27.13 -23.65 31.94
N ALA D 147 25.87 -23.98 32.18
CA ALA D 147 25.50 -25.26 32.76
C ALA D 147 24.05 -25.54 32.40
N ARG D 148 23.68 -26.82 32.48
CA ARG D 148 22.28 -27.23 32.34
C ARG D 148 22.10 -28.58 33.03
N HIS D 149 20.84 -28.92 33.27
CA HIS D 149 20.49 -30.15 33.98
C HIS D 149 20.12 -31.25 33.00
N LEU D 150 20.62 -32.44 33.26
CA LEU D 150 20.33 -33.64 32.50
C LEU D 150 19.64 -34.65 33.40
N LEU D 151 18.86 -35.55 32.80
CA LEU D 151 18.25 -36.67 33.48
C LEU D 151 18.67 -37.94 32.76
N THR D 152 19.35 -38.83 33.47
CA THR D 152 19.78 -40.09 32.91
C THR D 152 19.11 -41.24 33.65
N SER D 153 18.98 -42.38 32.99
CA SER D 153 18.31 -43.53 33.57
C SER D 153 19.25 -44.31 34.48
N LYS D 154 18.70 -44.85 35.56
CA LYS D 154 19.48 -45.66 36.48
C LYS D 154 19.76 -47.02 35.88
N SER D 155 20.74 -47.71 36.47
CA SER D 155 21.22 -48.97 35.94
C SER D 155 20.93 -50.11 36.89
N GLY D 156 19.72 -50.13 37.47
CA GLY D 156 19.34 -51.19 38.37
C GLY D 156 17.91 -51.63 38.18
N VAL D 157 17.26 -52.08 39.25
CA VAL D 157 15.92 -52.62 39.16
C VAL D 157 14.97 -51.82 40.05
N ALA D 158 13.68 -51.92 39.71
CA ALA D 158 12.58 -51.37 40.49
C ALA D 158 11.82 -52.54 41.11
N VAL D 159 11.71 -52.53 42.43
CA VAL D 159 11.00 -53.57 43.16
C VAL D 159 9.67 -53.00 43.62
N HIS D 160 8.58 -53.49 43.04
CA HIS D 160 7.24 -52.99 43.32
C HIS D 160 6.49 -54.00 44.17
N ILE D 161 6.01 -53.56 45.33
CA ILE D 161 5.27 -54.41 46.26
C ILE D 161 3.86 -53.86 46.36
N ASN D 162 2.87 -54.69 46.02
CA ASN D 162 1.51 -54.24 45.78
C ASN D 162 0.57 -54.70 46.89
N ALA D 163 -0.68 -54.25 46.79
CA ALA D 163 -1.75 -54.62 47.68
C ALA D 163 -2.79 -55.44 46.92
N PHE D 164 -3.78 -55.95 47.64
CA PHE D 164 -4.74 -56.88 47.05
C PHE D 164 -5.92 -56.20 46.36
N ASN D 165 -6.02 -54.87 46.41
CA ASN D 165 -7.21 -54.21 45.91
C ASN D 165 -7.27 -54.22 44.38
N PHE D 166 -6.23 -53.70 43.73
CA PHE D 166 -6.20 -53.55 42.28
C PHE D 166 -5.03 -54.35 41.72
N PRO D 167 -5.26 -55.60 41.31
CA PRO D 167 -4.15 -56.39 40.75
C PRO D 167 -3.76 -55.95 39.35
N CYS D 168 -4.70 -55.43 38.57
CA CYS D 168 -4.44 -54.99 37.22
C CYS D 168 -4.13 -53.51 37.12
N TRP D 169 -4.75 -52.68 37.96
CA TRP D 169 -4.41 -51.26 37.98
C TRP D 169 -3.10 -51.01 38.71
N GLY D 170 -2.96 -51.59 39.91
CA GLY D 170 -1.85 -51.24 40.77
C GLY D 170 -0.50 -51.74 40.29
N MET D 171 -0.48 -52.86 39.55
CA MET D 171 0.76 -53.29 38.92
C MET D 171 1.15 -52.34 37.79
N LEU D 172 0.16 -51.82 37.07
CA LEU D 172 0.38 -51.22 35.78
C LEU D 172 0.33 -49.70 35.83
N GLU D 173 0.12 -49.12 37.02
CA GLU D 173 0.35 -47.70 37.25
C GLU D 173 1.74 -47.43 37.82
N LYS D 174 2.49 -48.48 38.12
CA LYS D 174 3.88 -48.38 38.52
C LYS D 174 4.82 -48.82 37.40
N LEU D 175 4.30 -49.52 36.39
CA LEU D 175 5.11 -50.14 35.36
C LEU D 175 5.25 -49.27 34.12
N ALA D 176 4.29 -48.37 33.87
CA ALA D 176 4.45 -47.43 32.76
C ALA D 176 5.55 -46.39 33.00
N PRO D 177 5.67 -45.73 34.18
CA PRO D 177 6.86 -44.88 34.38
C PRO D 177 8.15 -45.66 34.50
N THR D 178 8.11 -46.93 34.89
CA THR D 178 9.33 -47.72 35.03
C THR D 178 9.92 -48.06 33.66
N TRP D 179 9.08 -48.58 32.76
CA TRP D 179 9.54 -48.86 31.40
C TRP D 179 9.81 -47.58 30.62
N LEU D 180 9.04 -46.52 30.87
CA LEU D 180 9.31 -45.26 30.20
C LEU D 180 10.56 -44.58 30.73
N GLY D 181 10.99 -44.91 31.94
CA GLY D 181 12.22 -44.41 32.48
C GLY D 181 13.42 -45.26 32.15
N GLY D 182 13.20 -46.50 31.73
CA GLY D 182 14.26 -47.37 31.27
C GLY D 182 14.86 -48.30 32.29
N MET D 183 14.07 -48.80 33.24
CA MET D 183 14.53 -49.76 34.23
C MET D 183 13.69 -51.03 34.15
N PRO D 184 14.28 -52.20 34.40
CA PRO D 184 13.47 -53.42 34.48
C PRO D 184 12.84 -53.59 35.85
N ALA D 185 11.66 -54.20 35.87
CA ALA D 185 10.85 -54.27 37.08
C ALA D 185 10.69 -55.70 37.56
N ILE D 186 10.56 -55.84 38.88
CA ILE D 186 10.23 -57.10 39.54
C ILE D 186 9.00 -56.84 40.40
N ILE D 187 7.92 -57.57 40.12
CA ILE D 187 6.62 -57.32 40.74
C ILE D 187 6.36 -58.41 41.79
N LYS D 188 6.05 -57.97 43.01
CA LYS D 188 5.58 -58.88 44.07
C LYS D 188 4.16 -58.48 44.42
N PRO D 189 3.15 -59.16 43.90
CA PRO D 189 1.77 -58.87 44.28
C PRO D 189 1.38 -59.61 45.55
N ALA D 190 0.26 -59.18 46.12
CA ALA D 190 -0.26 -59.84 47.31
C ALA D 190 -0.85 -61.20 46.95
N THR D 191 -0.65 -62.18 47.82
CA THR D 191 -1.03 -63.55 47.52
C THR D 191 -2.53 -63.78 47.55
N ALA D 192 -3.32 -62.87 48.12
CA ALA D 192 -4.76 -63.06 48.23
C ALA D 192 -5.46 -63.00 46.89
N THR D 193 -4.87 -62.35 45.89
CA THR D 193 -5.48 -62.24 44.57
C THR D 193 -4.47 -62.35 43.44
N ALA D 194 -3.38 -63.10 43.65
CA ALA D 194 -2.27 -63.13 42.70
C ALA D 194 -2.55 -63.94 41.44
N GLN D 195 -3.76 -64.48 41.26
CA GLN D 195 -4.07 -65.24 40.05
C GLN D 195 -4.30 -64.36 38.83
N LEU D 196 -4.60 -63.07 39.01
CA LEU D 196 -4.83 -62.17 37.90
C LEU D 196 -3.56 -61.44 37.47
N THR D 197 -2.68 -61.15 38.42
CA THR D 197 -1.39 -60.52 38.12
C THR D 197 -0.53 -61.44 37.26
N GLN D 198 -0.58 -62.75 37.51
CA GLN D 198 0.20 -63.69 36.71
C GLN D 198 -0.35 -63.79 35.29
N ALA D 199 -1.67 -63.69 35.13
CA ALA D 199 -2.26 -63.71 33.78
C ALA D 199 -1.89 -62.45 33.01
N MET D 200 -1.84 -61.31 33.71
CA MET D 200 -1.32 -60.06 33.13
C MET D 200 0.11 -60.23 32.64
N VAL D 201 0.99 -60.72 33.52
CA VAL D 201 2.41 -60.88 33.18
C VAL D 201 2.60 -61.92 32.08
N LYS D 202 1.78 -62.98 32.06
CA LYS D 202 1.88 -63.98 31.01
C LYS D 202 1.44 -63.43 29.67
N SER D 203 0.37 -62.61 29.65
CA SER D 203 -0.04 -61.97 28.41
C SER D 203 0.98 -60.96 27.92
N ILE D 204 1.73 -60.33 28.83
CA ILE D 204 2.79 -59.42 28.41
C ILE D 204 3.98 -60.20 27.84
N VAL D 205 4.40 -61.26 28.54
CA VAL D 205 5.62 -61.97 28.15
C VAL D 205 5.42 -62.78 26.87
N ASP D 206 4.27 -63.43 26.72
CA ASP D 206 4.04 -64.25 25.53
C ASP D 206 3.52 -63.44 24.36
N SER D 207 4.21 -62.35 24.01
CA SER D 207 3.92 -61.60 22.80
C SER D 207 5.14 -61.12 22.05
N GLY D 208 6.33 -61.11 22.66
CA GLY D 208 7.53 -60.68 21.98
C GLY D 208 7.63 -59.19 21.76
N LEU D 209 6.84 -58.39 22.47
CA LEU D 209 6.86 -56.94 22.30
C LEU D 209 7.89 -56.26 23.19
N VAL D 210 8.14 -56.80 24.38
CA VAL D 210 9.10 -56.22 25.31
C VAL D 210 10.42 -56.96 25.18
N PRO D 211 11.55 -56.38 25.55
CA PRO D 211 12.80 -57.13 25.60
C PRO D 211 12.78 -58.19 26.69
N GLU D 212 13.68 -59.16 26.57
CA GLU D 212 13.79 -60.20 27.59
C GLU D 212 14.49 -59.64 28.82
N GLY D 213 14.08 -60.11 29.99
CA GLY D 213 14.56 -59.56 31.24
C GLY D 213 13.91 -58.28 31.69
N ALA D 214 13.05 -57.68 30.87
CA ALA D 214 12.45 -56.39 31.19
C ALA D 214 11.31 -56.48 32.19
N ILE D 215 10.87 -57.69 32.54
CA ILE D 215 9.80 -57.86 33.51
C ILE D 215 10.00 -59.19 34.23
N SER D 216 9.80 -59.18 35.54
CA SER D 216 9.80 -60.40 36.33
C SER D 216 8.53 -60.43 37.18
N LEU D 217 8.43 -61.47 38.01
CA LEU D 217 7.25 -61.69 38.84
C LEU D 217 7.62 -62.70 39.92
N ILE D 218 7.19 -62.44 41.15
CA ILE D 218 7.29 -63.44 42.22
C ILE D 218 5.93 -63.60 42.86
N CYS D 219 5.44 -64.83 42.92
CA CYS D 219 4.15 -65.16 43.49
C CYS D 219 4.42 -65.90 44.79
N GLY D 220 4.35 -65.18 45.90
CA GLY D 220 4.69 -65.68 47.21
C GLY D 220 5.50 -64.65 47.96
N SER D 221 6.31 -65.12 48.89
CA SER D 221 7.16 -64.21 49.66
C SER D 221 8.39 -63.82 48.85
N ALA D 222 8.86 -62.60 49.09
CA ALA D 222 10.11 -62.16 48.46
C ALA D 222 11.31 -62.82 49.13
N GLY D 223 11.24 -63.00 50.44
CA GLY D 223 12.21 -63.82 51.14
C GLY D 223 13.52 -63.13 51.44
N ASP D 224 14.36 -62.98 50.42
CA ASP D 224 15.70 -62.45 50.62
C ASP D 224 16.09 -61.52 49.48
N LEU D 225 15.11 -60.85 48.86
CA LEU D 225 15.40 -59.97 47.74
C LEU D 225 15.98 -58.64 48.19
N LEU D 226 15.46 -58.09 49.29
CA LEU D 226 15.84 -56.74 49.71
C LEU D 226 17.22 -56.67 50.33
N ASP D 227 17.87 -57.81 50.59
CA ASP D 227 19.23 -57.82 51.10
C ASP D 227 20.28 -57.87 50.00
N HIS D 228 19.86 -57.94 48.74
CA HIS D 228 20.78 -58.05 47.62
C HIS D 228 20.82 -56.81 46.77
N LEU D 229 20.10 -55.75 47.14
CA LEU D 229 19.95 -54.60 46.28
C LEU D 229 21.18 -53.70 46.36
N ASP D 230 21.25 -52.77 45.41
CA ASP D 230 22.34 -51.82 45.25
C ASP D 230 21.75 -50.42 45.28
N SER D 231 22.63 -49.41 45.34
CA SER D 231 22.17 -48.02 45.43
C SER D 231 21.57 -47.50 44.14
N GLN D 232 21.68 -48.22 43.04
CA GLN D 232 21.05 -47.88 41.78
C GLN D 232 19.69 -48.55 41.61
N ASP D 233 19.09 -49.03 42.70
CA ASP D 233 17.78 -49.68 42.68
C ASP D 233 16.77 -48.79 43.38
N VAL D 234 15.48 -48.98 43.06
CA VAL D 234 14.42 -48.26 43.73
C VAL D 234 13.37 -49.26 44.22
N VAL D 235 12.69 -48.92 45.32
CA VAL D 235 11.69 -49.78 45.93
C VAL D 235 10.41 -48.97 46.14
N THR D 236 9.29 -49.49 45.65
CA THR D 236 7.98 -48.87 45.86
C THR D 236 7.11 -49.84 46.65
N PHE D 237 6.45 -49.34 47.69
CA PHE D 237 5.57 -50.12 48.53
C PHE D 237 4.14 -49.59 48.42
N THR D 238 3.17 -50.48 48.59
CA THR D 238 1.76 -50.10 48.58
C THR D 238 1.02 -51.07 49.49
N GLY D 239 0.53 -50.58 50.63
CA GLY D 239 -0.14 -51.46 51.57
C GLY D 239 -0.46 -50.74 52.86
N SER D 240 -0.42 -51.49 53.95
CA SER D 240 -0.73 -50.92 55.25
C SER D 240 0.47 -50.14 55.80
N ALA D 241 0.19 -49.33 56.83
CA ALA D 241 1.23 -48.50 57.40
C ALA D 241 2.20 -49.31 58.26
N ALA D 242 1.67 -50.27 59.02
CA ALA D 242 2.47 -51.04 59.95
C ALA D 242 3.46 -51.98 59.26
N THR D 243 3.19 -52.35 58.01
CA THR D 243 4.14 -53.15 57.25
C THR D 243 5.20 -52.28 56.59
N GLY D 244 4.77 -51.16 56.01
CA GLY D 244 5.71 -50.26 55.35
C GLY D 244 6.66 -49.56 56.31
N GLN D 245 6.25 -49.38 57.56
CA GLN D 245 7.18 -48.86 58.55
C GLN D 245 8.12 -49.94 59.08
N MET D 246 7.87 -51.21 58.79
CA MET D 246 8.84 -52.26 59.05
C MET D 246 9.79 -52.47 57.88
N LEU D 247 9.33 -52.22 56.65
CA LEU D 247 10.21 -52.32 55.49
C LEU D 247 11.07 -51.07 55.29
N ARG D 248 10.71 -49.94 55.90
CA ARG D 248 11.50 -48.72 55.74
C ARG D 248 12.83 -48.82 56.47
N VAL D 249 12.85 -49.48 57.63
CA VAL D 249 14.02 -49.52 58.48
C VAL D 249 14.84 -50.79 58.24
N GLN D 250 14.68 -51.41 57.08
CA GLN D 250 15.44 -52.61 56.75
C GLN D 250 16.91 -52.26 56.58
N PRO D 251 17.83 -53.01 57.19
CA PRO D 251 19.22 -52.51 57.37
C PRO D 251 20.05 -52.40 56.09
N ASN D 252 19.57 -52.89 54.95
CA ASN D 252 20.28 -52.67 53.69
C ASN D 252 19.82 -51.38 53.02
N ILE D 253 18.52 -51.07 53.13
CA ILE D 253 17.97 -49.86 52.53
C ILE D 253 18.54 -48.62 53.19
N VAL D 254 18.75 -48.66 54.50
CA VAL D 254 19.33 -47.52 55.19
C VAL D 254 20.85 -47.46 55.06
N ALA D 255 21.49 -48.58 54.71
CA ALA D 255 22.94 -48.59 54.55
C ALA D 255 23.40 -48.18 53.16
N LYS D 256 22.61 -48.52 52.13
CA LYS D 256 22.96 -48.14 50.76
C LYS D 256 22.26 -46.87 50.29
N SER D 257 21.32 -46.36 51.09
CA SER D 257 20.50 -45.17 50.78
C SER D 257 19.79 -45.31 49.44
N ILE D 258 18.94 -46.32 49.35
CA ILE D 258 18.19 -46.55 48.11
C ILE D 258 16.83 -45.89 48.27
N PRO D 259 16.24 -45.38 47.19
CA PRO D 259 14.92 -44.73 47.32
C PRO D 259 13.83 -45.73 47.67
N PHE D 260 13.06 -45.39 48.70
CA PHE D 260 11.92 -46.19 49.16
C PHE D 260 10.71 -45.28 49.20
N THR D 261 9.68 -45.62 48.44
CA THR D 261 8.47 -44.82 48.35
C THR D 261 7.32 -45.60 48.98
N MET D 262 6.90 -45.18 50.17
CA MET D 262 5.82 -45.82 50.90
C MET D 262 4.52 -45.08 50.63
N GLU D 263 3.42 -45.82 50.58
CA GLU D 263 2.12 -45.20 50.39
C GLU D 263 1.07 -46.06 51.07
N ALA D 264 0.36 -45.48 52.04
CA ALA D 264 -0.37 -46.25 53.03
C ALA D 264 -1.84 -45.83 53.16
N ASP D 265 -2.50 -46.30 54.21
CA ASP D 265 -3.92 -46.09 54.40
C ASP D 265 -4.22 -44.66 54.84
N SER D 266 -5.49 -44.27 54.71
CA SER D 266 -5.89 -42.91 54.98
C SER D 266 -7.34 -42.88 55.42
N LEU D 267 -7.76 -41.71 55.92
CA LEU D 267 -9.13 -41.45 56.35
C LEU D 267 -9.61 -40.22 55.58
N ASN D 268 -10.52 -40.45 54.64
CA ASN D 268 -10.88 -39.44 53.65
C ASN D 268 -12.17 -38.76 54.06
N CYS D 269 -12.12 -37.43 54.16
CA CYS D 269 -13.26 -36.66 54.64
C CYS D 269 -14.18 -36.28 53.47
N CYS D 270 -15.35 -35.74 53.83
CA CYS D 270 -16.28 -35.19 52.85
C CYS D 270 -17.12 -34.15 53.59
N VAL D 271 -16.81 -32.88 53.37
CA VAL D 271 -17.38 -31.78 54.14
C VAL D 271 -18.53 -31.18 53.34
N LEU D 272 -19.67 -31.00 54.01
CA LEU D 272 -20.79 -30.27 53.43
C LEU D 272 -20.70 -28.80 53.84
N GLY D 273 -20.92 -27.91 52.87
CA GLY D 273 -20.84 -26.50 53.15
C GLY D 273 -22.02 -25.98 53.94
N GLU D 274 -21.83 -24.81 54.55
CA GLU D 274 -22.88 -24.20 55.35
C GLU D 274 -24.00 -23.64 54.48
N ASP D 275 -23.68 -23.19 53.26
CA ASP D 275 -24.68 -22.59 52.39
C ASP D 275 -25.64 -23.60 51.77
N VAL D 276 -25.40 -24.90 51.93
CA VAL D 276 -26.23 -25.92 51.31
C VAL D 276 -27.39 -26.27 52.22
N THR D 277 -28.60 -26.16 51.70
CA THR D 277 -29.85 -26.50 52.35
C THR D 277 -30.54 -27.61 51.56
N PRO D 278 -31.41 -28.41 52.17
CA PRO D 278 -32.00 -29.56 51.46
C PRO D 278 -32.94 -29.19 50.30
N ASP D 279 -33.27 -27.92 50.07
CA ASP D 279 -34.05 -27.52 48.92
C ASP D 279 -33.17 -27.07 47.74
N GLN D 280 -31.97 -27.59 47.64
CA GLN D 280 -31.00 -27.23 46.62
C GLN D 280 -30.51 -28.50 45.93
N PRO D 281 -30.03 -28.39 44.68
CA PRO D 281 -29.49 -29.59 44.00
C PRO D 281 -28.19 -30.12 44.58
N GLU D 282 -27.52 -29.37 45.47
CA GLU D 282 -26.25 -29.83 46.03
C GLU D 282 -26.44 -31.00 46.99
N PHE D 283 -27.59 -31.04 47.67
CA PHE D 283 -27.83 -32.02 48.73
C PHE D 283 -27.94 -33.43 48.16
N ALA D 284 -28.67 -33.57 47.05
CA ALA D 284 -28.88 -34.88 46.45
C ALA D 284 -27.60 -35.44 45.86
N LEU D 285 -26.77 -34.59 45.25
CA LEU D 285 -25.50 -35.07 44.73
C LEU D 285 -24.49 -35.33 45.82
N PHE D 286 -24.58 -34.63 46.96
CA PHE D 286 -23.79 -34.99 48.14
C PHE D 286 -24.12 -36.39 48.63
N ILE D 287 -25.43 -36.68 48.77
CA ILE D 287 -25.86 -38.00 49.23
C ILE D 287 -25.46 -39.08 48.22
N ARG D 288 -25.64 -38.79 46.93
CA ARG D 288 -25.28 -39.74 45.88
C ARG D 288 -23.78 -40.02 45.85
N GLU D 289 -22.96 -38.98 46.04
CA GLU D 289 -21.51 -39.16 46.02
C GLU D 289 -21.04 -39.99 47.21
N VAL D 290 -21.57 -39.71 48.41
CA VAL D 290 -21.17 -40.47 49.60
C VAL D 290 -21.60 -41.93 49.48
N VAL D 291 -22.83 -42.18 49.02
CA VAL D 291 -23.32 -43.56 48.93
C VAL D 291 -22.60 -44.34 47.82
N ARG D 292 -22.33 -43.68 46.69
CA ARG D 292 -21.64 -44.35 45.59
C ARG D 292 -20.21 -44.68 45.95
N GLU D 293 -19.51 -43.74 46.60
CA GLU D 293 -18.12 -43.98 46.96
C GLU D 293 -18.00 -44.96 48.12
N MET D 294 -19.03 -45.08 48.95
CA MET D 294 -19.00 -46.05 50.04
C MET D 294 -19.42 -47.45 49.59
N THR D 295 -20.27 -47.57 48.57
CA THR D 295 -20.70 -48.88 48.11
C THR D 295 -19.93 -49.40 46.89
N THR D 296 -19.07 -48.60 46.27
CA THR D 296 -18.27 -49.10 45.16
C THR D 296 -17.15 -49.98 45.69
N LYS D 297 -17.01 -51.17 45.08
CA LYS D 297 -15.98 -52.18 45.38
C LYS D 297 -16.09 -52.70 46.82
N ALA D 298 -17.30 -52.60 47.39
CA ALA D 298 -17.62 -52.92 48.79
C ALA D 298 -16.72 -52.18 49.77
N GLY D 299 -16.33 -50.96 49.43
CA GLY D 299 -15.46 -50.17 50.29
C GLY D 299 -14.05 -50.67 50.40
N GLN D 300 -13.55 -51.40 49.40
CA GLN D 300 -12.20 -51.94 49.40
C GLN D 300 -11.28 -51.15 48.49
N LYS D 301 -11.41 -49.83 48.46
CA LYS D 301 -10.44 -48.98 47.81
C LYS D 301 -9.93 -47.93 48.79
N CYS D 302 -8.68 -47.53 48.60
CA CYS D 302 -7.99 -46.63 49.50
C CYS D 302 -8.51 -45.20 49.49
N THR D 303 -9.27 -44.83 48.46
CA THR D 303 -9.75 -43.46 48.28
C THR D 303 -11.25 -43.35 48.51
N ALA D 304 -11.76 -44.04 49.52
CA ALA D 304 -13.18 -44.06 49.83
C ALA D 304 -13.49 -43.15 51.01
N ILE D 305 -14.71 -42.60 51.01
CA ILE D 305 -15.12 -41.64 52.03
C ILE D 305 -15.41 -42.38 53.33
N ARG D 306 -14.73 -41.98 54.40
CA ARG D 306 -14.87 -42.65 55.69
C ARG D 306 -15.30 -41.74 56.83
N ARG D 307 -15.12 -40.43 56.70
CA ARG D 307 -15.62 -39.47 57.68
C ARG D 307 -16.50 -38.48 56.94
N ILE D 308 -17.70 -38.23 57.45
CA ILE D 308 -18.63 -37.28 56.85
C ILE D 308 -18.87 -36.17 57.86
N ILE D 309 -18.38 -34.97 57.53
CA ILE D 309 -18.52 -33.81 58.39
C ILE D 309 -19.71 -33.00 57.88
N VAL D 310 -20.73 -32.87 58.70
CA VAL D 310 -21.95 -32.14 58.31
C VAL D 310 -22.15 -31.00 59.30
N PRO D 311 -22.86 -29.95 58.90
CA PRO D 311 -23.21 -28.90 59.86
C PRO D 311 -24.16 -29.40 60.93
N GLN D 312 -24.27 -28.62 62.02
CA GLN D 312 -25.01 -29.06 63.20
C GLN D 312 -26.51 -29.09 62.94
N ALA D 313 -27.02 -28.13 62.17
CA ALA D 313 -28.45 -28.08 61.88
C ALA D 313 -28.88 -29.09 60.82
N LEU D 314 -27.95 -29.80 60.19
CA LEU D 314 -28.27 -30.72 59.11
C LEU D 314 -27.82 -32.15 59.40
N VAL D 315 -27.64 -32.51 60.67
CA VAL D 315 -27.24 -33.88 61.00
C VAL D 315 -28.39 -34.84 60.74
N ASN D 316 -29.60 -34.45 61.13
CA ASN D 316 -30.73 -35.36 61.07
C ASN D 316 -31.20 -35.60 59.64
N ALA D 317 -31.19 -34.55 58.80
CA ALA D 317 -31.63 -34.72 57.42
C ALA D 317 -30.65 -35.56 56.61
N VAL D 318 -29.35 -35.34 56.80
CA VAL D 318 -28.34 -36.17 56.15
C VAL D 318 -28.40 -37.60 56.64
N SER D 319 -28.56 -37.79 57.95
CA SER D 319 -28.61 -39.13 58.52
C SER D 319 -29.89 -39.88 58.14
N ASP D 320 -30.98 -39.14 57.85
CA ASP D 320 -32.21 -39.78 57.41
C ASP D 320 -32.27 -39.99 55.90
N ALA D 321 -31.49 -39.23 55.13
CA ALA D 321 -31.44 -39.48 53.69
C ALA D 321 -30.45 -40.57 53.33
N LEU D 322 -29.33 -40.68 54.07
CA LEU D 322 -28.33 -41.70 53.78
C LEU D 322 -28.85 -43.10 54.07
N VAL D 323 -29.65 -43.25 55.13
CA VAL D 323 -30.19 -44.57 55.47
C VAL D 323 -31.24 -44.99 54.45
N ALA D 324 -32.10 -44.05 54.02
CA ALA D 324 -33.08 -44.35 52.99
C ALA D 324 -32.45 -44.59 51.62
N ARG D 325 -31.25 -44.04 51.38
CA ARG D 325 -30.55 -44.34 50.13
C ARG D 325 -29.78 -45.66 50.21
N LEU D 326 -29.29 -46.03 51.40
CA LEU D 326 -28.46 -47.22 51.53
C LEU D 326 -29.26 -48.52 51.71
N GLN D 327 -30.51 -48.45 52.16
CA GLN D 327 -31.28 -49.67 52.35
C GLN D 327 -31.77 -50.29 51.05
N LYS D 328 -31.59 -49.61 49.91
CA LYS D 328 -31.97 -50.13 48.62
C LYS D 328 -30.82 -50.85 47.92
N VAL D 329 -29.87 -51.38 48.66
CA VAL D 329 -28.68 -52.03 48.12
C VAL D 329 -28.77 -53.52 48.41
N VAL D 330 -28.67 -54.32 47.35
CA VAL D 330 -28.79 -55.78 47.45
C VAL D 330 -27.39 -56.38 47.44
N VAL D 331 -27.06 -57.15 48.46
CA VAL D 331 -25.75 -57.74 48.63
C VAL D 331 -25.87 -59.25 48.42
N GLY D 332 -25.24 -59.75 47.36
CA GLY D 332 -25.29 -61.17 47.06
C GLY D 332 -24.27 -61.61 46.03
N ASP D 333 -24.60 -62.62 45.24
CA ASP D 333 -23.71 -63.08 44.18
C ASP D 333 -23.74 -62.09 43.01
N PRO D 334 -22.57 -61.78 42.43
CA PRO D 334 -22.54 -60.79 41.34
C PRO D 334 -23.11 -61.29 40.03
N ALA D 335 -23.17 -62.60 39.80
CA ALA D 335 -23.65 -63.09 38.52
C ALA D 335 -25.17 -63.06 38.40
N GLN D 336 -25.88 -63.26 39.51
CA GLN D 336 -27.33 -63.20 39.47
C GLN D 336 -27.81 -61.75 39.41
N GLU D 337 -29.07 -61.57 39.06
CA GLU D 337 -29.58 -60.26 38.68
C GLU D 337 -30.04 -59.48 39.91
N GLY D 338 -30.06 -58.16 39.76
CA GLY D 338 -30.54 -57.27 40.81
C GLY D 338 -29.60 -57.10 41.98
N VAL D 339 -28.34 -57.48 41.83
CA VAL D 339 -27.35 -57.42 42.92
C VAL D 339 -26.40 -56.28 42.63
N LYS D 340 -26.30 -55.32 43.56
CA LYS D 340 -25.45 -54.15 43.39
C LYS D 340 -24.08 -54.35 44.01
N MET D 341 -24.03 -54.61 45.32
CA MET D 341 -22.77 -54.80 46.03
C MET D 341 -22.34 -56.25 45.97
N GLY D 342 -21.07 -56.47 45.71
CA GLY D 342 -20.53 -57.82 45.65
C GLY D 342 -20.13 -58.34 47.02
N ALA D 343 -18.90 -58.79 47.17
CA ALA D 343 -18.43 -59.41 48.39
C ALA D 343 -17.02 -58.94 48.69
N LEU D 344 -16.49 -59.36 49.84
CA LEU D 344 -15.11 -59.11 50.19
C LEU D 344 -14.24 -60.20 49.56
N VAL D 345 -12.96 -60.29 49.94
CA VAL D 345 -12.08 -61.23 49.27
C VAL D 345 -11.75 -62.44 50.14
N ASN D 346 -11.81 -62.29 51.46
CA ASN D 346 -11.42 -63.36 52.36
C ASN D 346 -12.27 -63.30 53.62
N ALA D 347 -12.34 -64.44 54.32
CA ALA D 347 -12.97 -64.46 55.64
C ALA D 347 -12.09 -63.76 56.66
N GLU D 348 -10.77 -63.75 56.45
CA GLU D 348 -9.86 -62.98 57.29
C GLU D 348 -10.16 -61.49 57.18
N GLN D 349 -10.52 -61.03 55.98
CA GLN D 349 -10.92 -59.63 55.81
C GLN D 349 -12.24 -59.35 56.50
N ARG D 350 -13.17 -60.31 56.48
CA ARG D 350 -14.45 -60.12 57.17
C ARG D 350 -14.26 -60.06 58.68
N ALA D 351 -13.29 -60.81 59.21
CA ALA D 351 -12.98 -60.69 60.64
C ALA D 351 -12.25 -59.39 60.95
N ASP D 352 -11.34 -58.97 60.07
CA ASP D 352 -10.51 -57.80 60.33
C ASP D 352 -11.25 -56.48 60.16
N VAL D 353 -12.32 -56.45 59.36
CA VAL D 353 -13.15 -55.24 59.33
C VAL D 353 -13.94 -55.11 60.62
N GLN D 354 -14.52 -56.22 61.10
CA GLN D 354 -15.38 -56.15 62.27
C GLN D 354 -14.58 -55.93 63.55
N GLU D 355 -13.33 -56.38 63.60
CA GLU D 355 -12.52 -56.06 64.77
C GLU D 355 -12.12 -54.58 64.81
N LYS D 356 -12.20 -53.87 63.69
CA LYS D 356 -12.08 -52.41 63.70
C LYS D 356 -13.40 -51.73 64.02
N VAL D 357 -14.51 -52.31 63.57
CA VAL D 357 -15.83 -51.76 63.87
C VAL D 357 -16.12 -51.84 65.36
N ASN D 358 -15.66 -52.89 66.04
CA ASN D 358 -15.82 -52.95 67.50
C ASN D 358 -14.97 -51.92 68.22
N ILE D 359 -13.78 -51.59 67.68
CA ILE D 359 -12.97 -50.53 68.25
C ILE D 359 -13.65 -49.17 68.07
N LEU D 360 -14.29 -48.96 66.92
CA LEU D 360 -15.04 -47.73 66.72
C LEU D 360 -16.29 -47.67 67.59
N LEU D 361 -16.94 -48.82 67.82
CA LEU D 361 -18.09 -48.90 68.71
C LEU D 361 -17.73 -48.81 70.19
N ALA D 362 -16.45 -48.95 70.54
CA ALA D 362 -16.05 -48.76 71.92
C ALA D 362 -16.14 -47.30 72.38
N ALA D 363 -16.32 -46.35 71.45
CA ALA D 363 -16.49 -44.96 71.83
C ALA D 363 -17.57 -44.22 71.03
N GLY D 364 -18.24 -44.88 70.08
CA GLY D 364 -19.18 -44.19 69.20
C GLY D 364 -20.64 -44.55 69.41
N CYS D 365 -21.38 -44.67 68.32
CA CYS D 365 -22.83 -44.90 68.38
C CYS D 365 -23.21 -45.75 67.16
N GLU D 366 -24.50 -45.80 66.84
CA GLU D 366 -24.97 -46.70 65.80
C GLU D 366 -26.19 -46.13 65.11
N ILE D 367 -26.22 -46.21 63.78
CA ILE D 367 -27.34 -45.70 62.99
C ILE D 367 -27.91 -46.82 62.11
N ARG D 368 -27.09 -47.79 61.73
CA ARG D 368 -27.55 -48.85 60.84
C ARG D 368 -27.01 -50.21 61.29
N LEU D 369 -27.05 -51.16 60.37
CA LEU D 369 -26.60 -52.53 60.63
C LEU D 369 -25.08 -52.55 60.63
N GLY D 370 -24.49 -52.51 61.82
CA GLY D 370 -23.05 -52.42 61.93
C GLY D 370 -22.34 -53.73 62.17
N GLY D 371 -21.93 -53.96 63.41
CA GLY D 371 -21.11 -55.12 63.76
C GLY D 371 -21.83 -56.46 63.64
N GLN D 372 -23.15 -56.45 63.52
CA GLN D 372 -23.87 -57.69 63.31
C GLN D 372 -23.66 -58.18 61.88
N ALA D 373 -22.59 -58.95 61.68
CA ALA D 373 -22.31 -59.59 60.40
C ALA D 373 -22.15 -61.07 60.62
N ASP D 374 -22.75 -61.88 59.76
CA ASP D 374 -22.75 -63.33 59.90
C ASP D 374 -21.36 -63.86 59.59
N LEU D 375 -20.63 -64.25 60.64
CA LEU D 375 -19.25 -64.72 60.51
C LEU D 375 -19.16 -66.22 60.25
N SER D 376 -20.22 -66.84 59.75
CA SER D 376 -20.20 -68.28 59.52
C SER D 376 -20.76 -68.67 58.16
N ALA D 377 -21.02 -67.72 57.26
CA ALA D 377 -21.57 -68.03 55.96
C ALA D 377 -20.47 -68.52 55.02
N ALA D 378 -20.88 -68.85 53.79
CA ALA D 378 -19.96 -69.20 52.72
C ALA D 378 -19.94 -68.03 51.75
N GLY D 379 -18.78 -67.42 51.58
CA GLY D 379 -18.69 -66.17 50.88
C GLY D 379 -18.64 -65.02 51.85
N ALA D 380 -17.62 -64.17 51.74
CA ALA D 380 -17.37 -63.13 52.73
C ALA D 380 -18.19 -61.89 52.37
N PHE D 381 -19.30 -61.71 53.08
CA PHE D 381 -20.17 -60.56 52.89
C PHE D 381 -20.10 -59.66 54.12
N PHE D 382 -20.48 -58.39 53.92
CA PHE D 382 -20.51 -57.47 55.03
C PHE D 382 -21.56 -56.43 54.67
N PRO D 383 -22.46 -56.08 55.58
CA PRO D 383 -23.53 -55.13 55.25
C PRO D 383 -23.01 -53.71 55.28
N PRO D 384 -23.63 -52.80 54.53
CA PRO D 384 -23.25 -51.39 54.63
C PRO D 384 -23.56 -50.82 56.00
N THR D 385 -22.69 -49.91 56.45
CA THR D 385 -22.68 -49.46 57.84
C THR D 385 -22.55 -47.95 57.88
N LEU D 386 -23.36 -47.31 58.72
CA LEU D 386 -23.26 -45.88 58.99
C LEU D 386 -23.25 -45.70 60.50
N LEU D 387 -22.17 -45.14 61.03
CA LEU D 387 -22.05 -44.93 62.46
C LEU D 387 -22.32 -43.47 62.79
N TYR D 388 -22.13 -43.10 64.05
CA TYR D 388 -22.33 -41.73 64.48
C TYR D 388 -21.41 -41.44 65.65
N CYS D 389 -20.90 -40.21 65.71
CA CYS D 389 -19.98 -39.79 66.76
C CYS D 389 -20.39 -38.41 67.24
N PRO D 390 -21.12 -38.32 68.36
CA PRO D 390 -21.60 -37.02 68.81
C PRO D 390 -20.53 -36.13 69.42
N GLN D 391 -19.37 -36.67 69.78
CA GLN D 391 -18.26 -35.92 70.34
C GLN D 391 -17.05 -36.11 69.44
N PRO D 392 -16.96 -35.37 68.33
CA PRO D 392 -15.86 -35.60 67.37
C PRO D 392 -14.51 -35.08 67.85
N ASP D 393 -14.48 -33.93 68.50
CA ASP D 393 -13.23 -33.32 68.94
C ASP D 393 -12.74 -33.84 70.28
N GLU D 394 -13.37 -34.88 70.82
CA GLU D 394 -12.93 -35.50 72.06
C GLU D 394 -12.69 -37.00 71.93
N THR D 395 -12.98 -37.59 70.77
CA THR D 395 -12.75 -39.01 70.53
C THR D 395 -11.65 -39.17 69.50
N PRO D 396 -10.41 -39.46 69.91
CA PRO D 396 -9.33 -39.62 68.93
C PRO D 396 -9.33 -40.95 68.21
N ALA D 397 -10.16 -41.91 68.60
CA ALA D 397 -10.21 -43.21 67.94
C ALA D 397 -10.97 -43.18 66.63
N VAL D 398 -11.70 -42.10 66.34
CA VAL D 398 -12.35 -41.95 65.05
C VAL D 398 -11.34 -41.49 64.01
N HIS D 399 -10.42 -40.62 64.39
CA HIS D 399 -9.46 -40.02 63.49
C HIS D 399 -8.20 -40.86 63.31
N ALA D 400 -8.18 -42.09 63.83
CA ALA D 400 -7.00 -42.93 63.71
C ALA D 400 -7.27 -44.37 63.32
N THR D 401 -8.51 -44.85 63.37
CA THR D 401 -8.83 -46.24 63.08
C THR D 401 -9.72 -46.29 61.84
N GLU D 402 -9.28 -47.03 60.83
CA GLU D 402 -10.01 -47.15 59.58
C GLU D 402 -10.52 -48.58 59.42
N ALA D 403 -11.79 -48.70 59.03
CA ALA D 403 -12.41 -49.99 58.76
C ALA D 403 -12.48 -50.17 57.25
N PHE D 404 -11.79 -51.19 56.75
CA PHE D 404 -11.55 -51.30 55.31
C PHE D 404 -12.67 -52.10 54.66
N GLY D 405 -13.84 -51.47 54.65
CA GLY D 405 -15.05 -52.06 54.10
C GLY D 405 -16.11 -51.01 53.87
N PRO D 406 -17.39 -51.39 54.04
CA PRO D 406 -18.48 -50.43 53.77
C PRO D 406 -18.77 -49.45 54.89
N VAL D 407 -17.85 -49.30 55.84
CA VAL D 407 -18.09 -48.58 57.08
C VAL D 407 -17.64 -47.14 56.91
N ALA D 408 -18.50 -46.20 57.30
CA ALA D 408 -18.13 -44.79 57.36
C ALA D 408 -18.90 -44.12 58.48
N THR D 409 -18.29 -43.12 59.09
CA THR D 409 -18.83 -42.47 60.27
C THR D 409 -19.24 -41.03 59.97
N LEU D 410 -20.10 -40.48 60.82
CA LEU D 410 -20.70 -39.18 60.61
C LEU D 410 -20.50 -38.32 61.86
N MET D 411 -20.26 -37.02 61.66
CA MET D 411 -20.01 -36.14 62.79
C MET D 411 -20.33 -34.70 62.40
N PRO D 412 -20.76 -33.87 63.36
CA PRO D 412 -21.12 -32.49 63.05
C PRO D 412 -19.96 -31.52 63.28
N ALA D 413 -20.16 -30.30 62.77
CA ALA D 413 -19.20 -29.21 62.91
C ALA D 413 -19.95 -27.91 63.16
N GLN D 414 -19.21 -26.82 63.39
CA GLN D 414 -19.76 -25.52 63.77
C GLN D 414 -19.20 -24.40 62.89
N ASN D 415 -19.86 -24.18 61.75
CA ASN D 415 -19.73 -22.97 60.91
C ASN D 415 -18.30 -22.72 60.41
N GLN D 416 -17.81 -23.67 59.60
CA GLN D 416 -16.65 -23.53 58.71
C GLN D 416 -15.33 -23.24 59.40
N ARG D 417 -15.26 -23.33 60.73
CA ARG D 417 -13.99 -23.27 61.43
C ARG D 417 -13.73 -24.50 62.27
N HIS D 418 -14.78 -25.26 62.61
CA HIS D 418 -14.61 -26.56 63.21
C HIS D 418 -14.50 -27.65 62.14
N ALA D 419 -15.14 -27.44 60.99
CA ALA D 419 -15.03 -28.40 59.89
C ALA D 419 -13.65 -28.37 59.26
N LEU D 420 -13.04 -27.19 59.17
CA LEU D 420 -11.66 -27.07 58.68
C LEU D 420 -10.65 -27.70 59.63
N GLN D 421 -11.00 -27.88 60.90
CA GLN D 421 -10.13 -28.58 61.83
C GLN D 421 -10.41 -30.08 61.87
N LEU D 422 -11.68 -30.48 61.71
CA LEU D 422 -11.99 -31.90 61.64
C LEU D 422 -11.48 -32.52 60.34
N ALA D 423 -11.38 -31.73 59.27
CA ALA D 423 -10.81 -32.25 58.03
C ALA D 423 -9.31 -32.44 58.14
N CYS D 424 -8.62 -31.55 58.85
CA CYS D 424 -7.18 -31.65 59.01
C CYS D 424 -6.76 -32.56 60.16
N ALA D 425 -7.67 -32.92 61.06
CA ALA D 425 -7.34 -33.76 62.20
C ALA D 425 -7.11 -35.23 61.86
N GLY D 426 -7.31 -35.63 60.60
CA GLY D 426 -7.05 -37.00 60.20
C GLY D 426 -5.59 -37.39 60.23
N GLY D 427 -4.69 -36.42 60.12
CA GLY D 427 -3.27 -36.70 60.16
C GLY D 427 -2.63 -36.90 58.81
N GLY D 428 -3.08 -36.18 57.80
CA GLY D 428 -2.59 -36.38 56.45
C GLY D 428 -3.42 -37.42 55.73
N SER D 429 -4.11 -37.02 54.67
CA SER D 429 -5.05 -37.88 53.99
C SER D 429 -4.60 -38.09 52.54
N LEU D 430 -5.39 -38.86 51.81
CA LEU D 430 -5.08 -39.20 50.43
C LEU D 430 -6.00 -38.50 49.44
N ALA D 431 -7.20 -38.13 49.87
CA ALA D 431 -8.17 -37.42 49.03
C ALA D 431 -9.16 -36.71 49.94
N GLY D 432 -9.91 -35.77 49.35
CA GLY D 432 -10.91 -35.03 50.09
C GLY D 432 -11.92 -34.39 49.16
N THR D 433 -13.05 -33.99 49.73
CA THR D 433 -14.15 -33.43 48.96
C THR D 433 -14.83 -32.32 49.75
N LEU D 434 -15.12 -31.21 49.08
CA LEU D 434 -16.04 -30.20 49.59
C LEU D 434 -17.20 -30.08 48.61
N VAL D 435 -18.41 -29.92 49.14
CA VAL D 435 -19.61 -29.75 48.32
C VAL D 435 -20.20 -28.38 48.68
N THR D 436 -19.97 -27.39 47.82
CA THR D 436 -20.49 -26.04 48.03
C THR D 436 -20.99 -25.48 46.71
N ALA D 437 -21.44 -24.24 46.77
CA ALA D 437 -21.70 -23.44 45.58
C ALA D 437 -21.16 -22.02 45.73
N ASP D 438 -20.30 -21.78 46.72
CA ASP D 438 -19.76 -20.46 47.03
C ASP D 438 -18.24 -20.54 46.85
N PRO D 439 -17.65 -19.77 45.93
CA PRO D 439 -16.21 -19.90 45.68
C PRO D 439 -15.32 -19.33 46.78
N GLN D 440 -15.83 -18.45 47.65
CA GLN D 440 -15.02 -17.98 48.76
C GLN D 440 -14.88 -19.05 49.84
N ILE D 441 -15.91 -19.89 50.01
CA ILE D 441 -15.82 -21.05 50.89
C ILE D 441 -14.77 -22.02 50.35
N ALA D 442 -14.71 -22.18 49.02
CA ALA D 442 -13.70 -23.04 48.42
C ALA D 442 -12.30 -22.47 48.59
N ARG D 443 -12.16 -21.14 48.49
CA ARG D 443 -10.86 -20.51 48.71
C ARG D 443 -10.40 -20.69 50.15
N GLN D 444 -11.32 -20.54 51.12
CA GLN D 444 -10.99 -20.77 52.52
C GLN D 444 -10.68 -22.24 52.80
N PHE D 445 -11.30 -23.16 52.05
CA PHE D 445 -11.03 -24.58 52.28
C PHE D 445 -9.69 -24.99 51.72
N ILE D 446 -9.33 -24.51 50.52
CA ILE D 446 -8.03 -24.85 49.95
C ILE D 446 -6.91 -24.14 50.70
N ALA D 447 -7.15 -22.94 51.20
CA ALA D 447 -6.09 -22.20 51.87
C ALA D 447 -5.72 -22.76 53.24
N ASP D 448 -6.48 -23.72 53.77
CA ASP D 448 -6.19 -24.27 55.09
C ASP D 448 -6.10 -25.79 55.10
N ALA D 449 -6.83 -26.46 54.20
CA ALA D 449 -6.97 -27.90 54.27
C ALA D 449 -6.24 -28.64 53.14
N ALA D 450 -5.44 -27.93 52.34
CA ALA D 450 -4.64 -28.57 51.30
C ALA D 450 -3.26 -28.95 51.78
N ARG D 451 -2.91 -28.62 53.03
CA ARG D 451 -1.64 -29.04 53.59
C ARG D 451 -1.64 -30.53 53.90
N THR D 452 -2.81 -31.09 54.17
CA THR D 452 -2.93 -32.47 54.61
C THR D 452 -3.47 -33.40 53.54
N HIS D 453 -4.12 -32.88 52.50
CA HIS D 453 -4.67 -33.71 51.44
C HIS D 453 -3.77 -33.66 50.22
N GLY D 454 -3.91 -34.66 49.36
CA GLY D 454 -3.13 -34.73 48.15
C GLY D 454 -3.95 -34.47 46.91
N ARG D 455 -5.28 -34.52 47.06
CA ARG D 455 -6.19 -34.28 45.94
C ARG D 455 -7.54 -33.90 46.51
N ILE D 456 -7.98 -32.67 46.25
CA ILE D 456 -9.23 -32.14 46.77
C ILE D 456 -10.18 -31.92 45.60
N GLN D 457 -11.42 -32.39 45.74
CA GLN D 457 -12.46 -32.16 44.74
C GLN D 457 -13.50 -31.20 45.30
N ILE D 458 -13.75 -30.13 44.57
CA ILE D 458 -14.86 -29.23 44.84
C ILE D 458 -16.02 -29.64 43.94
N LEU D 459 -17.19 -29.87 44.54
CA LEU D 459 -18.30 -30.47 43.82
C LEU D 459 -19.50 -29.52 43.87
N ASN D 460 -20.06 -29.24 42.70
CA ASN D 460 -21.25 -28.42 42.57
C ASN D 460 -22.08 -28.94 41.41
N GLU D 461 -23.00 -28.12 40.91
CA GLU D 461 -23.93 -28.58 39.88
C GLU D 461 -23.29 -28.60 38.50
N GLU D 462 -22.35 -27.68 38.22
CA GLU D 462 -21.67 -27.70 36.92
C GLU D 462 -20.71 -28.87 36.81
N SER D 463 -19.99 -29.18 37.90
CA SER D 463 -18.95 -30.20 37.84
C SER D 463 -19.53 -31.61 37.82
N ALA D 464 -20.75 -31.79 38.35
CA ALA D 464 -21.26 -33.14 38.61
C ALA D 464 -21.68 -33.88 37.35
N LYS D 465 -21.85 -33.20 36.22
CA LYS D 465 -22.30 -33.87 35.01
C LYS D 465 -21.21 -34.75 34.41
N GLU D 466 -19.95 -34.34 34.53
CA GLU D 466 -18.84 -35.08 33.93
C GLU D 466 -17.68 -35.28 34.91
N SER D 467 -17.94 -35.21 36.21
CA SER D 467 -16.94 -35.52 37.21
C SER D 467 -16.59 -37.00 37.19
N THR D 468 -15.34 -37.30 37.55
CA THR D 468 -14.88 -38.68 37.58
C THR D 468 -15.12 -39.35 38.92
N GLY D 469 -15.14 -38.58 40.01
CA GLY D 469 -15.47 -39.09 41.32
C GLY D 469 -14.45 -38.70 42.36
N HIS D 470 -14.84 -38.94 43.62
CA HIS D 470 -13.95 -38.75 44.75
C HIS D 470 -12.78 -39.72 44.70
N GLY D 471 -13.04 -40.96 44.28
CA GLY D 471 -12.03 -41.99 44.39
C GLY D 471 -11.56 -42.61 43.10
N SER D 472 -11.36 -41.78 42.07
CA SER D 472 -10.80 -42.24 40.80
C SER D 472 -9.48 -41.53 40.57
N PRO D 473 -8.34 -42.18 40.83
CA PRO D 473 -7.04 -41.56 40.53
C PRO D 473 -6.78 -41.44 39.04
N LEU D 474 -6.70 -40.22 38.54
CA LEU D 474 -6.37 -39.97 37.15
C LEU D 474 -4.87 -40.18 36.93
N PRO D 475 -4.45 -40.65 35.74
CA PRO D 475 -3.03 -40.97 35.53
C PRO D 475 -2.14 -39.76 35.30
N GLN D 476 -2.69 -38.56 35.42
CA GLN D 476 -1.94 -37.33 35.21
C GLN D 476 -2.21 -36.34 36.33
N LEU D 477 -2.57 -36.87 37.51
CA LEU D 477 -2.72 -36.10 38.73
C LEU D 477 -2.01 -36.84 39.85
N VAL D 478 -1.56 -36.08 40.85
CA VAL D 478 -0.72 -36.64 41.91
C VAL D 478 -1.55 -37.53 42.82
N HIS D 479 -1.08 -38.76 43.03
CA HIS D 479 -1.70 -39.71 43.94
C HIS D 479 -0.77 -39.91 45.13
N GLY D 480 -1.11 -39.30 46.26
CA GLY D 480 -0.27 -39.39 47.44
C GLY D 480 -0.77 -38.44 48.49
N GLY D 481 -0.09 -38.47 49.65
CA GLY D 481 -0.47 -37.62 50.75
C GLY D 481 0.49 -37.70 51.92
N PRO D 482 0.58 -36.64 52.71
CA PRO D 482 1.58 -36.57 53.78
C PRO D 482 1.15 -37.39 54.99
N GLY D 483 2.08 -37.51 55.93
CA GLY D 483 1.80 -38.05 57.24
C GLY D 483 1.41 -39.51 57.28
N ARG D 484 0.13 -39.76 57.54
CA ARG D 484 -0.37 -41.12 57.67
C ARG D 484 -0.47 -41.81 56.31
N ALA D 485 -0.57 -41.05 55.22
CA ALA D 485 -0.69 -41.62 53.89
C ALA D 485 0.66 -41.90 53.23
N GLY D 486 1.70 -42.13 54.04
CA GLY D 486 3.01 -42.46 53.52
C GLY D 486 3.93 -41.28 53.34
N GLY D 487 3.57 -40.37 52.46
CA GLY D 487 4.39 -39.22 52.13
C GLY D 487 4.91 -39.22 50.71
N GLY D 488 4.72 -40.30 49.96
CA GLY D 488 5.20 -40.37 48.59
C GLY D 488 4.19 -39.82 47.59
N GLU D 489 4.61 -39.80 46.34
CA GLU D 489 3.76 -39.33 45.24
C GLU D 489 3.88 -40.30 44.08
N GLU D 490 2.76 -40.53 43.38
CA GLU D 490 2.74 -41.35 42.19
C GLU D 490 1.84 -40.68 41.16
N LEU D 491 2.00 -41.11 39.90
CA LEU D 491 1.10 -40.79 38.77
C LEU D 491 1.03 -39.31 38.45
N GLY D 492 2.06 -38.54 38.75
CA GLY D 492 1.96 -37.10 38.61
C GLY D 492 2.14 -36.54 37.22
N GLY D 493 1.90 -37.34 36.20
CA GLY D 493 2.20 -36.95 34.82
C GLY D 493 3.58 -37.47 34.43
N LEU D 494 4.46 -36.57 34.02
CA LEU D 494 5.86 -36.89 33.86
C LEU D 494 6.66 -36.66 35.13
N ARG D 495 5.98 -36.36 36.24
CA ARG D 495 6.64 -36.28 37.53
C ARG D 495 7.03 -37.65 38.06
N ALA D 496 6.40 -38.71 37.55
CA ALA D 496 6.65 -40.06 38.03
C ALA D 496 7.77 -40.77 37.28
N VAL D 497 8.07 -40.35 36.05
CA VAL D 497 9.20 -40.95 35.33
C VAL D 497 10.52 -40.40 35.80
N LYS D 498 10.52 -39.32 36.59
CA LYS D 498 11.72 -38.74 37.15
C LYS D 498 12.13 -39.40 38.45
N HIS D 499 11.28 -40.27 39.02
CA HIS D 499 11.66 -41.06 40.18
C HIS D 499 12.57 -42.22 39.82
N TYR D 500 12.64 -42.58 38.55
CA TYR D 500 13.44 -43.70 38.08
C TYR D 500 14.66 -43.21 37.30
N MET D 501 15.13 -42.00 37.63
CA MET D 501 16.22 -41.35 36.93
C MET D 501 17.11 -40.63 37.93
N GLN D 502 18.16 -40.01 37.39
CA GLN D 502 19.15 -39.26 38.16
C GLN D 502 19.39 -37.93 37.47
N ARG D 503 19.28 -36.85 38.24
CA ARG D 503 19.48 -35.50 37.76
C ARG D 503 20.92 -35.06 37.99
N THR D 504 21.53 -34.46 36.96
CA THR D 504 22.93 -34.09 37.00
C THR D 504 23.09 -32.70 36.42
N ALA D 505 23.78 -31.82 37.12
CA ALA D 505 24.09 -30.49 36.61
C ALA D 505 25.43 -30.56 35.87
N VAL D 506 25.38 -30.52 34.54
CA VAL D 506 26.58 -30.56 33.74
C VAL D 506 27.01 -29.13 33.44
N GLN D 507 28.29 -28.83 33.68
CA GLN D 507 28.88 -27.52 33.47
C GLN D 507 29.85 -27.57 32.29
N GLY D 508 30.16 -26.39 31.75
CA GLY D 508 31.10 -26.35 30.65
C GLY D 508 30.77 -25.30 29.62
N SER D 509 31.56 -25.26 28.55
CA SER D 509 31.30 -24.32 27.47
C SER D 509 30.06 -24.74 26.69
N PRO D 510 29.34 -23.79 26.08
CA PRO D 510 28.14 -24.15 25.30
C PRO D 510 28.42 -25.02 24.09
N THR D 511 29.62 -24.93 23.50
CA THR D 511 29.95 -25.81 22.38
C THR D 511 30.26 -27.23 22.83
N MET D 512 30.38 -27.47 24.14
CA MET D 512 30.50 -28.80 24.71
C MET D 512 29.16 -29.33 25.21
N LEU D 513 28.35 -28.45 25.80
CA LEU D 513 27.00 -28.79 26.20
C LEU D 513 26.08 -29.04 25.02
N ALA D 514 26.41 -28.50 23.85
CA ALA D 514 25.64 -28.80 22.65
C ALA D 514 25.95 -30.18 22.09
N ALA D 515 27.15 -30.70 22.36
CA ALA D 515 27.50 -32.05 21.95
C ALA D 515 27.07 -33.09 22.96
N ILE D 516 27.02 -32.72 24.25
CA ILE D 516 26.53 -33.63 25.27
C ILE D 516 25.03 -33.85 25.13
N SER D 517 24.27 -32.77 24.93
CA SER D 517 22.81 -32.90 24.90
C SER D 517 22.25 -33.07 23.49
N LYS D 518 23.11 -33.11 22.46
CA LYS D 518 22.74 -33.31 21.05
C LYS D 518 21.73 -32.28 20.56
N GLN D 519 21.95 -31.02 20.92
CA GLN D 519 21.13 -29.89 20.48
C GLN D 519 22.07 -28.75 20.12
N TRP D 520 21.51 -27.56 19.93
CA TRP D 520 22.27 -26.33 19.86
C TRP D 520 21.82 -25.46 21.02
N VAL D 521 22.74 -24.75 21.67
CA VAL D 521 22.35 -24.18 22.94
C VAL D 521 22.23 -22.66 22.91
N ARG D 522 23.36 -21.93 22.92
CA ARG D 522 23.30 -20.49 22.67
C ARG D 522 24.57 -19.97 22.00
N GLY D 523 25.69 -20.60 22.29
CA GLY D 523 26.97 -20.06 21.88
C GLY D 523 27.88 -21.10 21.28
N ALA D 524 27.29 -22.21 20.85
CA ALA D 524 28.04 -23.29 20.24
C ALA D 524 28.51 -22.89 18.84
N LYS D 525 29.41 -23.69 18.29
CA LYS D 525 29.84 -23.46 16.92
C LYS D 525 28.74 -23.86 15.95
N VAL D 526 28.68 -23.16 14.83
CA VAL D 526 27.63 -23.36 13.83
C VAL D 526 28.27 -23.99 12.60
N GLU D 527 27.42 -24.39 11.66
CA GLU D 527 27.88 -25.05 10.43
C GLU D 527 27.10 -24.42 9.28
N GLU D 528 27.67 -23.37 8.69
CA GLU D 528 27.08 -22.75 7.52
C GLU D 528 27.45 -23.56 6.30
N ASP D 529 26.44 -23.91 5.49
CA ASP D 529 26.51 -25.09 4.64
C ASP D 529 26.15 -24.82 3.19
N ARG D 530 26.14 -23.54 2.77
CA ARG D 530 26.16 -23.07 1.38
C ARG D 530 24.84 -23.29 0.64
N ILE D 531 23.90 -24.04 1.22
CA ILE D 531 22.55 -24.12 0.70
C ILE D 531 21.60 -23.90 1.87
N HIS D 532 20.36 -23.59 1.54
CA HIS D 532 19.41 -23.11 2.54
C HIS D 532 18.92 -24.28 3.40
N PRO D 533 18.90 -24.14 4.74
CA PRO D 533 18.37 -25.21 5.60
C PRO D 533 16.89 -25.56 5.39
N PHE D 534 16.11 -24.74 4.70
CA PHE D 534 14.75 -25.12 4.35
C PHE D 534 14.67 -25.94 3.06
N ARG D 535 15.82 -26.37 2.53
CA ARG D 535 15.85 -27.26 1.38
C ARG D 535 16.25 -28.69 1.73
N LYS D 536 16.69 -28.93 2.97
CA LYS D 536 17.12 -30.25 3.39
C LYS D 536 15.95 -31.04 3.96
N TYR D 537 16.03 -32.36 3.84
CA TYR D 537 15.04 -33.24 4.43
C TYR D 537 15.36 -33.46 5.90
N PHE D 538 14.48 -34.21 6.57
CA PHE D 538 14.61 -34.42 8.01
C PHE D 538 15.83 -35.25 8.37
N GLU D 539 16.20 -36.20 7.51
CA GLU D 539 17.33 -37.08 7.81
C GLU D 539 18.69 -36.45 7.57
N GLU D 540 18.73 -35.25 6.98
CA GLU D 540 19.99 -34.57 6.71
C GLU D 540 20.06 -33.18 7.33
N LEU D 541 19.23 -32.92 8.35
CA LEU D 541 19.39 -31.75 9.21
C LEU D 541 20.11 -32.18 10.48
N GLN D 542 21.16 -31.45 10.83
CA GLN D 542 21.88 -31.64 12.07
C GLN D 542 21.73 -30.40 12.95
N PRO D 543 21.68 -30.56 14.27
CA PRO D 543 21.55 -29.39 15.15
C PRO D 543 22.78 -28.48 15.13
N GLY D 544 22.63 -27.31 14.55
CA GLY D 544 23.74 -26.40 14.38
C GLY D 544 23.86 -25.87 12.98
N ASP D 545 22.89 -26.19 12.12
CA ASP D 545 22.84 -25.67 10.76
C ASP D 545 22.31 -24.25 10.79
N SER D 546 23.10 -23.30 10.32
CA SER D 546 22.80 -21.89 10.52
C SER D 546 22.73 -21.14 9.20
N LEU D 547 21.91 -20.10 9.20
CA LEU D 547 21.73 -19.20 8.07
C LEU D 547 21.86 -17.76 8.55
N LEU D 548 22.68 -16.97 7.86
CA LEU D 548 22.83 -15.54 8.11
C LEU D 548 22.22 -14.79 6.93
N THR D 549 21.14 -14.08 7.18
CA THR D 549 20.30 -13.50 6.14
C THR D 549 20.87 -12.15 5.71
N PRO D 550 20.42 -11.60 4.58
CA PRO D 550 20.73 -10.20 4.28
C PRO D 550 19.98 -9.25 5.19
N ARG D 551 20.35 -7.98 5.11
CA ARG D 551 19.85 -6.96 6.02
C ARG D 551 18.60 -6.28 5.47
N ARG D 552 17.94 -5.52 6.33
CA ARG D 552 16.84 -4.66 5.92
C ARG D 552 16.85 -3.42 6.79
N THR D 553 16.78 -2.24 6.18
CA THR D 553 16.80 -0.98 6.92
C THR D 553 15.38 -0.59 7.29
N MET D 554 15.13 -0.40 8.59
CA MET D 554 13.81 -0.02 9.06
C MET D 554 13.65 1.48 8.89
N THR D 555 12.78 1.87 7.97
CA THR D 555 12.57 3.27 7.64
C THR D 555 11.28 3.77 8.27
N GLU D 556 11.00 5.06 8.09
CA GLU D 556 9.82 5.67 8.69
C GLU D 556 8.55 5.27 7.94
N ALA D 557 8.67 4.94 6.65
CA ALA D 557 7.51 4.50 5.88
C ALA D 557 7.04 3.12 6.30
N ASP D 558 7.94 2.28 6.80
CA ASP D 558 7.58 0.93 7.22
C ASP D 558 6.65 0.95 8.43
N ILE D 559 6.92 1.86 9.38
CA ILE D 559 6.06 2.04 10.55
C ILE D 559 4.64 2.42 10.12
N VAL D 560 4.54 3.35 9.17
CA VAL D 560 3.25 3.84 8.71
C VAL D 560 2.49 2.75 7.95
N ASN D 561 3.18 2.02 7.07
CA ASN D 561 2.51 0.97 6.30
C ASN D 561 2.05 -0.18 7.19
N PHE D 562 2.85 -0.58 8.18
CA PHE D 562 2.44 -1.68 9.04
C PHE D 562 1.33 -1.25 9.99
N ALA D 563 1.38 -0.01 10.50
CA ALA D 563 0.33 0.47 11.38
C ALA D 563 -0.98 0.68 10.63
N CYS D 564 -0.91 1.02 9.34
CA CYS D 564 -2.13 1.12 8.54
C CYS D 564 -2.69 -0.24 8.20
N LEU D 565 -1.84 -1.21 7.84
CA LEU D 565 -2.32 -2.53 7.44
C LEU D 565 -2.87 -3.31 8.62
N SER D 566 -2.17 -3.33 9.75
CA SER D 566 -2.65 -4.08 10.90
C SER D 566 -3.78 -3.36 11.61
N GLY D 567 -3.65 -2.06 11.84
CA GLY D 567 -4.60 -1.29 12.60
C GLY D 567 -4.13 -0.87 13.98
N ASP D 568 -2.86 -1.05 14.29
CA ASP D 568 -2.29 -0.80 15.61
C ASP D 568 -1.77 0.63 15.63
N HIS D 569 -2.67 1.57 15.94
CA HIS D 569 -2.30 2.99 16.03
C HIS D 569 -1.92 3.38 17.45
N PHE D 570 -0.97 2.66 18.02
CA PHE D 570 -0.51 2.91 19.39
C PHE D 570 0.30 4.20 19.45
N TYR D 571 0.27 4.87 20.61
CA TYR D 571 0.81 6.22 20.70
C TYR D 571 2.33 6.24 20.61
N ALA D 572 3.00 5.16 21.00
CA ALA D 572 4.44 5.05 20.89
C ALA D 572 4.92 4.79 19.47
N HIS D 573 4.01 4.64 18.53
CA HIS D 573 4.35 4.37 17.13
C HIS D 573 3.81 5.42 16.18
N MET D 574 2.72 6.11 16.52
CA MET D 574 2.05 7.05 15.63
C MET D 574 2.09 8.49 16.12
N ASP D 575 1.98 8.72 17.42
CA ASP D 575 2.03 10.08 17.94
C ASP D 575 3.48 10.49 18.14
N LYS D 576 3.77 11.76 17.87
CA LYS D 576 5.11 12.31 17.99
C LYS D 576 5.30 13.11 19.27
N ILE D 577 4.25 13.78 19.74
CA ILE D 577 4.34 14.55 20.97
C ILE D 577 4.42 13.63 22.18
N ALA D 578 3.53 12.65 22.23
CA ALA D 578 3.48 11.77 23.39
C ALA D 578 4.58 10.73 23.41
N ALA D 579 5.23 10.48 22.27
CA ALA D 579 6.37 9.59 22.26
C ALA D 579 7.61 10.23 22.85
N ALA D 580 7.67 11.57 22.86
CA ALA D 580 8.78 12.27 23.47
C ALA D 580 8.66 12.33 24.99
N GLU D 581 7.47 12.07 25.53
CA GLU D 581 7.24 12.01 26.95
C GLU D 581 7.19 10.58 27.48
N SER D 582 7.42 9.59 26.63
CA SER D 582 7.34 8.19 27.00
C SER D 582 8.70 7.70 27.47
N ILE D 583 8.82 6.39 27.67
CA ILE D 583 10.07 5.81 28.15
C ILE D 583 11.10 5.68 27.02
N PHE D 584 10.65 5.66 25.77
CA PHE D 584 11.54 5.44 24.64
C PHE D 584 12.22 6.71 24.15
N GLY D 585 11.62 7.88 24.39
CA GLY D 585 12.18 9.14 23.97
C GLY D 585 11.71 9.60 22.60
N GLU D 586 11.44 8.67 21.69
CA GLU D 586 10.88 8.97 20.39
C GLU D 586 10.11 7.74 19.92
N ARG D 587 9.44 7.88 18.78
CA ARG D 587 8.55 6.81 18.33
C ARG D 587 9.34 5.74 17.60
N VAL D 588 8.95 4.48 17.82
CA VAL D 588 9.74 3.32 17.43
C VAL D 588 8.98 2.44 16.44
N VAL D 589 9.61 1.38 15.99
CA VAL D 589 9.03 0.39 15.09
C VAL D 589 8.28 -0.63 15.93
N HIS D 590 7.19 -1.18 15.38
CA HIS D 590 6.37 -2.19 16.04
C HIS D 590 7.19 -3.44 16.37
N GLY D 591 6.69 -4.21 17.33
CA GLY D 591 7.33 -5.47 17.66
C GLY D 591 6.95 -6.54 16.66
N TYR D 592 5.68 -6.56 16.29
CA TYR D 592 5.19 -7.53 15.31
C TYR D 592 5.73 -7.25 13.92
N PHE D 593 6.09 -6.00 13.61
CA PHE D 593 6.73 -5.75 12.33
C PHE D 593 8.14 -6.29 12.29
N VAL D 594 8.86 -6.25 13.42
CA VAL D 594 10.16 -6.89 13.49
C VAL D 594 10.01 -8.40 13.38
N LEU D 595 8.97 -8.96 14.01
CA LEU D 595 8.70 -10.39 13.93
C LEU D 595 8.32 -10.83 12.51
N SER D 596 7.67 -9.96 11.74
CA SER D 596 7.25 -10.30 10.38
C SER D 596 8.35 -10.05 9.36
N ALA D 597 9.09 -8.95 9.48
CA ALA D 597 10.21 -8.68 8.58
C ALA D 597 11.41 -9.54 8.89
N ALA D 598 11.46 -10.18 10.06
CA ALA D 598 12.46 -11.20 10.29
C ALA D 598 12.12 -12.47 9.51
N ALA D 599 10.86 -12.89 9.57
CA ALA D 599 10.42 -14.07 8.84
C ALA D 599 10.42 -13.85 7.33
N GLY D 600 10.35 -12.61 6.88
CA GLY D 600 10.56 -12.34 5.46
C GLY D 600 11.97 -12.57 4.96
N LEU D 601 12.94 -12.76 5.86
CA LEU D 601 14.34 -12.90 5.46
C LEU D 601 14.83 -14.34 5.40
N PHE D 602 14.31 -15.26 6.21
CA PHE D 602 14.85 -16.62 6.22
C PHE D 602 13.92 -17.68 5.64
N VAL D 603 12.79 -17.30 5.06
CA VAL D 603 11.85 -18.29 4.52
C VAL D 603 12.11 -18.46 3.03
N ASP D 604 12.26 -19.72 2.59
CA ASP D 604 12.41 -20.04 1.20
C ASP D 604 11.04 -20.07 0.52
N ALA D 605 10.95 -19.46 -0.66
CA ALA D 605 9.66 -19.31 -1.32
C ALA D 605 9.20 -20.59 -2.00
N GLY D 606 10.13 -21.43 -2.45
CA GLY D 606 9.77 -22.57 -3.26
C GLY D 606 9.23 -23.75 -2.47
N VAL D 607 8.69 -24.71 -3.20
CA VAL D 607 8.11 -25.91 -2.62
C VAL D 607 9.22 -26.87 -2.22
N GLY D 608 9.18 -27.33 -0.97
CA GLY D 608 10.19 -28.23 -0.48
C GLY D 608 9.74 -29.08 0.68
N PRO D 609 10.69 -29.48 1.53
CA PRO D 609 10.34 -30.35 2.67
C PRO D 609 9.55 -29.67 3.76
N VAL D 610 9.62 -28.35 3.89
CA VAL D 610 8.92 -27.65 4.96
C VAL D 610 7.43 -27.59 4.65
N ILE D 611 6.61 -28.04 5.59
CA ILE D 611 5.17 -28.15 5.38
C ILE D 611 4.42 -27.04 6.09
N ALA D 612 4.61 -26.92 7.40
CA ALA D 612 3.84 -25.98 8.20
C ALA D 612 4.70 -25.36 9.28
N ASN D 613 4.27 -24.20 9.77
CA ASN D 613 4.96 -23.46 10.81
C ASN D 613 4.29 -23.62 12.16
N TYR D 614 3.06 -23.13 12.29
CA TYR D 614 2.09 -23.39 13.36
C TYR D 614 2.53 -23.06 14.80
N GLY D 615 3.71 -22.52 15.03
CA GLY D 615 4.13 -22.35 16.41
C GLY D 615 5.18 -21.28 16.62
N LEU D 616 5.29 -20.85 17.87
CA LEU D 616 6.26 -19.85 18.31
C LEU D 616 6.31 -19.98 19.83
N GLU D 617 7.51 -20.14 20.37
CA GLU D 617 7.61 -20.71 21.71
C GLU D 617 7.91 -19.71 22.82
N SER D 618 8.86 -18.80 22.64
CA SER D 618 9.17 -17.84 23.71
C SER D 618 9.75 -16.57 23.10
N LEU D 619 8.92 -15.54 23.00
CA LEU D 619 9.32 -14.26 22.40
C LEU D 619 9.53 -13.23 23.49
N ARG D 620 10.66 -12.52 23.43
CA ARG D 620 10.94 -11.42 24.34
C ARG D 620 11.60 -10.30 23.54
N PHE D 621 11.07 -9.08 23.67
CA PHE D 621 11.65 -7.92 23.02
C PHE D 621 12.60 -7.23 23.99
N ILE D 622 13.83 -6.99 23.55
CA ILE D 622 14.89 -6.53 24.43
C ILE D 622 15.12 -5.03 24.28
N GLU D 623 15.58 -4.62 23.10
CA GLU D 623 15.87 -3.22 22.82
C GLU D 623 14.89 -2.69 21.76
N PRO D 624 14.57 -1.40 21.78
CA PRO D 624 13.69 -0.86 20.74
C PRO D 624 14.41 -0.61 19.43
N VAL D 625 13.65 -0.72 18.34
CA VAL D 625 14.16 -0.51 16.99
C VAL D 625 13.59 0.81 16.49
N LYS D 626 14.46 1.66 15.99
CA LYS D 626 14.16 3.02 15.57
C LYS D 626 14.23 3.14 14.05
N PRO D 627 13.76 4.25 13.48
CA PRO D 627 14.05 4.51 12.05
C PRO D 627 15.52 4.84 11.83
N GLY D 628 16.03 4.38 10.70
CA GLY D 628 17.44 4.56 10.39
C GLY D 628 18.29 3.55 11.13
N ASP D 629 17.95 2.28 10.97
CA ASP D 629 18.45 1.21 11.85
C ASP D 629 18.23 -0.10 11.11
N THR D 630 19.28 -0.87 10.89
CA THR D 630 19.19 -2.07 10.08
C THR D 630 18.94 -3.29 10.94
N ILE D 631 18.47 -4.36 10.30
CA ILE D 631 18.03 -5.59 10.94
C ILE D 631 18.60 -6.77 10.18
N GLN D 632 19.20 -7.73 10.90
CA GLN D 632 19.73 -8.95 10.30
C GLN D 632 19.44 -10.13 11.22
N VAL D 633 19.11 -11.28 10.63
CA VAL D 633 18.53 -12.42 11.34
C VAL D 633 19.46 -13.61 11.19
N ARG D 634 19.61 -14.38 12.27
CA ARG D 634 20.38 -15.62 12.30
C ARG D 634 19.44 -16.77 12.66
N LEU D 635 19.50 -17.85 11.89
CA LEU D 635 18.55 -18.96 12.00
C LEU D 635 19.31 -20.26 12.22
N THR D 636 19.06 -20.94 13.35
CA THR D 636 19.84 -22.14 13.69
C THR D 636 18.93 -23.30 14.08
N CYS D 637 19.16 -24.48 13.50
CA CYS D 637 18.42 -25.68 13.88
C CYS D 637 18.76 -26.12 15.30
N LYS D 638 17.76 -26.67 16.00
CA LYS D 638 17.94 -26.88 17.43
C LYS D 638 17.58 -28.28 17.92
N ARG D 639 16.53 -28.90 17.37
CA ARG D 639 15.94 -30.11 17.96
C ARG D 639 15.01 -30.82 16.98
N LYS D 640 15.17 -32.14 16.80
CA LYS D 640 14.51 -32.83 15.67
C LYS D 640 13.27 -33.64 16.03
N THR D 641 13.39 -34.68 16.86
CA THR D 641 12.28 -35.40 17.52
C THR D 641 11.18 -35.89 16.56
N LEU D 642 11.51 -36.92 15.78
CA LEU D 642 10.62 -37.43 14.73
C LEU D 642 9.30 -38.00 15.28
N LYS D 643 8.39 -38.27 14.37
CA LYS D 643 7.07 -38.82 14.65
C LYS D 643 6.94 -40.21 14.02
N LYS D 644 5.97 -40.99 14.49
CA LYS D 644 6.00 -42.43 14.30
C LYS D 644 5.11 -42.97 13.19
N GLN D 645 4.40 -42.11 12.44
CA GLN D 645 3.68 -42.47 11.22
C GLN D 645 2.62 -43.54 11.49
N ARG D 646 1.55 -43.11 12.17
CA ARG D 646 0.55 -44.01 12.72
C ARG D 646 -0.20 -44.84 11.67
N SER D 647 -0.20 -44.43 10.42
CA SER D 647 -0.76 -45.24 9.33
C SER D 647 0.34 -45.54 8.31
N ALA D 648 0.01 -46.34 7.31
CA ALA D 648 0.90 -46.55 6.17
C ALA D 648 0.60 -45.62 5.01
N GLU D 649 -0.49 -44.87 5.08
CA GLU D 649 -0.84 -43.92 4.03
C GLU D 649 -0.22 -42.55 4.28
N GLU D 650 -0.04 -42.18 5.55
CA GLU D 650 0.37 -40.84 5.91
C GLU D 650 1.83 -40.59 5.55
N LYS D 651 2.13 -39.34 5.20
CA LYS D 651 3.49 -38.94 4.88
C LYS D 651 4.31 -38.89 6.16
N PRO D 652 5.53 -39.43 6.15
CA PRO D 652 6.38 -39.38 7.35
C PRO D 652 6.88 -37.97 7.60
N THR D 653 7.03 -37.63 8.88
CA THR D 653 7.36 -36.26 9.26
C THR D 653 8.03 -36.22 10.62
N GLY D 654 8.76 -35.13 10.86
CA GLY D 654 9.25 -34.79 12.19
C GLY D 654 8.86 -33.37 12.52
N VAL D 655 9.27 -32.93 13.72
CA VAL D 655 8.94 -31.59 14.21
C VAL D 655 10.24 -30.88 14.60
N VAL D 656 10.79 -30.12 13.66
CA VAL D 656 12.06 -29.44 13.87
C VAL D 656 11.80 -28.09 14.52
N GLU D 657 12.66 -27.71 15.46
CA GLU D 657 12.60 -26.43 16.13
C GLU D 657 13.80 -25.59 15.73
N TRP D 658 13.55 -24.34 15.35
CA TRP D 658 14.61 -23.40 15.01
C TRP D 658 14.69 -22.27 16.02
N ALA D 659 15.90 -21.79 16.25
CA ALA D 659 16.15 -20.63 17.09
C ALA D 659 16.45 -19.45 16.19
N VAL D 660 15.73 -18.35 16.41
CA VAL D 660 15.81 -17.15 15.58
C VAL D 660 16.38 -16.03 16.44
N GLU D 661 17.36 -15.30 15.89
CA GLU D 661 18.07 -14.29 16.65
C GLU D 661 18.28 -13.07 15.76
N VAL D 662 17.68 -11.96 16.13
CA VAL D 662 17.70 -10.74 15.33
C VAL D 662 18.64 -9.74 15.99
N PHE D 663 19.44 -9.04 15.18
CA PHE D 663 20.34 -8.03 15.73
C PHE D 663 20.49 -6.88 14.74
N ASN D 664 20.90 -5.73 15.28
CA ASN D 664 21.08 -4.50 14.51
C ASN D 664 22.54 -4.31 14.10
N GLN D 665 22.88 -3.11 13.63
CA GLN D 665 24.22 -2.84 13.12
C GLN D 665 25.28 -2.77 14.21
N HIS D 666 24.88 -2.65 15.48
CA HIS D 666 25.82 -2.74 16.58
C HIS D 666 26.02 -4.16 17.06
N GLN D 667 25.40 -5.13 16.39
CA GLN D 667 25.39 -6.55 16.74
C GLN D 667 24.86 -6.80 18.16
N THR D 668 23.93 -5.96 18.62
CA THR D 668 23.32 -6.36 19.88
C THR D 668 21.95 -6.97 19.62
N PRO D 669 21.55 -8.01 20.36
CA PRO D 669 20.33 -8.75 20.01
C PRO D 669 19.08 -7.98 20.37
N VAL D 670 18.17 -7.86 19.40
CA VAL D 670 16.79 -7.46 19.65
C VAL D 670 15.90 -8.65 19.28
N ALA D 671 14.94 -8.97 20.16
CA ALA D 671 13.82 -9.88 19.85
C ALA D 671 14.27 -11.28 19.42
N LEU D 672 14.89 -12.01 20.35
CA LEU D 672 15.31 -13.38 20.07
C LEU D 672 14.26 -14.37 20.57
N TYR D 673 14.01 -15.41 19.79
CA TYR D 673 12.88 -16.30 20.03
C TYR D 673 13.12 -17.64 19.36
N SER D 674 12.08 -18.47 19.31
CA SER D 674 12.19 -19.83 18.80
C SER D 674 10.88 -20.25 18.16
N ILE D 675 10.98 -20.87 16.98
CA ILE D 675 9.81 -21.31 16.22
C ILE D 675 9.82 -22.82 16.06
N LEU D 676 8.62 -23.36 15.86
CA LEU D 676 8.39 -24.77 15.56
C LEU D 676 8.08 -24.92 14.07
N THR D 677 8.29 -26.12 13.55
CA THR D 677 8.14 -26.38 12.12
C THR D 677 7.94 -27.89 11.95
N LEU D 678 7.11 -28.27 10.97
CA LEU D 678 6.82 -29.67 10.67
C LEU D 678 7.48 -30.01 9.33
N VAL D 679 8.62 -30.69 9.38
CA VAL D 679 9.45 -31.00 8.21
C VAL D 679 9.25 -32.47 7.84
N ALA D 680 9.09 -32.74 6.54
CA ALA D 680 8.81 -34.10 6.07
C ALA D 680 10.08 -34.93 6.01
N ARG D 681 9.91 -36.24 6.17
CA ARG D 681 11.02 -37.19 6.14
C ARG D 681 11.19 -37.79 4.75
N GLN D 682 12.37 -38.37 4.53
CA GLN D 682 12.70 -39.03 3.27
C GLN D 682 12.23 -40.48 3.26
N HIS D 683 12.55 -41.25 4.29
CA HIS D 683 12.21 -42.66 4.38
C HIS D 683 11.38 -42.89 5.63
N GLY D 684 10.13 -43.31 5.45
CA GLY D 684 9.28 -43.64 6.57
C GLY D 684 9.68 -44.93 7.25
N ASP D 685 9.13 -45.14 8.44
CA ASP D 685 9.45 -46.31 9.25
C ASP D 685 8.30 -47.30 9.34
N PHE D 686 7.34 -47.21 8.41
CA PHE D 686 6.16 -48.06 8.46
C PHE D 686 5.54 -48.22 7.08
N GLN E 9 71.19 6.70 -51.98
CA GLN E 9 70.87 6.11 -50.69
C GLN E 9 69.67 5.17 -50.82
N GLN E 10 69.81 3.96 -50.29
CA GLN E 10 68.81 2.92 -50.49
C GLN E 10 67.63 3.10 -49.55
N LEU E 11 66.47 2.61 -49.99
CA LEU E 11 65.27 2.54 -49.17
C LEU E 11 64.95 1.07 -48.99
N ALA E 12 64.81 0.63 -47.75
CA ALA E 12 64.73 -0.80 -47.46
C ALA E 12 63.29 -1.31 -47.51
N SER E 13 63.15 -2.63 -47.58
CA SER E 13 61.87 -3.32 -47.60
C SER E 13 61.86 -4.38 -46.53
N PHE E 14 60.76 -4.48 -45.78
CA PHE E 14 60.67 -5.43 -44.67
C PHE E 14 60.01 -6.70 -45.20
N LEU E 15 60.84 -7.64 -45.64
CA LEU E 15 60.38 -8.90 -46.20
C LEU E 15 60.95 -10.07 -45.42
N SER E 16 60.08 -11.04 -45.12
CA SER E 16 60.43 -12.29 -44.43
C SER E 16 61.05 -12.04 -43.06
N GLY E 17 60.67 -10.94 -42.40
CA GLY E 17 61.23 -10.58 -41.13
C GLY E 17 62.50 -9.76 -41.17
N THR E 18 63.06 -9.52 -42.35
CA THR E 18 64.34 -8.86 -42.49
C THR E 18 64.23 -7.61 -43.35
N TRP E 19 65.05 -6.62 -43.03
CA TRP E 19 65.19 -5.43 -43.88
C TRP E 19 66.14 -5.74 -45.02
N GLN E 20 65.64 -5.67 -46.25
CA GLN E 20 66.38 -6.01 -47.45
C GLN E 20 66.38 -4.81 -48.40
N SER E 21 67.07 -4.96 -49.52
CA SER E 21 67.11 -3.91 -50.53
C SER E 21 67.37 -4.55 -51.90
N GLY E 22 66.96 -3.84 -52.94
CA GLY E 22 67.02 -4.38 -54.28
C GLY E 22 68.33 -4.06 -55.00
N ARG E 23 68.50 -4.71 -56.14
CA ARG E 23 69.70 -4.56 -56.97
C ARG E 23 69.26 -4.40 -58.42
N GLY E 24 69.51 -3.24 -59.01
CA GLY E 24 69.23 -3.05 -60.42
C GLY E 24 68.66 -1.69 -60.77
N ARG E 25 67.65 -1.68 -61.61
CA ARG E 25 67.03 -0.43 -62.06
C ARG E 25 66.27 0.22 -60.91
N SER E 26 66.36 1.55 -60.85
CA SER E 26 65.91 2.28 -59.68
C SER E 26 65.24 3.58 -60.09
N ARG E 27 64.31 4.02 -59.26
CA ARG E 27 63.72 5.35 -59.33
C ARG E 27 64.23 6.14 -58.13
N LEU E 28 63.85 7.41 -58.04
CA LEU E 28 64.41 8.23 -56.97
C LEU E 28 63.42 9.30 -56.55
N ILE E 29 63.60 9.76 -55.31
CA ILE E 29 62.65 10.64 -54.64
C ILE E 29 63.28 12.02 -54.50
N HIS E 30 62.66 13.02 -55.12
CA HIS E 30 63.14 14.39 -55.03
C HIS E 30 62.54 15.09 -53.81
N HIS E 31 63.23 16.13 -53.36
CA HIS E 31 62.64 17.03 -52.38
C HIS E 31 61.60 17.89 -53.09
N ALA E 32 60.61 18.36 -52.33
CA ALA E 32 59.51 19.06 -52.96
C ALA E 32 59.70 20.56 -53.04
N ILE E 33 60.39 21.16 -52.07
CA ILE E 33 60.53 22.61 -52.06
C ILE E 33 61.86 23.05 -52.69
N SER E 34 62.83 22.14 -52.83
CA SER E 34 64.11 22.47 -53.44
C SER E 34 64.34 21.69 -54.73
N GLY E 35 64.28 20.36 -54.68
CA GLY E 35 64.27 19.57 -55.91
C GLY E 35 65.47 18.69 -56.18
N GLU E 36 66.13 18.19 -55.13
CA GLU E 36 67.25 17.28 -55.30
C GLU E 36 66.87 15.90 -54.80
N ALA E 37 67.56 14.89 -55.32
CA ALA E 37 67.28 13.50 -54.96
C ALA E 37 67.89 13.18 -53.60
N LEU E 38 67.05 12.72 -52.67
CA LEU E 38 67.51 12.37 -51.34
C LEU E 38 67.15 10.95 -50.91
N TRP E 39 66.46 10.19 -51.76
CA TRP E 39 66.39 8.74 -51.63
C TRP E 39 66.34 8.15 -53.04
N GLU E 40 66.62 6.86 -53.14
CA GLU E 40 66.41 6.15 -54.39
C GLU E 40 65.95 4.72 -54.08
N VAL E 41 64.93 4.29 -54.81
CA VAL E 41 64.16 3.09 -54.49
C VAL E 41 64.29 2.07 -55.60
N THR E 42 64.27 0.79 -55.20
CA THR E 42 64.26 -0.36 -56.08
C THR E 42 63.82 -1.57 -55.28
N SER E 43 63.26 -2.57 -55.98
CA SER E 43 62.85 -3.81 -55.33
C SER E 43 63.15 -5.01 -56.21
N GLU E 44 64.20 -4.95 -57.01
CA GLU E 44 64.49 -5.98 -57.99
C GLU E 44 65.30 -7.11 -57.36
N GLY E 45 65.01 -8.34 -57.78
CA GLY E 45 65.72 -9.50 -57.28
C GLY E 45 65.29 -9.99 -55.92
N LEU E 46 64.18 -9.49 -55.39
CA LEU E 46 63.68 -9.94 -54.10
C LEU E 46 62.57 -10.98 -54.31
N ASP E 47 62.49 -11.92 -53.38
CA ASP E 47 61.57 -13.05 -53.51
C ASP E 47 60.23 -12.67 -52.88
N MET E 48 59.19 -12.64 -53.69
CA MET E 48 57.85 -12.27 -53.23
C MET E 48 57.05 -13.48 -52.77
N ALA E 49 57.25 -14.63 -53.42
CA ALA E 49 56.59 -15.87 -53.00
C ALA E 49 57.01 -16.28 -51.60
N ALA E 50 58.28 -16.09 -51.26
CA ALA E 50 58.74 -16.40 -49.93
C ALA E 50 58.19 -15.42 -48.90
N ALA E 51 57.94 -14.17 -49.31
CA ALA E 51 57.33 -13.20 -48.41
C ALA E 51 55.89 -13.56 -48.09
N ARG E 52 55.11 -13.93 -49.12
CA ARG E 52 53.74 -14.39 -48.90
C ARG E 52 53.72 -15.69 -48.10
N GLN E 53 54.70 -16.56 -48.32
CA GLN E 53 54.75 -17.84 -47.61
C GLN E 53 55.06 -17.62 -46.13
N PHE E 54 56.00 -16.71 -45.83
CA PHE E 54 56.30 -16.38 -44.45
C PHE E 54 55.12 -15.71 -43.77
N ALA E 55 54.39 -14.85 -44.49
CA ALA E 55 53.20 -14.21 -43.93
C ALA E 55 52.13 -15.24 -43.58
N ILE E 56 51.88 -16.19 -44.47
CA ILE E 56 50.82 -17.18 -44.26
C ILE E 56 51.19 -18.17 -43.16
N GLU E 57 52.41 -18.71 -43.18
CA GLU E 57 52.76 -19.64 -42.11
C GLU E 57 53.21 -18.98 -40.82
N LYS E 58 53.32 -17.66 -40.73
CA LYS E 58 53.76 -17.07 -39.48
C LYS E 58 52.76 -16.11 -38.87
N GLY E 59 52.26 -15.13 -39.62
CA GLY E 59 51.50 -14.05 -39.01
C GLY E 59 50.02 -14.30 -38.97
N ALA E 60 49.53 -15.12 -39.91
CA ALA E 60 48.11 -15.46 -39.90
C ALA E 60 47.71 -16.38 -38.75
N PRO E 61 48.44 -17.48 -38.40
CA PRO E 61 48.00 -18.27 -37.24
C PRO E 61 48.20 -17.57 -35.91
N ALA E 62 49.06 -16.56 -35.83
CA ALA E 62 49.21 -15.82 -34.59
C ALA E 62 48.07 -14.83 -34.39
N LEU E 63 47.62 -14.18 -35.47
CA LEU E 63 46.47 -13.29 -35.36
C LEU E 63 45.17 -14.05 -35.23
N ARG E 64 45.05 -15.23 -35.85
CA ARG E 64 43.82 -16.01 -35.75
C ARG E 64 43.71 -16.80 -34.44
N ALA E 65 44.69 -16.70 -33.56
CA ALA E 65 44.63 -17.33 -32.25
C ALA E 65 44.28 -16.35 -31.14
N MET E 66 44.00 -15.10 -31.48
CA MET E 66 43.60 -14.08 -30.52
C MET E 66 42.09 -13.88 -30.56
N THR E 67 41.56 -13.36 -29.47
CA THR E 67 40.19 -12.87 -29.47
C THR E 67 40.14 -11.49 -30.10
N PHE E 68 38.92 -11.01 -30.35
CA PHE E 68 38.78 -9.67 -30.92
C PHE E 68 39.15 -8.59 -29.92
N ILE E 69 38.96 -8.85 -28.63
CA ILE E 69 39.25 -7.87 -27.60
C ILE E 69 40.76 -7.67 -27.46
N GLU E 70 41.52 -8.76 -27.56
CA GLU E 70 42.98 -8.67 -27.59
C GLU E 70 43.48 -8.00 -28.86
N ARG E 71 42.82 -8.26 -29.99
CA ARG E 71 43.20 -7.61 -31.24
C ARG E 71 42.85 -6.12 -31.26
N ALA E 72 41.91 -5.68 -30.41
CA ALA E 72 41.67 -4.24 -30.29
C ALA E 72 42.61 -3.59 -29.28
N ALA E 73 42.97 -4.32 -28.22
CA ALA E 73 43.97 -3.83 -27.27
C ALA E 73 45.33 -3.68 -27.93
N MET E 74 45.66 -4.55 -28.90
CA MET E 74 46.89 -4.40 -29.66
C MET E 74 46.88 -3.12 -30.49
N LEU E 75 45.73 -2.77 -31.07
CA LEU E 75 45.64 -1.54 -31.87
C LEU E 75 45.76 -0.32 -30.98
N LYS E 76 45.18 -0.36 -29.78
CA LYS E 76 45.32 0.77 -28.86
C LYS E 76 46.76 0.92 -28.37
N ALA E 77 47.46 -0.19 -28.14
CA ALA E 77 48.86 -0.12 -27.72
C ALA E 77 49.76 0.41 -28.83
N VAL E 78 49.53 -0.02 -30.08
CA VAL E 78 50.31 0.50 -31.20
C VAL E 78 50.01 1.98 -31.43
N ALA E 79 48.75 2.40 -31.22
CA ALA E 79 48.41 3.82 -31.37
C ALA E 79 49.08 4.68 -30.30
N LYS E 80 49.12 4.20 -29.05
CA LYS E 80 49.80 4.94 -28.00
C LYS E 80 51.32 4.95 -28.21
N HIS E 81 51.88 3.89 -28.80
CA HIS E 81 53.31 3.91 -29.08
C HIS E 81 53.67 4.83 -30.25
N LEU E 82 52.77 4.96 -31.23
CA LEU E 82 53.04 5.82 -32.37
C LEU E 82 52.67 7.28 -32.13
N LEU E 83 51.83 7.56 -31.14
CA LEU E 83 51.50 8.94 -30.84
C LEU E 83 52.64 9.66 -30.12
N SER E 84 53.45 8.92 -29.35
CA SER E 84 54.48 9.54 -28.53
C SER E 84 55.64 10.07 -29.37
N GLU E 85 56.13 9.27 -30.31
CA GLU E 85 57.22 9.68 -31.18
C GLU E 85 56.71 10.28 -32.49
N LYS E 86 55.84 11.27 -32.39
CA LYS E 86 55.23 11.85 -33.58
C LYS E 86 56.09 12.91 -34.26
N GLU E 87 57.09 13.45 -33.56
CA GLU E 87 57.87 14.55 -34.12
C GLU E 87 58.94 14.10 -35.10
N ARG E 88 59.24 12.81 -35.18
CA ARG E 88 60.09 12.30 -36.25
C ARG E 88 59.31 12.03 -37.53
N PHE E 89 58.00 12.26 -37.52
CA PHE E 89 57.14 12.12 -38.67
C PHE E 89 56.84 13.45 -39.35
N TYR E 90 56.72 14.53 -38.57
CA TYR E 90 56.54 15.85 -39.14
C TYR E 90 57.77 16.30 -39.93
N ALA E 91 58.96 15.91 -39.49
CA ALA E 91 60.19 16.23 -40.20
C ALA E 91 60.23 15.56 -41.58
N LEU E 92 59.80 14.30 -41.66
CA LEU E 92 59.72 13.62 -42.94
C LEU E 92 58.58 14.16 -43.79
N SER E 93 57.49 14.59 -43.15
CA SER E 93 56.33 15.09 -43.90
C SER E 93 56.58 16.48 -44.46
N ALA E 94 57.46 17.27 -43.83
CA ALA E 94 57.81 18.58 -44.37
C ALA E 94 58.63 18.47 -45.64
N GLN E 95 59.30 17.33 -45.87
CA GLN E 95 60.03 17.11 -47.12
C GLN E 95 59.10 16.94 -48.31
N THR E 96 57.83 16.58 -48.07
CA THR E 96 56.85 16.38 -49.13
C THR E 96 56.18 17.68 -49.57
N GLY E 97 56.61 18.82 -49.05
CA GLY E 97 56.05 20.09 -49.46
C GLY E 97 54.80 20.52 -48.74
N ALA E 98 54.39 19.82 -47.69
CA ALA E 98 53.18 20.15 -46.95
C ALA E 98 53.50 21.12 -45.82
N THR E 99 52.46 21.82 -45.37
CA THR E 99 52.59 22.75 -44.26
C THR E 99 52.45 21.99 -42.95
N ARG E 100 52.33 22.72 -41.84
CA ARG E 100 52.19 22.05 -40.55
C ARG E 100 50.75 21.62 -40.31
N ALA E 101 49.79 22.48 -40.67
CA ALA E 101 48.38 22.12 -40.52
C ALA E 101 47.95 21.07 -41.54
N ASP E 102 48.58 21.06 -42.72
CA ASP E 102 48.26 20.06 -43.73
C ASP E 102 48.97 18.74 -43.48
N SER E 103 49.93 18.70 -42.56
CA SER E 103 50.53 17.46 -42.11
C SER E 103 49.93 16.98 -40.80
N TRP E 104 49.28 17.88 -40.05
CA TRP E 104 48.54 17.48 -38.86
C TRP E 104 47.43 16.51 -39.19
N VAL E 105 46.73 16.75 -40.31
CA VAL E 105 45.70 15.84 -40.80
C VAL E 105 46.29 14.46 -41.08
N ASP E 106 47.33 14.42 -41.91
CA ASP E 106 47.96 13.17 -42.35
C ASP E 106 48.52 12.35 -41.18
N ILE E 107 49.10 13.01 -40.18
CA ILE E 107 49.64 12.26 -39.04
C ILE E 107 48.53 11.92 -38.06
N GLU E 108 47.88 12.93 -37.49
CA GLU E 108 47.02 12.72 -36.33
C GLU E 108 45.68 12.10 -36.70
N GLY E 109 45.07 12.48 -37.84
CA GLY E 109 43.85 11.82 -38.23
C GLY E 109 44.05 10.39 -38.68
N GLY E 110 45.27 10.03 -39.09
CA GLY E 110 45.56 8.63 -39.37
C GLY E 110 45.89 7.84 -38.13
N ILE E 111 46.40 8.49 -37.09
CA ILE E 111 46.62 7.78 -35.83
C ILE E 111 45.30 7.65 -35.06
N GLY E 112 44.40 8.63 -35.17
CA GLY E 112 43.12 8.58 -34.48
C GLY E 112 42.17 7.54 -35.01
N THR E 113 42.38 7.05 -36.23
CA THR E 113 41.62 5.93 -36.77
C THR E 113 41.84 4.67 -35.94
N LEU E 114 43.07 4.50 -35.43
CA LEU E 114 43.39 3.36 -34.58
C LEU E 114 42.66 3.44 -33.24
N PHE E 115 42.58 4.63 -32.65
CA PHE E 115 41.83 4.80 -31.42
C PHE E 115 40.34 4.59 -31.65
N THR E 116 39.83 5.03 -32.80
CA THR E 116 38.42 4.81 -33.14
C THR E 116 38.11 3.33 -33.28
N TYR E 117 38.95 2.58 -33.98
CA TYR E 117 38.71 1.15 -34.13
C TYR E 117 38.95 0.37 -32.84
N ALA E 118 39.86 0.83 -31.98
CA ALA E 118 40.04 0.20 -30.68
C ALA E 118 38.84 0.44 -29.77
N SER E 119 38.20 1.60 -29.86
CA SER E 119 37.01 1.84 -29.05
C SER E 119 35.78 1.16 -29.62
N LEU E 120 35.69 1.01 -30.94
CA LEU E 120 34.56 0.28 -31.52
C LEU E 120 34.67 -1.22 -31.28
N GLY E 121 35.82 -1.82 -31.57
CA GLY E 121 35.94 -3.26 -31.47
C GLY E 121 36.02 -3.84 -30.08
N SER E 122 36.03 -3.00 -29.05
CA SER E 122 36.00 -3.49 -27.67
C SER E 122 34.61 -3.48 -27.07
N ARG E 123 33.69 -2.69 -27.61
CA ARG E 123 32.34 -2.60 -27.09
C ARG E 123 31.33 -3.41 -27.87
N GLU E 124 31.63 -3.76 -29.12
CA GLU E 124 30.64 -4.33 -30.02
C GLU E 124 31.05 -5.68 -30.63
N LEU E 125 32.27 -6.16 -30.35
CA LEU E 125 32.79 -7.42 -30.84
C LEU E 125 32.94 -8.43 -29.71
N PRO E 126 32.74 -9.72 -29.95
CA PRO E 126 32.72 -10.70 -28.86
C PRO E 126 34.12 -11.06 -28.38
N ASP E 127 34.14 -11.83 -27.30
CA ASP E 127 35.37 -12.36 -26.71
C ASP E 127 35.62 -13.78 -27.21
N ASP E 128 35.86 -13.89 -28.51
CA ASP E 128 35.93 -15.20 -29.16
C ASP E 128 36.74 -15.04 -30.43
N THR E 129 37.03 -16.17 -31.08
CA THR E 129 37.68 -16.16 -32.38
C THR E 129 36.66 -16.05 -33.52
N LEU E 130 35.44 -16.54 -33.29
CA LEU E 130 34.34 -16.39 -34.22
C LEU E 130 33.45 -15.23 -33.80
N TRP E 131 32.56 -14.83 -34.70
CA TRP E 131 31.65 -13.71 -34.43
C TRP E 131 30.27 -14.00 -35.01
N PRO E 132 29.32 -14.44 -34.18
CA PRO E 132 27.94 -14.63 -34.63
C PRO E 132 27.23 -13.29 -34.75
N GLU E 133 26.82 -12.93 -35.97
CA GLU E 133 26.24 -11.61 -36.21
C GLU E 133 24.72 -11.58 -36.06
N ASP E 134 24.03 -12.71 -36.24
CA ASP E 134 22.58 -12.75 -36.13
C ASP E 134 22.16 -13.26 -34.77
N GLU E 135 20.84 -13.35 -34.56
CA GLU E 135 20.35 -13.88 -33.30
C GLU E 135 20.04 -15.37 -33.38
N LEU E 136 19.03 -15.72 -34.17
CA LEU E 136 18.59 -17.09 -34.45
C LEU E 136 17.53 -17.02 -35.54
N ILE E 137 17.55 -17.99 -36.43
CA ILE E 137 16.54 -18.13 -37.47
C ILE E 137 15.84 -19.47 -37.26
N PRO E 138 14.62 -19.47 -36.72
CA PRO E 138 13.91 -20.75 -36.51
C PRO E 138 13.33 -21.28 -37.82
N LEU E 139 13.78 -22.47 -38.21
CA LEU E 139 13.44 -23.05 -39.50
C LEU E 139 12.58 -24.30 -39.36
N SER E 140 11.81 -24.41 -38.28
CA SER E 140 11.06 -25.62 -38.01
C SER E 140 9.79 -25.28 -37.24
N LYS E 141 8.94 -26.29 -37.07
CA LYS E 141 7.65 -26.13 -36.41
C LYS E 141 7.73 -26.45 -34.92
N GLU E 142 8.53 -27.45 -34.55
CA GLU E 142 8.72 -27.80 -33.14
C GLU E 142 9.82 -26.96 -32.51
N GLY E 143 10.97 -26.84 -33.18
CA GLY E 143 12.09 -26.10 -32.63
C GLY E 143 13.35 -26.92 -32.55
N GLY E 144 13.44 -27.97 -33.36
CA GLY E 144 14.61 -28.81 -33.41
C GLY E 144 15.54 -28.57 -34.57
N PHE E 145 15.25 -27.59 -35.42
CA PHE E 145 16.08 -27.27 -36.58
C PHE E 145 16.10 -25.76 -36.75
N ALA E 146 17.29 -25.17 -36.71
CA ALA E 146 17.44 -23.74 -36.86
C ALA E 146 18.77 -23.46 -37.55
N ALA E 147 19.05 -22.18 -37.77
CA ALA E 147 20.26 -21.74 -38.44
C ALA E 147 20.64 -20.36 -37.93
N ARG E 148 21.91 -20.00 -38.13
CA ARG E 148 22.39 -18.65 -37.83
C ARG E 148 23.66 -18.38 -38.61
N HIS E 149 24.02 -17.11 -38.72
CA HIS E 149 25.15 -16.68 -39.53
C HIS E 149 26.39 -16.47 -38.67
N LEU E 150 27.54 -16.78 -39.25
CA LEU E 150 28.84 -16.68 -38.60
C LEU E 150 29.80 -15.95 -39.53
N LEU E 151 30.83 -15.35 -38.94
CA LEU E 151 31.87 -14.64 -39.67
C LEU E 151 33.22 -15.15 -39.19
N THR E 152 33.97 -15.79 -40.09
CA THR E 152 35.27 -16.34 -39.75
C THR E 152 36.35 -15.70 -40.61
N SER E 153 37.51 -15.46 -40.01
CA SER E 153 38.58 -14.74 -40.70
C SER E 153 39.22 -15.62 -41.77
N LYS E 154 39.55 -15.00 -42.90
CA LYS E 154 40.22 -15.69 -43.98
C LYS E 154 41.65 -16.04 -43.59
N SER E 155 42.25 -16.96 -44.34
CA SER E 155 43.55 -17.49 -43.98
C SER E 155 44.59 -17.18 -45.03
N GLY E 156 44.60 -15.95 -45.51
CA GLY E 156 45.55 -15.51 -46.52
C GLY E 156 46.20 -14.19 -46.13
N VAL E 157 46.39 -13.33 -47.13
CA VAL E 157 47.00 -12.03 -46.95
C VAL E 157 46.13 -10.95 -47.57
N ALA E 158 46.33 -9.72 -47.11
CA ALA E 158 45.66 -8.54 -47.64
C ALA E 158 46.71 -7.64 -48.27
N VAL E 159 46.68 -7.53 -49.60
CA VAL E 159 47.67 -6.77 -50.34
C VAL E 159 47.09 -5.39 -50.62
N HIS E 160 47.74 -4.34 -50.09
CA HIS E 160 47.26 -2.98 -50.22
C HIS E 160 48.20 -2.19 -51.13
N ILE E 161 47.61 -1.44 -52.06
CA ILE E 161 48.35 -0.62 -53.02
C ILE E 161 47.87 0.81 -52.86
N ASN E 162 48.69 1.65 -52.26
CA ASN E 162 48.29 2.97 -51.80
C ASN E 162 48.61 4.03 -52.85
N ALA E 163 48.39 5.29 -52.51
CA ALA E 163 48.67 6.44 -53.36
C ALA E 163 49.70 7.33 -52.67
N PHE E 164 49.98 8.49 -53.26
CA PHE E 164 51.01 9.37 -52.73
C PHE E 164 50.46 10.53 -51.89
N ASN E 165 49.14 10.64 -51.73
CA ASN E 165 48.59 11.78 -51.01
C ASN E 165 48.82 11.66 -49.53
N PHE E 166 48.33 10.59 -48.92
CA PHE E 166 48.38 10.39 -47.48
C PHE E 166 49.19 9.13 -47.19
N PRO E 167 50.50 9.24 -46.99
CA PRO E 167 51.30 8.05 -46.68
C PRO E 167 51.06 7.53 -45.28
N CYS E 168 50.63 8.40 -44.37
CA CYS E 168 50.39 8.02 -42.99
C CYS E 168 48.94 7.68 -42.72
N TRP E 169 48.00 8.35 -43.40
CA TRP E 169 46.59 8.00 -43.25
C TRP E 169 46.22 6.80 -44.12
N GLY E 170 46.56 6.86 -45.41
CA GLY E 170 46.04 5.90 -46.37
C GLY E 170 46.60 4.50 -46.21
N MET E 171 47.81 4.37 -45.66
CA MET E 171 48.29 3.06 -45.25
C MET E 171 47.51 2.54 -44.06
N LEU E 172 47.21 3.41 -43.12
CA LEU E 172 46.87 3.03 -41.76
C LEU E 172 45.37 3.06 -41.48
N GLU E 173 44.56 3.45 -42.47
CA GLU E 173 43.12 3.21 -42.42
C GLU E 173 42.72 1.91 -43.08
N LYS E 174 43.58 1.36 -43.93
CA LYS E 174 43.41 0.02 -44.48
C LYS E 174 43.94 -1.06 -43.57
N LEU E 175 44.61 -0.69 -42.48
CA LEU E 175 45.36 -1.61 -41.66
C LEU E 175 44.71 -1.90 -40.31
N ALA E 176 43.89 -1.01 -39.81
CA ALA E 176 43.13 -1.30 -38.60
C ALA E 176 42.02 -2.34 -38.81
N PRO E 177 41.21 -2.32 -39.89
CA PRO E 177 40.29 -3.45 -40.09
C PRO E 177 40.99 -4.73 -40.52
N THR E 178 42.17 -4.65 -41.14
CA THR E 178 42.88 -5.86 -41.53
C THR E 178 43.42 -6.61 -40.33
N TRP E 179 44.02 -5.89 -39.38
CA TRP E 179 44.48 -6.53 -38.14
C TRP E 179 43.32 -6.89 -37.23
N LEU E 180 42.27 -6.07 -37.19
CA LEU E 180 41.12 -6.40 -36.36
C LEU E 180 40.33 -7.57 -36.91
N GLY E 181 40.39 -7.82 -38.22
CA GLY E 181 39.71 -8.95 -38.81
C GLY E 181 40.45 -10.25 -38.64
N GLY E 182 41.78 -10.21 -38.72
CA GLY E 182 42.58 -11.40 -38.47
C GLY E 182 43.51 -11.79 -39.60
N MET E 183 43.91 -10.84 -40.44
CA MET E 183 44.77 -11.14 -41.58
C MET E 183 46.06 -10.32 -41.50
N PRO E 184 47.16 -10.86 -42.01
CA PRO E 184 48.40 -10.07 -42.11
C PRO E 184 48.47 -9.30 -43.43
N ALA E 185 49.06 -8.11 -43.35
CA ALA E 185 49.04 -7.16 -44.46
C ALA E 185 50.42 -6.99 -45.08
N ILE E 186 50.42 -6.73 -46.38
CA ILE E 186 51.61 -6.32 -47.13
C ILE E 186 51.30 -4.99 -47.79
N ILE E 187 52.09 -3.98 -47.49
CA ILE E 187 51.85 -2.62 -47.95
C ILE E 187 52.80 -2.31 -49.11
N LYS E 188 52.24 -1.85 -50.23
CA LYS E 188 53.03 -1.29 -51.33
C LYS E 188 52.65 0.18 -51.47
N PRO E 189 53.43 1.10 -50.93
CA PRO E 189 53.12 2.52 -51.08
C PRO E 189 53.60 3.05 -52.42
N ALA E 190 53.25 4.31 -52.68
CA ALA E 190 53.73 4.97 -53.89
C ALA E 190 55.20 5.36 -53.71
N THR E 191 55.96 5.23 -54.78
CA THR E 191 57.41 5.43 -54.71
C THR E 191 57.82 6.90 -54.76
N ALA E 192 56.88 7.83 -54.63
CA ALA E 192 57.23 9.25 -54.57
C ALA E 192 57.33 9.78 -53.16
N THR E 193 56.65 9.14 -52.20
CA THR E 193 56.71 9.55 -50.80
C THR E 193 56.74 8.33 -49.88
N ALA E 194 57.51 7.32 -50.24
CA ALA E 194 57.59 6.10 -49.43
C ALA E 194 58.44 6.24 -48.18
N GLN E 195 59.16 7.36 -48.02
CA GLN E 195 60.06 7.52 -46.88
C GLN E 195 59.31 7.78 -45.58
N LEU E 196 58.04 8.18 -45.65
CA LEU E 196 57.22 8.30 -44.45
C LEU E 196 56.55 6.97 -44.11
N THR E 197 56.17 6.22 -45.14
CA THR E 197 55.59 4.89 -44.95
C THR E 197 56.60 3.94 -44.31
N GLN E 198 57.87 4.03 -44.72
CA GLN E 198 58.89 3.17 -44.11
C GLN E 198 59.11 3.52 -42.65
N ALA E 199 59.05 4.82 -42.31
CA ALA E 199 59.22 5.23 -40.92
C ALA E 199 58.05 4.75 -40.07
N MET E 200 56.84 4.79 -40.62
CA MET E 200 55.66 4.25 -39.93
C MET E 200 55.80 2.74 -39.68
N VAL E 201 56.21 2.00 -40.71
CA VAL E 201 56.34 0.54 -40.60
C VAL E 201 57.48 0.19 -39.63
N LYS E 202 58.56 0.97 -39.63
CA LYS E 202 59.66 0.72 -38.71
C LYS E 202 59.26 1.00 -37.27
N SER E 203 58.46 2.05 -37.05
CA SER E 203 57.97 2.31 -35.70
C SER E 203 56.96 1.26 -35.24
N ILE E 204 56.22 0.64 -36.17
CA ILE E 204 55.35 -0.46 -35.79
C ILE E 204 56.17 -1.71 -35.43
N VAL E 205 57.17 -2.02 -36.25
CA VAL E 205 57.90 -3.28 -36.08
C VAL E 205 58.82 -3.22 -34.86
N ASP E 206 59.55 -2.13 -34.68
CA ASP E 206 60.52 -2.07 -33.59
C ASP E 206 59.89 -1.64 -32.27
N SER E 207 58.82 -2.32 -31.87
CA SER E 207 58.23 -2.13 -30.55
C SER E 207 57.81 -3.42 -29.88
N GLY E 208 57.72 -4.54 -30.61
CA GLY E 208 57.33 -5.80 -30.02
C GLY E 208 55.87 -5.90 -29.64
N LEU E 209 55.01 -5.07 -30.23
CA LEU E 209 53.60 -5.08 -29.89
C LEU E 209 52.79 -6.01 -30.78
N VAL E 210 53.05 -6.00 -32.08
CA VAL E 210 52.36 -6.88 -33.02
C VAL E 210 53.16 -8.18 -33.13
N PRO E 211 52.53 -9.30 -33.50
CA PRO E 211 53.31 -10.52 -33.78
C PRO E 211 54.16 -10.37 -35.02
N GLU E 212 55.13 -11.27 -35.14
CA GLU E 212 55.99 -11.26 -36.32
C GLU E 212 55.23 -11.80 -37.53
N GLY E 213 55.55 -11.27 -38.70
CA GLY E 213 54.83 -11.62 -39.91
C GLY E 213 53.53 -10.90 -40.12
N ALA E 214 53.04 -10.14 -39.13
CA ALA E 214 51.75 -9.48 -39.23
C ALA E 214 51.80 -8.21 -40.08
N ILE E 215 52.97 -7.78 -40.52
CA ILE E 215 53.09 -6.62 -41.39
C ILE E 215 54.32 -6.80 -42.27
N SER E 216 54.18 -6.42 -43.54
CA SER E 216 55.30 -6.41 -44.46
C SER E 216 55.18 -5.18 -45.35
N LEU E 217 56.31 -4.81 -45.96
CA LEU E 217 56.40 -3.58 -46.72
C LEU E 217 57.28 -3.83 -47.94
N ILE E 218 56.85 -3.35 -49.10
CA ILE E 218 57.68 -3.38 -50.30
C ILE E 218 57.81 -1.96 -50.84
N CYS E 219 59.05 -1.54 -51.09
CA CYS E 219 59.34 -0.21 -51.62
C CYS E 219 59.85 -0.40 -53.04
N GLY E 220 59.08 0.06 -54.01
CA GLY E 220 59.34 -0.23 -55.41
C GLY E 220 58.21 -1.04 -56.00
N SER E 221 58.43 -1.65 -57.15
CA SER E 221 57.39 -2.43 -57.81
C SER E 221 57.20 -3.77 -57.10
N ALA E 222 55.98 -4.30 -57.21
CA ALA E 222 55.69 -5.61 -56.62
C ALA E 222 56.22 -6.73 -57.51
N GLY E 223 56.14 -6.55 -58.83
CA GLY E 223 56.79 -7.46 -59.75
C GLY E 223 56.04 -8.75 -60.03
N ASP E 224 56.08 -9.68 -59.09
CA ASP E 224 55.54 -11.02 -59.31
C ASP E 224 54.75 -11.45 -58.08
N LEU E 225 53.92 -10.55 -57.56
CA LEU E 225 53.14 -10.83 -56.36
C LEU E 225 51.71 -11.23 -56.65
N LEU E 226 51.06 -10.56 -57.61
CA LEU E 226 49.67 -10.89 -57.93
C LEU E 226 49.54 -12.20 -58.68
N ASP E 227 50.63 -12.71 -59.26
CA ASP E 227 50.65 -14.00 -59.92
C ASP E 227 50.85 -15.16 -58.94
N HIS E 228 50.95 -14.87 -57.65
CA HIS E 228 51.18 -15.90 -56.65
C HIS E 228 50.05 -16.01 -55.63
N LEU E 229 49.03 -15.16 -55.72
CA LEU E 229 48.00 -15.12 -54.70
C LEU E 229 47.00 -16.27 -54.86
N ASP E 230 46.39 -16.64 -53.74
CA ASP E 230 45.41 -17.70 -53.65
C ASP E 230 44.03 -17.07 -53.45
N SER E 231 42.99 -17.90 -53.46
CA SER E 231 41.62 -17.42 -53.34
C SER E 231 41.23 -17.02 -51.92
N GLN E 232 42.10 -17.19 -50.94
CA GLN E 232 41.89 -16.69 -49.59
C GLN E 232 42.57 -15.36 -49.34
N ASP E 233 43.01 -14.68 -50.38
CA ASP E 233 43.66 -13.38 -50.29
C ASP E 233 42.69 -12.28 -50.71
N VAL E 234 42.95 -11.05 -50.28
CA VAL E 234 42.19 -9.90 -50.76
C VAL E 234 43.16 -8.82 -51.23
N VAL E 235 42.70 -7.98 -52.16
CA VAL E 235 43.52 -6.91 -52.73
C VAL E 235 42.73 -5.61 -52.66
N THR E 236 43.37 -4.56 -52.16
CA THR E 236 42.80 -3.22 -52.12
C THR E 236 43.69 -2.27 -52.92
N PHE E 237 43.07 -1.48 -53.79
CA PHE E 237 43.78 -0.53 -54.64
C PHE E 237 43.31 0.90 -54.34
N THR E 238 44.24 1.85 -54.47
CA THR E 238 43.94 3.26 -54.31
C THR E 238 44.82 4.04 -55.27
N GLY E 239 44.21 4.67 -56.26
CA GLY E 239 44.99 5.35 -57.28
C GLY E 239 44.08 5.92 -58.35
N SER E 240 44.65 6.12 -59.54
CA SER E 240 43.88 6.67 -60.64
C SER E 240 42.99 5.58 -61.25
N ALA E 241 42.05 6.02 -62.09
CA ALA E 241 41.10 5.10 -62.71
C ALA E 241 41.67 4.39 -63.93
N ALA E 242 42.91 4.68 -64.33
CA ALA E 242 43.51 4.02 -65.47
C ALA E 242 44.36 2.82 -65.07
N THR E 243 44.92 2.84 -63.86
CA THR E 243 45.75 1.74 -63.39
C THR E 243 44.88 0.61 -62.81
N GLY E 244 43.85 0.98 -62.05
CA GLY E 244 42.99 -0.01 -61.42
C GLY E 244 42.15 -0.82 -62.39
N GLN E 245 41.90 -0.30 -63.58
CA GLN E 245 41.22 -1.07 -64.60
C GLN E 245 42.17 -1.94 -65.41
N MET E 246 43.48 -1.76 -65.23
CA MET E 246 44.47 -2.71 -65.74
C MET E 246 44.75 -3.80 -64.73
N LEU E 247 44.69 -3.48 -63.44
CA LEU E 247 44.89 -4.46 -62.38
C LEU E 247 43.64 -5.28 -62.08
N ARG E 248 42.46 -4.84 -62.53
CA ARG E 248 41.26 -5.63 -62.31
C ARG E 248 41.23 -6.85 -63.22
N VAL E 249 41.74 -6.73 -64.44
CA VAL E 249 41.69 -7.80 -65.42
C VAL E 249 43.00 -8.60 -65.44
N GLN E 250 43.76 -8.56 -64.36
CA GLN E 250 44.93 -9.41 -64.22
C GLN E 250 44.47 -10.86 -64.13
N PRO E 251 45.06 -11.78 -64.91
CA PRO E 251 44.42 -13.08 -65.13
C PRO E 251 44.38 -13.99 -63.91
N ASN E 252 45.31 -13.85 -62.95
CA ASN E 252 45.21 -14.63 -61.72
C ASN E 252 44.06 -14.15 -60.86
N ILE E 253 43.79 -12.84 -60.87
CA ILE E 253 42.73 -12.27 -60.05
C ILE E 253 41.36 -12.68 -60.58
N VAL E 254 41.19 -12.70 -61.90
CA VAL E 254 39.92 -13.15 -62.47
C VAL E 254 39.86 -14.66 -62.61
N ALA E 255 40.97 -15.37 -62.43
CA ALA E 255 40.93 -16.82 -62.45
C ALA E 255 40.54 -17.38 -61.08
N LYS E 256 41.27 -16.99 -60.03
CA LYS E 256 41.01 -17.50 -58.69
C LYS E 256 39.84 -16.81 -58.00
N SER E 257 39.30 -15.74 -58.60
CA SER E 257 38.16 -14.96 -58.10
C SER E 257 38.43 -14.42 -56.69
N ILE E 258 39.45 -13.57 -56.59
CA ILE E 258 39.83 -12.98 -55.31
C ILE E 258 39.18 -11.59 -55.24
N PRO E 259 38.85 -11.11 -54.04
CA PRO E 259 38.25 -9.77 -53.93
C PRO E 259 39.24 -8.67 -54.27
N PHE E 260 38.80 -7.77 -55.14
CA PHE E 260 39.58 -6.60 -55.56
C PHE E 260 38.73 -5.37 -55.31
N THR E 261 39.19 -4.48 -54.44
CA THR E 261 38.45 -3.27 -54.10
C THR E 261 39.17 -2.08 -54.73
N MET E 262 38.61 -1.58 -55.83
CA MET E 262 39.18 -0.44 -56.54
C MET E 262 38.54 0.84 -56.03
N GLU E 263 39.34 1.90 -55.98
CA GLU E 263 38.82 3.19 -55.53
C GLU E 263 39.62 4.30 -56.23
N ALA E 264 38.92 5.12 -57.01
CA ALA E 264 39.59 5.98 -58.00
C ALA E 264 39.23 7.45 -57.85
N ASP E 265 39.62 8.25 -58.85
CA ASP E 265 39.41 9.69 -58.85
C ASP E 265 37.93 10.05 -59.01
N SER E 266 37.63 11.32 -58.75
CA SER E 266 36.24 11.77 -58.75
C SER E 266 36.19 13.27 -59.00
N LEU E 267 35.00 13.76 -59.32
CA LEU E 267 34.70 15.16 -59.51
C LEU E 267 33.59 15.53 -58.53
N ASN E 268 33.95 16.31 -57.51
CA ASN E 268 33.09 16.52 -56.34
C ASN E 268 32.42 17.87 -56.44
N CYS E 269 31.09 17.86 -56.59
CA CYS E 269 30.35 19.09 -56.79
C CYS E 269 30.14 19.84 -55.48
N CYS E 270 29.64 21.07 -55.61
CA CYS E 270 29.25 21.88 -54.46
C CYS E 270 28.17 22.83 -54.96
N VAL E 271 26.91 22.54 -54.62
CA VAL E 271 25.76 23.20 -55.21
C VAL E 271 25.27 24.27 -54.25
N LEU E 272 25.03 25.47 -54.76
CA LEU E 272 24.40 26.53 -54.00
C LEU E 272 22.90 26.51 -54.26
N GLY E 273 22.11 26.76 -53.22
CA GLY E 273 20.67 26.66 -53.34
C GLY E 273 20.02 27.92 -53.88
N GLU E 274 18.76 27.78 -54.28
CA GLU E 274 18.01 28.90 -54.82
C GLU E 274 17.51 29.87 -53.76
N ASP E 275 17.53 29.46 -52.49
CA ASP E 275 17.02 30.29 -51.41
C ASP E 275 18.10 31.14 -50.74
N VAL E 276 19.23 31.36 -51.41
CA VAL E 276 20.37 32.06 -50.84
C VAL E 276 20.54 33.38 -51.58
N THR E 277 20.57 34.48 -50.83
CA THR E 277 20.88 35.82 -51.26
C THR E 277 22.14 36.28 -50.54
N PRO E 278 22.94 37.19 -51.13
CA PRO E 278 24.25 37.52 -50.53
C PRO E 278 24.20 38.27 -49.20
N ASP E 279 23.03 38.61 -48.66
CA ASP E 279 22.95 39.20 -47.33
C ASP E 279 22.88 38.15 -46.22
N GLN E 280 22.54 36.91 -46.54
CA GLN E 280 22.42 35.85 -45.56
C GLN E 280 23.80 35.39 -45.11
N PRO E 281 23.90 34.73 -43.94
CA PRO E 281 25.18 34.13 -43.53
C PRO E 281 25.56 32.88 -44.30
N GLU E 282 24.71 32.37 -45.18
CA GLU E 282 25.04 31.16 -45.94
C GLU E 282 26.09 31.43 -46.99
N PHE E 283 26.09 32.64 -47.56
CA PHE E 283 26.95 32.97 -48.68
C PHE E 283 28.41 33.03 -48.26
N ALA E 284 28.69 33.60 -47.09
CA ALA E 284 30.06 33.74 -46.62
C ALA E 284 30.67 32.40 -46.26
N LEU E 285 29.90 31.51 -45.62
CA LEU E 285 30.42 30.18 -45.33
C LEU E 285 30.49 29.30 -46.56
N PHE E 286 29.66 29.56 -47.58
CA PHE E 286 29.82 28.90 -48.88
C PHE E 286 31.17 29.24 -49.50
N ILE E 287 31.49 30.55 -49.56
CA ILE E 287 32.75 31.00 -50.14
C ILE E 287 33.94 30.48 -49.32
N ARG E 288 33.79 30.48 -47.98
CA ARG E 288 34.84 29.99 -47.10
C ARG E 288 35.09 28.49 -47.28
N GLU E 289 34.00 27.71 -47.42
CA GLU E 289 34.13 26.28 -47.61
C GLU E 289 34.80 25.94 -48.94
N VAL E 290 34.40 26.64 -50.01
CA VAL E 290 34.99 26.38 -51.34
C VAL E 290 36.47 26.74 -51.35
N VAL E 291 36.84 27.88 -50.76
CA VAL E 291 38.23 28.31 -50.75
C VAL E 291 39.09 27.41 -49.88
N ARG E 292 38.59 27.01 -48.70
CA ARG E 292 39.35 26.12 -47.82
C ARG E 292 39.54 24.76 -48.45
N GLU E 293 38.50 24.21 -49.07
CA GLU E 293 38.60 22.89 -49.66
C GLU E 293 39.42 22.89 -50.94
N MET E 294 39.53 24.03 -51.61
CA MET E 294 40.36 24.09 -52.80
C MET E 294 41.82 24.39 -52.49
N THR E 295 42.11 25.06 -51.36
CA THR E 295 43.50 25.41 -51.05
C THR E 295 44.14 24.49 -50.02
N THR E 296 43.39 23.64 -49.32
CA THR E 296 43.98 22.76 -48.32
C THR E 296 44.74 21.62 -48.98
N LYS E 297 45.95 21.36 -48.48
CA LYS E 297 46.85 20.28 -48.93
C LYS E 297 47.20 20.47 -50.41
N ALA E 298 47.32 21.74 -50.81
CA ALA E 298 47.69 22.18 -52.17
C ALA E 298 46.75 21.63 -53.24
N GLY E 299 45.49 21.39 -52.87
CA GLY E 299 44.54 20.80 -53.79
C GLY E 299 44.77 19.34 -54.12
N GLN E 300 45.58 18.65 -53.32
CA GLN E 300 45.99 17.28 -53.59
C GLN E 300 45.30 16.28 -52.68
N LYS E 301 44.03 16.50 -52.37
CA LYS E 301 43.21 15.47 -51.73
C LYS E 301 42.10 15.07 -52.68
N CYS E 302 41.74 13.78 -52.61
CA CYS E 302 40.77 13.19 -53.53
C CYS E 302 39.35 13.69 -53.30
N THR E 303 39.08 14.29 -52.14
CA THR E 303 37.75 14.79 -51.78
C THR E 303 37.66 16.31 -51.90
N ALA E 304 38.29 16.89 -52.89
CA ALA E 304 38.32 18.33 -53.08
C ALA E 304 37.22 18.78 -54.03
N ILE E 305 36.71 19.99 -53.80
CA ILE E 305 35.64 20.56 -54.63
C ILE E 305 36.24 20.98 -55.96
N ARG E 306 35.68 20.45 -57.05
CA ARG E 306 36.19 20.77 -58.38
C ARG E 306 35.14 21.30 -59.35
N ARG E 307 33.85 21.19 -59.02
CA ARG E 307 32.79 21.77 -59.82
C ARG E 307 31.89 22.58 -58.90
N ILE E 308 31.78 23.88 -59.15
CA ILE E 308 30.97 24.78 -58.34
C ILE E 308 29.74 25.14 -59.16
N ILE E 309 28.58 24.63 -58.76
CA ILE E 309 27.32 24.87 -59.44
C ILE E 309 26.59 25.98 -58.71
N VAL E 310 26.41 27.12 -59.37
CA VAL E 310 25.75 28.27 -58.75
C VAL E 310 24.53 28.65 -59.59
N PRO E 311 23.51 29.30 -59.02
CA PRO E 311 22.38 29.76 -59.85
C PRO E 311 22.79 30.87 -60.79
N GLN E 312 21.90 31.15 -61.74
CA GLN E 312 22.24 32.01 -62.88
C GLN E 312 22.38 33.47 -62.47
N ALA E 313 21.52 33.95 -61.58
CA ALA E 313 21.56 35.34 -61.15
C ALA E 313 22.64 35.61 -60.10
N LEU E 314 23.38 34.60 -59.66
CA LEU E 314 24.37 34.76 -58.60
C LEU E 314 25.78 34.38 -59.06
N VAL E 315 26.02 34.29 -60.37
CA VAL E 315 27.35 33.94 -60.86
C VAL E 315 28.32 35.07 -60.57
N ASN E 316 27.99 36.29 -61.00
CA ASN E 316 28.85 37.44 -60.83
C ASN E 316 29.02 37.84 -59.37
N ALA E 317 28.07 37.48 -58.51
CA ALA E 317 28.26 37.69 -57.07
C ALA E 317 29.20 36.66 -56.47
N VAL E 318 29.29 35.48 -57.06
CA VAL E 318 30.21 34.45 -56.57
C VAL E 318 31.60 34.62 -57.15
N SER E 319 31.70 34.80 -58.47
CA SER E 319 32.98 34.87 -59.15
C SER E 319 33.77 36.13 -58.79
N ASP E 320 33.12 37.15 -58.24
CA ASP E 320 33.83 38.29 -57.67
C ASP E 320 34.18 38.10 -56.21
N ALA E 321 33.45 37.26 -55.48
CA ALA E 321 33.70 37.04 -54.07
C ALA E 321 34.70 35.93 -53.81
N LEU E 322 34.88 35.01 -54.76
CA LEU E 322 35.90 33.97 -54.61
C LEU E 322 37.30 34.57 -54.80
N VAL E 323 37.49 35.32 -55.87
CA VAL E 323 38.81 35.77 -56.29
C VAL E 323 39.42 36.72 -55.27
N ALA E 324 38.60 37.62 -54.71
CA ALA E 324 39.07 38.50 -53.64
C ALA E 324 39.44 37.72 -52.38
N ARG E 325 38.82 36.56 -52.16
CA ARG E 325 39.25 35.68 -51.08
C ARG E 325 40.47 34.86 -51.49
N LEU E 326 40.65 34.63 -52.79
CA LEU E 326 41.73 33.75 -53.25
C LEU E 326 43.04 34.48 -53.53
N GLN E 327 43.01 35.79 -53.78
CA GLN E 327 44.24 36.53 -54.02
C GLN E 327 45.05 36.73 -52.75
N LYS E 328 44.45 36.54 -51.59
CA LYS E 328 45.15 36.67 -50.32
C LYS E 328 45.95 35.43 -49.95
N VAL E 329 45.90 34.38 -50.75
CA VAL E 329 46.65 33.15 -50.48
C VAL E 329 48.07 33.32 -51.01
N VAL E 330 49.05 33.14 -50.14
CA VAL E 330 50.46 33.35 -50.47
C VAL E 330 51.12 31.99 -50.66
N VAL E 331 51.45 31.67 -51.90
CA VAL E 331 52.07 30.40 -52.23
C VAL E 331 53.58 30.53 -52.04
N GLY E 332 54.18 29.58 -51.31
CA GLY E 332 55.61 29.60 -51.12
C GLY E 332 56.15 28.48 -50.25
N ASP E 333 57.29 28.72 -49.62
CA ASP E 333 57.89 27.75 -48.71
C ASP E 333 57.10 27.68 -47.41
N PRO E 334 56.75 26.47 -46.92
CA PRO E 334 55.95 26.38 -45.70
C PRO E 334 56.71 26.70 -44.42
N ALA E 335 58.04 26.61 -44.43
CA ALA E 335 58.80 26.87 -43.20
C ALA E 335 58.92 28.36 -42.92
N GLN E 336 59.06 29.18 -43.96
CA GLN E 336 59.11 30.61 -43.75
C GLN E 336 57.70 31.17 -43.53
N GLU E 337 57.65 32.31 -42.86
CA GLU E 337 56.38 32.84 -42.37
C GLU E 337 55.60 33.53 -43.49
N GLY E 338 54.31 33.73 -43.23
CA GLY E 338 53.43 34.39 -44.17
C GLY E 338 52.93 33.52 -45.31
N VAL E 339 53.16 32.21 -45.25
CA VAL E 339 52.83 31.29 -46.33
C VAL E 339 51.79 30.30 -45.82
N LYS E 340 50.68 30.17 -46.54
CA LYS E 340 49.60 29.26 -46.19
C LYS E 340 49.55 28.03 -47.09
N MET E 341 49.66 28.20 -48.40
CA MET E 341 49.68 27.08 -49.33
C MET E 341 51.12 26.63 -49.56
N GLY E 342 51.34 25.32 -49.47
CA GLY E 342 52.64 24.74 -49.76
C GLY E 342 52.84 24.47 -51.24
N ALA E 343 53.61 23.43 -51.53
CA ALA E 343 53.99 23.07 -52.88
C ALA E 343 53.32 21.76 -53.28
N LEU E 344 53.62 21.32 -54.50
CA LEU E 344 53.24 19.98 -54.95
C LEU E 344 54.36 19.02 -54.52
N VAL E 345 54.33 17.79 -55.03
CA VAL E 345 55.33 16.81 -54.63
C VAL E 345 56.41 16.57 -55.68
N ASN E 346 56.13 16.80 -56.95
CA ASN E 346 57.09 16.53 -58.01
C ASN E 346 56.94 17.55 -59.13
N ALA E 347 57.93 17.58 -60.01
CA ALA E 347 57.80 18.33 -61.26
C ALA E 347 56.91 17.62 -62.25
N GLU E 348 56.83 16.28 -62.17
CA GLU E 348 55.88 15.54 -62.98
C GLU E 348 54.45 15.88 -62.62
N GLN E 349 54.17 16.16 -61.35
CA GLN E 349 52.85 16.61 -60.95
C GLN E 349 52.55 18.01 -61.49
N ARG E 350 53.55 18.88 -61.50
CA ARG E 350 53.36 20.22 -62.06
C ARG E 350 53.12 20.17 -63.56
N ALA E 351 53.72 19.20 -64.25
CA ALA E 351 53.42 19.03 -65.67
C ALA E 351 52.04 18.42 -65.88
N ASP E 352 51.68 17.43 -65.06
CA ASP E 352 50.43 16.70 -65.27
C ASP E 352 49.19 17.50 -64.88
N VAL E 353 49.31 18.42 -63.92
CA VAL E 353 48.18 19.31 -63.62
C VAL E 353 47.94 20.26 -64.78
N GLN E 354 49.01 20.82 -65.35
CA GLN E 354 48.84 21.83 -66.38
C GLN E 354 48.43 21.22 -67.71
N GLU E 355 48.82 19.96 -67.98
CA GLU E 355 48.34 19.33 -69.21
C GLU E 355 46.86 18.99 -69.14
N LYS E 356 46.27 18.91 -67.93
CA LYS E 356 44.82 18.81 -67.79
C LYS E 356 44.16 20.18 -67.84
N VAL E 357 44.84 21.21 -67.32
CA VAL E 357 44.33 22.58 -67.39
C VAL E 357 44.21 23.03 -68.84
N ASN E 358 45.16 22.63 -69.70
CA ASN E 358 45.04 22.98 -71.11
C ASN E 358 43.89 22.26 -71.80
N ILE E 359 43.58 21.03 -71.39
CA ILE E 359 42.43 20.31 -71.94
C ILE E 359 41.13 20.99 -71.49
N LEU E 360 41.09 21.48 -70.25
CA LEU E 360 39.92 22.24 -69.82
C LEU E 360 39.83 23.59 -70.53
N LEU E 361 40.97 24.23 -70.80
CA LEU E 361 41.00 25.50 -71.53
C LEU E 361 40.76 25.35 -73.02
N ALA E 362 40.72 24.11 -73.54
CA ALA E 362 40.32 23.91 -74.93
C ALA E 362 38.86 24.28 -75.19
N ALA E 363 38.01 24.32 -74.15
CA ALA E 363 36.62 24.70 -74.32
C ALA E 363 36.09 25.60 -73.20
N GLY E 364 36.93 26.02 -72.27
CA GLY E 364 36.49 26.77 -71.09
C GLY E 364 36.74 28.26 -71.21
N CYS E 365 37.11 28.87 -70.09
CA CYS E 365 37.35 30.30 -70.01
C CYS E 365 38.44 30.52 -68.95
N GLU E 366 38.59 31.75 -68.47
CA GLU E 366 39.64 32.03 -67.51
C GLU E 366 39.21 33.16 -66.59
N ILE E 367 39.43 32.98 -65.28
CA ILE E 367 39.05 33.99 -64.29
C ILE E 367 40.29 34.44 -63.51
N ARG E 368 41.26 33.55 -63.33
CA ARG E 368 42.44 33.88 -62.53
C ARG E 368 43.69 33.33 -63.21
N LEU E 369 44.74 33.17 -62.41
CA LEU E 369 46.04 32.68 -62.88
C LEU E 369 45.93 31.19 -63.14
N GLY E 370 45.70 30.81 -64.39
CA GLY E 370 45.47 29.43 -64.73
C GLY E 370 46.67 28.73 -65.33
N GLY E 371 46.71 28.66 -66.66
CA GLY E 371 47.77 27.96 -67.38
C GLY E 371 49.15 28.56 -67.22
N GLN E 372 49.24 29.79 -66.70
CA GLN E 372 50.52 30.36 -66.32
C GLN E 372 51.08 29.56 -65.13
N ALA E 373 52.17 28.85 -65.38
CA ALA E 373 52.87 28.10 -64.33
C ALA E 373 54.32 28.00 -64.72
N ASP E 374 55.21 28.38 -63.81
CA ASP E 374 56.63 28.43 -64.10
C ASP E 374 57.18 27.00 -64.11
N LEU E 375 57.37 26.45 -65.31
CA LEU E 375 57.75 25.07 -65.49
C LEU E 375 59.26 24.85 -65.47
N SER E 376 60.02 25.76 -64.85
CA SER E 376 61.46 25.60 -64.75
C SER E 376 61.99 25.95 -63.37
N ALA E 377 61.12 26.12 -62.37
CA ALA E 377 61.56 26.50 -61.04
C ALA E 377 62.14 25.31 -60.30
N ALA E 378 62.87 25.61 -59.22
CA ALA E 378 63.40 24.59 -58.32
C ALA E 378 62.42 24.45 -57.16
N GLY E 379 61.28 23.84 -57.45
CA GLY E 379 60.18 23.75 -56.51
C GLY E 379 58.86 23.59 -57.22
N ALA E 380 58.01 22.71 -56.70
CA ALA E 380 56.80 22.30 -57.41
C ALA E 380 55.62 23.17 -56.98
N PHE E 381 55.60 24.38 -57.50
CA PHE E 381 54.56 25.34 -57.19
C PHE E 381 53.55 25.43 -58.32
N PHE E 382 52.29 25.67 -57.97
CA PHE E 382 51.24 25.91 -58.94
C PHE E 382 50.31 26.93 -58.32
N PRO E 383 49.90 27.96 -59.06
CA PRO E 383 49.06 29.01 -58.49
C PRO E 383 47.62 28.55 -58.37
N PRO E 384 46.86 29.10 -57.43
CA PRO E 384 45.44 28.74 -57.32
C PRO E 384 44.64 29.26 -58.51
N THR E 385 43.73 28.43 -59.00
CA THR E 385 43.11 28.61 -60.30
C THR E 385 41.60 28.48 -60.19
N LEU E 386 40.88 29.45 -60.75
CA LEU E 386 39.43 29.40 -60.88
C LEU E 386 39.07 29.55 -62.35
N LEU E 387 38.29 28.62 -62.88
CA LEU E 387 37.89 28.64 -64.26
C LEU E 387 36.40 28.96 -64.37
N TYR E 388 35.88 28.90 -65.60
CA TYR E 388 34.48 29.21 -65.85
C TYR E 388 34.06 28.50 -67.13
N CYS E 389 32.82 28.02 -67.15
CA CYS E 389 32.27 27.30 -68.31
C CYS E 389 30.84 27.75 -68.52
N PRO E 390 30.59 28.60 -69.53
CA PRO E 390 29.23 29.12 -69.74
C PRO E 390 28.28 28.14 -70.40
N GLN E 391 28.77 27.05 -70.97
CA GLN E 391 27.94 26.01 -71.57
C GLN E 391 28.20 24.71 -70.81
N PRO E 392 27.51 24.47 -69.70
CA PRO E 392 27.86 23.31 -68.86
C PRO E 392 27.38 21.97 -69.41
N ASP E 393 26.21 21.94 -70.02
CA ASP E 393 25.65 20.70 -70.55
C ASP E 393 25.97 20.48 -72.01
N GLU E 394 26.87 21.27 -72.58
CA GLU E 394 27.35 21.08 -73.95
C GLU E 394 28.87 20.96 -74.01
N THR E 395 29.50 20.66 -72.88
CA THR E 395 30.95 20.50 -72.80
C THR E 395 31.22 19.30 -71.90
N PRO E 396 31.39 18.11 -72.50
CA PRO E 396 31.60 16.91 -71.67
C PRO E 396 32.99 16.79 -71.09
N ALA E 397 33.94 17.61 -71.52
CA ALA E 397 35.29 17.55 -70.95
C ALA E 397 35.37 18.15 -69.56
N VAL E 398 34.38 18.97 -69.18
CA VAL E 398 34.31 19.48 -67.82
C VAL E 398 33.94 18.36 -66.86
N HIS E 399 32.98 17.52 -67.25
CA HIS E 399 32.43 16.49 -66.40
C HIS E 399 33.23 15.19 -66.43
N ALA E 400 34.44 15.19 -67.00
CA ALA E 400 35.23 13.97 -67.07
C ALA E 400 36.71 14.17 -66.77
N THR E 401 37.18 15.40 -66.55
CA THR E 401 38.60 15.68 -66.38
C THR E 401 38.82 16.35 -65.03
N GLU E 402 39.63 15.74 -64.19
CA GLU E 402 39.99 16.29 -62.89
C GLU E 402 41.45 16.72 -62.92
N ALA E 403 41.69 18.02 -62.75
CA ALA E 403 43.04 18.55 -62.64
C ALA E 403 43.44 18.45 -61.18
N PHE E 404 44.38 17.56 -60.88
CA PHE E 404 44.65 17.16 -59.49
C PHE E 404 45.57 18.18 -58.83
N GLY E 405 45.04 19.37 -58.65
CA GLY E 405 45.75 20.48 -58.06
C GLY E 405 44.79 21.50 -57.48
N PRO E 406 45.16 22.78 -57.50
CA PRO E 406 44.28 23.82 -56.95
C PRO E 406 43.19 24.30 -57.89
N VAL E 407 42.92 23.55 -58.95
CA VAL E 407 42.04 23.99 -60.04
C VAL E 407 40.62 23.53 -59.76
N ALA E 408 39.65 24.43 -59.97
CA ALA E 408 38.25 24.09 -59.89
C ALA E 408 37.46 24.97 -60.84
N THR E 409 36.45 24.40 -61.49
CA THR E 409 35.66 25.12 -62.47
C THR E 409 34.31 25.53 -61.88
N LEU E 410 33.72 26.57 -62.48
CA LEU E 410 32.49 27.17 -62.00
C LEU E 410 31.48 27.20 -63.14
N MET E 411 30.21 26.93 -62.83
CA MET E 411 29.20 26.81 -63.87
C MET E 411 27.82 27.09 -63.27
N PRO E 412 26.90 27.67 -64.04
CA PRO E 412 25.59 28.01 -63.52
C PRO E 412 24.53 26.94 -63.74
N ALA E 413 23.37 27.16 -63.14
CA ALA E 413 22.23 26.25 -63.21
C ALA E 413 20.95 27.05 -63.09
N GLN E 414 19.82 26.36 -63.27
CA GLN E 414 18.50 27.00 -63.38
C GLN E 414 17.46 26.28 -62.50
N ASN E 415 17.34 26.75 -61.26
CA ASN E 415 16.23 26.47 -60.34
C ASN E 415 16.07 24.99 -60.00
N GLN E 416 17.12 24.39 -59.40
CA GLN E 416 17.06 23.12 -58.68
C GLN E 416 16.63 21.89 -59.47
N ARG E 417 16.40 22.03 -60.77
CA ARG E 417 16.20 20.87 -61.64
C ARG E 417 17.27 20.78 -62.71
N HIS E 418 18.03 21.84 -62.92
CA HIS E 418 19.25 21.77 -63.72
C HIS E 418 20.46 21.52 -62.85
N ALA E 419 20.45 22.01 -61.60
CA ALA E 419 21.53 21.75 -60.67
C ALA E 419 21.54 20.28 -60.24
N LEU E 420 20.36 19.68 -60.05
CA LEU E 420 20.25 18.27 -59.72
C LEU E 420 20.68 17.36 -60.86
N GLN E 421 20.71 17.86 -62.09
CA GLN E 421 21.23 17.10 -63.21
C GLN E 421 22.72 17.34 -63.42
N LEU E 422 23.20 18.55 -63.18
CA LEU E 422 24.63 18.82 -63.27
C LEU E 422 25.40 18.16 -62.13
N ALA E 423 24.75 17.93 -60.98
CA ALA E 423 25.41 17.23 -59.90
C ALA E 423 25.47 15.72 -60.13
N CYS E 424 24.48 15.17 -60.83
CA CYS E 424 24.48 13.76 -61.18
C CYS E 424 25.20 13.46 -62.48
N ALA E 425 25.56 14.48 -63.25
CA ALA E 425 26.28 14.27 -64.50
C ALA E 425 27.78 14.03 -64.31
N GLY E 426 28.26 13.99 -63.06
CA GLY E 426 29.66 13.69 -62.82
C GLY E 426 30.05 12.26 -63.10
N GLY E 427 29.07 11.35 -63.11
CA GLY E 427 29.33 9.97 -63.43
C GLY E 427 29.77 9.12 -62.26
N GLY E 428 29.33 9.44 -61.05
CA GLY E 428 29.75 8.72 -59.87
C GLY E 428 30.82 9.49 -59.13
N SER E 429 30.44 10.18 -58.07
CA SER E 429 31.34 11.04 -57.33
C SER E 429 31.63 10.44 -55.96
N LEU E 430 32.53 11.10 -55.23
CA LEU E 430 32.98 10.62 -53.93
C LEU E 430 32.46 11.45 -52.78
N ALA E 431 32.09 12.71 -53.03
CA ALA E 431 31.59 13.60 -51.98
C ALA E 431 30.76 14.70 -52.64
N GLY E 432 29.89 15.31 -51.85
CA GLY E 432 29.04 16.38 -52.33
C GLY E 432 28.65 17.32 -51.20
N THR E 433 28.24 18.52 -51.59
CA THR E 433 27.87 19.55 -50.62
C THR E 433 26.68 20.33 -51.16
N LEU E 434 25.70 20.58 -50.30
CA LEU E 434 24.61 21.51 -50.59
C LEU E 434 24.53 22.55 -49.49
N VAL E 435 24.41 23.82 -49.88
CA VAL E 435 24.31 24.94 -48.95
C VAL E 435 22.90 25.49 -49.06
N THR E 436 22.06 25.20 -48.07
CA THR E 436 20.69 25.68 -48.03
C THR E 436 20.34 26.10 -46.60
N ALA E 437 19.10 26.58 -46.46
CA ALA E 437 18.47 26.75 -45.16
C ALA E 437 17.05 26.21 -45.13
N ASP E 438 16.49 25.81 -46.28
CA ASP E 438 15.16 25.24 -46.35
C ASP E 438 15.27 23.73 -46.24
N PRO E 439 14.64 23.10 -45.23
CA PRO E 439 14.77 21.64 -45.10
C PRO E 439 13.97 20.83 -46.11
N GLN E 440 13.21 21.45 -47.01
CA GLN E 440 12.57 20.72 -48.09
C GLN E 440 13.24 20.92 -49.44
N ILE E 441 14.40 21.59 -49.46
CA ILE E 441 15.30 21.53 -50.60
C ILE E 441 16.29 20.39 -50.43
N ALA E 442 16.70 20.14 -49.18
CA ALA E 442 17.62 19.05 -48.89
C ALA E 442 16.98 17.69 -49.13
N ARG E 443 15.68 17.57 -48.86
CA ARG E 443 14.98 16.31 -49.13
C ARG E 443 14.92 16.01 -50.62
N GLN E 444 14.64 17.04 -51.43
CA GLN E 444 14.61 16.86 -52.88
C GLN E 444 16.00 16.63 -53.46
N PHE E 445 17.04 17.16 -52.81
CA PHE E 445 18.40 16.90 -53.25
C PHE E 445 18.85 15.49 -52.92
N ILE E 446 18.51 14.99 -51.72
CA ILE E 446 18.91 13.64 -51.33
C ILE E 446 18.12 12.60 -52.12
N ALA E 447 16.83 12.86 -52.39
CA ALA E 447 16.01 11.89 -53.09
C ALA E 447 16.39 11.72 -54.56
N ASP E 448 17.27 12.55 -55.10
CA ASP E 448 17.65 12.47 -56.51
C ASP E 448 19.15 12.46 -56.78
N ALA E 449 19.98 12.89 -55.82
CA ALA E 449 21.42 12.97 -56.04
C ALA E 449 22.23 12.17 -55.04
N ALA E 450 21.61 11.25 -54.31
CA ALA E 450 22.34 10.36 -53.44
C ALA E 450 22.73 9.07 -54.13
N ARG E 451 22.30 8.88 -55.38
CA ARG E 451 22.67 7.68 -56.13
C ARG E 451 24.12 7.75 -56.56
N THR E 452 24.56 8.92 -57.03
CA THR E 452 25.89 9.08 -57.58
C THR E 452 26.94 9.42 -56.53
N HIS E 453 26.52 9.81 -55.34
CA HIS E 453 27.44 10.23 -54.29
C HIS E 453 27.46 9.22 -53.15
N GLY E 454 28.59 9.17 -52.46
CA GLY E 454 28.76 8.27 -51.34
C GLY E 454 28.79 8.97 -50.01
N ARG E 455 28.84 10.30 -50.04
CA ARG E 455 28.79 11.12 -48.82
C ARG E 455 28.35 12.52 -49.21
N ILE E 456 27.31 13.02 -48.55
CA ILE E 456 26.71 14.31 -48.88
C ILE E 456 26.63 15.14 -47.60
N GLN E 457 27.15 16.36 -47.65
CA GLN E 457 27.09 17.29 -46.53
C GLN E 457 26.10 18.40 -46.83
N ILE E 458 25.14 18.60 -45.92
CA ILE E 458 24.23 19.73 -45.97
C ILE E 458 24.75 20.77 -44.98
N LEU E 459 24.96 21.99 -45.45
CA LEU E 459 25.64 23.01 -44.68
C LEU E 459 24.73 24.21 -44.48
N ASN E 460 24.62 24.65 -43.23
CA ASN E 460 23.84 25.82 -42.86
C ASN E 460 24.53 26.49 -41.68
N GLU E 461 23.80 27.36 -40.97
CA GLU E 461 24.43 28.13 -39.90
C GLU E 461 24.66 27.30 -38.65
N GLU E 462 23.75 26.36 -38.34
CA GLU E 462 23.91 25.54 -37.15
C GLU E 462 25.03 24.52 -37.32
N SER E 463 25.15 23.93 -38.50
CA SER E 463 26.13 22.88 -38.73
C SER E 463 27.55 23.40 -38.85
N ALA E 464 27.73 24.67 -39.23
CA ALA E 464 29.05 25.17 -39.61
C ALA E 464 29.97 25.42 -38.43
N LYS E 465 29.45 25.42 -37.19
CA LYS E 465 30.30 25.69 -36.04
C LYS E 465 31.23 24.52 -35.75
N GLU E 466 30.72 23.29 -35.81
CA GLU E 466 31.50 22.11 -35.48
C GLU E 466 31.54 21.09 -36.61
N SER E 467 31.33 21.53 -37.85
CA SER E 467 31.50 20.66 -39.01
C SER E 467 32.96 20.30 -39.20
N THR E 468 33.18 19.07 -39.68
CA THR E 468 34.53 18.62 -39.98
C THR E 468 35.00 19.02 -41.37
N GLY E 469 34.08 19.28 -42.28
CA GLY E 469 34.43 19.76 -43.60
C GLY E 469 33.94 18.83 -44.70
N HIS E 470 34.04 19.34 -45.93
CA HIS E 470 33.67 18.57 -47.11
C HIS E 470 34.63 17.41 -47.35
N GLY E 471 35.91 17.62 -47.05
CA GLY E 471 36.90 16.64 -47.42
C GLY E 471 37.62 15.94 -46.29
N SER E 472 36.89 15.57 -45.24
CA SER E 472 37.46 14.81 -44.12
C SER E 472 36.76 13.47 -44.00
N PRO E 473 37.37 12.37 -44.44
CA PRO E 473 36.76 11.05 -44.26
C PRO E 473 36.78 10.61 -42.81
N LEU E 474 35.61 10.57 -42.18
CA LEU E 474 35.52 10.08 -40.81
C LEU E 474 35.65 8.56 -40.80
N PRO E 475 36.27 7.98 -39.78
CA PRO E 475 36.49 6.53 -39.75
C PRO E 475 35.26 5.70 -39.38
N GLN E 476 34.08 6.30 -39.35
CA GLN E 476 32.83 5.59 -39.08
C GLN E 476 31.73 6.02 -40.04
N LEU E 477 32.11 6.56 -41.19
CA LEU E 477 31.22 6.87 -42.29
C LEU E 477 31.79 6.26 -43.56
N VAL E 478 30.91 5.79 -44.43
CA VAL E 478 31.30 5.05 -45.63
C VAL E 478 32.06 5.97 -46.59
N HIS E 479 33.28 5.57 -46.94
CA HIS E 479 34.13 6.30 -47.87
C HIS E 479 34.20 5.52 -49.18
N GLY E 480 33.48 6.01 -50.19
CA GLY E 480 33.44 5.35 -51.48
C GLY E 480 32.39 6.02 -52.34
N GLY E 481 32.20 5.45 -53.53
CA GLY E 481 31.21 5.95 -54.44
C GLY E 481 31.13 5.12 -55.70
N PRO E 482 30.01 5.20 -56.42
CA PRO E 482 29.81 4.36 -57.59
C PRO E 482 30.55 4.90 -58.81
N GLY E 483 30.42 4.16 -59.92
CA GLY E 483 30.82 4.63 -61.23
C GLY E 483 32.28 4.94 -61.44
N ARG E 484 32.58 6.23 -61.56
CA ARG E 484 33.94 6.70 -61.79
C ARG E 484 34.78 6.68 -60.53
N ALA E 485 34.14 6.63 -59.36
CA ALA E 485 34.83 6.61 -58.08
C ALA E 485 35.22 5.21 -57.64
N GLY E 486 35.35 4.27 -58.57
CA GLY E 486 35.76 2.92 -58.27
C GLY E 486 34.60 1.95 -58.08
N GLY E 487 33.79 2.18 -57.07
CA GLY E 487 32.71 1.27 -56.73
C GLY E 487 32.90 0.49 -55.47
N GLY E 488 33.90 0.81 -54.65
CA GLY E 488 34.14 0.12 -53.40
C GLY E 488 33.74 0.96 -52.20
N GLU E 489 33.85 0.35 -51.04
CA GLU E 489 33.54 1.00 -49.77
C GLU E 489 34.66 0.75 -48.78
N GLU E 490 34.99 1.78 -48.00
CA GLU E 490 35.92 1.67 -46.90
C GLU E 490 35.35 2.42 -45.71
N LEU E 491 35.88 2.11 -44.52
CA LEU E 491 35.70 2.90 -43.30
C LEU E 491 34.25 3.00 -42.85
N GLY E 492 33.42 2.02 -43.15
CA GLY E 492 32.01 2.14 -42.82
C GLY E 492 31.65 1.86 -41.38
N GLY E 493 32.64 1.81 -40.50
CA GLY E 493 32.45 1.43 -39.13
C GLY E 493 32.96 0.02 -38.92
N LEU E 494 32.07 -0.89 -38.57
CA LEU E 494 32.38 -2.31 -38.59
C LEU E 494 32.04 -2.95 -39.92
N ARG E 495 31.63 -2.15 -40.92
CA ARG E 495 31.42 -2.67 -42.25
C ARG E 495 32.72 -3.02 -42.95
N ALA E 496 33.84 -2.44 -42.52
CA ALA E 496 35.12 -2.64 -43.17
C ALA E 496 35.85 -3.88 -42.66
N VAL E 497 35.56 -4.36 -41.45
CA VAL E 497 36.18 -5.60 -41.00
C VAL E 497 35.54 -6.82 -41.61
N LYS E 498 34.38 -6.67 -42.24
CA LYS E 498 33.69 -7.77 -42.91
C LYS E 498 34.19 -7.99 -44.34
N HIS E 499 35.08 -7.14 -44.84
CA HIS E 499 35.72 -7.38 -46.12
C HIS E 499 36.87 -8.36 -46.01
N TYR E 500 37.21 -8.78 -44.79
CA TYR E 500 38.33 -9.67 -44.53
C TYR E 500 37.85 -10.96 -43.87
N MET E 501 36.60 -11.32 -44.09
CA MET E 501 35.97 -12.45 -43.42
C MET E 501 35.03 -13.16 -44.37
N GLN E 502 34.75 -14.41 -44.05
CA GLN E 502 33.79 -15.23 -44.77
C GLN E 502 32.54 -15.37 -43.92
N ARG E 503 31.38 -15.13 -44.52
CA ARG E 503 30.08 -15.30 -43.89
C ARG E 503 29.51 -16.65 -44.23
N THR E 504 29.10 -17.40 -43.21
CA THR E 504 28.63 -18.78 -43.35
C THR E 504 27.27 -18.90 -42.67
N ALA E 505 26.38 -19.68 -43.25
CA ALA E 505 25.11 -20.02 -42.61
C ALA E 505 25.22 -21.42 -42.03
N VAL E 506 25.15 -21.55 -40.71
CA VAL E 506 25.31 -22.83 -40.03
C VAL E 506 23.94 -23.29 -39.58
N GLN E 507 23.63 -24.56 -39.86
CA GLN E 507 22.33 -25.15 -39.59
C GLN E 507 22.49 -26.33 -38.65
N GLY E 508 21.43 -26.63 -37.92
CA GLY E 508 21.43 -27.80 -37.06
C GLY E 508 20.44 -27.63 -35.92
N SER E 509 20.62 -28.45 -34.90
CA SER E 509 19.84 -28.31 -33.69
C SER E 509 20.30 -27.07 -32.92
N PRO E 510 19.43 -26.48 -32.08
CA PRO E 510 19.88 -25.34 -31.27
C PRO E 510 20.92 -25.70 -30.23
N THR E 511 20.91 -26.92 -29.72
CA THR E 511 21.93 -27.36 -28.77
C THR E 511 23.27 -27.62 -29.41
N MET E 512 23.34 -27.62 -30.74
CA MET E 512 24.59 -27.70 -31.47
C MET E 512 25.09 -26.34 -31.91
N LEU E 513 24.17 -25.46 -32.33
CA LEU E 513 24.50 -24.09 -32.63
C LEU E 513 25.00 -23.35 -31.41
N ALA E 514 24.46 -23.67 -30.23
CA ALA E 514 24.92 -23.06 -28.99
C ALA E 514 26.35 -23.47 -28.65
N ALA E 515 26.72 -24.73 -28.94
CA ALA E 515 28.07 -25.17 -28.68
C ALA E 515 29.06 -24.64 -29.71
N ILE E 516 28.60 -24.41 -30.94
CA ILE E 516 29.47 -23.81 -31.95
C ILE E 516 29.72 -22.33 -31.63
N SER E 517 28.67 -21.60 -31.28
CA SER E 517 28.80 -20.15 -31.09
C SER E 517 29.26 -19.75 -29.69
N LYS E 518 29.35 -20.71 -28.76
CA LYS E 518 29.67 -20.48 -27.33
C LYS E 518 28.72 -19.48 -26.67
N GLN E 519 27.45 -19.53 -27.07
CA GLN E 519 26.39 -18.69 -26.52
C GLN E 519 25.12 -19.53 -26.48
N TRP E 520 24.41 -19.53 -25.36
CA TRP E 520 23.12 -20.21 -25.28
C TRP E 520 22.11 -19.51 -26.17
N VAL E 521 21.26 -20.28 -26.86
CA VAL E 521 20.48 -19.61 -27.89
C VAL E 521 18.99 -19.54 -27.55
N ARG E 522 18.24 -20.63 -27.74
CA ARG E 522 16.90 -20.68 -27.17
C ARG E 522 16.48 -22.11 -26.79
N GLY E 523 16.99 -23.09 -27.53
CA GLY E 523 16.48 -24.44 -27.40
C GLY E 523 17.52 -25.41 -26.90
N ALA E 524 18.69 -24.88 -26.56
CA ALA E 524 19.81 -25.70 -26.12
C ALA E 524 19.54 -26.30 -24.75
N LYS E 525 20.36 -27.28 -24.37
CA LYS E 525 20.27 -27.85 -23.05
C LYS E 525 20.78 -26.86 -22.02
N VAL E 526 20.28 -26.99 -20.79
CA VAL E 526 20.61 -26.06 -19.72
C VAL E 526 21.41 -26.82 -18.67
N GLU E 527 21.84 -26.13 -17.62
CA GLU E 527 22.64 -26.77 -16.59
C GLU E 527 22.27 -26.14 -15.25
N GLU E 528 21.31 -26.77 -14.57
CA GLU E 528 20.86 -26.33 -13.26
C GLU E 528 21.78 -26.95 -12.21
N ASP E 529 22.37 -26.11 -11.36
CA ASP E 529 23.51 -26.54 -10.56
C ASP E 529 23.41 -26.13 -9.10
N ARG E 530 22.19 -26.11 -8.56
CA ARG E 530 21.88 -26.23 -7.13
C ARG E 530 22.26 -24.99 -6.30
N ILE E 531 22.99 -24.04 -6.88
CA ILE E 531 23.21 -22.74 -6.24
C ILE E 531 22.82 -21.66 -7.24
N HIS E 532 22.52 -20.51 -6.72
CA HIS E 532 21.95 -19.40 -7.46
C HIS E 532 22.99 -18.80 -8.40
N PRO E 533 22.63 -18.51 -9.65
CA PRO E 533 23.62 -18.02 -10.63
C PRO E 533 24.12 -16.60 -10.37
N PHE E 534 23.49 -15.83 -9.49
CA PHE E 534 24.03 -14.52 -9.10
C PHE E 534 25.01 -14.62 -7.95
N ARG E 535 25.40 -15.83 -7.55
CA ARG E 535 26.40 -16.03 -6.51
C ARG E 535 27.74 -16.45 -7.08
N LYS E 536 27.85 -16.54 -8.40
CA LYS E 536 29.08 -16.96 -9.07
C LYS E 536 29.86 -15.75 -9.54
N TYR E 537 31.18 -15.90 -9.62
CA TYR E 537 32.02 -14.90 -10.23
C TYR E 537 32.00 -15.05 -11.74
N PHE E 538 32.78 -14.19 -12.41
CA PHE E 538 32.78 -14.18 -13.87
C PHE E 538 33.51 -15.39 -14.44
N GLU E 539 34.52 -15.91 -13.73
CA GLU E 539 35.32 -17.01 -14.25
C GLU E 539 34.66 -18.37 -14.07
N GLU E 540 33.57 -18.46 -13.30
CA GLU E 540 32.89 -19.73 -13.08
C GLU E 540 31.47 -19.73 -13.63
N LEU E 541 31.11 -18.74 -14.44
CA LEU E 541 29.88 -18.77 -15.21
C LEU E 541 30.16 -19.37 -16.59
N GLN E 542 29.31 -20.30 -17.01
CA GLN E 542 29.33 -20.81 -18.36
C GLN E 542 28.01 -20.48 -19.04
N PRO E 543 28.00 -20.27 -20.35
CA PRO E 543 26.73 -19.99 -21.05
C PRO E 543 25.78 -21.17 -21.07
N GLY E 544 24.71 -21.08 -20.30
CA GLY E 544 23.78 -22.17 -20.15
C GLY E 544 23.45 -22.47 -18.71
N ASP E 545 23.88 -21.60 -17.80
CA ASP E 545 23.54 -21.72 -16.39
C ASP E 545 22.15 -21.16 -16.17
N SER E 546 21.23 -22.03 -15.76
CA SER E 546 19.81 -21.70 -15.75
C SER E 546 19.25 -21.75 -14.34
N LEU E 547 18.24 -20.92 -14.11
CA LEU E 547 17.48 -20.88 -12.87
C LEU E 547 16.00 -20.93 -13.21
N LEU E 548 15.26 -21.84 -12.57
CA LEU E 548 13.81 -21.90 -12.68
C LEU E 548 13.23 -21.41 -11.36
N THR E 549 12.55 -20.27 -11.41
CA THR E 549 12.11 -19.57 -10.22
C THR E 549 10.83 -20.19 -9.67
N PRO E 550 10.43 -19.86 -8.44
CA PRO E 550 9.08 -20.23 -7.98
C PRO E 550 8.01 -19.39 -8.66
N ARG E 551 6.76 -19.78 -8.42
CA ARG E 551 5.62 -19.21 -9.14
C ARG E 551 5.04 -18.02 -8.38
N ARG E 552 4.14 -17.29 -9.05
CA ARG E 552 3.38 -16.24 -8.39
C ARG E 552 2.03 -16.07 -9.09
N THR E 553 0.96 -16.03 -8.32
CA THR E 553 -0.39 -15.90 -8.86
C THR E 553 -0.74 -14.42 -9.00
N MET E 554 -1.10 -14.01 -10.21
CA MET E 554 -1.50 -12.63 -10.46
C MET E 554 -2.98 -12.48 -10.11
N THR E 555 -3.26 -11.68 -9.10
CA THR E 555 -4.61 -11.49 -8.59
C THR E 555 -5.13 -10.12 -9.02
N GLU E 556 -6.39 -9.84 -8.67
CA GLU E 556 -7.03 -8.59 -9.05
C GLU E 556 -6.47 -7.42 -8.25
N ALA E 557 -6.00 -7.67 -7.03
CA ALA E 557 -5.45 -6.61 -6.21
C ALA E 557 -4.10 -6.11 -6.73
N ASP E 558 -3.35 -6.95 -7.43
CA ASP E 558 -2.05 -6.57 -7.94
C ASP E 558 -2.16 -5.50 -9.02
N ILE E 559 -3.19 -5.60 -9.87
CA ILE E 559 -3.44 -4.61 -10.91
C ILE E 559 -3.73 -3.26 -10.28
N VAL E 560 -4.54 -3.24 -9.23
CA VAL E 560 -4.92 -1.99 -8.56
C VAL E 560 -3.72 -1.40 -7.84
N ASN E 561 -2.93 -2.21 -7.15
CA ASN E 561 -1.76 -1.69 -6.44
C ASN E 561 -0.70 -1.14 -7.39
N PHE E 562 -0.48 -1.80 -8.54
CA PHE E 562 0.53 -1.30 -9.46
C PHE E 562 0.03 -0.05 -10.17
N ALA E 563 -1.26 0.03 -10.48
CA ALA E 563 -1.77 1.23 -11.14
C ALA E 563 -1.86 2.41 -10.18
N CYS E 564 -2.04 2.14 -8.89
CA CYS E 564 -2.00 3.23 -7.91
C CYS E 564 -0.57 3.72 -7.70
N LEU E 565 0.38 2.80 -7.53
CA LEU E 565 1.76 3.20 -7.24
C LEU E 565 2.43 3.84 -8.45
N SER E 566 2.23 3.29 -9.64
CA SER E 566 2.90 3.85 -10.81
C SER E 566 2.19 5.11 -11.30
N GLY E 567 0.89 5.00 -11.58
CA GLY E 567 0.13 6.15 -12.04
C GLY E 567 -0.57 5.90 -13.36
N ASP E 568 -0.46 4.67 -13.86
CA ASP E 568 -0.99 4.30 -15.18
C ASP E 568 -2.41 3.79 -15.00
N HIS E 569 -3.37 4.71 -15.08
CA HIS E 569 -4.79 4.37 -15.02
C HIS E 569 -5.37 4.20 -16.42
N PHE E 570 -4.74 3.35 -17.23
CA PHE E 570 -5.17 3.10 -18.59
C PHE E 570 -6.46 2.27 -18.61
N TYR E 571 -7.26 2.43 -19.66
CA TYR E 571 -8.63 1.92 -19.64
C TYR E 571 -8.70 0.41 -19.76
N ALA E 572 -7.68 -0.23 -20.33
CA ALA E 572 -7.64 -1.69 -20.41
C ALA E 572 -7.24 -2.34 -19.10
N HIS E 573 -6.98 -1.55 -18.05
CA HIS E 573 -6.57 -2.07 -16.76
C HIS E 573 -7.48 -1.62 -15.63
N MET E 574 -8.11 -0.45 -15.75
CA MET E 574 -8.91 0.13 -14.68
C MET E 574 -10.39 0.20 -14.99
N ASP E 575 -10.78 0.28 -16.25
CA ASP E 575 -12.18 0.32 -16.61
C ASP E 575 -12.68 -1.08 -16.91
N LYS E 576 -13.98 -1.28 -16.76
CA LYS E 576 -14.61 -2.57 -16.98
C LYS E 576 -15.59 -2.55 -18.14
N ILE E 577 -16.27 -1.42 -18.37
CA ILE E 577 -17.18 -1.31 -19.50
C ILE E 577 -16.39 -1.23 -20.81
N ALA E 578 -15.34 -0.42 -20.83
CA ALA E 578 -14.54 -0.26 -22.04
C ALA E 578 -13.54 -1.40 -22.23
N ALA E 579 -13.27 -2.18 -21.19
CA ALA E 579 -12.38 -3.33 -21.35
C ALA E 579 -13.06 -4.46 -22.10
N ALA E 580 -14.38 -4.56 -21.99
CA ALA E 580 -15.16 -5.58 -22.67
C ALA E 580 -15.47 -5.24 -24.12
N GLU E 581 -14.85 -4.19 -24.67
CA GLU E 581 -15.02 -3.83 -26.07
C GLU E 581 -13.71 -3.74 -26.81
N SER E 582 -12.58 -3.98 -26.14
CA SER E 582 -11.27 -3.89 -26.75
C SER E 582 -10.90 -5.25 -27.33
N ILE E 583 -9.62 -5.39 -27.72
CA ILE E 583 -9.16 -6.63 -28.32
C ILE E 583 -8.96 -7.73 -27.28
N PHE E 584 -8.76 -7.37 -26.00
CA PHE E 584 -8.45 -8.37 -24.99
C PHE E 584 -9.70 -9.05 -24.46
N GLY E 585 -10.86 -8.39 -24.52
CA GLY E 585 -12.11 -8.95 -24.05
C GLY E 585 -12.43 -8.64 -22.61
N GLU E 586 -11.42 -8.47 -21.77
CA GLU E 586 -11.59 -8.07 -20.38
C GLU E 586 -10.30 -7.38 -19.93
N ARG E 587 -10.31 -6.86 -18.71
CA ARG E 587 -9.19 -6.06 -18.25
C ARG E 587 -8.06 -6.96 -17.72
N VAL E 588 -6.82 -6.58 -18.03
CA VAL E 588 -5.66 -7.46 -17.90
C VAL E 588 -4.61 -6.84 -16.99
N VAL E 589 -3.53 -7.58 -16.75
CA VAL E 589 -2.41 -7.11 -15.94
C VAL E 589 -1.51 -6.25 -16.81
N HIS E 590 -0.94 -5.20 -16.21
CA HIS E 590 0.05 -4.34 -16.85
C HIS E 590 1.25 -5.16 -17.33
N GLY E 591 1.87 -4.69 -18.42
CA GLY E 591 3.06 -5.38 -18.91
C GLY E 591 4.28 -5.08 -18.07
N TYR E 592 4.38 -3.85 -17.56
CA TYR E 592 5.50 -3.49 -16.70
C TYR E 592 5.40 -4.14 -15.33
N PHE E 593 4.20 -4.54 -14.90
CA PHE E 593 4.10 -5.28 -13.66
C PHE E 593 4.59 -6.70 -13.82
N VAL E 594 4.37 -7.30 -14.99
CA VAL E 594 4.96 -8.60 -15.29
C VAL E 594 6.47 -8.48 -15.35
N LEU E 595 6.96 -7.39 -15.96
CA LEU E 595 8.39 -7.11 -16.04
C LEU E 595 9.03 -6.92 -14.67
N SER E 596 8.30 -6.34 -13.72
CA SER E 596 8.82 -6.09 -12.38
C SER E 596 8.71 -7.30 -11.47
N ALA E 597 7.61 -8.06 -11.57
CA ALA E 597 7.46 -9.27 -10.76
C ALA E 597 8.40 -10.37 -11.21
N ALA E 598 8.76 -10.40 -12.50
CA ALA E 598 9.78 -11.34 -12.96
C ALA E 598 11.12 -11.06 -12.28
N ALA E 599 11.55 -9.80 -12.27
CA ALA E 599 12.78 -9.41 -11.59
C ALA E 599 12.70 -9.62 -10.09
N GLY E 600 11.51 -9.48 -9.51
CA GLY E 600 11.34 -9.88 -8.12
C GLY E 600 11.51 -11.37 -7.90
N LEU E 601 11.19 -12.17 -8.93
CA LEU E 601 11.35 -13.62 -8.80
C LEU E 601 12.80 -14.06 -8.94
N PHE E 602 13.60 -13.49 -9.86
CA PHE E 602 14.94 -14.07 -10.02
C PHE E 602 16.08 -13.35 -9.30
N VAL E 603 15.93 -12.09 -8.90
CA VAL E 603 17.08 -11.33 -8.39
C VAL E 603 17.38 -11.74 -6.95
N ASP E 604 18.63 -12.12 -6.70
CA ASP E 604 19.14 -12.43 -5.37
C ASP E 604 19.35 -11.15 -4.58
N ALA E 605 19.17 -11.25 -3.26
CA ALA E 605 19.18 -10.08 -2.38
C ALA E 605 20.53 -9.80 -1.75
N GLY E 606 21.37 -10.80 -1.55
CA GLY E 606 22.60 -10.61 -0.82
C GLY E 606 23.68 -9.92 -1.64
N VAL E 607 24.66 -9.37 -0.91
CA VAL E 607 25.82 -8.73 -1.52
C VAL E 607 26.68 -9.80 -2.19
N GLY E 608 26.91 -9.64 -3.49
CA GLY E 608 27.69 -10.61 -4.23
C GLY E 608 28.41 -9.99 -5.41
N PRO E 609 28.68 -10.81 -6.44
CA PRO E 609 29.44 -10.31 -7.58
C PRO E 609 28.66 -9.40 -8.51
N VAL E 610 27.33 -9.47 -8.50
CA VAL E 610 26.53 -8.62 -9.38
C VAL E 610 26.54 -7.18 -8.86
N ILE E 611 26.92 -6.25 -9.73
CA ILE E 611 27.14 -4.86 -9.34
C ILE E 611 26.00 -3.97 -9.82
N ALA E 612 25.75 -3.97 -11.12
CA ALA E 612 24.74 -3.10 -11.70
C ALA E 612 23.93 -3.88 -12.73
N ASN E 613 22.85 -3.26 -13.18
CA ASN E 613 21.95 -3.84 -14.17
C ASN E 613 21.96 -3.06 -15.48
N TYR E 614 21.56 -1.79 -15.44
CA TYR E 614 21.72 -0.75 -16.45
C TYR E 614 21.20 -1.07 -17.86
N GLY E 615 20.47 -2.17 -18.06
CA GLY E 615 20.09 -2.47 -19.42
C GLY E 615 18.99 -3.49 -19.62
N LEU E 616 18.17 -3.25 -20.63
CA LEU E 616 17.14 -4.19 -21.09
C LEU E 616 17.16 -4.11 -22.60
N GLU E 617 17.37 -5.25 -23.26
CA GLU E 617 17.81 -5.18 -24.65
C GLU E 617 16.66 -5.26 -25.66
N SER E 618 15.73 -6.19 -25.49
CA SER E 618 14.65 -6.33 -26.47
C SER E 618 13.45 -6.99 -25.82
N LEU E 619 12.39 -6.21 -25.58
CA LEU E 619 11.20 -6.68 -24.90
C LEU E 619 10.04 -6.77 -25.88
N ARG E 620 9.35 -7.90 -25.89
CA ARG E 620 8.12 -8.07 -26.64
C ARG E 620 7.11 -8.79 -25.78
N PHE E 621 5.91 -8.22 -25.66
CA PHE E 621 4.81 -8.89 -24.97
C PHE E 621 4.00 -9.67 -26.00
N ILE E 622 3.74 -10.94 -25.69
CA ILE E 622 3.20 -11.89 -26.66
C ILE E 622 1.73 -12.18 -26.40
N GLU E 623 1.41 -12.73 -25.23
CA GLU E 623 0.05 -13.01 -24.85
C GLU E 623 -0.30 -12.22 -23.60
N PRO E 624 -1.56 -11.84 -23.39
CA PRO E 624 -1.93 -11.07 -22.20
C PRO E 624 -2.01 -11.93 -20.96
N VAL E 625 -1.84 -11.28 -19.81
CA VAL E 625 -1.89 -11.91 -18.51
C VAL E 625 -3.11 -11.39 -17.78
N LYS E 626 -3.94 -12.30 -17.28
CA LYS E 626 -5.21 -12.02 -16.64
C LYS E 626 -5.14 -12.33 -15.14
N PRO E 627 -6.14 -11.91 -14.36
CA PRO E 627 -6.22 -12.40 -12.98
C PRO E 627 -6.56 -13.89 -12.93
N GLY E 628 -6.01 -14.55 -11.93
CA GLY E 628 -6.16 -16.00 -11.81
C GLY E 628 -5.14 -16.78 -12.61
N ASP E 629 -4.02 -16.17 -12.93
CA ASP E 629 -3.04 -16.70 -13.87
C ASP E 629 -1.68 -16.64 -13.19
N THR E 630 -0.93 -17.74 -13.25
CA THR E 630 0.35 -17.77 -12.55
C THR E 630 1.49 -17.38 -13.49
N ILE E 631 2.64 -17.08 -12.90
CA ILE E 631 3.82 -16.58 -13.60
C ILE E 631 5.04 -17.31 -13.05
N GLN E 632 5.88 -17.83 -13.95
CA GLN E 632 7.12 -18.48 -13.57
C GLN E 632 8.20 -18.12 -14.59
N VAL E 633 9.41 -17.86 -14.11
CA VAL E 633 10.47 -17.22 -14.88
C VAL E 633 11.64 -18.18 -15.00
N ARG E 634 12.27 -18.20 -16.18
CA ARG E 634 13.47 -18.98 -16.47
C ARG E 634 14.59 -18.02 -16.84
N LEU E 635 15.74 -18.13 -16.17
CA LEU E 635 16.83 -17.18 -16.28
C LEU E 635 18.09 -17.90 -16.73
N THR E 636 18.62 -17.56 -17.91
CA THR E 636 19.72 -18.31 -18.50
C THR E 636 20.86 -17.40 -18.93
N CYS E 637 22.10 -17.76 -18.56
CA CYS E 637 23.27 -17.01 -19.00
C CYS E 637 23.48 -17.17 -20.51
N LYS E 638 23.96 -16.11 -21.16
CA LYS E 638 23.92 -16.09 -22.61
C LYS E 638 25.25 -15.71 -23.28
N ARG E 639 26.01 -14.77 -22.69
CA ARG E 639 27.17 -14.18 -23.35
C ARG E 639 28.01 -13.48 -22.29
N LYS E 640 29.34 -13.55 -22.41
CA LYS E 640 30.21 -13.18 -21.29
C LYS E 640 31.08 -11.95 -21.52
N THR E 641 31.93 -11.90 -22.54
CA THR E 641 32.56 -10.69 -23.14
C THR E 641 33.16 -9.71 -22.13
N LEU E 642 34.27 -10.12 -21.51
CA LEU E 642 34.89 -9.37 -20.41
C LEU E 642 35.43 -8.01 -20.85
N LYS E 643 35.80 -7.21 -19.86
CA LYS E 643 36.41 -5.89 -20.02
C LYS E 643 37.85 -5.93 -19.57
N LYS E 644 38.61 -4.91 -19.94
CA LYS E 644 40.07 -5.03 -19.99
C LYS E 644 40.83 -4.37 -18.84
N GLN E 645 40.15 -3.67 -17.92
CA GLN E 645 40.75 -3.09 -16.71
C GLN E 645 41.88 -2.10 -17.08
N ARG E 646 41.46 -0.96 -17.63
CA ARG E 646 42.38 0.01 -18.21
C ARG E 646 43.35 0.65 -17.22
N SER E 647 43.11 0.51 -15.91
CA SER E 647 44.06 0.98 -14.92
C SER E 647 44.39 -0.14 -13.93
N ALA E 648 45.10 0.19 -12.85
CA ALA E 648 45.32 -0.75 -11.76
C ALA E 648 44.54 -0.39 -10.51
N GLU E 649 44.04 0.85 -10.42
CA GLU E 649 43.15 1.24 -9.32
C GLU E 649 41.77 0.62 -9.49
N GLU E 650 41.33 0.42 -10.73
CA GLU E 650 39.98 -0.04 -11.02
C GLU E 650 39.82 -1.52 -10.70
N LYS E 651 38.57 -1.96 -10.66
CA LYS E 651 38.04 -3.28 -10.35
C LYS E 651 37.95 -4.12 -11.63
N PRO E 652 38.35 -5.39 -11.58
CA PRO E 652 38.13 -6.27 -12.73
C PRO E 652 36.65 -6.63 -12.85
N THR E 653 36.14 -6.59 -14.08
CA THR E 653 34.72 -6.75 -14.31
C THR E 653 34.49 -7.27 -15.72
N GLY E 654 33.25 -7.67 -15.99
CA GLY E 654 32.80 -8.10 -17.30
C GLY E 654 31.31 -7.85 -17.39
N VAL E 655 30.73 -8.09 -18.56
CA VAL E 655 29.33 -7.79 -18.79
C VAL E 655 28.60 -9.04 -19.30
N VAL E 656 27.74 -9.60 -18.46
CA VAL E 656 27.03 -10.83 -18.76
C VAL E 656 25.62 -10.47 -19.20
N GLU E 657 25.16 -11.09 -20.28
CA GLU E 657 23.79 -10.98 -20.74
C GLU E 657 23.01 -12.20 -20.29
N TRP E 658 21.84 -11.98 -19.71
CA TRP E 658 20.93 -13.05 -19.31
C TRP E 658 19.65 -13.00 -20.13
N ALA E 659 19.23 -14.14 -20.63
CA ALA E 659 17.95 -14.29 -21.31
C ALA E 659 16.88 -14.65 -20.28
N VAL E 660 15.76 -13.92 -20.32
CA VAL E 660 14.67 -14.07 -19.38
C VAL E 660 13.44 -14.55 -20.15
N GLU E 661 12.81 -15.61 -19.66
CA GLU E 661 11.62 -16.17 -20.30
C GLU E 661 10.54 -16.37 -19.25
N VAL E 662 9.40 -15.74 -19.46
CA VAL E 662 8.27 -15.84 -18.52
C VAL E 662 7.24 -16.76 -19.15
N PHE E 663 6.57 -17.58 -18.33
CA PHE E 663 5.49 -18.41 -18.85
C PHE E 663 4.45 -18.65 -17.76
N ASN E 664 3.23 -18.96 -18.20
CA ASN E 664 2.08 -19.15 -17.33
C ASN E 664 1.93 -20.63 -16.97
N GLN E 665 0.75 -21.02 -16.45
CA GLN E 665 0.51 -22.41 -16.10
C GLN E 665 0.38 -23.32 -17.31
N HIS E 666 0.13 -22.78 -18.49
CA HIS E 666 0.03 -23.59 -19.70
C HIS E 666 1.37 -23.72 -20.41
N GLN E 667 2.44 -23.21 -19.80
CA GLN E 667 3.80 -23.16 -20.37
C GLN E 667 3.83 -22.44 -21.72
N THR E 668 3.01 -21.39 -21.86
CA THR E 668 3.20 -20.64 -23.10
C THR E 668 3.91 -19.31 -22.80
N PRO E 669 4.88 -18.92 -23.63
CA PRO E 669 5.79 -17.85 -23.25
C PRO E 669 5.26 -16.43 -23.38
N VAL E 670 4.59 -15.89 -22.37
CA VAL E 670 4.35 -14.45 -22.33
C VAL E 670 5.67 -13.74 -22.03
N ALA E 671 5.93 -12.64 -22.76
CA ALA E 671 6.90 -11.60 -22.37
C ALA E 671 8.33 -12.13 -22.19
N LEU E 672 8.95 -12.55 -23.29
CA LEU E 672 10.34 -13.00 -23.26
C LEU E 672 11.28 -11.90 -23.71
N TYR E 673 12.40 -11.74 -23.01
CA TYR E 673 13.29 -10.59 -23.24
C TYR E 673 14.69 -10.94 -22.77
N SER E 674 15.56 -9.93 -22.71
CA SER E 674 16.98 -10.13 -22.45
C SER E 674 17.57 -8.91 -21.75
N ILE E 675 18.36 -9.13 -20.70
CA ILE E 675 18.91 -8.07 -19.88
C ILE E 675 20.43 -8.16 -19.87
N LEU E 676 21.07 -7.03 -19.54
CA LEU E 676 22.50 -6.89 -19.38
C LEU E 676 22.83 -6.74 -17.91
N THR E 677 24.07 -7.09 -17.54
CA THR E 677 24.49 -7.07 -16.14
C THR E 677 26.01 -6.89 -16.12
N LEU E 678 26.52 -6.20 -15.10
CA LEU E 678 27.95 -5.97 -14.93
C LEU E 678 28.44 -6.78 -13.73
N VAL E 679 29.14 -7.88 -14.00
CA VAL E 679 29.54 -8.86 -12.99
C VAL E 679 31.03 -8.73 -12.72
N ALA E 680 31.41 -8.72 -11.44
CA ALA E 680 32.80 -8.56 -11.05
C ALA E 680 33.59 -9.84 -11.24
N ARG E 681 34.90 -9.68 -11.51
CA ARG E 681 35.80 -10.79 -11.71
C ARG E 681 36.59 -11.11 -10.45
N GLN E 682 37.12 -12.34 -10.41
CA GLN E 682 37.98 -12.80 -9.33
C GLN E 682 39.43 -12.40 -9.54
N HIS E 683 39.95 -12.61 -10.76
CA HIS E 683 41.34 -12.34 -11.10
C HIS E 683 41.41 -11.24 -12.14
N GLY E 684 42.13 -10.16 -11.82
CA GLY E 684 42.38 -9.12 -12.80
C GLY E 684 43.48 -9.50 -13.78
N ASP E 685 43.63 -8.68 -14.82
CA ASP E 685 44.58 -8.97 -15.87
C ASP E 685 45.70 -7.94 -16.01
N PHE E 686 45.40 -6.66 -15.87
CA PHE E 686 46.43 -5.63 -16.00
C PHE E 686 46.81 -5.05 -14.65
N GLN F 9 8.49 -23.86 -84.83
CA GLN F 9 7.67 -22.99 -83.98
C GLN F 9 8.56 -22.04 -83.18
N GLN F 10 8.21 -20.75 -83.20
CA GLN F 10 9.02 -19.73 -82.56
C GLN F 10 8.90 -19.81 -81.04
N LEU F 11 9.79 -19.10 -80.35
CA LEU F 11 9.68 -18.85 -78.92
C LEU F 11 9.83 -17.34 -78.76
N ALA F 12 8.77 -16.66 -78.33
CA ALA F 12 8.74 -15.21 -78.39
C ALA F 12 9.43 -14.58 -77.19
N SER F 13 9.99 -13.40 -77.41
CA SER F 13 10.68 -12.63 -76.39
C SER F 13 9.91 -11.34 -76.14
N PHE F 14 9.65 -11.05 -74.87
CA PHE F 14 8.86 -9.87 -74.51
C PHE F 14 9.80 -8.69 -74.30
N LEU F 15 9.92 -7.84 -75.32
CA LEU F 15 10.78 -6.67 -75.28
C LEU F 15 10.00 -5.44 -75.67
N SER F 16 10.25 -4.35 -74.92
CA SER F 16 9.67 -3.01 -75.17
C SER F 16 8.15 -3.02 -75.15
N GLY F 17 7.56 -3.93 -74.38
CA GLY F 17 6.12 -4.07 -74.32
C GLY F 17 5.51 -4.96 -75.37
N THR F 18 6.29 -5.50 -76.29
CA THR F 18 5.78 -6.28 -77.40
C THR F 18 6.42 -7.67 -77.42
N TRP F 19 5.62 -8.66 -77.83
CA TRP F 19 6.09 -10.02 -78.01
C TRP F 19 6.70 -10.14 -79.41
N GLN F 20 8.01 -10.25 -79.48
CA GLN F 20 8.75 -10.24 -80.73
C GLN F 20 9.41 -11.61 -80.94
N SER F 21 10.07 -11.75 -82.09
CA SER F 21 10.78 -12.97 -82.42
C SER F 21 11.89 -12.65 -83.41
N GLY F 22 12.96 -13.43 -83.34
CA GLY F 22 14.13 -13.15 -84.14
C GLY F 22 14.04 -13.69 -85.56
N ARG F 23 14.92 -13.17 -86.41
CA ARG F 23 15.01 -13.55 -87.82
C ARG F 23 16.46 -13.89 -88.12
N GLY F 24 16.81 -15.17 -88.12
CA GLY F 24 18.17 -15.55 -88.45
C GLY F 24 18.45 -16.98 -88.05
N ARG F 25 19.72 -17.26 -87.77
CA ARG F 25 20.14 -18.58 -87.36
C ARG F 25 19.65 -18.89 -85.95
N SER F 26 19.32 -20.16 -85.73
CA SER F 26 18.52 -20.54 -84.58
C SER F 26 19.11 -21.77 -83.90
N ARG F 27 18.75 -21.93 -82.63
CA ARG F 27 18.96 -23.16 -81.88
C ARG F 27 17.61 -23.77 -81.58
N LEU F 28 17.59 -25.00 -81.07
CA LEU F 28 16.29 -25.65 -80.92
C LEU F 28 16.25 -26.51 -79.65
N ILE F 29 15.05 -26.61 -79.10
CA ILE F 29 14.79 -27.26 -77.82
C ILE F 29 14.10 -28.60 -78.09
N HIS F 30 14.73 -29.68 -77.63
CA HIS F 30 14.25 -31.03 -77.81
C HIS F 30 13.29 -31.41 -76.69
N HIS F 31 12.92 -32.69 -76.65
CA HIS F 31 12.16 -33.27 -75.56
C HIS F 31 13.09 -34.21 -74.79
N ALA F 32 13.03 -34.16 -73.46
CA ALA F 32 14.06 -34.81 -72.66
C ALA F 32 13.83 -36.31 -72.53
N ILE F 33 12.58 -36.77 -72.51
CA ILE F 33 12.31 -38.17 -72.26
C ILE F 33 12.07 -38.95 -73.55
N SER F 34 11.77 -38.28 -74.66
CA SER F 34 11.50 -38.95 -75.92
C SER F 34 12.54 -38.62 -76.98
N GLY F 35 12.77 -37.34 -77.27
CA GLY F 35 13.88 -36.98 -78.14
C GLY F 35 13.55 -36.07 -79.31
N GLU F 36 12.27 -35.83 -79.58
CA GLU F 36 11.91 -34.99 -80.71
C GLU F 36 12.08 -33.52 -80.37
N ALA F 37 12.37 -32.72 -81.39
CA ALA F 37 12.49 -31.28 -81.21
C ALA F 37 11.10 -30.66 -81.17
N LEU F 38 10.86 -29.79 -80.19
CA LEU F 38 9.54 -29.19 -80.06
C LEU F 38 9.54 -27.69 -79.79
N TRP F 39 10.70 -27.04 -79.71
CA TRP F 39 10.75 -25.58 -79.84
C TRP F 39 12.00 -25.22 -80.64
N GLU F 40 12.08 -23.95 -81.04
CA GLU F 40 13.33 -23.41 -81.56
C GLU F 40 13.40 -21.92 -81.28
N VAL F 41 14.58 -21.47 -80.85
CA VAL F 41 14.80 -20.14 -80.32
C VAL F 41 15.79 -19.38 -81.18
N THR F 42 15.65 -18.05 -81.17
CA THR F 42 16.52 -17.09 -81.83
C THR F 42 16.19 -15.70 -81.30
N SER F 43 17.17 -14.81 -81.38
CA SER F 43 16.95 -13.41 -80.99
C SER F 43 17.69 -12.46 -81.91
N GLU F 44 17.88 -12.85 -83.17
CA GLU F 44 18.63 -12.03 -84.11
C GLU F 44 17.79 -10.87 -84.62
N GLY F 45 18.44 -9.70 -84.75
CA GLY F 45 17.77 -8.53 -85.26
C GLY F 45 16.93 -7.77 -84.25
N LEU F 46 16.87 -8.23 -83.01
CA LEU F 46 16.12 -7.51 -81.99
C LEU F 46 16.94 -6.31 -81.50
N ASP F 47 16.24 -5.26 -81.12
CA ASP F 47 16.88 -4.00 -80.71
C ASP F 47 17.09 -4.07 -79.20
N MET F 48 18.34 -4.24 -78.78
CA MET F 48 18.67 -4.42 -77.38
C MET F 48 18.86 -3.10 -76.64
N ALA F 49 19.24 -2.03 -77.34
CA ALA F 49 19.35 -0.73 -76.69
C ALA F 49 17.99 -0.14 -76.38
N ALA F 50 17.00 -0.39 -77.24
CA ALA F 50 15.66 0.16 -77.02
C ALA F 50 14.97 -0.50 -75.84
N ALA F 51 15.31 -1.75 -75.52
CA ALA F 51 14.72 -2.40 -74.36
C ALA F 51 15.23 -1.78 -73.06
N ARG F 52 16.53 -1.48 -72.99
CA ARG F 52 17.08 -0.79 -71.83
C ARG F 52 16.53 0.63 -71.75
N GLN F 53 16.36 1.29 -72.90
CA GLN F 53 15.76 2.62 -72.96
C GLN F 53 14.32 2.62 -72.41
N PHE F 54 13.52 1.63 -72.81
CA PHE F 54 12.14 1.51 -72.35
C PHE F 54 12.07 1.17 -70.87
N ALA F 55 12.99 0.31 -70.38
CA ALA F 55 12.98 -0.05 -68.97
C ALA F 55 13.43 1.10 -68.09
N ILE F 56 14.35 1.94 -68.57
CA ILE F 56 14.81 3.05 -67.75
C ILE F 56 13.79 4.19 -67.75
N GLU F 57 13.34 4.63 -68.93
CA GLU F 57 12.43 5.75 -69.00
C GLU F 57 10.96 5.38 -68.82
N LYS F 58 10.64 4.11 -68.64
CA LYS F 58 9.22 3.80 -68.49
C LYS F 58 8.89 2.98 -67.25
N GLY F 59 9.75 2.04 -66.87
CA GLY F 59 9.42 1.13 -65.79
C GLY F 59 10.07 1.46 -64.47
N ALA F 60 11.27 2.02 -64.50
CA ALA F 60 12.00 2.38 -63.30
C ALA F 60 11.38 3.53 -62.48
N PRO F 61 10.85 4.63 -63.06
CA PRO F 61 10.16 5.60 -62.19
C PRO F 61 8.82 5.13 -61.66
N ALA F 62 8.23 4.09 -62.26
CA ALA F 62 7.01 3.53 -61.68
C ALA F 62 7.29 2.67 -60.46
N LEU F 63 8.49 2.09 -60.38
CA LEU F 63 8.91 1.34 -59.22
C LEU F 63 9.54 2.23 -58.16
N ARG F 64 10.27 3.27 -58.55
CA ARG F 64 10.89 4.17 -57.59
C ARG F 64 9.93 5.20 -57.01
N ALA F 65 8.66 5.17 -57.39
CA ALA F 65 7.64 6.04 -56.81
C ALA F 65 6.73 5.31 -55.85
N MET F 66 6.80 3.99 -55.80
CA MET F 66 6.11 3.22 -54.78
C MET F 66 6.89 3.24 -53.47
N THR F 67 6.20 2.94 -52.38
CA THR F 67 6.88 2.73 -51.12
C THR F 67 7.34 1.27 -51.05
N PHE F 68 8.06 0.92 -49.99
CA PHE F 68 8.50 -0.46 -49.84
C PHE F 68 7.34 -1.38 -49.49
N ILE F 69 6.34 -0.86 -48.79
CA ILE F 69 5.22 -1.68 -48.36
C ILE F 69 4.32 -2.02 -49.55
N GLU F 70 4.14 -1.08 -50.47
CA GLU F 70 3.40 -1.35 -51.69
C GLU F 70 4.17 -2.28 -52.61
N ARG F 71 5.50 -2.18 -52.64
CA ARG F 71 6.29 -3.12 -53.43
C ARG F 71 6.33 -4.51 -52.81
N ALA F 72 6.04 -4.64 -51.51
CA ALA F 72 5.90 -5.96 -50.92
C ALA F 72 4.51 -6.54 -51.18
N ALA F 73 3.48 -5.70 -51.12
CA ALA F 73 2.13 -6.14 -51.45
C ALA F 73 2.01 -6.56 -52.91
N MET F 74 2.77 -5.92 -53.80
CA MET F 74 2.84 -6.34 -55.19
C MET F 74 3.40 -7.75 -55.32
N LEU F 75 4.45 -8.06 -54.56
CA LEU F 75 5.04 -9.40 -54.58
C LEU F 75 4.07 -10.44 -54.05
N LYS F 76 3.31 -10.09 -53.01
CA LYS F 76 2.33 -11.03 -52.45
C LYS F 76 1.18 -11.27 -53.42
N ALA F 77 0.75 -10.22 -54.13
CA ALA F 77 -0.33 -10.40 -55.11
C ALA F 77 0.13 -11.22 -56.32
N VAL F 78 1.36 -10.99 -56.78
CA VAL F 78 1.90 -11.79 -57.88
C VAL F 78 2.09 -13.25 -57.47
N ALA F 79 2.49 -13.48 -56.21
CA ALA F 79 2.64 -14.85 -55.72
C ALA F 79 1.29 -15.56 -55.62
N LYS F 80 0.25 -14.86 -55.14
CA LYS F 80 -1.07 -15.48 -55.09
C LYS F 80 -1.66 -15.67 -56.48
N HIS F 81 -1.31 -14.82 -57.45
CA HIS F 81 -1.80 -15.04 -58.81
C HIS F 81 -1.08 -16.18 -59.51
N LEU F 82 0.19 -16.39 -59.22
CA LEU F 82 0.93 -17.47 -59.88
C LEU F 82 0.79 -18.80 -59.17
N LEU F 83 0.34 -18.81 -57.91
CA LEU F 83 0.11 -20.09 -57.24
C LEU F 83 -1.14 -20.79 -57.78
N SER F 84 -2.11 -20.03 -58.27
CA SER F 84 -3.37 -20.61 -58.71
C SER F 84 -3.21 -21.37 -60.03
N GLU F 85 -2.63 -20.73 -61.03
CA GLU F 85 -2.47 -21.36 -62.35
C GLU F 85 -1.15 -22.12 -62.48
N LYS F 86 -0.87 -22.98 -61.51
CA LYS F 86 0.37 -23.73 -61.49
C LYS F 86 0.31 -25.03 -62.29
N GLU F 87 -0.86 -25.47 -62.72
CA GLU F 87 -0.97 -26.76 -63.37
C GLU F 87 -0.48 -26.75 -64.81
N ARG F 88 -0.40 -25.59 -65.45
CA ARG F 88 0.31 -25.51 -66.72
C ARG F 88 1.82 -25.57 -66.53
N PHE F 89 2.30 -25.17 -65.35
CA PHE F 89 3.73 -25.14 -65.10
C PHE F 89 4.28 -26.54 -64.90
N TYR F 90 3.50 -27.43 -64.27
CA TYR F 90 3.91 -28.83 -64.16
C TYR F 90 3.92 -29.52 -65.52
N ALA F 91 2.98 -29.16 -66.39
CA ALA F 91 2.95 -29.73 -67.74
C ALA F 91 4.12 -29.24 -68.57
N LEU F 92 4.54 -27.99 -68.38
CA LEU F 92 5.75 -27.51 -69.06
C LEU F 92 7.01 -28.11 -68.44
N SER F 93 6.99 -28.41 -67.13
CA SER F 93 8.17 -28.92 -66.45
C SER F 93 8.36 -30.41 -66.64
N ALA F 94 7.31 -31.15 -66.97
CA ALA F 94 7.47 -32.57 -67.26
C ALA F 94 8.18 -32.82 -68.57
N GLN F 95 8.21 -31.84 -69.48
CA GLN F 95 8.95 -31.96 -70.73
C GLN F 95 10.45 -31.88 -70.51
N THR F 96 10.89 -31.40 -69.36
CA THR F 96 12.30 -31.25 -69.04
C THR F 96 12.93 -32.52 -68.47
N GLY F 97 12.14 -33.58 -68.30
CA GLY F 97 12.67 -34.85 -67.83
C GLY F 97 12.67 -35.04 -66.33
N ALA F 98 11.90 -34.25 -65.59
CA ALA F 98 11.92 -34.27 -64.15
C ALA F 98 10.65 -34.90 -63.60
N THR F 99 10.76 -35.50 -62.41
CA THR F 99 9.64 -36.14 -61.76
C THR F 99 8.72 -35.09 -61.15
N ARG F 100 7.59 -35.56 -60.59
CA ARG F 100 6.66 -34.65 -59.94
C ARG F 100 7.23 -34.12 -58.64
N ALA F 101 7.98 -34.96 -57.91
CA ALA F 101 8.61 -34.53 -56.67
C ALA F 101 9.79 -33.60 -56.91
N ASP F 102 10.34 -33.58 -58.12
CA ASP F 102 11.40 -32.65 -58.46
C ASP F 102 10.87 -31.35 -59.07
N SER F 103 9.74 -31.41 -59.76
CA SER F 103 9.11 -30.20 -60.26
C SER F 103 8.41 -29.44 -59.15
N TRP F 104 7.94 -30.15 -58.12
CA TRP F 104 7.32 -29.52 -56.96
C TRP F 104 8.29 -28.59 -56.26
N VAL F 105 9.53 -29.05 -56.06
CA VAL F 105 10.57 -28.26 -55.39
C VAL F 105 10.83 -26.97 -56.17
N ASP F 106 10.98 -27.09 -57.49
CA ASP F 106 11.23 -25.96 -58.37
C ASP F 106 10.11 -24.92 -58.31
N ILE F 107 8.88 -25.33 -58.64
CA ILE F 107 7.76 -24.39 -58.74
C ILE F 107 7.39 -23.82 -57.38
N GLU F 108 7.22 -24.68 -56.37
CA GLU F 108 6.76 -24.21 -55.08
C GLU F 108 7.84 -23.48 -54.29
N GLY F 109 9.12 -23.83 -54.45
CA GLY F 109 10.17 -23.03 -53.84
C GLY F 109 10.31 -21.68 -54.51
N GLY F 110 10.09 -21.61 -55.83
CA GLY F 110 10.08 -20.33 -56.50
C GLY F 110 8.97 -19.42 -56.02
N ILE F 111 7.79 -19.96 -55.75
CA ILE F 111 6.71 -19.10 -55.26
C ILE F 111 6.88 -18.81 -53.76
N GLY F 112 7.44 -19.75 -52.99
CA GLY F 112 7.69 -19.50 -51.58
C GLY F 112 8.78 -18.48 -51.34
N THR F 113 9.70 -18.32 -52.29
CA THR F 113 10.65 -17.22 -52.23
C THR F 113 9.95 -15.87 -52.29
N LEU F 114 8.94 -15.74 -53.14
CA LEU F 114 8.16 -14.50 -53.21
C LEU F 114 7.34 -14.27 -51.95
N PHE F 115 6.78 -15.33 -51.38
CA PHE F 115 6.04 -15.18 -50.12
C PHE F 115 6.97 -14.76 -48.97
N THR F 116 8.18 -15.30 -48.94
CA THR F 116 9.14 -14.93 -47.90
C THR F 116 9.62 -13.49 -48.06
N TYR F 117 9.94 -13.08 -49.29
CA TYR F 117 10.35 -11.70 -49.53
C TYR F 117 9.21 -10.70 -49.44
N ALA F 118 7.96 -11.15 -49.46
CA ALA F 118 6.88 -10.25 -49.09
C ALA F 118 6.71 -10.15 -47.58
N SER F 119 6.81 -11.27 -46.85
CA SER F 119 6.61 -11.25 -45.41
C SER F 119 7.78 -10.64 -44.64
N LEU F 120 8.97 -10.57 -45.24
CA LEU F 120 10.07 -9.86 -44.59
C LEU F 120 9.97 -8.35 -44.83
N GLY F 121 9.67 -7.96 -46.07
CA GLY F 121 9.56 -6.55 -46.39
C GLY F 121 8.31 -5.89 -45.85
N SER F 122 7.28 -6.68 -45.50
CA SER F 122 6.11 -6.09 -44.85
C SER F 122 6.40 -5.71 -43.41
N ARG F 123 7.35 -6.39 -42.76
CA ARG F 123 7.62 -6.18 -41.35
C ARG F 123 8.84 -5.34 -41.06
N GLU F 124 9.87 -5.38 -41.92
CA GLU F 124 11.15 -4.78 -41.57
C GLU F 124 11.59 -3.65 -42.49
N LEU F 125 10.68 -3.12 -43.31
CA LEU F 125 10.99 -2.03 -44.24
C LEU F 125 10.05 -0.86 -44.00
N PRO F 126 10.53 0.39 -44.16
CA PRO F 126 9.72 1.55 -43.79
C PRO F 126 8.65 1.88 -44.83
N ASP F 127 7.81 2.84 -44.46
CA ASP F 127 6.77 3.36 -45.34
C ASP F 127 7.28 4.64 -46.00
N ASP F 128 8.21 4.45 -46.94
CA ASP F 128 8.98 5.55 -47.49
C ASP F 128 9.59 5.09 -48.81
N THR F 129 10.29 6.00 -49.49
CA THR F 129 11.09 5.67 -50.66
C THR F 129 12.56 5.50 -50.30
N LEU F 130 13.03 6.20 -49.27
CA LEU F 130 14.38 6.05 -48.73
C LEU F 130 14.33 5.14 -47.51
N TRP F 131 15.47 4.55 -47.19
CA TRP F 131 15.58 3.62 -46.07
C TRP F 131 16.81 3.91 -45.22
N PRO F 132 16.63 4.56 -44.06
CA PRO F 132 17.74 4.78 -43.12
C PRO F 132 18.06 3.49 -42.36
N GLU F 133 19.30 3.01 -42.50
CA GLU F 133 19.68 1.77 -41.83
C GLU F 133 20.33 1.97 -40.46
N ASP F 134 20.98 3.11 -40.22
CA ASP F 134 21.58 3.36 -38.91
C ASP F 134 20.55 4.00 -37.98
N GLU F 135 20.99 4.31 -36.75
CA GLU F 135 20.17 5.08 -35.84
C GLU F 135 20.55 6.56 -35.86
N LEU F 136 21.77 6.89 -35.42
CA LEU F 136 22.36 8.21 -35.44
C LEU F 136 23.82 8.07 -35.04
N ILE F 137 24.69 8.86 -35.66
CA ILE F 137 26.10 8.92 -35.30
C ILE F 137 26.40 10.34 -34.83
N PRO F 138 26.54 10.55 -33.52
CA PRO F 138 26.88 11.89 -33.02
C PRO F 138 28.35 12.25 -33.25
N LEU F 139 28.60 13.18 -34.16
CA LEU F 139 29.95 13.54 -34.55
C LEU F 139 30.45 14.83 -33.91
N SER F 140 29.79 15.31 -32.87
CA SER F 140 30.13 16.60 -32.29
C SER F 140 30.11 16.52 -30.77
N LYS F 141 30.53 17.61 -30.13
CA LYS F 141 30.54 17.75 -28.68
C LYS F 141 29.33 18.49 -28.15
N GLU F 142 28.80 19.43 -28.91
CA GLU F 142 27.62 20.18 -28.51
C GLU F 142 26.33 19.50 -28.95
N GLY F 143 26.26 19.08 -30.21
CA GLY F 143 25.09 18.38 -30.70
C GLY F 143 24.46 18.99 -31.93
N GLY F 144 25.21 19.84 -32.62
CA GLY F 144 24.69 20.48 -33.82
C GLY F 144 25.26 19.90 -35.10
N PHE F 145 25.84 18.72 -35.03
CA PHE F 145 26.46 18.09 -36.20
C PHE F 145 26.44 16.59 -36.01
N ALA F 146 25.78 15.87 -36.91
CA ALA F 146 25.70 14.43 -36.85
C ALA F 146 25.66 13.88 -38.27
N ALA F 147 25.52 12.56 -38.37
CA ALA F 147 25.44 11.90 -39.67
C ALA F 147 24.70 10.59 -39.50
N ARG F 148 24.15 10.10 -40.61
CA ARG F 148 23.52 8.79 -40.63
C ARG F 148 23.55 8.25 -42.05
N HIS F 149 23.37 6.94 -42.18
CA HIS F 149 23.45 6.27 -43.48
C HIS F 149 22.07 6.05 -44.06
N LEU F 150 21.95 6.38 -45.35
CA LEU F 150 20.73 6.19 -46.12
C LEU F 150 21.01 5.17 -47.23
N LEU F 151 19.94 4.52 -47.67
CA LEU F 151 19.98 3.59 -48.80
C LEU F 151 18.94 4.03 -49.82
N THR F 152 19.40 4.49 -50.98
CA THR F 152 18.50 4.84 -52.07
C THR F 152 18.63 3.80 -53.17
N SER F 153 17.69 3.82 -54.11
CA SER F 153 17.64 2.80 -55.15
C SER F 153 18.30 3.29 -56.42
N LYS F 154 18.96 2.38 -57.13
CA LYS F 154 19.64 2.72 -58.36
C LYS F 154 18.64 2.99 -59.47
N SER F 155 19.12 3.64 -60.53
CA SER F 155 18.24 4.14 -61.58
C SER F 155 18.59 3.51 -62.93
N GLY F 156 18.80 2.20 -62.94
CA GLY F 156 19.08 1.50 -64.17
C GLY F 156 18.40 0.16 -64.26
N VAL F 157 19.08 -0.84 -64.81
CA VAL F 157 18.48 -2.15 -65.02
C VAL F 157 19.32 -3.22 -64.32
N ALA F 158 18.72 -4.41 -64.21
CA ALA F 158 19.33 -5.58 -63.60
C ALA F 158 19.33 -6.70 -64.63
N VAL F 159 20.50 -7.03 -65.16
CA VAL F 159 20.62 -8.06 -66.19
C VAL F 159 20.93 -9.39 -65.49
N HIS F 160 19.97 -10.31 -65.53
CA HIS F 160 20.10 -11.61 -64.88
C HIS F 160 20.33 -12.68 -65.94
N ILE F 161 21.39 -13.47 -65.77
CA ILE F 161 21.72 -14.56 -66.68
C ILE F 161 21.70 -15.85 -65.87
N ASN F 162 20.86 -16.79 -66.29
CA ASN F 162 20.53 -17.97 -65.51
C ASN F 162 21.13 -19.23 -66.13
N ALA F 163 20.92 -20.36 -65.46
CA ALA F 163 21.32 -21.68 -65.90
C ALA F 163 20.09 -22.53 -66.21
N PHE F 164 20.30 -23.77 -66.59
CA PHE F 164 19.22 -24.62 -67.07
C PHE F 164 18.59 -25.48 -65.99
N ASN F 165 19.07 -25.41 -64.74
CA ASN F 165 18.60 -26.33 -63.71
C ASN F 165 17.20 -25.98 -63.24
N PHE F 166 17.05 -24.76 -62.72
CA PHE F 166 15.79 -24.30 -62.13
C PHE F 166 15.29 -23.10 -62.93
N PRO F 167 14.47 -23.32 -63.96
CA PRO F 167 13.97 -22.18 -64.75
C PRO F 167 12.95 -21.34 -64.01
N CYS F 168 12.27 -21.89 -63.01
CA CYS F 168 11.28 -21.15 -62.24
C CYS F 168 11.82 -20.68 -60.90
N TRP F 169 12.68 -21.45 -60.26
CA TRP F 169 13.27 -20.98 -59.01
C TRP F 169 14.36 -19.95 -59.27
N GLY F 170 15.22 -20.19 -60.26
CA GLY F 170 16.39 -19.36 -60.46
C GLY F 170 16.06 -17.97 -60.99
N MET F 171 15.00 -17.85 -61.77
CA MET F 171 14.55 -16.53 -62.20
C MET F 171 13.98 -15.73 -61.04
N LEU F 172 13.22 -16.40 -60.17
CA LEU F 172 12.34 -15.74 -59.23
C LEU F 172 12.97 -15.58 -57.85
N GLU F 173 14.22 -16.04 -57.67
CA GLU F 173 14.99 -15.69 -56.49
C GLU F 173 15.92 -14.52 -56.72
N LYS F 174 16.16 -14.15 -57.97
CA LYS F 174 16.85 -12.91 -58.32
C LYS F 174 15.89 -11.77 -58.54
N LEU F 175 14.61 -12.06 -58.80
CA LEU F 175 13.63 -11.07 -59.17
C LEU F 175 12.91 -10.48 -57.97
N ALA F 176 12.78 -11.24 -56.88
CA ALA F 176 12.14 -10.70 -55.69
C ALA F 176 12.98 -9.62 -54.99
N PRO F 177 14.30 -9.79 -54.74
CA PRO F 177 15.07 -8.65 -54.24
C PRO F 177 15.20 -7.51 -55.24
N THR F 178 15.15 -7.81 -56.54
CA THR F 178 15.23 -6.75 -57.55
C THR F 178 14.00 -5.87 -57.52
N TRP F 179 12.81 -6.48 -57.47
CA TRP F 179 11.57 -5.70 -57.39
C TRP F 179 11.40 -5.05 -56.03
N LEU F 180 11.86 -5.69 -54.95
CA LEU F 180 11.77 -5.07 -53.64
C LEU F 180 12.76 -3.92 -53.49
N GLY F 181 13.86 -3.93 -54.25
CA GLY F 181 14.79 -2.83 -54.26
C GLY F 181 14.43 -1.69 -55.19
N GLY F 182 13.47 -1.89 -56.09
CA GLY F 182 12.99 -0.82 -56.93
C GLY F 182 13.68 -0.66 -58.26
N MET F 183 14.17 -1.73 -58.87
CA MET F 183 14.75 -1.69 -60.20
C MET F 183 14.00 -2.62 -61.13
N PRO F 184 13.95 -2.32 -62.43
CA PRO F 184 13.41 -3.28 -63.40
C PRO F 184 14.42 -4.37 -63.69
N ALA F 185 13.99 -5.38 -64.45
CA ALA F 185 14.82 -6.53 -64.71
C ALA F 185 14.66 -7.02 -66.14
N ILE F 186 15.77 -7.50 -66.70
CA ILE F 186 15.80 -8.15 -68.00
C ILE F 186 16.36 -9.54 -67.79
N ILE F 187 15.52 -10.55 -67.95
CA ILE F 187 15.90 -11.93 -67.72
C ILE F 187 16.38 -12.56 -69.02
N LYS F 188 17.58 -13.13 -69.00
CA LYS F 188 18.07 -13.96 -70.09
C LYS F 188 18.17 -15.40 -69.59
N PRO F 189 17.20 -16.25 -69.85
CA PRO F 189 17.28 -17.64 -69.40
C PRO F 189 18.16 -18.45 -70.35
N ALA F 190 18.46 -19.67 -69.90
CA ALA F 190 19.23 -20.59 -70.73
C ALA F 190 18.31 -21.20 -71.78
N THR F 191 18.77 -21.23 -73.03
CA THR F 191 17.93 -21.65 -74.14
C THR F 191 17.76 -23.16 -74.24
N ALA F 192 18.31 -23.94 -73.31
CA ALA F 192 18.10 -25.37 -73.33
C ALA F 192 16.75 -25.74 -72.75
N THR F 193 16.20 -24.90 -71.87
CA THR F 193 14.91 -25.19 -71.23
C THR F 193 14.05 -23.93 -71.08
N ALA F 194 14.16 -22.99 -72.02
CA ALA F 194 13.54 -21.67 -71.88
C ALA F 194 12.03 -21.66 -72.13
N GLN F 195 11.36 -22.81 -72.24
CA GLN F 195 9.92 -22.82 -72.46
C GLN F 195 9.12 -22.58 -71.20
N LEU F 196 9.69 -22.81 -70.03
CA LEU F 196 8.99 -22.59 -68.77
C LEU F 196 9.17 -21.17 -68.24
N THR F 197 10.34 -20.58 -68.50
CA THR F 197 10.59 -19.19 -68.12
C THR F 197 9.66 -18.24 -68.86
N GLN F 198 9.37 -18.52 -70.13
CA GLN F 198 8.47 -17.67 -70.90
C GLN F 198 7.04 -17.79 -70.39
N ALA F 199 6.63 -18.99 -69.98
CA ALA F 199 5.29 -19.16 -69.42
C ALA F 199 5.15 -18.43 -68.09
N MET F 200 6.22 -18.45 -67.28
CA MET F 200 6.28 -17.64 -66.06
C MET F 200 6.12 -16.15 -66.35
N VAL F 201 6.91 -15.63 -67.29
CA VAL F 201 6.88 -14.20 -67.61
C VAL F 201 5.55 -13.81 -68.23
N LYS F 202 4.97 -14.68 -69.05
CA LYS F 202 3.66 -14.42 -69.66
C LYS F 202 2.56 -14.38 -68.61
N SER F 203 2.61 -15.30 -67.63
CA SER F 203 1.63 -15.29 -66.56
C SER F 203 1.80 -14.09 -65.64
N ILE F 204 3.02 -13.56 -65.52
CA ILE F 204 3.22 -12.33 -64.74
C ILE F 204 2.68 -11.13 -65.50
N VAL F 205 3.02 -11.01 -66.79
CA VAL F 205 2.69 -9.82 -67.56
C VAL F 205 1.19 -9.74 -67.82
N ASP F 206 0.54 -10.86 -68.14
CA ASP F 206 -0.88 -10.82 -68.46
C ASP F 206 -1.76 -10.87 -67.21
N SER F 207 -1.47 -10.02 -66.23
CA SER F 207 -2.31 -9.90 -65.04
C SER F 207 -2.57 -8.46 -64.61
N GLY F 208 -1.82 -7.47 -65.11
CA GLY F 208 -2.03 -6.10 -64.71
C GLY F 208 -1.57 -5.77 -63.31
N LEU F 209 -0.70 -6.59 -62.72
CA LEU F 209 -0.25 -6.38 -61.36
C LEU F 209 1.05 -5.58 -61.28
N VAL F 210 1.98 -5.83 -62.19
CA VAL F 210 3.26 -5.13 -62.20
C VAL F 210 3.17 -3.93 -63.15
N PRO F 211 3.98 -2.89 -62.97
CA PRO F 211 3.99 -1.79 -63.94
C PRO F 211 4.56 -2.22 -65.28
N GLU F 212 4.30 -1.40 -66.30
CA GLU F 212 4.83 -1.68 -67.62
C GLU F 212 6.31 -1.33 -67.67
N GLY F 213 7.09 -2.17 -68.36
CA GLY F 213 8.52 -2.01 -68.37
C GLY F 213 9.25 -2.60 -67.18
N ALA F 214 8.52 -3.11 -66.18
CA ALA F 214 9.15 -3.63 -64.97
C ALA F 214 9.72 -5.02 -65.13
N ILE F 215 9.48 -5.70 -66.25
CA ILE F 215 10.04 -7.01 -66.50
C ILE F 215 10.22 -7.18 -68.00
N SER F 216 11.32 -7.81 -68.39
CA SER F 216 11.59 -8.10 -69.79
C SER F 216 12.25 -9.46 -69.90
N LEU F 217 12.14 -10.06 -71.08
CA LEU F 217 12.66 -11.41 -71.33
C LEU F 217 13.40 -11.40 -72.65
N ILE F 218 14.50 -12.14 -72.74
CA ILE F 218 15.17 -12.38 -74.01
C ILE F 218 15.45 -13.87 -74.16
N CYS F 219 14.85 -14.48 -75.18
CA CYS F 219 15.05 -15.88 -75.50
C CYS F 219 16.01 -15.94 -76.68
N GLY F 220 17.18 -16.55 -76.47
CA GLY F 220 18.23 -16.53 -77.46
C GLY F 220 19.49 -15.94 -76.89
N SER F 221 20.35 -15.38 -77.73
CA SER F 221 21.56 -14.74 -77.26
C SER F 221 21.29 -13.28 -76.93
N ALA F 222 22.00 -12.77 -75.92
CA ALA F 222 21.90 -11.37 -75.57
C ALA F 222 22.56 -10.49 -76.64
N GLY F 223 23.63 -10.98 -77.26
CA GLY F 223 24.18 -10.35 -78.43
C GLY F 223 24.95 -9.08 -78.19
N ASP F 224 24.24 -8.00 -77.88
CA ASP F 224 24.90 -6.69 -77.79
C ASP F 224 24.35 -5.89 -76.60
N LEU F 225 23.79 -6.55 -75.59
CA LEU F 225 23.22 -5.82 -74.46
C LEU F 225 24.30 -5.29 -73.53
N LEU F 226 25.34 -6.08 -73.30
CA LEU F 226 26.36 -5.72 -72.31
C LEU F 226 27.29 -4.62 -72.78
N ASP F 227 27.20 -4.21 -74.04
CA ASP F 227 27.96 -3.07 -74.54
C ASP F 227 27.19 -1.76 -74.42
N HIS F 228 25.96 -1.80 -73.90
CA HIS F 228 25.10 -0.64 -73.85
C HIS F 228 24.78 -0.21 -72.42
N LEU F 229 25.38 -0.84 -71.42
CA LEU F 229 25.00 -0.60 -70.05
C LEU F 229 25.65 0.67 -69.51
N ASP F 230 25.39 0.96 -68.24
CA ASP F 230 25.82 2.18 -67.59
C ASP F 230 26.19 1.83 -66.16
N SER F 231 26.83 2.77 -65.46
CA SER F 231 27.31 2.53 -64.10
C SER F 231 26.19 2.38 -63.08
N GLN F 232 24.95 2.74 -63.42
CA GLN F 232 23.80 2.57 -62.55
C GLN F 232 23.08 1.25 -62.81
N ASP F 233 23.74 0.26 -63.39
CA ASP F 233 23.17 -1.04 -63.69
C ASP F 233 23.84 -2.11 -62.85
N VAL F 234 23.21 -3.28 -62.76
CA VAL F 234 23.84 -4.43 -62.12
C VAL F 234 23.68 -5.66 -63.01
N VAL F 235 24.65 -6.57 -62.92
CA VAL F 235 24.64 -7.82 -63.70
C VAL F 235 24.86 -9.00 -62.75
N THR F 236 23.99 -9.99 -62.84
CA THR F 236 24.11 -11.22 -62.07
C THR F 236 24.26 -12.39 -63.04
N PHE F 237 25.24 -13.25 -62.79
CA PHE F 237 25.50 -14.41 -63.63
C PHE F 237 25.43 -15.69 -62.80
N THR F 238 24.79 -16.71 -63.38
CA THR F 238 24.68 -18.02 -62.76
C THR F 238 24.95 -19.07 -63.83
N GLY F 239 26.02 -19.84 -63.66
CA GLY F 239 26.41 -20.80 -64.67
C GLY F 239 27.74 -21.43 -64.33
N SER F 240 28.47 -21.80 -65.38
CA SER F 240 29.78 -22.42 -65.19
C SER F 240 30.84 -21.36 -64.96
N ALA F 241 32.02 -21.81 -64.52
CA ALA F 241 33.10 -20.87 -64.21
C ALA F 241 33.75 -20.32 -65.48
N ALA F 242 33.90 -21.15 -66.50
CA ALA F 242 34.60 -20.75 -67.71
C ALA F 242 33.85 -19.71 -68.53
N THR F 243 32.52 -19.62 -68.37
CA THR F 243 31.76 -18.59 -69.06
C THR F 243 31.77 -17.29 -68.26
N GLY F 244 31.56 -17.37 -66.95
CA GLY F 244 31.57 -16.20 -66.11
C GLY F 244 32.91 -15.52 -65.97
N GLN F 245 34.00 -16.27 -66.16
CA GLN F 245 35.30 -15.62 -66.22
C GLN F 245 35.58 -15.00 -67.58
N MET F 246 34.78 -15.30 -68.59
CA MET F 246 34.84 -14.57 -69.86
C MET F 246 33.94 -13.35 -69.87
N LEU F 247 32.83 -13.39 -69.12
CA LEU F 247 31.95 -12.25 -69.02
C LEU F 247 32.37 -11.25 -67.94
N ARG F 248 33.29 -11.63 -67.06
CA ARG F 248 33.77 -10.69 -66.05
C ARG F 248 34.66 -9.62 -66.65
N VAL F 249 35.46 -9.97 -67.66
CA VAL F 249 36.44 -9.06 -68.23
C VAL F 249 35.91 -8.41 -69.51
N GLN F 250 34.60 -8.30 -69.65
CA GLN F 250 34.00 -7.62 -70.79
C GLN F 250 34.32 -6.13 -70.69
N PRO F 251 34.82 -5.51 -71.76
CA PRO F 251 35.49 -4.21 -71.60
C PRO F 251 34.58 -3.02 -71.32
N ASN F 252 33.25 -3.20 -71.32
CA ASN F 252 32.36 -2.15 -70.83
C ASN F 252 32.17 -2.25 -69.32
N ILE F 253 32.13 -3.49 -68.81
CA ILE F 253 31.93 -3.72 -67.38
C ILE F 253 33.12 -3.22 -66.58
N VAL F 254 34.34 -3.43 -67.07
CA VAL F 254 35.50 -2.97 -66.34
C VAL F 254 35.78 -1.49 -66.56
N ALA F 255 35.23 -0.89 -67.62
CA ALA F 255 35.42 0.55 -67.86
C ALA F 255 34.42 1.40 -67.09
N LYS F 256 33.17 0.97 -67.02
CA LYS F 256 32.16 1.72 -66.27
C LYS F 256 32.08 1.32 -64.81
N SER F 257 32.77 0.24 -64.42
CA SER F 257 32.81 -0.30 -63.05
C SER F 257 31.40 -0.61 -62.54
N ILE F 258 30.73 -1.53 -63.24
CA ILE F 258 29.37 -1.90 -62.86
C ILE F 258 29.47 -3.18 -62.01
N PRO F 259 28.55 -3.39 -61.06
CA PRO F 259 28.60 -4.60 -60.25
C PRO F 259 28.28 -5.84 -61.06
N PHE F 260 29.15 -6.84 -60.94
CA PHE F 260 29.00 -8.14 -61.58
C PHE F 260 29.09 -9.20 -60.50
N THR F 261 28.03 -9.98 -60.33
CA THR F 261 27.98 -11.02 -59.29
C THR F 261 27.94 -12.37 -59.98
N MET F 262 29.08 -13.06 -59.98
CA MET F 262 29.19 -14.38 -60.58
C MET F 262 28.93 -15.45 -59.54
N GLU F 263 28.24 -16.51 -59.94
CA GLU F 263 28.08 -17.65 -59.03
C GLU F 263 28.19 -18.94 -59.83
N ALA F 264 29.15 -19.78 -59.46
CA ALA F 264 29.61 -20.87 -60.33
C ALA F 264 29.56 -22.24 -59.66
N ASP F 265 30.18 -23.23 -60.29
CA ASP F 265 30.08 -24.62 -59.86
C ASP F 265 30.95 -24.88 -58.62
N SER F 266 30.67 -26.00 -57.98
CA SER F 266 31.35 -26.33 -56.72
C SER F 266 31.39 -27.84 -56.55
N LEU F 267 32.32 -28.28 -55.71
CA LEU F 267 32.50 -29.69 -55.33
C LEU F 267 32.16 -29.83 -53.85
N ASN F 268 30.91 -30.17 -53.57
CA ASN F 268 30.39 -30.14 -52.22
C ASN F 268 30.69 -31.45 -51.51
N CYS F 269 31.12 -31.34 -50.26
CA CYS F 269 31.59 -32.48 -49.49
C CYS F 269 30.53 -32.93 -48.48
N CYS F 270 30.75 -34.12 -47.93
CA CYS F 270 29.92 -34.64 -46.83
C CYS F 270 30.83 -35.52 -45.98
N VAL F 271 31.27 -35.00 -44.85
CA VAL F 271 32.27 -35.63 -44.00
C VAL F 271 31.55 -36.44 -42.93
N LEU F 272 32.00 -37.68 -42.72
CA LEU F 272 31.50 -38.52 -41.64
C LEU F 272 32.45 -38.41 -40.46
N GLY F 273 31.88 -38.23 -39.27
CA GLY F 273 32.70 -38.08 -38.07
C GLY F 273 33.32 -39.40 -37.64
N GLU F 274 34.36 -39.28 -36.81
CA GLU F 274 35.09 -40.47 -36.36
C GLU F 274 34.33 -41.25 -35.30
N ASP F 275 33.48 -40.58 -34.51
CA ASP F 275 32.76 -41.21 -33.42
C ASP F 275 31.49 -41.92 -33.86
N VAL F 276 31.31 -42.17 -35.15
CA VAL F 276 30.11 -42.81 -35.68
C VAL F 276 30.46 -44.21 -36.15
N THR F 277 29.89 -45.20 -35.50
CA THR F 277 30.01 -46.62 -35.77
C THR F 277 28.67 -47.14 -36.33
N PRO F 278 28.66 -48.23 -37.11
CA PRO F 278 27.42 -48.65 -37.78
C PRO F 278 26.32 -49.18 -36.87
N ASP F 279 26.52 -49.23 -35.55
CA ASP F 279 25.45 -49.60 -34.61
C ASP F 279 24.78 -48.38 -33.99
N GLN F 280 24.74 -47.27 -34.71
CA GLN F 280 24.19 -46.01 -34.25
C GLN F 280 23.18 -45.49 -35.27
N PRO F 281 22.21 -44.66 -34.85
CA PRO F 281 21.27 -44.08 -35.82
C PRO F 281 21.88 -43.06 -36.75
N GLU F 282 23.11 -42.59 -36.50
CA GLU F 282 23.74 -41.60 -37.36
C GLU F 282 24.11 -42.19 -38.72
N PHE F 283 24.48 -43.46 -38.75
CA PHE F 283 25.01 -44.09 -39.95
C PHE F 283 23.92 -44.22 -41.02
N ALA F 284 22.72 -44.62 -40.62
CA ALA F 284 21.63 -44.82 -41.56
C ALA F 284 21.16 -43.50 -42.16
N LEU F 285 21.13 -42.43 -41.36
CA LEU F 285 20.74 -41.14 -41.90
C LEU F 285 21.85 -40.52 -42.74
N PHE F 286 23.13 -40.83 -42.45
CA PHE F 286 24.21 -40.45 -43.34
C PHE F 286 24.05 -41.08 -44.73
N ILE F 287 23.80 -42.40 -44.76
CA ILE F 287 23.60 -43.10 -46.03
C ILE F 287 22.37 -42.57 -46.77
N ARG F 288 21.28 -42.33 -46.02
CA ARG F 288 20.05 -41.82 -46.60
C ARG F 288 20.25 -40.43 -47.20
N GLU F 289 20.99 -39.56 -46.50
CA GLU F 289 21.21 -38.20 -46.99
C GLU F 289 22.08 -38.19 -48.24
N VAL F 290 23.15 -39.01 -48.26
CA VAL F 290 24.01 -39.05 -49.44
C VAL F 290 23.27 -39.59 -50.65
N VAL F 291 22.49 -40.67 -50.46
CA VAL F 291 21.78 -41.27 -51.58
C VAL F 291 20.66 -40.37 -52.08
N ARG F 292 19.93 -39.69 -51.17
CA ARG F 292 18.86 -38.81 -51.60
C ARG F 292 19.40 -37.58 -52.30
N GLU F 293 20.50 -37.00 -51.80
CA GLU F 293 21.06 -35.81 -52.39
C GLU F 293 21.75 -36.11 -53.72
N MET F 294 22.20 -37.35 -53.93
CA MET F 294 22.80 -37.71 -55.21
C MET F 294 21.76 -38.15 -56.24
N THR F 295 20.62 -38.71 -55.81
CA THR F 295 19.61 -39.16 -56.75
C THR F 295 18.46 -38.17 -56.94
N THR F 296 18.46 -37.03 -56.26
CA THR F 296 17.45 -36.01 -56.50
C THR F 296 17.81 -35.20 -57.75
N LYS F 297 16.82 -35.04 -58.65
CA LYS F 297 16.93 -34.23 -59.89
C LYS F 297 18.01 -34.78 -60.83
N ALA F 298 18.25 -36.10 -60.73
CA ALA F 298 19.31 -36.83 -61.46
C ALA F 298 20.69 -36.23 -61.24
N GLY F 299 20.92 -35.66 -60.05
CA GLY F 299 22.18 -35.03 -59.76
C GLY F 299 22.45 -33.75 -60.50
N GLN F 300 21.41 -33.05 -60.96
CA GLN F 300 21.54 -31.81 -61.71
C GLN F 300 21.22 -30.59 -60.86
N LYS F 301 21.65 -30.56 -59.61
CA LYS F 301 21.63 -29.35 -58.81
C LYS F 301 23.04 -29.03 -58.34
N CYS F 302 23.30 -27.74 -58.17
CA CYS F 302 24.65 -27.28 -57.83
C CYS F 302 25.03 -27.56 -56.40
N THR F 303 24.05 -27.80 -55.53
CA THR F 303 24.27 -28.06 -54.11
C THR F 303 24.21 -29.54 -53.78
N ALA F 304 24.71 -30.39 -54.68
CA ALA F 304 24.67 -31.84 -54.51
C ALA F 304 26.02 -32.37 -54.02
N ILE F 305 25.97 -33.48 -53.29
CA ILE F 305 27.15 -34.07 -52.67
C ILE F 305 27.95 -34.80 -53.74
N ARG F 306 29.23 -34.45 -53.88
CA ARG F 306 30.08 -35.04 -54.89
C ARG F 306 31.36 -35.66 -54.35
N ARG F 307 31.77 -35.34 -53.13
CA ARG F 307 32.89 -35.99 -52.48
C ARG F 307 32.43 -36.50 -51.13
N ILE F 308 32.72 -37.76 -50.82
CA ILE F 308 32.33 -38.37 -49.56
C ILE F 308 33.60 -38.77 -48.82
N ILE F 309 33.87 -38.09 -47.71
CA ILE F 309 35.04 -38.35 -46.89
C ILE F 309 34.62 -39.25 -45.73
N VAL F 310 35.18 -40.45 -45.68
CA VAL F 310 34.86 -41.41 -44.62
C VAL F 310 36.15 -41.73 -43.88
N PRO F 311 36.05 -42.20 -42.64
CA PRO F 311 37.25 -42.71 -41.95
C PRO F 311 37.82 -43.95 -42.62
N GLN F 312 39.10 -44.20 -42.33
CA GLN F 312 39.82 -45.28 -43.01
C GLN F 312 39.30 -46.66 -42.59
N ALA F 313 38.89 -46.81 -41.35
CA ALA F 313 38.38 -48.09 -40.85
C ALA F 313 36.90 -48.29 -41.15
N LEU F 314 36.29 -47.45 -41.99
CA LEU F 314 34.88 -47.57 -42.32
C LEU F 314 34.62 -47.39 -43.82
N VAL F 315 35.64 -47.56 -44.66
CA VAL F 315 35.46 -47.41 -46.09
C VAL F 315 34.62 -48.55 -46.65
N ASN F 316 34.85 -49.77 -46.17
CA ASN F 316 34.22 -50.95 -46.75
C ASN F 316 32.74 -51.02 -46.39
N ALA F 317 32.38 -50.67 -45.15
CA ALA F 317 30.97 -50.74 -44.74
C ALA F 317 30.14 -49.67 -45.43
N VAL F 318 30.69 -48.46 -45.58
CA VAL F 318 30.00 -47.40 -46.31
C VAL F 318 29.89 -47.75 -47.79
N SER F 319 30.96 -48.31 -48.36
CA SER F 319 30.95 -48.71 -49.77
C SER F 319 30.01 -49.88 -50.03
N ASP F 320 29.74 -50.71 -49.02
CA ASP F 320 28.73 -51.75 -49.18
C ASP F 320 27.31 -51.19 -49.03
N ALA F 321 27.10 -50.34 -48.03
CA ALA F 321 25.74 -49.85 -47.74
C ALA F 321 25.25 -48.88 -48.81
N LEU F 322 26.13 -48.07 -49.38
CA LEU F 322 25.72 -47.16 -50.45
C LEU F 322 25.30 -47.92 -51.70
N VAL F 323 26.02 -49.00 -52.03
CA VAL F 323 25.66 -49.77 -53.21
C VAL F 323 24.39 -50.59 -52.96
N ALA F 324 24.22 -51.10 -51.74
CA ALA F 324 22.99 -51.81 -51.40
C ALA F 324 21.78 -50.88 -51.32
N ARG F 325 21.99 -49.59 -51.08
CA ARG F 325 20.91 -48.61 -51.08
C ARG F 325 20.62 -48.06 -52.47
N LEU F 326 21.64 -47.96 -53.33
CA LEU F 326 21.48 -47.36 -54.65
C LEU F 326 20.94 -48.31 -55.72
N GLN F 327 21.08 -49.62 -55.53
CA GLN F 327 20.61 -50.55 -56.55
C GLN F 327 19.09 -50.70 -56.56
N LYS F 328 18.39 -50.13 -55.59
CA LYS F 328 16.93 -50.15 -55.56
C LYS F 328 16.32 -48.99 -56.34
N VAL F 329 17.13 -48.22 -57.06
CA VAL F 329 16.66 -47.03 -57.76
C VAL F 329 16.32 -47.41 -59.20
N VAL F 330 15.10 -47.08 -59.63
CA VAL F 330 14.61 -47.40 -60.96
C VAL F 330 14.69 -46.15 -61.82
N VAL F 331 15.36 -46.26 -62.97
CA VAL F 331 15.60 -45.14 -63.86
C VAL F 331 14.80 -45.36 -65.14
N GLY F 332 13.91 -44.42 -65.44
CA GLY F 332 13.08 -44.53 -66.63
C GLY F 332 12.18 -43.33 -66.87
N ASP F 333 11.03 -43.57 -67.52
CA ASP F 333 10.07 -42.50 -67.74
C ASP F 333 9.38 -42.13 -66.43
N PRO F 334 9.20 -40.83 -66.16
CA PRO F 334 8.59 -40.44 -64.88
C PRO F 334 7.10 -40.67 -64.81
N ALA F 335 6.39 -40.73 -65.94
CA ALA F 335 4.94 -40.87 -65.89
C ALA F 335 4.51 -42.28 -65.53
N GLN F 336 5.25 -43.29 -65.97
CA GLN F 336 4.94 -44.66 -65.60
C GLN F 336 5.36 -44.92 -64.15
N GLU F 337 4.68 -45.88 -63.52
CA GLU F 337 4.76 -46.05 -62.08
C GLU F 337 6.02 -46.82 -61.68
N GLY F 338 6.43 -46.61 -60.43
CA GLY F 338 7.59 -47.30 -59.90
C GLY F 338 8.93 -46.79 -60.34
N VAL F 339 8.99 -45.56 -60.85
CA VAL F 339 10.23 -44.96 -61.37
C VAL F 339 10.63 -43.82 -60.45
N LYS F 340 11.85 -43.89 -59.92
CA LYS F 340 12.35 -42.87 -59.00
C LYS F 340 13.12 -41.77 -59.71
N MET F 341 14.20 -42.13 -60.40
CA MET F 341 15.05 -41.16 -61.06
C MET F 341 14.53 -40.89 -62.47
N GLY F 342 14.47 -39.61 -62.85
CA GLY F 342 14.05 -39.23 -64.17
C GLY F 342 15.16 -39.29 -65.19
N ALA F 343 15.31 -38.25 -65.99
CA ALA F 343 16.30 -38.20 -67.06
C ALA F 343 17.08 -36.90 -66.96
N LEU F 344 18.02 -36.72 -67.89
CA LEU F 344 18.73 -35.46 -68.04
C LEU F 344 17.91 -34.55 -68.96
N VAL F 345 18.49 -33.43 -69.41
CA VAL F 345 17.75 -32.49 -70.24
C VAL F 345 18.13 -32.57 -71.71
N ASN F 346 19.34 -32.99 -72.04
CA ASN F 346 19.78 -33.02 -73.43
C ASN F 346 20.72 -34.20 -73.64
N ALA F 347 20.90 -34.58 -74.90
CA ALA F 347 21.91 -35.59 -75.23
C ALA F 347 23.31 -35.02 -75.09
N GLU F 348 23.46 -33.69 -75.23
CA GLU F 348 24.75 -33.05 -74.96
C GLU F 348 25.14 -33.16 -73.50
N GLN F 349 24.17 -33.14 -72.59
CA GLN F 349 24.47 -33.34 -71.18
C GLN F 349 24.92 -34.76 -70.90
N ARG F 350 24.29 -35.75 -71.54
CA ARG F 350 24.73 -37.13 -71.40
C ARG F 350 26.12 -37.33 -71.99
N ALA F 351 26.44 -36.63 -73.08
CA ALA F 351 27.76 -36.73 -73.66
C ALA F 351 28.82 -35.94 -72.89
N ASP F 352 28.42 -34.94 -72.12
CA ASP F 352 29.38 -34.12 -71.39
C ASP F 352 29.58 -34.52 -69.94
N VAL F 353 28.66 -35.30 -69.35
CA VAL F 353 28.93 -35.87 -68.03
C VAL F 353 29.99 -36.96 -68.15
N GLN F 354 29.90 -37.80 -69.18
CA GLN F 354 30.77 -38.97 -69.27
C GLN F 354 32.19 -38.59 -69.65
N GLU F 355 32.39 -37.46 -70.34
CA GLU F 355 33.75 -37.01 -70.59
C GLU F 355 34.41 -36.45 -69.34
N LYS F 356 33.63 -36.07 -68.32
CA LYS F 356 34.18 -35.78 -67.01
C LYS F 356 34.43 -37.05 -66.22
N VAL F 357 33.56 -38.05 -66.40
CA VAL F 357 33.71 -39.33 -65.70
C VAL F 357 34.98 -40.04 -66.17
N ASN F 358 35.32 -39.93 -67.46
CA ASN F 358 36.55 -40.53 -67.96
C ASN F 358 37.80 -39.81 -67.44
N ILE F 359 37.71 -38.50 -67.25
CA ILE F 359 38.81 -37.76 -66.64
C ILE F 359 38.99 -38.18 -65.18
N LEU F 360 37.89 -38.44 -64.48
CA LEU F 360 38.00 -38.96 -63.11
C LEU F 360 38.50 -40.40 -63.10
N LEU F 361 38.18 -41.19 -64.13
CA LEU F 361 38.65 -42.56 -64.24
C LEU F 361 40.08 -42.68 -64.75
N ALA F 362 40.68 -41.57 -65.21
CA ALA F 362 42.09 -41.61 -65.57
C ALA F 362 43.01 -41.77 -64.38
N ALA F 363 42.51 -41.53 -63.16
CA ALA F 363 43.31 -41.74 -61.95
C ALA F 363 42.57 -42.43 -60.81
N GLY F 364 41.27 -42.65 -60.90
CA GLY F 364 40.47 -43.21 -59.80
C GLY F 364 40.24 -44.69 -59.94
N CYS F 365 39.03 -45.11 -59.59
CA CYS F 365 38.64 -46.53 -59.57
C CYS F 365 37.16 -46.61 -59.90
N GLU F 366 36.54 -47.76 -59.64
CA GLU F 366 35.15 -47.96 -60.02
C GLU F 366 34.46 -48.86 -59.01
N ILE F 367 33.25 -48.48 -58.61
CA ILE F 367 32.49 -49.26 -57.64
C ILE F 367 31.15 -49.69 -58.24
N ARG F 368 30.60 -48.89 -59.14
CA ARG F 368 29.30 -49.21 -59.72
C ARG F 368 29.31 -48.93 -61.22
N LEU F 369 28.11 -48.80 -61.79
CA LEU F 369 27.92 -48.61 -63.22
C LEU F 369 28.26 -47.18 -63.60
N GLY F 370 29.48 -46.97 -64.10
CA GLY F 370 29.92 -45.64 -64.45
C GLY F 370 29.89 -45.35 -65.94
N GLY F 371 31.04 -45.48 -66.60
CA GLY F 371 31.20 -45.15 -68.00
C GLY F 371 30.47 -46.06 -68.98
N GLN F 372 29.80 -47.11 -68.50
CA GLN F 372 28.95 -47.94 -69.34
C GLN F 372 27.55 -47.32 -69.36
N ALA F 373 27.45 -46.17 -70.04
CA ALA F 373 26.19 -45.49 -70.26
C ALA F 373 25.86 -45.56 -71.74
N ASP F 374 24.63 -45.96 -72.06
CA ASP F 374 24.21 -46.15 -73.44
C ASP F 374 24.02 -44.79 -74.10
N LEU F 375 24.93 -44.44 -75.01
CA LEU F 375 24.94 -43.13 -75.66
C LEU F 375 24.16 -43.12 -76.96
N SER F 376 23.18 -44.00 -77.14
CA SER F 376 22.43 -44.04 -78.38
C SER F 376 20.94 -44.25 -78.17
N ALA F 377 20.45 -44.18 -76.94
CA ALA F 377 19.03 -44.42 -76.67
C ALA F 377 18.21 -43.18 -76.99
N ALA F 378 16.90 -43.28 -76.76
CA ALA F 378 15.98 -42.16 -76.90
C ALA F 378 15.61 -41.70 -75.49
N GLY F 379 15.95 -40.46 -75.17
CA GLY F 379 15.85 -40.00 -73.81
C GLY F 379 17.20 -40.08 -73.12
N ALA F 380 17.64 -38.97 -72.52
CA ALA F 380 18.98 -38.87 -71.98
C ALA F 380 19.00 -39.40 -70.55
N PHE F 381 19.44 -40.66 -70.40
CA PHE F 381 19.55 -41.29 -69.09
C PHE F 381 21.02 -41.47 -68.74
N PHE F 382 21.27 -41.65 -67.44
CA PHE F 382 22.62 -41.93 -66.98
C PHE F 382 22.47 -42.75 -65.71
N PRO F 383 23.25 -43.82 -65.55
CA PRO F 383 23.10 -44.67 -64.37
C PRO F 383 23.73 -44.03 -63.15
N PRO F 384 23.18 -44.27 -61.96
CA PRO F 384 23.79 -43.74 -60.72
C PRO F 384 25.18 -44.30 -60.48
N THR F 385 26.16 -43.43 -60.50
CA THR F 385 27.57 -43.79 -60.49
C THR F 385 28.17 -43.51 -59.12
N LEU F 386 28.90 -44.49 -58.57
CA LEU F 386 29.72 -44.31 -57.39
C LEU F 386 31.15 -44.68 -57.73
N LEU F 387 32.10 -43.83 -57.32
CA LEU F 387 33.50 -44.03 -57.65
C LEU F 387 34.32 -44.22 -56.38
N TYR F 388 35.64 -44.30 -56.55
CA TYR F 388 36.54 -44.49 -55.43
C TYR F 388 37.90 -43.96 -55.80
N CYS F 389 38.59 -43.39 -54.81
CA CYS F 389 39.92 -42.82 -54.99
C CYS F 389 40.77 -43.20 -53.79
N PRO F 390 41.66 -44.20 -53.93
CA PRO F 390 42.43 -44.67 -52.76
C PRO F 390 43.54 -43.73 -52.34
N GLN F 391 43.95 -42.79 -53.19
CA GLN F 391 45.00 -41.82 -52.88
C GLN F 391 44.43 -40.42 -53.09
N PRO F 392 43.73 -39.86 -52.09
CA PRO F 392 43.11 -38.55 -52.28
C PRO F 392 44.07 -37.37 -52.21
N ASP F 393 45.09 -37.48 -51.36
CA ASP F 393 46.05 -36.39 -51.17
C ASP F 393 47.15 -36.37 -52.22
N GLU F 394 47.06 -37.20 -53.26
CA GLU F 394 48.02 -37.22 -54.35
C GLU F 394 47.39 -37.03 -55.72
N THR F 395 46.06 -37.15 -55.83
CA THR F 395 45.36 -36.95 -57.09
C THR F 395 44.64 -35.62 -57.06
N PRO F 396 45.14 -34.59 -57.78
CA PRO F 396 44.46 -33.30 -57.78
C PRO F 396 43.24 -33.23 -58.68
N ALA F 397 43.05 -34.19 -59.59
CA ALA F 397 41.94 -34.14 -60.53
C ALA F 397 40.61 -34.53 -59.90
N VAL F 398 40.61 -35.04 -58.67
CA VAL F 398 39.36 -35.28 -57.96
C VAL F 398 38.82 -33.97 -57.39
N HIS F 399 39.71 -33.11 -56.91
CA HIS F 399 39.35 -31.86 -56.25
C HIS F 399 39.14 -30.71 -57.21
N ALA F 400 39.13 -30.97 -58.52
CA ALA F 400 39.00 -29.90 -59.50
C ALA F 400 38.01 -30.19 -60.62
N THR F 401 37.57 -31.44 -60.80
CA THR F 401 36.71 -31.82 -61.91
C THR F 401 35.38 -32.29 -61.37
N GLU F 402 34.30 -31.65 -61.82
CA GLU F 402 32.94 -32.00 -61.40
C GLU F 402 32.18 -32.62 -62.56
N ALA F 403 31.47 -33.70 -62.27
CA ALA F 403 30.60 -34.36 -63.23
C ALA F 403 29.17 -34.03 -62.85
N PHE F 404 28.45 -33.37 -63.74
CA PHE F 404 27.17 -32.77 -63.39
C PHE F 404 26.04 -33.77 -63.67
N GLY F 405 26.09 -34.87 -62.94
CA GLY F 405 25.10 -35.92 -63.03
C GLY F 405 25.00 -36.68 -61.72
N PRO F 406 24.69 -37.99 -61.79
CA PRO F 406 24.57 -38.78 -60.57
C PRO F 406 25.90 -39.27 -60.00
N VAL F 407 27.01 -38.67 -60.43
CA VAL F 407 28.34 -39.18 -60.11
C VAL F 407 28.84 -38.53 -58.82
N ALA F 408 29.38 -39.35 -57.92
CA ALA F 408 30.06 -38.85 -56.74
C ALA F 408 31.17 -39.83 -56.36
N THR F 409 32.24 -39.30 -55.79
CA THR F 409 33.42 -40.10 -55.45
C THR F 409 33.58 -40.23 -53.95
N LEU F 410 34.33 -41.24 -53.54
CA LEU F 410 34.51 -41.59 -52.13
C LEU F 410 35.99 -41.71 -51.81
N MET F 411 36.37 -41.30 -50.60
CA MET F 411 37.77 -41.26 -50.21
C MET F 411 37.89 -41.28 -48.70
N PRO F 412 38.97 -41.85 -48.15
CA PRO F 412 39.14 -41.92 -46.70
C PRO F 412 39.96 -40.78 -46.13
N ALA F 413 39.98 -40.71 -44.80
CA ALA F 413 40.73 -39.72 -44.05
C ALA F 413 41.30 -40.38 -42.79
N GLN F 414 42.02 -39.59 -41.99
CA GLN F 414 42.72 -40.10 -40.80
C GLN F 414 42.47 -39.18 -39.60
N ASN F 415 41.39 -39.46 -38.86
CA ASN F 415 41.13 -38.97 -37.50
C ASN F 415 41.07 -37.44 -37.40
N GLN F 416 40.10 -36.86 -38.11
CA GLN F 416 39.59 -35.49 -37.92
C GLN F 416 40.60 -34.39 -38.20
N ARG F 417 41.79 -34.70 -38.71
CA ARG F 417 42.73 -33.68 -39.13
C ARG F 417 43.11 -33.81 -40.58
N HIS F 418 42.90 -34.98 -41.20
CA HIS F 418 43.00 -35.13 -42.63
C HIS F 418 41.67 -34.85 -43.32
N ALA F 419 40.56 -35.10 -42.62
CA ALA F 419 39.24 -34.79 -43.16
C ALA F 419 39.01 -33.30 -43.23
N LEU F 420 39.52 -32.55 -42.24
CA LEU F 420 39.44 -31.10 -42.26
C LEU F 420 40.30 -30.48 -43.35
N GLN F 421 41.28 -31.21 -43.87
CA GLN F 421 42.08 -30.74 -45.00
C GLN F 421 41.48 -31.17 -46.33
N LEU F 422 40.89 -32.37 -46.39
CA LEU F 422 40.22 -32.80 -47.61
C LEU F 422 38.93 -32.04 -47.86
N ALA F 423 38.29 -31.53 -46.80
CA ALA F 423 37.11 -30.70 -46.98
C ALA F 423 37.47 -29.30 -47.46
N CYS F 424 38.65 -28.80 -47.11
CA CYS F 424 39.10 -27.49 -47.57
C CYS F 424 39.88 -27.55 -48.87
N ALA F 425 40.28 -28.74 -49.32
CA ALA F 425 41.05 -28.87 -50.55
C ALA F 425 40.23 -28.64 -51.82
N GLY F 426 38.91 -28.48 -51.71
CA GLY F 426 38.07 -28.25 -52.88
C GLY F 426 38.28 -26.91 -53.54
N GLY F 427 38.82 -25.94 -52.81
CA GLY F 427 39.12 -24.64 -53.39
C GLY F 427 37.96 -23.67 -53.28
N GLY F 428 37.23 -23.72 -52.17
CA GLY F 428 36.05 -22.91 -52.02
C GLY F 428 34.82 -23.62 -52.53
N SER F 429 33.86 -23.89 -51.65
CA SER F 429 32.70 -24.70 -51.97
C SER F 429 31.43 -23.89 -51.73
N LEU F 430 30.30 -24.54 -51.93
CA LEU F 430 29.01 -23.90 -51.84
C LEU F 430 28.16 -24.43 -50.70
N ALA F 431 28.36 -25.69 -50.30
CA ALA F 431 27.67 -26.29 -49.17
C ALA F 431 28.53 -27.40 -48.60
N GLY F 432 28.21 -27.81 -47.37
CA GLY F 432 28.94 -28.88 -46.71
C GLY F 432 28.12 -29.51 -45.61
N THR F 433 28.53 -30.70 -45.19
CA THR F 433 27.80 -31.48 -44.20
C THR F 433 28.78 -32.20 -43.28
N LEU F 434 28.51 -32.15 -41.99
CA LEU F 434 29.15 -33.03 -41.02
C LEU F 434 28.08 -33.86 -40.33
N VAL F 435 28.35 -35.14 -40.11
CA VAL F 435 27.43 -36.05 -39.45
C VAL F 435 28.13 -36.56 -38.19
N THR F 436 27.81 -35.97 -37.04
CA THR F 436 28.41 -36.36 -35.77
C THR F 436 27.34 -36.39 -34.69
N ALA F 437 27.78 -36.65 -33.46
CA ALA F 437 26.98 -36.47 -32.28
C ALA F 437 27.76 -35.80 -31.15
N ASP F 438 29.02 -35.41 -31.39
CA ASP F 438 29.86 -34.77 -30.40
C ASP F 438 29.97 -33.29 -30.77
N PRO F 439 29.53 -32.36 -29.91
CA PRO F 439 29.57 -30.94 -30.29
C PRO F 439 30.96 -30.33 -30.32
N GLN F 440 31.96 -30.94 -29.69
CA GLN F 440 33.31 -30.42 -29.81
C GLN F 440 33.92 -30.71 -31.18
N ILE F 441 33.55 -31.86 -31.77
CA ILE F 441 33.92 -32.15 -33.15
C ILE F 441 33.30 -31.12 -34.10
N ALA F 442 32.07 -30.71 -33.80
CA ALA F 442 31.41 -29.69 -34.62
C ALA F 442 32.07 -28.32 -34.45
N ARG F 443 32.50 -28.00 -33.23
CA ARG F 443 33.22 -26.76 -32.98
C ARG F 443 34.55 -26.73 -33.74
N GLN F 444 35.29 -27.85 -33.72
CA GLN F 444 36.54 -27.95 -34.47
C GLN F 444 36.31 -27.90 -35.97
N PHE F 445 35.19 -28.45 -36.45
CA PHE F 445 34.91 -28.43 -37.89
C PHE F 445 34.55 -27.03 -38.36
N ILE F 446 33.72 -26.30 -37.59
CA ILE F 446 33.35 -24.95 -37.97
C ILE F 446 34.55 -24.00 -37.85
N ALA F 447 35.41 -24.21 -36.86
CA ALA F 447 36.53 -23.30 -36.65
C ALA F 447 37.62 -23.44 -37.70
N ASP F 448 37.54 -24.42 -38.60
CA ASP F 448 38.60 -24.63 -39.59
C ASP F 448 38.07 -24.74 -41.02
N ALA F 449 36.81 -25.17 -41.19
CA ALA F 449 36.30 -25.46 -42.52
C ALA F 449 35.14 -24.55 -42.92
N ALA F 450 34.94 -23.42 -42.24
CA ALA F 450 33.93 -22.46 -42.62
C ALA F 450 34.50 -21.33 -43.46
N ARG F 451 35.81 -21.33 -43.69
CA ARG F 451 36.41 -20.32 -44.56
C ARG F 451 36.10 -20.60 -46.02
N THR F 452 35.98 -21.87 -46.38
CA THR F 452 35.79 -22.27 -47.77
C THR F 452 34.34 -22.58 -48.12
N HIS F 453 33.49 -22.80 -47.12
CA HIS F 453 32.09 -23.11 -47.35
C HIS F 453 31.23 -21.91 -47.02
N GLY F 454 30.09 -21.81 -47.69
CA GLY F 454 29.17 -20.72 -47.45
C GLY F 454 27.92 -21.15 -46.74
N ARG F 455 27.76 -22.45 -46.53
CA ARG F 455 26.66 -23.02 -45.75
C ARG F 455 27.07 -24.40 -45.28
N ILE F 456 26.98 -24.66 -43.98
CA ILE F 456 27.40 -25.92 -43.39
C ILE F 456 26.26 -26.47 -42.56
N GLN F 457 25.92 -27.74 -42.79
CA GLN F 457 24.89 -28.42 -42.02
C GLN F 457 25.54 -29.44 -41.09
N ILE F 458 25.19 -29.36 -39.80
CA ILE F 458 25.56 -30.37 -38.83
C ILE F 458 24.34 -31.26 -38.61
N LEU F 459 24.51 -32.56 -38.80
CA LEU F 459 23.39 -33.48 -38.87
C LEU F 459 23.51 -34.53 -37.78
N ASN F 460 22.44 -34.69 -37.00
CA ASN F 460 22.38 -35.71 -35.95
C ASN F 460 20.94 -36.19 -35.86
N GLU F 461 20.60 -36.86 -34.77
CA GLU F 461 19.29 -37.48 -34.65
C GLU F 461 18.19 -36.46 -34.37
N GLU F 462 18.48 -35.40 -33.60
CA GLU F 462 17.48 -34.37 -33.35
C GLU F 462 17.19 -33.56 -34.61
N SER F 463 18.22 -33.24 -35.38
CA SER F 463 18.07 -32.37 -36.53
C SER F 463 17.42 -33.06 -37.71
N ALA F 464 17.53 -34.40 -37.80
CA ALA F 464 17.15 -35.11 -39.03
C ALA F 464 15.64 -35.23 -39.21
N LYS F 465 14.85 -35.00 -38.16
CA LYS F 465 13.42 -35.19 -38.28
C LYS F 465 12.76 -34.09 -39.10
N GLU F 466 13.32 -32.87 -39.07
CA GLU F 466 12.74 -31.74 -39.78
C GLU F 466 13.80 -30.94 -40.53
N SER F 467 14.91 -31.58 -40.89
CA SER F 467 15.92 -30.94 -41.71
C SER F 467 15.43 -30.74 -43.14
N THR F 468 15.65 -29.54 -43.67
CA THR F 468 15.23 -29.23 -45.03
C THR F 468 16.10 -29.91 -46.08
N GLY F 469 17.33 -30.27 -45.74
CA GLY F 469 18.20 -31.00 -46.65
C GLY F 469 19.55 -30.33 -46.79
N HIS F 470 20.48 -31.11 -47.34
CA HIS F 470 21.80 -30.59 -47.70
C HIS F 470 21.70 -29.56 -48.81
N GLY F 471 20.89 -29.83 -49.83
CA GLY F 471 20.91 -29.03 -51.03
C GLY F 471 19.66 -28.24 -51.32
N SER F 472 19.07 -27.62 -50.30
CA SER F 472 17.92 -26.74 -50.49
C SER F 472 18.26 -25.35 -49.99
N PRO F 473 18.46 -24.38 -50.88
CA PRO F 473 18.71 -23.01 -50.43
C PRO F 473 17.48 -22.35 -49.82
N LEU F 474 17.54 -22.06 -48.52
CA LEU F 474 16.48 -21.31 -47.88
C LEU F 474 16.57 -19.84 -48.30
N PRO F 475 15.42 -19.17 -48.47
CA PRO F 475 15.46 -17.78 -48.97
C PRO F 475 15.94 -16.76 -47.94
N GLN F 476 16.15 -17.16 -46.69
CA GLN F 476 16.62 -16.28 -45.64
C GLN F 476 17.97 -16.74 -45.10
N LEU F 477 18.75 -17.42 -45.94
CA LEU F 477 20.09 -17.86 -45.62
C LEU F 477 20.99 -17.60 -46.82
N VAL F 478 22.26 -17.31 -46.54
CA VAL F 478 23.19 -16.87 -47.57
C VAL F 478 23.52 -18.03 -48.51
N HIS F 479 23.36 -17.81 -49.81
CA HIS F 479 23.64 -18.80 -50.84
C HIS F 479 24.80 -18.30 -51.68
N GLY F 480 26.01 -18.79 -51.38
CA GLY F 480 27.20 -18.38 -52.09
C GLY F 480 28.41 -19.05 -51.48
N GLY F 481 29.56 -18.80 -52.10
CA GLY F 481 30.78 -19.42 -51.65
C GLY F 481 32.02 -18.79 -52.25
N PRO F 482 33.14 -18.89 -51.54
CA PRO F 482 34.37 -18.26 -52.01
C PRO F 482 35.07 -19.09 -53.06
N GLY F 483 36.13 -18.50 -53.64
CA GLY F 483 37.04 -19.21 -54.51
C GLY F 483 36.46 -19.72 -55.81
N ARG F 484 36.30 -21.04 -55.91
CA ARG F 484 35.77 -21.67 -57.11
C ARG F 484 34.27 -21.45 -57.25
N ALA F 485 33.56 -21.23 -56.14
CA ALA F 485 32.11 -21.02 -56.17
C ALA F 485 31.73 -19.61 -56.58
N GLY F 486 32.68 -18.77 -56.96
CA GLY F 486 32.38 -17.49 -57.56
C GLY F 486 32.69 -16.29 -56.70
N GLY F 487 32.36 -16.35 -55.43
CA GLY F 487 32.59 -15.24 -54.52
C GLY F 487 31.38 -14.37 -54.24
N GLY F 488 30.26 -14.58 -54.94
CA GLY F 488 29.09 -13.76 -54.75
C GLY F 488 28.20 -14.26 -53.61
N GLU F 489 27.15 -13.50 -53.35
CA GLU F 489 26.16 -13.86 -52.33
C GLU F 489 24.77 -13.52 -52.84
N GLU F 490 23.81 -14.39 -52.51
CA GLU F 490 22.41 -14.21 -52.83
C GLU F 490 21.58 -14.72 -51.66
N LEU F 491 20.31 -14.29 -51.64
CA LEU F 491 19.27 -14.81 -50.74
C LEU F 491 19.57 -14.58 -49.26
N GLY F 492 20.37 -13.57 -48.93
CA GLY F 492 20.78 -13.41 -47.55
C GLY F 492 19.76 -12.84 -46.59
N GLY F 493 18.50 -12.78 -46.98
CA GLY F 493 17.48 -12.11 -46.19
C GLY F 493 17.23 -10.75 -46.79
N LEU F 494 17.41 -9.70 -46.00
CA LEU F 494 17.45 -8.34 -46.54
C LEU F 494 18.85 -7.94 -46.96
N ARG F 495 19.81 -8.88 -46.94
CA ARG F 495 21.15 -8.62 -47.43
C ARG F 495 21.21 -8.57 -48.94
N ALA F 496 20.17 -9.04 -49.64
CA ALA F 496 20.17 -9.11 -51.08
C ALA F 496 19.48 -7.91 -51.73
N VAL F 497 18.62 -7.20 -51.01
CA VAL F 497 18.04 -5.97 -51.56
C VAL F 497 19.02 -4.81 -51.50
N LYS F 498 20.11 -4.95 -50.75
CA LYS F 498 21.17 -3.96 -50.67
C LYS F 498 22.18 -4.08 -51.80
N HIS F 499 22.04 -5.09 -52.66
CA HIS F 499 22.86 -5.16 -53.86
C HIS F 499 22.30 -4.30 -54.98
N TYR F 500 21.06 -3.85 -54.85
CA TYR F 500 20.41 -3.03 -55.86
C TYR F 500 20.24 -1.59 -55.37
N MET F 501 21.08 -1.17 -54.42
CA MET F 501 20.93 0.10 -53.74
C MET F 501 22.29 0.77 -53.59
N GLN F 502 22.24 2.06 -53.29
CA GLN F 502 23.42 2.86 -53.01
C GLN F 502 23.33 3.38 -51.58
N ARG F 503 24.41 3.15 -50.82
CA ARG F 503 24.53 3.62 -49.45
C ARG F 503 25.25 4.97 -49.42
N THR F 504 24.75 5.89 -48.61
CA THR F 504 25.26 7.25 -48.57
C THR F 504 25.26 7.75 -47.13
N ALA F 505 26.40 8.24 -46.67
CA ALA F 505 26.50 8.89 -45.36
C ALA F 505 26.10 10.35 -45.52
N VAL F 506 24.95 10.73 -44.96
CA VAL F 506 24.47 12.09 -45.01
C VAL F 506 24.84 12.78 -43.70
N GLN F 507 25.46 13.95 -43.80
CA GLN F 507 25.92 14.73 -42.66
C GLN F 507 25.09 16.01 -42.53
N GLY F 508 25.03 16.54 -41.34
CA GLY F 508 24.33 17.78 -41.12
C GLY F 508 23.75 17.84 -39.72
N SER F 509 22.99 18.91 -39.49
CA SER F 509 22.31 19.10 -38.21
C SER F 509 21.18 18.08 -38.07
N PRO F 510 20.82 17.70 -36.84
CA PRO F 510 19.74 16.73 -36.65
C PRO F 510 18.38 17.23 -37.10
N THR F 511 18.14 18.54 -37.10
CA THR F 511 16.89 19.07 -37.63
C THR F 511 16.84 19.06 -39.15
N MET F 512 17.95 18.76 -39.81
CA MET F 512 18.00 18.56 -41.25
C MET F 512 17.97 17.10 -41.63
N LEU F 513 18.67 16.26 -40.86
CA LEU F 513 18.59 14.81 -41.03
C LEU F 513 17.20 14.29 -40.72
N ALA F 514 16.49 14.94 -39.79
CA ALA F 514 15.12 14.54 -39.50
C ALA F 514 14.18 14.86 -40.65
N ALA F 515 14.43 15.94 -41.37
CA ALA F 515 13.61 16.26 -42.54
C ALA F 515 13.97 15.38 -43.73
N ILE F 516 15.23 14.99 -43.85
CA ILE F 516 15.63 14.09 -44.93
C ILE F 516 15.09 12.69 -44.71
N SER F 517 15.22 12.17 -43.51
CA SER F 517 14.85 10.78 -43.26
C SER F 517 13.38 10.60 -42.88
N LYS F 518 12.63 11.68 -42.70
CA LYS F 518 11.22 11.68 -42.27
C LYS F 518 11.00 10.92 -40.96
N GLN F 519 11.98 11.04 -40.05
CA GLN F 519 11.91 10.46 -38.71
C GLN F 519 12.59 11.44 -37.78
N TRP F 520 11.98 11.73 -36.63
CA TRP F 520 12.62 12.56 -35.62
C TRP F 520 13.84 11.83 -35.07
N VAL F 521 14.94 12.56 -34.86
CA VAL F 521 16.17 11.83 -34.63
C VAL F 521 16.63 11.90 -33.16
N ARG F 522 17.25 13.00 -32.73
CA ARG F 522 17.41 13.24 -31.30
C ARG F 522 17.38 14.73 -30.95
N GLY F 523 17.90 15.56 -31.84
CA GLY F 523 18.10 16.96 -31.51
C GLY F 523 17.33 17.90 -32.42
N ALA F 524 16.35 17.36 -33.13
CA ALA F 524 15.57 18.16 -34.06
C ALA F 524 14.57 19.03 -33.31
N LYS F 525 13.93 19.93 -34.04
CA LYS F 525 12.90 20.76 -33.45
C LYS F 525 11.62 19.97 -33.27
N VAL F 526 10.83 20.38 -32.29
CA VAL F 526 9.61 19.69 -31.92
C VAL F 526 8.41 20.58 -32.28
N GLU F 527 7.22 20.01 -32.17
CA GLU F 527 5.99 20.71 -32.54
C GLU F 527 4.93 20.34 -31.50
N GLU F 528 4.78 21.20 -30.49
CA GLU F 528 3.82 20.98 -29.43
C GLU F 528 2.49 21.60 -29.82
N ASP F 529 1.39 20.91 -29.52
CA ASP F 529 0.12 21.13 -30.21
C ASP F 529 -1.03 21.47 -29.26
N ARG F 530 -0.76 21.49 -27.94
CA ARG F 530 -1.71 21.79 -26.86
C ARG F 530 -2.86 20.79 -26.74
N ILE F 531 -2.81 19.67 -27.46
CA ILE F 531 -3.64 18.51 -27.16
C ILE F 531 -2.70 17.32 -27.10
N HIS F 532 -3.16 16.26 -26.46
CA HIS F 532 -2.29 15.14 -26.13
C HIS F 532 -2.05 14.28 -27.37
N PRO F 533 -0.80 13.91 -27.67
CA PRO F 533 -0.54 13.05 -28.84
C PRO F 533 -1.15 11.65 -28.79
N PHE F 534 -1.63 11.19 -27.64
CA PHE F 534 -2.39 9.94 -27.59
C PHE F 534 -3.88 10.15 -27.90
N ARG F 535 -4.27 11.32 -28.38
CA ARG F 535 -5.63 11.57 -28.82
C ARG F 535 -5.75 11.68 -30.34
N LYS F 536 -4.64 11.75 -31.06
CA LYS F 536 -4.66 11.87 -32.51
C LYS F 536 -4.74 10.50 -33.15
N TYR F 537 -5.34 10.46 -34.34
CA TYR F 537 -5.38 9.25 -35.14
C TYR F 537 -4.08 9.09 -35.91
N PHE F 538 -3.96 7.97 -36.63
CA PHE F 538 -2.72 7.64 -37.33
C PHE F 538 -2.46 8.59 -38.50
N GLU F 539 -3.51 9.08 -39.15
CA GLU F 539 -3.34 9.95 -40.31
C GLU F 539 -3.04 11.40 -39.95
N GLU F 540 -2.95 11.72 -38.65
CA GLU F 540 -2.65 13.08 -38.24
C GLU F 540 -1.54 13.14 -37.19
N LEU F 541 -0.81 12.05 -36.97
CA LEU F 541 0.45 12.11 -36.27
C LEU F 541 1.57 12.45 -37.24
N GLN F 542 2.42 13.40 -36.86
CA GLN F 542 3.59 13.75 -37.63
C GLN F 542 4.83 13.48 -36.80
N PRO F 543 5.93 13.03 -37.40
CA PRO F 543 7.15 12.77 -36.63
C PRO F 543 7.78 14.05 -36.10
N GLY F 544 7.67 14.26 -34.79
CA GLY F 544 8.11 15.50 -34.18
C GLY F 544 7.13 16.00 -33.14
N ASP F 545 5.97 15.36 -33.05
CA ASP F 545 4.95 15.74 -32.08
C ASP F 545 5.41 15.37 -30.68
N SER F 546 5.51 16.35 -29.80
CA SER F 546 6.16 16.18 -28.51
C SER F 546 5.24 16.58 -27.37
N LEU F 547 5.41 15.90 -26.25
CA LEU F 547 4.73 16.18 -25.00
C LEU F 547 5.77 16.32 -23.90
N LEU F 548 5.65 17.39 -23.10
CA LEU F 548 6.46 17.60 -21.90
C LEU F 548 5.54 17.46 -20.69
N THR F 549 5.78 16.44 -19.89
CA THR F 549 4.88 16.02 -18.82
C THR F 549 5.16 16.84 -17.56
N PRO F 550 4.26 16.81 -16.56
CA PRO F 550 4.61 17.35 -15.24
C PRO F 550 5.59 16.45 -14.51
N ARG F 551 6.04 16.94 -13.35
CA ARG F 551 7.14 16.34 -12.61
C ARG F 551 6.63 15.40 -11.52
N ARG F 552 7.55 14.60 -11.00
CA ARG F 552 7.28 13.76 -9.84
C ARG F 552 8.54 13.65 -9.01
N THR F 553 8.44 13.86 -7.70
CA THR F 553 9.59 13.82 -6.81
C THR F 553 9.75 12.42 -6.24
N MET F 554 10.91 11.81 -6.45
CA MET F 554 11.20 10.48 -5.96
C MET F 554 11.55 10.56 -4.49
N THR F 555 10.60 10.21 -3.63
CA THR F 555 10.81 10.26 -2.20
C THR F 555 11.37 8.94 -1.70
N GLU F 556 11.63 8.85 -0.40
CA GLU F 556 12.18 7.62 0.17
C GLU F 556 11.11 6.53 0.29
N ALA F 557 9.84 6.92 0.43
CA ALA F 557 8.77 5.94 0.56
C ALA F 557 8.50 5.21 -0.75
N ASP F 558 8.81 5.83 -1.89
CA ASP F 558 8.58 5.18 -3.18
C ASP F 558 9.48 3.98 -3.40
N ILE F 559 10.71 4.04 -2.89
CA ILE F 559 11.63 2.90 -2.97
C ILE F 559 11.06 1.72 -2.20
N VAL F 560 10.53 1.98 -1.01
CA VAL F 560 10.01 0.93 -0.15
C VAL F 560 8.73 0.34 -0.75
N ASN F 561 7.85 1.20 -1.29
CA ASN F 561 6.61 0.69 -1.88
C ASN F 561 6.87 -0.13 -3.14
N PHE F 562 7.80 0.29 -4.00
CA PHE F 562 8.05 -0.49 -5.20
C PHE F 562 8.81 -1.77 -4.89
N ALA F 563 9.73 -1.74 -3.91
CA ALA F 563 10.44 -2.95 -3.55
C ALA F 563 9.53 -3.96 -2.86
N CYS F 564 8.53 -3.48 -2.12
CA CYS F 564 7.56 -4.39 -1.52
C CYS F 564 6.60 -4.95 -2.56
N LEU F 565 6.13 -4.12 -3.49
CA LEU F 565 5.15 -4.59 -4.47
C LEU F 565 5.76 -5.53 -5.49
N SER F 566 6.99 -5.26 -5.93
CA SER F 566 7.64 -6.13 -6.90
C SER F 566 8.25 -7.35 -6.22
N GLY F 567 9.02 -7.14 -5.15
CA GLY F 567 9.75 -8.20 -4.50
C GLY F 567 11.25 -8.11 -4.64
N ASP F 568 11.76 -7.04 -5.24
CA ASP F 568 13.19 -6.88 -5.52
C ASP F 568 13.81 -6.20 -4.31
N HIS F 569 14.22 -7.01 -3.33
CA HIS F 569 14.90 -6.51 -2.14
C HIS F 569 16.41 -6.52 -2.31
N PHE F 570 16.88 -5.89 -3.39
CA PHE F 570 18.30 -5.81 -3.71
C PHE F 570 19.00 -4.88 -2.73
N TYR F 571 20.30 -5.13 -2.51
CA TYR F 571 21.01 -4.44 -1.42
C TYR F 571 21.28 -2.97 -1.72
N ALA F 572 21.30 -2.59 -3.00
CA ALA F 572 21.48 -1.18 -3.38
C ALA F 572 20.22 -0.36 -3.20
N HIS F 573 19.12 -0.94 -2.74
CA HIS F 573 17.86 -0.23 -2.61
C HIS F 573 17.33 -0.36 -1.19
N MET F 574 17.69 -1.44 -0.50
CA MET F 574 17.15 -1.78 0.80
C MET F 574 18.16 -1.74 1.94
N ASP F 575 19.36 -2.26 1.73
CA ASP F 575 20.38 -2.19 2.76
C ASP F 575 21.08 -0.84 2.70
N LYS F 576 21.42 -0.30 3.87
CA LYS F 576 22.04 1.00 4.00
C LYS F 576 23.52 0.92 4.31
N ILE F 577 23.93 -0.11 5.07
CA ILE F 577 25.35 -0.32 5.37
C ILE F 577 26.11 -0.69 4.10
N ALA F 578 25.55 -1.64 3.33
CA ALA F 578 26.24 -2.12 2.14
C ALA F 578 26.06 -1.20 0.94
N ALA F 579 25.11 -0.27 0.99
CA ALA F 579 24.99 0.69 -0.09
C ALA F 579 26.09 1.73 -0.03
N ALA F 580 26.59 2.03 1.17
CA ALA F 580 27.69 2.98 1.35
C ALA F 580 29.05 2.39 0.99
N GLU F 581 29.12 1.08 0.73
CA GLU F 581 30.36 0.43 0.31
C GLU F 581 30.31 0.02 -1.16
N SER F 582 29.27 0.44 -1.88
CA SER F 582 29.08 0.08 -3.28
C SER F 582 29.56 1.21 -4.17
N ILE F 583 29.30 1.10 -5.47
CA ILE F 583 29.75 2.10 -6.42
C ILE F 583 28.87 3.35 -6.39
N PHE F 584 27.64 3.24 -5.89
CA PHE F 584 26.70 4.36 -5.95
C PHE F 584 26.91 5.34 -4.81
N GLY F 585 27.43 4.88 -3.67
CA GLY F 585 27.67 5.76 -2.54
C GLY F 585 26.57 5.72 -1.50
N GLU F 586 25.33 5.64 -1.98
CA GLU F 586 24.17 5.49 -1.10
C GLU F 586 23.09 4.77 -1.89
N ARG F 587 21.97 4.46 -1.22
CA ARG F 587 20.96 3.63 -1.85
C ARG F 587 20.05 4.47 -2.74
N VAL F 588 19.61 3.87 -3.84
CA VAL F 588 19.05 4.58 -4.98
C VAL F 588 17.70 4.00 -5.33
N VAL F 589 16.97 4.74 -6.17
CA VAL F 589 15.68 4.28 -6.69
C VAL F 589 15.92 3.18 -7.72
N HIS F 590 14.98 2.22 -7.79
CA HIS F 590 15.01 1.14 -8.78
C HIS F 590 15.00 1.68 -10.20
N GLY F 591 15.45 0.86 -11.14
CA GLY F 591 15.41 1.24 -12.53
C GLY F 591 14.02 1.03 -13.11
N TYR F 592 13.41 -0.09 -12.73
CA TYR F 592 12.08 -0.40 -13.21
C TYR F 592 11.03 0.51 -12.60
N PHE F 593 11.30 1.12 -11.44
CA PHE F 593 10.36 2.12 -10.94
C PHE F 593 10.47 3.43 -11.68
N VAL F 594 11.67 3.79 -12.15
CA VAL F 594 11.81 4.93 -13.06
C VAL F 594 11.06 4.66 -14.36
N LEU F 595 11.15 3.43 -14.86
CA LEU F 595 10.44 3.04 -16.07
C LEU F 595 8.92 3.03 -15.87
N SER F 596 8.45 2.63 -14.70
CA SER F 596 7.01 2.53 -14.45
C SER F 596 6.40 3.86 -14.05
N ALA F 597 7.18 4.75 -13.45
CA ALA F 597 6.70 6.07 -13.08
C ALA F 597 6.87 7.08 -14.19
N ALA F 598 7.73 6.81 -15.17
CA ALA F 598 7.74 7.63 -16.37
C ALA F 598 6.49 7.38 -17.19
N ALA F 599 6.00 6.14 -17.21
CA ALA F 599 4.82 5.81 -18.00
C ALA F 599 3.54 6.33 -17.39
N GLY F 600 3.54 6.63 -16.10
CA GLY F 600 2.37 7.25 -15.50
C GLY F 600 2.20 8.71 -15.83
N LEU F 601 3.20 9.34 -16.45
CA LEU F 601 3.16 10.76 -16.76
C LEU F 601 2.69 11.06 -18.17
N PHE F 602 2.89 10.18 -19.15
CA PHE F 602 2.50 10.49 -20.53
C PHE F 602 1.32 9.68 -21.06
N VAL F 603 0.76 8.77 -20.30
CA VAL F 603 -0.33 7.93 -20.80
C VAL F 603 -1.66 8.63 -20.57
N ASP F 604 -2.45 8.75 -21.65
CA ASP F 604 -3.82 9.23 -21.56
C ASP F 604 -4.71 8.11 -21.02
N ALA F 605 -5.54 8.43 -20.05
CA ALA F 605 -6.33 7.42 -19.37
C ALA F 605 -7.63 7.07 -20.08
N GLY F 606 -8.07 7.89 -21.04
CA GLY F 606 -9.35 7.65 -21.69
C GLY F 606 -9.23 6.79 -22.93
N VAL F 607 -10.39 6.38 -23.43
CA VAL F 607 -10.48 5.54 -24.62
C VAL F 607 -10.19 6.38 -25.85
N GLY F 608 -9.24 5.93 -26.68
CA GLY F 608 -8.87 6.64 -27.86
C GLY F 608 -8.30 5.77 -28.95
N PRO F 609 -7.49 6.37 -29.83
CA PRO F 609 -6.90 5.60 -30.94
C PRO F 609 -5.85 4.59 -30.52
N VAL F 610 -5.19 4.79 -29.37
CA VAL F 610 -4.12 3.89 -28.94
C VAL F 610 -4.73 2.60 -28.44
N ILE F 611 -4.21 1.47 -28.93
CA ILE F 611 -4.76 0.14 -28.66
C ILE F 611 -3.89 -0.64 -27.69
N ALA F 612 -2.63 -0.89 -28.06
CA ALA F 612 -1.74 -1.71 -27.25
C ALA F 612 -0.36 -1.07 -27.22
N ASN F 613 0.51 -1.63 -26.37
CA ASN F 613 1.87 -1.14 -26.19
C ASN F 613 2.90 -2.17 -26.65
N TYR F 614 2.92 -3.34 -26.02
CA TYR F 614 3.55 -4.59 -26.44
C TYR F 614 5.06 -4.55 -26.73
N GLY F 615 5.75 -3.43 -26.52
CA GLY F 615 7.13 -3.39 -26.93
C GLY F 615 7.95 -2.34 -26.22
N LEU F 616 9.26 -2.56 -26.22
CA LEU F 616 10.24 -1.65 -25.66
C LEU F 616 11.56 -2.02 -26.30
N GLU F 617 12.24 -1.05 -26.92
CA GLU F 617 13.24 -1.39 -27.92
C GLU F 617 14.67 -1.28 -27.44
N SER F 618 15.06 -0.22 -26.73
CA SER F 618 16.46 -0.08 -26.30
C SER F 618 16.52 0.77 -25.04
N LEU F 619 16.64 0.11 -23.89
CA LEU F 619 16.66 0.79 -22.59
C LEU F 619 18.07 0.78 -22.02
N ARG F 620 18.55 1.96 -21.62
CA ARG F 620 19.84 2.11 -20.96
C ARG F 620 19.68 3.07 -19.80
N PHE F 621 20.15 2.68 -18.62
CA PHE F 621 20.14 3.56 -17.46
C PHE F 621 21.48 4.27 -17.36
N ILE F 622 21.45 5.60 -17.32
CA ILE F 622 22.68 6.39 -17.42
C ILE F 622 23.14 6.88 -16.06
N GLU F 623 22.32 7.70 -15.40
CA GLU F 623 22.70 8.19 -14.08
C GLU F 623 21.79 7.58 -13.01
N PRO F 624 22.28 7.40 -11.79
CA PRO F 624 21.42 6.90 -10.72
C PRO F 624 20.52 7.98 -10.15
N VAL F 625 19.29 7.57 -9.81
CA VAL F 625 18.28 8.46 -9.26
C VAL F 625 18.21 8.23 -7.76
N LYS F 626 18.24 9.31 -7.00
CA LYS F 626 18.33 9.30 -5.55
C LYS F 626 17.04 9.79 -4.92
N PRO F 627 16.85 9.59 -3.61
CA PRO F 627 15.72 10.23 -2.93
C PRO F 627 15.86 11.75 -2.87
N GLY F 628 14.75 12.44 -3.13
CA GLY F 628 14.77 13.88 -3.23
C GLY F 628 15.10 14.42 -4.59
N ASP F 629 14.74 13.69 -5.65
CA ASP F 629 15.15 13.99 -7.02
C ASP F 629 13.90 14.02 -7.86
N THR F 630 13.70 15.10 -8.61
CA THR F 630 12.48 15.21 -9.42
C THR F 630 12.71 14.59 -10.79
N ILE F 631 11.61 14.21 -11.44
CA ILE F 631 11.61 13.47 -12.68
C ILE F 631 10.61 14.10 -13.63
N GLN F 632 11.03 14.36 -14.87
CA GLN F 632 10.17 14.91 -15.91
C GLN F 632 10.46 14.17 -17.21
N VAL F 633 9.42 13.93 -18.01
CA VAL F 633 9.48 13.02 -19.14
C VAL F 633 9.13 13.79 -20.42
N ARG F 634 9.89 13.53 -21.48
CA ARG F 634 9.63 14.09 -22.80
C ARG F 634 9.30 12.93 -23.75
N LEU F 635 8.20 13.07 -24.50
CA LEU F 635 7.66 12.01 -25.34
C LEU F 635 7.50 12.51 -26.77
N THR F 636 8.21 11.90 -27.73
CA THR F 636 8.21 12.40 -29.10
C THR F 636 7.90 11.28 -30.08
N CYS F 637 7.03 11.56 -31.06
CA CYS F 637 6.75 10.61 -32.13
C CYS F 637 7.96 10.44 -33.04
N LYS F 638 8.12 9.24 -33.60
CA LYS F 638 9.37 8.95 -34.29
C LYS F 638 9.21 8.34 -35.67
N ARG F 639 8.22 7.46 -35.88
CA ARG F 639 8.13 6.63 -37.07
C ARG F 639 6.74 5.99 -37.21
N LYS F 640 6.12 6.02 -38.39
CA LYS F 640 4.70 5.68 -38.51
C LYS F 640 4.40 4.29 -39.06
N THR F 641 4.80 3.98 -40.30
CA THR F 641 4.87 2.62 -40.89
C THR F 641 3.55 1.83 -40.78
N LEU F 642 2.56 2.22 -41.58
CA LEU F 642 1.21 1.64 -41.52
C LEU F 642 1.19 0.16 -41.91
N LYS F 643 0.02 -0.45 -41.75
CA LYS F 643 -0.23 -1.85 -42.05
C LYS F 643 -1.37 -1.95 -43.06
N LYS F 644 -1.39 -3.06 -43.81
CA LYS F 644 -2.11 -3.09 -45.08
C LYS F 644 -3.51 -3.68 -45.01
N GLN F 645 -4.01 -4.06 -43.83
CA GLN F 645 -5.41 -4.46 -43.60
C GLN F 645 -5.78 -5.67 -44.46
N ARG F 646 -5.23 -6.82 -44.05
CA ARG F 646 -5.28 -8.06 -44.84
C ARG F 646 -6.69 -8.58 -45.11
N SER F 647 -7.69 -8.14 -44.37
CA SER F 647 -9.08 -8.46 -44.63
C SER F 647 -9.86 -7.17 -44.89
N ALA F 648 -11.17 -7.31 -45.03
CA ALA F 648 -12.06 -6.16 -45.09
C ALA F 648 -12.85 -5.96 -43.81
N GLU F 649 -12.74 -6.89 -42.86
CA GLU F 649 -13.43 -6.81 -41.58
C GLU F 649 -12.56 -6.18 -40.50
N GLU F 650 -11.24 -6.37 -40.58
CA GLU F 650 -10.34 -5.96 -39.51
C GLU F 650 -10.21 -4.45 -39.44
N LYS F 651 -9.96 -3.96 -38.23
CA LYS F 651 -9.79 -2.52 -38.00
C LYS F 651 -8.46 -2.08 -38.60
N PRO F 652 -8.42 -0.98 -39.35
CA PRO F 652 -7.15 -0.51 -39.89
C PRO F 652 -6.27 0.09 -38.80
N THR F 653 -4.96 -0.09 -38.95
CA THR F 653 -4.04 0.27 -37.88
C THR F 653 -2.64 0.49 -38.46
N GLY F 654 -1.78 1.10 -37.64
CA GLY F 654 -0.36 1.21 -37.92
C GLY F 654 0.42 1.04 -36.62
N VAL F 655 1.74 1.10 -36.74
CA VAL F 655 2.63 0.86 -35.59
C VAL F 655 3.54 2.08 -35.41
N VAL F 656 3.14 2.96 -34.51
CA VAL F 656 3.87 4.19 -34.22
C VAL F 656 4.92 3.90 -33.16
N GLU F 657 6.14 4.40 -33.36
CA GLU F 657 7.22 4.29 -32.40
C GLU F 657 7.43 5.65 -31.74
N TRP F 658 7.40 5.68 -30.42
CA TRP F 658 7.72 6.88 -29.65
C TRP F 658 9.08 6.76 -29.00
N ALA F 659 9.70 7.92 -28.78
CA ALA F 659 10.98 8.04 -28.09
C ALA F 659 10.74 8.75 -26.77
N VAL F 660 11.18 8.13 -25.67
CA VAL F 660 10.96 8.62 -24.32
C VAL F 660 12.30 9.06 -23.75
N GLU F 661 12.32 10.22 -23.11
CA GLU F 661 13.54 10.76 -22.54
C GLU F 661 13.24 11.34 -21.17
N VAL F 662 13.88 10.83 -20.14
CA VAL F 662 13.64 11.22 -18.77
C VAL F 662 14.81 12.11 -18.33
N PHE F 663 14.53 13.11 -17.49
CA PHE F 663 15.60 13.96 -16.97
C PHE F 663 15.22 14.51 -15.61
N ASN F 664 16.23 14.81 -14.81
CA ASN F 664 16.06 15.36 -13.47
C ASN F 664 16.09 16.89 -13.49
N GLN F 665 16.22 17.50 -12.31
CA GLN F 665 16.18 18.96 -12.22
C GLN F 665 17.44 19.65 -12.74
N HIS F 666 18.52 18.91 -12.97
CA HIS F 666 19.69 19.45 -13.63
C HIS F 666 19.63 19.26 -15.14
N GLN F 667 18.50 18.72 -15.64
CA GLN F 667 18.28 18.41 -17.06
C GLN F 667 19.34 17.46 -17.60
N THR F 668 19.78 16.50 -16.77
CA THR F 668 20.64 15.53 -17.44
C THR F 668 19.84 14.26 -17.75
N PRO F 669 20.07 13.64 -18.91
CA PRO F 669 19.19 12.56 -19.35
C PRO F 669 19.35 11.22 -18.64
N VAL F 670 18.68 11.01 -17.52
CA VAL F 670 18.62 9.66 -16.95
C VAL F 670 17.68 8.81 -17.82
N ALA F 671 18.13 7.61 -18.18
CA ALA F 671 17.26 6.49 -18.61
C ALA F 671 16.40 6.82 -19.84
N LEU F 672 17.05 7.01 -20.98
CA LEU F 672 16.33 7.28 -22.22
C LEU F 672 16.14 6.01 -23.05
N TYR F 673 15.00 5.92 -23.74
CA TYR F 673 14.62 4.68 -24.41
C TYR F 673 13.56 4.95 -25.48
N SER F 674 12.97 3.88 -26.00
CA SER F 674 12.04 3.96 -27.13
C SER F 674 11.03 2.83 -27.07
N ILE F 675 9.75 3.15 -27.26
CA ILE F 675 8.67 2.18 -27.16
C ILE F 675 7.88 2.12 -28.46
N LEU F 676 7.13 1.02 -28.62
CA LEU F 676 6.29 0.75 -29.77
C LEU F 676 4.83 0.86 -29.35
N THR F 677 3.95 1.11 -30.32
CA THR F 677 2.53 1.29 -30.04
C THR F 677 1.75 0.92 -31.30
N LEU F 678 0.59 0.29 -31.13
CA LEU F 678 -0.31 -0.03 -32.24
C LEU F 678 -1.47 0.95 -32.23
N VAL F 679 -1.47 1.90 -33.17
CA VAL F 679 -2.42 3.02 -33.19
C VAL F 679 -3.38 2.83 -34.35
N ALA F 680 -4.67 2.98 -34.10
CA ALA F 680 -5.68 2.74 -35.12
C ALA F 680 -5.75 3.87 -36.14
N ARG F 681 -6.09 3.51 -37.38
CA ARG F 681 -6.22 4.46 -38.47
C ARG F 681 -7.64 4.98 -38.59
N GLN F 682 -7.78 6.15 -39.23
CA GLN F 682 -9.09 6.75 -39.45
C GLN F 682 -9.79 6.11 -40.64
N HIS F 683 -9.15 6.14 -41.81
CA HIS F 683 -9.71 5.59 -43.05
C HIS F 683 -8.90 4.37 -43.48
N GLY F 684 -9.56 3.23 -43.59
CA GLY F 684 -8.90 2.05 -44.09
C GLY F 684 -8.61 2.14 -45.58
N ASP F 685 -7.74 1.24 -46.05
CA ASP F 685 -7.30 1.27 -47.43
C ASP F 685 -7.95 0.20 -48.31
N PHE F 686 -8.28 -0.97 -47.75
CA PHE F 686 -8.90 -2.03 -48.53
C PHE F 686 -10.35 -2.24 -48.10
#